data_6NAH
#
_entry.id   6NAH
#
_cell.length_a   117.238
_cell.length_b   195.976
_cell.length_c   139.894
_cell.angle_alpha   90.00
_cell.angle_beta   97.42
_cell.angle_gamma   90.00
#
_symmetry.space_group_name_H-M   'P 1 21 1'
#
loop_
_entity.id
_entity.type
_entity.pdbx_description
1 polymer 'ATP-dependent Clp protease proteolytic subunit'
2 polymer Acyldepsipeptide-14
3 non-polymer 'OCTANOIC ACID (CAPRYLIC ACID)'
4 water water
#
loop_
_entity_poly.entity_id
_entity_poly.type
_entity_poly.pdbx_seq_one_letter_code
_entity_poly.pdbx_strand_id
1 'polypeptide(L)'
;HHHHHHENLYFQGMSFDNYLVPTVIEQSGRGERAFDIYSRLLKERIVFLVGPVTDESANLVVAQLLFLESENPDKDIFFY
INSPGGSVTAGMSIYDTMNFIKPDVSTLCLGQAASMGAFLLSAGEKGKRFALPNSRIMIHQPLISGGLGGQASDIEIHAR
ELLKIKEKLNRLMAKHCDRDLADLERDTDRDNFMSAEEAKEYGLIDQILENRASLRL
;
A,B,C,D,E,F,G,H,I,J,K,L,M,N,O,P,Q,R,S,T,U,V,W,X,Y,Z,a,b
2 'polypeptide(L)' (WFP)(ALO)P(YCP)A(MP8) c,e,f,g,h,i,j,k,l,m,n,o,p,q,r,s,t,u,v,w,x,y,z,0,1,2,3,4
#
# COMPACT_ATOMS: atom_id res chain seq x y z
N ASP A 36 9.89 25.20 39.42
CA ASP A 36 9.19 26.35 38.83
C ASP A 36 10.08 27.12 37.84
N ILE A 37 9.46 27.84 36.91
CA ILE A 37 10.22 28.68 35.99
C ILE A 37 11.10 29.66 36.75
N TYR A 38 10.57 30.25 37.83
CA TYR A 38 11.32 31.23 38.60
C TYR A 38 12.45 30.59 39.41
N SER A 39 12.25 29.35 39.89
CA SER A 39 13.34 28.66 40.59
C SER A 39 14.52 28.36 39.66
N ARG A 40 14.27 27.95 38.42
CA ARG A 40 15.42 27.68 37.56
C ARG A 40 16.13 28.95 37.17
N LEU A 41 15.39 30.06 37.07
CA LEU A 41 16.04 31.33 36.86
C LEU A 41 16.89 31.71 38.08
N LEU A 42 16.49 31.28 39.30
CA LEU A 42 17.30 31.56 40.47
C LEU A 42 18.58 30.72 40.49
N LYS A 43 18.50 29.48 39.99
CA LYS A 43 19.69 28.61 39.84
C LYS A 43 20.72 29.20 38.90
N GLU A 44 20.31 30.07 37.99
CA GLU A 44 21.25 30.81 37.17
C GLU A 44 21.63 32.16 37.78
N ARG A 45 21.30 32.38 39.05
CA ARG A 45 21.69 33.58 39.81
C ARG A 45 20.98 34.83 39.28
N ILE A 46 19.73 34.65 38.85
CA ILE A 46 18.86 35.76 38.46
C ILE A 46 17.83 35.97 39.56
N VAL A 47 17.77 37.21 40.05
CA VAL A 47 16.77 37.64 41.03
C VAL A 47 15.93 38.72 40.38
N PHE A 48 14.61 38.62 40.57
CA PHE A 48 13.61 39.54 40.04
C PHE A 48 13.09 40.46 41.14
N LEU A 49 12.78 41.70 40.75
CA LEU A 49 11.89 42.56 41.53
C LEU A 49 10.81 43.11 40.58
N VAL A 50 9.59 42.57 40.66
CA VAL A 50 8.50 42.95 39.76
C VAL A 50 7.35 43.55 40.58
N GLY A 51 6.93 44.74 40.22
CA GLY A 51 5.88 45.40 40.95
C GLY A 51 6.42 46.25 42.07
N PRO A 52 5.56 46.66 42.99
CA PRO A 52 5.96 47.64 44.01
C PRO A 52 7.03 47.10 44.95
N VAL A 53 7.81 48.01 45.52
CA VAL A 53 8.79 47.68 46.54
C VAL A 53 8.05 47.77 47.88
N THR A 54 7.81 46.63 48.50
CA THR A 54 7.16 46.56 49.80
C THR A 54 8.07 45.81 50.76
N ASP A 55 7.74 45.85 52.05
CA ASP A 55 8.51 45.07 53.02
C ASP A 55 8.56 43.61 52.63
N GLU A 56 7.46 43.08 52.09
CA GLU A 56 7.43 41.65 51.76
C GLU A 56 8.23 41.35 50.51
N SER A 57 8.04 42.13 49.43
CA SER A 57 8.84 41.91 48.22
C SER A 57 10.32 42.22 48.44
N ALA A 58 10.65 43.25 49.24
CA ALA A 58 12.05 43.57 49.48
C ALA A 58 12.76 42.45 50.22
N ASN A 59 12.11 41.88 51.25
CA ASN A 59 12.77 40.84 52.03
C ASN A 59 12.89 39.55 51.23
N LEU A 60 12.00 39.34 50.27
CA LEU A 60 12.13 38.23 49.33
C LEU A 60 13.39 38.37 48.48
N VAL A 61 13.66 39.58 48.00
CA VAL A 61 14.88 39.86 47.25
C VAL A 61 16.12 39.74 48.15
N VAL A 62 16.06 40.29 49.36
CA VAL A 62 17.20 40.22 50.26
C VAL A 62 17.54 38.76 50.59
N ALA A 63 16.51 37.95 50.87
CA ALA A 63 16.74 36.55 51.17
C ALA A 63 17.41 35.82 50.01
N GLN A 64 16.92 36.05 48.79
CA GLN A 64 17.52 35.38 47.62
C GLN A 64 18.96 35.83 47.40
N LEU A 65 19.24 37.12 47.62
CA LEU A 65 20.60 37.61 47.46
C LEU A 65 21.54 36.90 48.43
N LEU A 66 21.12 36.76 49.70
CA LEU A 66 21.96 36.07 50.68
C LEU A 66 22.18 34.63 50.29
N PHE A 67 21.14 33.98 49.76
CA PHE A 67 21.26 32.58 49.37
C PHE A 67 22.30 32.43 48.26
N LEU A 68 22.23 33.30 47.26
CA LEU A 68 23.16 33.21 46.14
C LEU A 68 24.60 33.42 46.57
N GLU A 69 24.84 34.34 47.52
CA GLU A 69 26.20 34.53 48.03
C GLU A 69 26.71 33.29 48.75
N SER A 70 25.88 32.70 49.61
CA SER A 70 26.30 31.48 50.28
C SER A 70 26.59 30.38 49.26
N GLU A 71 25.76 30.28 48.20
CA GLU A 71 25.97 29.27 47.17
C GLU A 71 27.27 29.51 46.43
N ASN A 72 27.65 30.75 46.25
CA ASN A 72 28.92 31.03 45.63
C ASN A 72 29.21 32.51 45.79
N PRO A 73 30.16 32.87 46.66
CA PRO A 73 30.46 34.29 46.89
C PRO A 73 31.24 34.94 45.77
N ASP A 74 31.60 34.23 44.72
CA ASP A 74 32.48 34.80 43.70
C ASP A 74 31.88 34.91 42.30
N LYS A 75 30.68 34.41 42.05
CA LYS A 75 30.02 34.65 40.78
C LYS A 75 29.03 35.80 40.91
N ASP A 76 28.94 36.61 39.87
CA ASP A 76 28.00 37.71 39.83
C ASP A 76 26.57 37.25 40.07
N ILE A 77 25.75 38.17 40.58
CA ILE A 77 24.30 38.01 40.71
C ILE A 77 23.65 39.01 39.76
N PHE A 78 22.51 38.64 39.18
CA PHE A 78 21.86 39.47 38.17
C PHE A 78 20.47 39.89 38.64
N PHE A 79 20.31 41.20 38.90
CA PHE A 79 19.11 41.78 39.51
C PHE A 79 18.25 42.42 38.42
N TYR A 80 17.16 41.75 38.06
CA TYR A 80 16.23 42.25 37.05
C TYR A 80 15.12 43.07 37.71
N ILE A 81 14.92 44.30 37.23
CA ILE A 81 14.03 45.26 37.87
C ILE A 81 12.98 45.72 36.86
N ASN A 82 11.69 45.53 37.20
CA ASN A 82 10.53 46.13 36.51
C ASN A 82 9.57 46.63 37.58
N SER A 83 9.75 47.88 38.00
CA SER A 83 9.05 48.29 39.20
C SER A 83 8.62 49.75 39.16
N PRO A 84 7.46 50.10 39.73
CA PRO A 84 7.07 51.52 39.81
C PRO A 84 7.64 52.27 41.01
N GLY A 85 8.31 51.58 41.94
CA GLY A 85 8.78 52.20 43.15
C GLY A 85 8.17 51.57 44.38
N GLY A 86 8.18 52.30 45.48
CA GLY A 86 7.56 51.82 46.68
C GLY A 86 8.26 52.38 47.92
N SER A 87 8.33 51.54 48.96
CA SER A 87 8.83 51.99 50.24
C SER A 87 10.32 52.33 50.15
N VAL A 88 10.68 53.53 50.61
CA VAL A 88 12.10 53.88 50.62
C VAL A 88 12.85 52.99 51.60
N THR A 89 12.23 52.69 52.73
CA THR A 89 12.86 51.86 53.75
C THR A 89 13.08 50.43 53.23
N ALA A 90 12.07 49.86 52.57
CA ALA A 90 12.19 48.51 52.02
C ALA A 90 13.23 48.47 50.93
N GLY A 91 13.27 49.51 50.09
CA GLY A 91 14.29 49.60 49.07
C GLY A 91 15.67 49.72 49.66
N MET A 92 15.81 50.49 50.74
CA MET A 92 17.10 50.64 51.40
C MET A 92 17.62 49.30 51.93
N SER A 93 16.73 48.41 52.37
CA SER A 93 17.20 47.10 52.82
C SER A 93 17.81 46.29 51.68
N ILE A 94 17.25 46.38 50.47
CA ILE A 94 17.86 45.73 49.31
C ILE A 94 19.20 46.37 49.00
N TYR A 95 19.23 47.70 48.95
CA TYR A 95 20.43 48.44 48.64
C TYR A 95 21.57 48.03 49.58
N ASP A 96 21.31 48.07 50.88
CA ASP A 96 22.35 47.71 51.82
C ASP A 96 22.78 46.26 51.63
N THR A 97 21.83 45.38 51.29
CA THR A 97 22.23 44.01 51.00
C THR A 97 23.07 43.93 49.74
N MET A 98 22.71 44.67 48.68
CA MET A 98 23.52 44.65 47.45
C MET A 98 24.95 45.09 47.74
N ASN A 99 25.12 46.14 48.55
CA ASN A 99 26.45 46.66 48.81
C ASN A 99 27.25 45.81 49.80
N PHE A 100 26.57 45.01 50.62
CA PHE A 100 27.29 44.25 51.64
C PHE A 100 27.82 42.92 51.11
N ILE A 101 27.05 42.21 50.28
CA ILE A 101 27.48 40.88 49.91
C ILE A 101 28.70 40.97 48.98
N LYS A 102 29.52 39.92 49.00
CA LYS A 102 30.74 39.91 48.19
C LYS A 102 30.44 39.87 46.70
N PRO A 103 29.51 39.04 46.19
CA PRO A 103 29.29 39.01 44.74
C PRO A 103 28.83 40.37 44.23
N ASP A 104 29.37 40.76 43.07
CA ASP A 104 28.88 41.92 42.35
C ASP A 104 27.43 41.72 42.00
N VAL A 105 26.61 42.74 42.19
CA VAL A 105 25.22 42.65 41.78
C VAL A 105 25.03 43.48 40.52
N SER A 106 24.91 42.80 39.38
CA SER A 106 24.53 43.46 38.15
C SER A 106 23.03 43.74 38.15
N THR A 107 22.65 44.88 37.60
CA THR A 107 21.25 45.23 37.47
C THR A 107 20.85 45.41 36.02
N LEU A 108 19.60 45.03 35.72
CA LEU A 108 19.00 45.18 34.41
C LEU A 108 17.54 45.61 34.54
N CYS A 109 17.17 46.66 33.83
CA CYS A 109 15.82 47.19 33.80
C CYS A 109 15.07 46.66 32.57
N LEU A 110 13.92 46.04 32.79
CA LEU A 110 13.00 45.69 31.72
C LEU A 110 11.63 46.26 32.06
N GLY A 111 10.98 46.83 31.06
CA GLY A 111 9.75 47.53 31.32
C GLY A 111 10.03 48.92 31.86
N GLN A 112 10.18 49.03 33.18
CA GLN A 112 10.45 50.32 33.79
C GLN A 112 11.18 50.17 35.13
N ALA A 113 11.87 51.24 35.52
CA ALA A 113 12.42 51.37 36.87
C ALA A 113 12.17 52.82 37.28
N ALA A 114 11.23 53.02 38.21
CA ALA A 114 10.76 54.34 38.62
C ALA A 114 10.98 54.51 40.11
N SER A 115 11.33 55.73 40.54
CA SER A 115 11.51 56.05 41.98
C SER A 115 12.50 55.07 42.61
N MET A 116 12.15 54.39 43.71
CA MET A 116 13.10 53.48 44.34
C MET A 116 13.57 52.40 43.38
N GLY A 117 12.74 52.05 42.39
CA GLY A 117 13.20 51.10 41.39
C GLY A 117 14.33 51.64 40.55
N ALA A 118 14.25 52.92 40.16
CA ALA A 118 15.38 53.54 39.48
C ALA A 118 16.59 53.63 40.41
N PHE A 119 16.33 53.91 41.70
CA PHE A 119 17.41 53.95 42.69
C PHE A 119 18.18 52.64 42.72
N LEU A 120 17.46 51.52 42.79
CA LEU A 120 18.12 50.22 42.85
C LEU A 120 18.80 49.91 41.52
N LEU A 121 18.20 50.33 40.41
CA LEU A 121 18.85 50.16 39.13
C LEU A 121 20.21 50.84 39.12
N SER A 122 20.23 52.13 39.49
CA SER A 122 21.50 52.88 39.50
C SER A 122 22.51 52.34 40.52
N ALA A 123 22.08 51.52 41.47
CA ALA A 123 22.93 50.98 42.51
C ALA A 123 23.65 49.71 42.09
N GLY A 124 23.41 49.20 40.90
CA GLY A 124 24.12 48.03 40.46
C GLY A 124 25.61 48.31 40.39
N GLU A 125 26.39 47.24 40.27
CA GLU A 125 27.84 47.37 40.14
C GLU A 125 28.18 48.27 38.96
N LYS A 126 29.05 49.23 39.20
CA LYS A 126 29.40 50.20 38.15
C LYS A 126 30.07 49.46 36.98
N GLY A 127 29.51 49.64 35.79
CA GLY A 127 29.88 48.82 34.64
C GLY A 127 28.94 47.69 34.32
N LYS A 128 28.03 47.34 35.23
CA LYS A 128 27.17 46.19 35.01
C LYS A 128 25.70 46.55 35.20
N ARG A 129 25.35 47.81 34.94
CA ARG A 129 23.98 48.28 35.03
C ARG A 129 23.44 48.46 33.61
N PHE A 130 22.41 47.68 33.27
CA PHE A 130 21.91 47.59 31.91
C PHE A 130 20.42 47.93 31.85
N ALA A 131 19.98 48.30 30.66
CA ALA A 131 18.57 48.49 30.37
C ALA A 131 18.28 47.94 28.98
N LEU A 132 17.06 47.49 28.80
CA LEU A 132 16.62 47.04 27.50
C LEU A 132 16.20 48.27 26.68
N PRO A 133 16.12 48.14 25.35
CA PRO A 133 16.00 49.36 24.52
C PRO A 133 14.80 50.24 24.80
N ASN A 134 13.67 49.67 25.16
CA ASN A 134 12.46 50.47 25.31
C ASN A 134 12.05 50.62 26.75
N SER A 135 12.95 50.28 27.68
CA SER A 135 12.74 50.53 29.10
C SER A 135 12.58 52.01 29.37
N ARG A 136 11.91 52.30 30.46
CA ARG A 136 11.71 53.66 30.95
C ARG A 136 12.22 53.78 32.38
N ILE A 137 12.93 54.87 32.64
CA ILE A 137 13.43 55.22 33.97
C ILE A 137 12.77 56.52 34.39
N MET A 138 12.39 56.62 35.66
CA MET A 138 11.88 57.86 36.22
C MET A 138 12.46 58.08 37.62
N ILE A 139 12.89 59.30 37.88
CA ILE A 139 13.39 59.71 39.19
C ILE A 139 12.64 60.96 39.63
N HIS A 140 12.41 61.07 40.95
CA HIS A 140 11.75 62.23 41.54
C HIS A 140 12.04 62.28 43.03
N GLN A 141 11.80 63.45 43.62
CA GLN A 141 11.96 63.60 45.05
C GLN A 141 10.90 62.77 45.79
N PRO A 142 11.08 62.55 47.09
CA PRO A 142 10.12 61.71 47.83
C PRO A 142 8.71 62.29 47.78
N LEU A 143 7.75 61.41 48.02
CA LEU A 143 6.35 61.74 47.88
C LEU A 143 5.55 61.11 49.01
N ILE A 144 4.52 61.81 49.46
CA ILE A 144 3.66 61.33 50.53
C ILE A 144 2.20 61.47 50.10
N SER A 145 1.45 60.37 50.24
CA SER A 145 0.03 60.35 49.90
C SER A 145 -0.85 60.98 50.98
N GLY A 146 -0.65 60.63 52.25
CA GLY A 146 -1.65 60.85 53.28
C GLY A 146 -1.51 61.99 54.27
N GLY A 147 -1.59 63.23 53.77
CA GLY A 147 -1.95 64.40 54.57
C GLY A 147 -1.05 64.90 55.68
N LEU A 148 -0.32 64.01 56.34
CA LEU A 148 0.39 64.31 57.60
C LEU A 148 -0.52 65.06 58.58
N GLY A 149 -1.48 64.33 59.14
CA GLY A 149 -2.26 64.88 60.22
C GLY A 149 -1.45 65.06 61.50
N GLY A 150 -2.01 65.79 62.45
CA GLY A 150 -1.44 65.85 63.78
C GLY A 150 -1.08 67.26 64.21
N GLN A 151 -0.32 67.34 65.29
CA GLN A 151 0.08 68.62 65.84
C GLN A 151 1.20 69.23 65.00
N ALA A 152 1.34 70.54 65.09
CA ALA A 152 2.40 71.22 64.35
C ALA A 152 3.78 70.61 64.66
N SER A 153 4.03 70.30 65.93
CA SER A 153 5.30 69.67 66.30
C SER A 153 5.53 68.36 65.57
N ASP A 154 4.47 67.55 65.43
CA ASP A 154 4.61 66.25 64.78
C ASP A 154 4.83 66.40 63.28
N ILE A 155 4.15 67.38 62.68
CA ILE A 155 4.29 67.59 61.24
C ILE A 155 5.69 68.07 60.90
N GLU A 156 6.24 68.97 61.72
CA GLU A 156 7.62 69.41 61.51
C GLU A 156 8.61 68.24 61.62
N ILE A 157 8.41 67.36 62.61
CA ILE A 157 9.29 66.20 62.77
C ILE A 157 9.29 65.35 61.50
N HIS A 158 8.10 65.06 60.96
CA HIS A 158 7.96 64.18 59.80
C HIS A 158 8.34 64.89 58.50
N ALA A 159 8.03 66.17 58.39
CA ALA A 159 8.64 66.94 57.31
C ALA A 159 10.16 66.91 57.42
N ARG A 160 10.70 67.00 58.64
CA ARG A 160 12.16 67.09 58.70
C ARG A 160 12.75 65.75 58.30
N GLU A 161 12.10 64.67 58.72
CA GLU A 161 12.52 63.34 58.32
C GLU A 161 12.34 63.13 56.81
N LEU A 162 11.31 63.71 56.21
CA LEU A 162 11.12 63.55 54.77
C LEU A 162 12.21 64.26 53.97
N LEU A 163 12.67 65.43 54.44
CA LEU A 163 13.75 66.16 53.79
C LEU A 163 15.10 65.46 53.93
N LYS A 164 15.33 64.81 55.08
CA LYS A 164 16.53 64.00 55.22
C LYS A 164 16.53 62.87 54.19
N ILE A 165 15.38 62.22 54.01
CA ILE A 165 15.28 61.20 52.99
C ILE A 165 15.58 61.79 51.62
N LYS A 166 15.01 62.97 51.33
CA LYS A 166 15.23 63.62 50.03
C LYS A 166 16.71 63.88 49.78
N GLU A 167 17.41 64.42 50.78
CA GLU A 167 18.83 64.66 50.59
C GLU A 167 19.60 63.35 50.49
N LYS A 168 19.26 62.37 51.32
CA LYS A 168 19.98 61.09 51.27
C LYS A 168 19.90 60.46 49.88
N LEU A 169 18.71 60.45 49.27
CA LEU A 169 18.53 59.87 47.93
C LEU A 169 19.24 60.70 46.86
N ASN A 170 19.19 62.02 46.96
CA ASN A 170 19.87 62.88 45.99
C ASN A 170 21.39 62.72 46.07
N ARG A 171 21.94 62.67 47.29
CA ARG A 171 23.38 62.48 47.43
C ARG A 171 23.78 61.09 46.93
N LEU A 172 23.06 60.06 47.35
CA LEU A 172 23.40 58.70 46.92
C LEU A 172 23.28 58.55 45.41
N MET A 173 22.25 59.13 44.81
CA MET A 173 22.11 58.97 43.37
C MET A 173 23.12 59.80 42.60
N ALA A 174 23.55 60.94 43.16
CA ALA A 174 24.66 61.65 42.53
C ALA A 174 25.92 60.80 42.49
N LYS A 175 26.20 60.06 43.58
CA LYS A 175 27.35 59.16 43.57
C LYS A 175 27.17 58.03 42.56
N HIS A 176 25.97 57.44 42.52
CA HIS A 176 25.73 56.35 41.57
C HIS A 176 25.92 56.83 40.12
N CYS A 177 25.54 58.06 39.84
CA CYS A 177 25.53 58.60 38.49
C CYS A 177 26.79 59.34 38.13
N ASP A 178 27.75 59.45 39.06
CA ASP A 178 28.95 60.26 38.88
C ASP A 178 28.62 61.67 38.42
N ARG A 179 27.69 62.31 39.12
CA ARG A 179 27.33 63.69 38.82
C ARG A 179 27.37 64.52 40.07
N ASP A 180 27.25 65.83 39.85
CA ASP A 180 27.24 66.79 40.95
C ASP A 180 25.88 66.76 41.63
N LEU A 181 25.91 66.96 42.94
CA LEU A 181 24.70 66.93 43.74
C LEU A 181 23.65 67.95 43.26
N ALA A 182 24.09 69.11 42.76
CA ALA A 182 23.14 70.10 42.27
C ALA A 182 22.34 69.59 41.08
N ASP A 183 22.95 68.77 40.24
CA ASP A 183 22.21 68.16 39.12
C ASP A 183 21.01 67.37 39.64
N LEU A 184 21.25 66.48 40.61
CA LEU A 184 20.17 65.64 41.10
C LEU A 184 19.10 66.47 41.81
N GLU A 185 19.49 67.57 42.46
CA GLU A 185 18.51 68.44 43.11
C GLU A 185 17.55 69.06 42.10
N ARG A 186 18.11 69.57 41.00
CA ARG A 186 17.34 70.13 39.90
C ARG A 186 16.49 69.08 39.19
N ASP A 187 17.04 67.89 38.99
CA ASP A 187 16.45 66.90 38.10
C ASP A 187 15.50 65.94 38.79
N THR A 188 15.41 65.94 40.12
CA THR A 188 14.39 65.15 40.80
C THR A 188 13.29 66.02 41.40
N ASP A 189 13.31 67.32 41.15
CA ASP A 189 12.35 68.23 41.76
C ASP A 189 10.92 67.84 41.40
N ARG A 190 10.69 67.48 40.14
CA ARG A 190 9.44 66.90 39.68
C ARG A 190 9.76 65.62 38.92
N ASP A 191 8.72 64.89 38.51
CA ASP A 191 8.91 63.60 37.85
C ASP A 191 9.76 63.75 36.58
N ASN A 192 10.83 62.95 36.50
CA ASN A 192 11.82 63.01 35.42
C ASN A 192 11.85 61.69 34.67
N PHE A 193 11.18 61.64 33.52
CA PHE A 193 11.11 60.42 32.71
C PHE A 193 12.31 60.35 31.76
N MET A 194 12.97 59.20 31.71
CA MET A 194 14.16 59.04 30.87
C MET A 194 14.07 57.80 30.01
N SER A 195 14.44 57.94 28.74
CA SER A 195 14.63 56.77 27.91
C SER A 195 15.87 56.01 28.36
N ALA A 196 16.02 54.78 27.87
CA ALA A 196 17.22 54.03 28.18
C ALA A 196 18.46 54.78 27.72
N GLU A 197 18.40 55.49 26.58
CA GLU A 197 19.60 56.17 26.13
C GLU A 197 19.86 57.37 27.04
N GLU A 198 18.78 58.07 27.43
CA GLU A 198 18.91 59.21 28.34
C GLU A 198 19.40 58.77 29.72
N ALA A 199 19.02 57.60 30.17
CA ALA A 199 19.51 57.14 31.45
C ALA A 199 20.99 56.81 31.38
N LYS A 200 21.44 56.25 30.25
CA LYS A 200 22.86 55.95 30.09
C LYS A 200 23.67 57.23 30.04
N GLU A 201 23.16 58.25 29.34
CA GLU A 201 23.83 59.54 29.34
C GLU A 201 23.84 60.17 30.72
N TYR A 202 22.81 59.93 31.52
CA TYR A 202 22.78 60.58 32.81
C TYR A 202 23.81 59.97 33.76
N GLY A 203 24.24 58.75 33.50
CA GLY A 203 25.12 58.04 34.41
C GLY A 203 24.44 57.02 35.26
N LEU A 204 23.16 56.76 35.03
CA LEU A 204 22.32 55.92 35.85
C LEU A 204 22.43 54.44 35.49
N ILE A 205 22.73 54.13 34.23
CA ILE A 205 23.05 52.80 33.74
C ILE A 205 24.32 52.92 32.92
N ASP A 206 24.88 51.76 32.55
CA ASP A 206 26.13 51.67 31.80
C ASP A 206 25.96 51.29 30.34
N GLN A 207 25.19 50.21 30.04
CA GLN A 207 24.84 49.81 28.67
C GLN A 207 23.34 49.61 28.48
N ILE A 208 22.91 49.77 27.22
CA ILE A 208 21.62 49.32 26.72
C ILE A 208 21.86 48.01 25.99
N LEU A 209 21.08 46.99 26.33
CA LEU A 209 21.21 45.68 25.70
C LEU A 209 20.37 45.58 24.42
N GLU A 210 20.87 44.82 23.45
CA GLU A 210 20.15 44.64 22.20
C GLU A 210 20.63 43.38 21.47
N ASP B 36 11.86 25.78 51.45
CA ASP B 36 12.07 27.00 50.69
C ASP B 36 13.30 27.75 51.25
N ILE B 37 13.53 28.96 50.75
CA ILE B 37 14.75 29.69 51.11
C ILE B 37 14.69 30.21 52.53
N TYR B 38 13.50 30.65 52.98
CA TYR B 38 13.36 31.12 54.35
C TYR B 38 13.58 29.99 55.34
N SER B 39 13.17 28.78 54.99
CA SER B 39 13.55 27.63 55.79
C SER B 39 15.08 27.52 55.81
N ARG B 40 15.75 27.84 54.70
CA ARG B 40 17.21 27.78 54.69
C ARG B 40 17.86 28.91 55.46
N LEU B 41 17.22 30.02 55.56
CA LEU B 41 17.68 31.07 56.46
C LEU B 41 17.58 30.62 57.90
N LEU B 42 16.50 29.94 58.24
CA LEU B 42 16.35 29.37 59.58
C LEU B 42 17.42 28.31 59.83
N LYS B 43 17.93 27.67 58.79
CA LYS B 43 19.01 26.67 58.90
C LYS B 43 20.30 27.25 59.52
N GLU B 44 20.53 28.51 59.29
CA GLU B 44 21.67 29.21 59.84
C GLU B 44 21.36 29.98 61.12
N ARG B 45 20.22 29.72 61.77
CA ARG B 45 19.81 30.36 63.04
C ARG B 45 19.51 31.84 62.86
N ILE B 46 18.94 32.19 61.70
CA ILE B 46 18.44 33.51 61.40
C ILE B 46 16.92 33.50 61.51
N VAL B 47 16.37 34.39 62.33
CA VAL B 47 14.93 34.58 62.46
C VAL B 47 14.55 35.96 61.95
N PHE B 48 13.48 35.99 61.17
CA PHE B 48 12.96 37.21 60.55
C PHE B 48 11.74 37.71 61.30
N LEU B 49 11.65 39.04 61.45
CA LEU B 49 10.40 39.71 61.77
C LEU B 49 10.22 40.81 60.74
N VAL B 50 9.29 40.61 59.80
CA VAL B 50 9.05 41.54 58.71
C VAL B 50 7.60 42.02 58.81
N GLY B 51 7.43 43.33 58.90
CA GLY B 51 6.11 43.91 59.00
C GLY B 51 5.68 44.08 60.44
N PRO B 52 4.39 44.34 60.64
CA PRO B 52 3.92 44.70 61.98
C PRO B 52 4.07 43.58 63.00
N VAL B 53 4.23 43.98 64.26
CA VAL B 53 4.29 43.04 65.37
C VAL B 53 2.85 42.75 65.78
N THR B 54 2.38 41.56 65.46
CA THR B 54 1.05 41.12 65.85
C THR B 54 1.17 39.84 66.65
N ASP B 55 0.08 39.46 67.31
CA ASP B 55 0.05 38.18 68.00
C ASP B 55 0.46 37.05 67.07
N GLU B 56 0.08 37.12 65.78
CA GLU B 56 0.39 35.90 65.08
C GLU B 56 1.88 35.94 64.64
N SER B 57 2.38 37.09 64.15
CA SER B 57 3.81 37.14 63.82
C SER B 57 4.68 36.99 65.05
N ALA B 58 4.25 37.54 66.20
CA ALA B 58 5.10 37.48 67.38
C ALA B 58 5.35 36.04 67.81
N ASN B 59 4.28 35.24 67.92
CA ASN B 59 4.44 33.88 68.40
C ASN B 59 5.08 32.97 67.37
N LEU B 60 4.96 33.27 66.08
CA LEU B 60 5.80 32.59 65.09
C LEU B 60 7.27 32.83 65.37
N VAL B 61 7.62 34.07 65.76
CA VAL B 61 8.98 34.34 66.17
C VAL B 61 9.31 33.57 67.45
N VAL B 62 8.39 33.56 68.42
CA VAL B 62 8.64 32.87 69.69
C VAL B 62 8.87 31.38 69.45
N ALA B 63 8.06 30.77 68.60
CA ALA B 63 8.22 29.35 68.31
C ALA B 63 9.59 29.09 67.69
N GLN B 64 10.01 29.93 66.76
CA GLN B 64 11.32 29.71 66.16
C GLN B 64 12.44 29.88 67.18
N LEU B 65 12.33 30.85 68.08
CA LEU B 65 13.37 31.04 69.08
C LEU B 65 13.50 29.83 69.99
N LEU B 66 12.35 29.33 70.47
CA LEU B 66 12.34 28.12 71.30
C LEU B 66 12.88 26.93 70.51
N PHE B 67 12.56 26.88 69.22
CA PHE B 67 13.02 25.79 68.36
C PHE B 67 14.53 25.81 68.24
N LEU B 68 15.09 26.98 67.94
CA LEU B 68 16.53 27.07 67.75
C LEU B 68 17.27 26.74 69.04
N GLU B 69 16.71 27.14 70.19
CA GLU B 69 17.37 26.85 71.47
C GLU B 69 17.44 25.35 71.73
N SER B 70 16.35 24.63 71.50
CA SER B 70 16.37 23.18 71.71
C SER B 70 17.39 22.50 70.80
N GLU B 71 17.51 22.97 69.54
CA GLU B 71 18.44 22.38 68.57
C GLU B 71 19.89 22.63 68.92
N ASN B 72 20.19 23.74 69.59
CA ASN B 72 21.53 23.98 70.12
C ASN B 72 21.48 25.19 71.03
N PRO B 73 21.51 24.97 72.35
CA PRO B 73 21.36 26.09 73.29
C PRO B 73 22.58 26.99 73.39
N ASP B 74 23.66 26.71 72.65
CA ASP B 74 24.91 27.42 72.83
C ASP B 74 25.33 28.20 71.59
N LYS B 75 24.62 28.09 70.49
CA LYS B 75 24.94 28.86 69.31
C LYS B 75 24.06 30.11 69.34
N ASP B 76 24.65 31.23 68.97
CA ASP B 76 23.91 32.48 68.89
C ASP B 76 22.72 32.35 67.95
N ILE B 77 21.74 33.23 68.16
CA ILE B 77 20.62 33.41 67.26
C ILE B 77 20.73 34.82 66.68
N PHE B 78 20.32 34.95 65.42
CA PHE B 78 20.41 36.22 64.72
C PHE B 78 18.99 36.63 64.35
N PHE B 79 18.52 37.70 64.98
CA PHE B 79 17.14 38.15 64.84
C PHE B 79 17.17 39.37 63.91
N TYR B 80 16.75 39.15 62.66
CA TYR B 80 16.71 40.20 61.64
C TYR B 80 15.36 40.90 61.68
N ILE B 81 15.38 42.22 61.82
CA ILE B 81 14.18 43.02 62.09
C ILE B 81 14.01 44.06 60.99
N ASN B 82 12.84 44.01 60.33
CA ASN B 82 12.40 45.08 59.43
C ASN B 82 10.95 45.31 59.81
N SER B 83 10.72 46.25 60.74
CA SER B 83 9.38 46.38 61.24
C SER B 83 8.99 47.81 61.56
N PRO B 84 7.76 48.21 61.25
CA PRO B 84 7.29 49.54 61.64
C PRO B 84 6.75 49.59 63.06
N GLY B 85 6.65 48.44 63.73
CA GLY B 85 6.11 48.33 65.07
C GLY B 85 4.82 47.53 65.08
N GLY B 86 4.08 47.70 66.15
CA GLY B 86 2.79 47.07 66.33
C GLY B 86 2.49 46.83 67.81
N SER B 87 1.84 45.70 68.09
CA SER B 87 1.28 45.43 69.41
C SER B 87 2.34 45.36 70.49
N VAL B 88 2.14 46.16 71.56
CA VAL B 88 3.06 46.13 72.69
C VAL B 88 3.04 44.76 73.35
N THR B 89 1.84 44.19 73.52
CA THR B 89 1.70 42.90 74.17
C THR B 89 2.38 41.80 73.36
N ALA B 90 2.19 41.82 72.03
CA ALA B 90 2.80 40.81 71.18
C ALA B 90 4.33 40.94 71.18
N GLY B 91 4.83 42.17 71.12
CA GLY B 91 6.28 42.35 71.18
C GLY B 91 6.86 41.89 72.50
N MET B 92 6.16 42.15 73.60
CA MET B 92 6.63 41.73 74.92
C MET B 92 6.78 40.21 74.98
N SER B 93 5.98 39.47 74.23
CA SER B 93 6.16 38.03 74.23
C SER B 93 7.49 37.66 73.57
N ILE B 94 7.87 38.37 72.49
CA ILE B 94 9.18 38.16 71.87
C ILE B 94 10.31 38.55 72.82
N TYR B 95 10.21 39.74 73.41
CA TYR B 95 11.22 40.25 74.32
C TYR B 95 11.52 39.26 75.44
N ASP B 96 10.47 38.80 76.12
CA ASP B 96 10.68 37.90 77.25
C ASP B 96 11.32 36.59 76.80
N THR B 97 10.94 36.11 75.61
CA THR B 97 11.59 34.91 75.10
C THR B 97 13.05 35.15 74.81
N MET B 98 13.39 36.32 74.23
CA MET B 98 14.78 36.63 73.97
C MET B 98 15.60 36.60 75.26
N ASN B 99 15.04 37.12 76.34
CA ASN B 99 15.80 37.17 77.59
C ASN B 99 15.82 35.83 78.32
N PHE B 100 14.85 34.95 78.07
CA PHE B 100 14.76 33.72 78.83
C PHE B 100 15.69 32.62 78.30
N ILE B 101 15.74 32.45 76.98
CA ILE B 101 16.48 31.34 76.39
C ILE B 101 17.97 31.52 76.66
N LYS B 102 18.70 30.39 76.62
CA LYS B 102 20.13 30.45 76.85
C LYS B 102 20.89 31.18 75.74
N PRO B 103 20.62 30.93 74.45
CA PRO B 103 21.43 31.58 73.41
C PRO B 103 21.34 33.11 73.45
N ASP B 104 22.48 33.75 73.21
CA ASP B 104 22.52 35.16 72.89
C ASP B 104 21.64 35.39 71.69
N VAL B 105 20.80 36.39 71.75
CA VAL B 105 20.01 36.73 70.58
C VAL B 105 20.64 37.99 70.03
N SER B 106 21.41 37.85 68.95
CA SER B 106 21.89 39.01 68.23
C SER B 106 20.75 39.58 67.40
N THR B 107 20.68 40.91 67.34
CA THR B 107 19.68 41.57 66.54
C THR B 107 20.34 42.41 65.46
N LEU B 108 19.66 42.54 64.33
CA LEU B 108 20.12 43.35 63.22
C LEU B 108 18.96 44.09 62.59
N CYS B 109 19.10 45.40 62.37
CA CYS B 109 18.05 46.18 61.74
C CYS B 109 18.31 46.26 60.24
N LEU B 110 17.30 45.85 59.48
CA LEU B 110 17.30 45.87 58.02
C LEU B 110 16.11 46.72 57.59
N GLY B 111 16.36 47.70 56.74
CA GLY B 111 15.26 48.60 56.39
C GLY B 111 14.95 49.57 57.52
N GLN B 112 14.08 49.16 58.45
CA GLN B 112 13.76 50.03 59.57
C GLN B 112 13.38 49.20 60.78
N ALA B 113 13.51 49.83 61.94
CA ALA B 113 12.97 49.28 63.18
C ALA B 113 12.35 50.45 63.92
N ALA B 114 11.03 50.48 63.95
CA ALA B 114 10.28 51.58 64.54
C ALA B 114 9.41 51.06 65.68
N SER B 115 9.30 51.88 66.73
CA SER B 115 8.47 51.59 67.88
C SER B 115 8.82 50.20 68.43
N MET B 116 7.84 49.29 68.55
CA MET B 116 8.12 47.96 69.08
C MET B 116 9.22 47.24 68.29
N GLY B 117 9.37 47.57 67.01
CA GLY B 117 10.50 47.04 66.27
C GLY B 117 11.84 47.57 66.79
N ALA B 118 11.90 48.87 67.10
CA ALA B 118 13.09 49.46 67.71
C ALA B 118 13.32 48.92 69.12
N PHE B 119 12.23 48.69 69.87
CA PHE B 119 12.36 48.12 71.21
C PHE B 119 13.07 46.78 71.18
N LEU B 120 12.65 45.89 70.25
CA LEU B 120 13.25 44.56 70.17
C LEU B 120 14.68 44.64 69.66
N LEU B 121 14.96 45.55 68.73
CA LEU B 121 16.33 45.76 68.28
C LEU B 121 17.23 46.12 69.46
N SER B 122 16.78 47.08 70.28
CA SER B 122 17.57 47.48 71.43
C SER B 122 17.72 46.38 72.46
N ALA B 123 16.88 45.36 72.41
CA ALA B 123 16.88 44.28 73.38
C ALA B 123 17.85 43.15 73.06
N GLY B 124 18.58 43.22 71.95
CA GLY B 124 19.56 42.20 71.62
C GLY B 124 20.70 42.17 72.63
N GLU B 125 21.46 41.07 72.56
CA GLU B 125 22.65 40.90 73.38
C GLU B 125 23.64 42.05 73.19
N LYS B 126 24.07 42.68 74.29
CA LYS B 126 24.91 43.87 74.23
C LYS B 126 26.24 43.50 73.58
N GLY B 127 26.62 44.24 72.56
CA GLY B 127 27.74 43.86 71.71
C GLY B 127 27.35 43.19 70.40
N LYS B 128 26.10 42.73 70.27
CA LYS B 128 25.69 41.98 69.08
C LYS B 128 24.40 42.55 68.50
N ARG B 129 24.16 43.85 68.71
CA ARG B 129 23.01 44.55 68.12
C ARG B 129 23.52 45.38 66.95
N PHE B 130 23.05 45.07 65.75
CA PHE B 130 23.61 45.57 64.50
C PHE B 130 22.59 46.33 63.66
N ALA B 131 23.10 47.14 62.74
CA ALA B 131 22.31 47.81 61.72
C ALA B 131 23.07 47.87 60.40
N LEU B 132 22.33 47.90 59.31
CA LEU B 132 22.91 48.14 57.99
C LEU B 132 23.09 49.65 57.78
N PRO B 133 23.94 50.06 56.82
CA PRO B 133 24.35 51.48 56.75
C PRO B 133 23.20 52.47 56.63
N ASN B 134 22.13 52.12 55.92
CA ASN B 134 21.05 53.05 55.66
C ASN B 134 19.76 52.68 56.37
N SER B 135 19.86 51.84 57.39
CA SER B 135 18.73 51.53 58.24
C SER B 135 18.20 52.78 58.93
N ARG B 136 16.94 52.73 59.32
CA ARG B 136 16.31 53.81 60.05
C ARG B 136 15.71 53.28 61.34
N ILE B 137 15.95 53.99 62.43
CA ILE B 137 15.41 53.66 63.73
C ILE B 137 14.47 54.78 64.15
N MET B 138 13.33 54.42 64.74
CA MET B 138 12.44 55.39 65.31
C MET B 138 11.92 54.87 66.63
N ILE B 139 11.92 55.75 67.64
CA ILE B 139 11.37 55.40 68.96
C ILE B 139 10.34 56.46 69.30
N HIS B 140 9.27 56.04 69.99
CA HIS B 140 8.25 56.99 70.43
C HIS B 140 7.45 56.39 71.59
N GLN B 141 6.73 57.26 72.30
CA GLN B 141 5.82 56.82 73.36
C GLN B 141 4.63 56.09 72.74
N PRO B 142 3.85 55.36 73.54
CA PRO B 142 2.70 54.64 72.98
C PRO B 142 1.69 55.54 72.30
N LEU B 143 0.94 54.93 71.38
CA LEU B 143 -0.03 55.59 70.51
C LEU B 143 -1.25 54.69 70.39
N ILE B 144 -2.45 55.25 70.51
CA ILE B 144 -3.69 54.49 70.34
C ILE B 144 -4.36 54.93 69.05
N SER B 145 -4.80 53.95 68.26
CA SER B 145 -5.39 54.15 66.94
C SER B 145 -6.42 55.27 66.90
N GLY B 146 -7.52 55.12 67.64
CA GLY B 146 -8.56 56.14 67.66
C GLY B 146 -9.45 56.02 68.88
N GLY B 149 -13.32 56.02 74.23
CA GLY B 149 -14.37 55.03 74.40
C GLY B 149 -14.83 54.65 75.82
N GLY B 150 -16.08 54.93 76.13
CA GLY B 150 -16.70 54.41 77.33
C GLY B 150 -17.04 55.45 78.38
N GLN B 151 -17.28 54.95 79.58
CA GLN B 151 -17.49 55.77 80.77
C GLN B 151 -16.17 56.34 81.30
N ALA B 152 -16.29 57.45 82.03
CA ALA B 152 -15.12 58.13 82.56
C ALA B 152 -14.25 57.20 83.38
N SER B 153 -14.87 56.34 84.19
CA SER B 153 -14.14 55.35 84.98
C SER B 153 -13.37 54.38 84.10
N ASP B 154 -13.99 53.94 83.00
CA ASP B 154 -13.33 53.01 82.11
C ASP B 154 -12.17 53.66 81.39
N ILE B 155 -12.35 54.93 80.98
CA ILE B 155 -11.29 55.64 80.27
C ILE B 155 -10.11 55.91 81.21
N GLU B 156 -10.39 56.25 82.47
CA GLU B 156 -9.29 56.43 83.42
C GLU B 156 -8.47 55.16 83.55
N ILE B 157 -9.14 54.02 83.70
CA ILE B 157 -8.44 52.75 83.84
C ILE B 157 -7.54 52.52 82.64
N HIS B 158 -8.06 52.75 81.43
CA HIS B 158 -7.28 52.44 80.25
C HIS B 158 -6.17 53.47 79.99
N ALA B 159 -6.44 54.75 80.28
CA ALA B 159 -5.36 55.74 80.29
C ALA B 159 -4.28 55.35 81.28
N ARG B 160 -4.69 54.92 82.48
CA ARG B 160 -3.71 54.53 83.49
C ARG B 160 -2.89 53.35 83.00
N GLU B 161 -3.53 52.39 82.34
CA GLU B 161 -2.79 51.25 81.82
C GLU B 161 -1.80 51.69 80.73
N LEU B 162 -2.21 52.63 79.86
CA LEU B 162 -1.34 53.09 78.78
C LEU B 162 -0.12 53.81 79.33
N LEU B 163 -0.30 54.56 80.42
CA LEU B 163 0.82 55.27 81.03
C LEU B 163 1.79 54.31 81.70
N LYS B 164 1.27 53.24 82.31
CA LYS B 164 2.18 52.23 82.83
C LYS B 164 3.00 51.61 81.70
N ILE B 165 2.34 51.32 80.57
CA ILE B 165 3.05 50.78 79.41
C ILE B 165 4.10 51.76 78.94
N LYS B 166 3.73 53.05 78.88
CA LYS B 166 4.66 54.10 78.47
C LYS B 166 5.90 54.13 79.37
N GLU B 167 5.69 54.11 80.68
CA GLU B 167 6.83 54.16 81.60
C GLU B 167 7.65 52.86 81.55
N LYS B 168 6.97 51.71 81.47
CA LYS B 168 7.66 50.43 81.36
C LYS B 168 8.59 50.43 80.14
N LEU B 169 8.08 50.90 79.01
CA LEU B 169 8.88 50.93 77.80
C LEU B 169 10.04 51.88 77.95
N ASN B 170 9.81 53.03 78.59
CA ASN B 170 10.90 53.97 78.82
C ASN B 170 11.97 53.38 79.74
N ARG B 171 11.56 52.71 80.83
CA ARG B 171 12.53 52.16 81.75
C ARG B 171 13.35 51.07 81.07
N LEU B 172 12.67 50.15 80.39
CA LEU B 172 13.38 49.08 79.70
C LEU B 172 14.31 49.66 78.63
N MET B 173 13.86 50.69 77.90
CA MET B 173 14.69 51.25 76.86
C MET B 173 15.89 52.02 77.42
N ALA B 174 15.70 52.72 78.54
CA ALA B 174 16.83 53.35 79.22
C ALA B 174 17.83 52.31 79.67
N LYS B 175 17.30 51.19 80.16
CA LYS B 175 18.09 50.03 80.60
C LYS B 175 18.92 49.53 79.41
N HIS B 176 18.26 49.34 78.26
CA HIS B 176 18.87 48.84 77.03
C HIS B 176 19.95 49.77 76.49
N CYS B 177 19.72 51.07 76.62
CA CYS B 177 20.64 52.07 76.09
C CYS B 177 21.68 52.51 77.10
N ASP B 178 21.65 51.98 78.32
CA ASP B 178 22.51 52.44 79.43
C ASP B 178 22.39 53.96 79.63
N ARG B 179 21.16 54.43 79.76
CA ARG B 179 20.90 55.84 79.97
C ARG B 179 19.98 56.04 81.15
N ASP B 180 19.84 57.29 81.56
CA ASP B 180 18.93 57.62 82.63
C ASP B 180 17.52 57.65 82.06
N LEU B 181 16.56 57.25 82.91
CA LEU B 181 15.17 57.21 82.49
C LEU B 181 14.72 58.54 81.90
N ALA B 182 15.20 59.65 82.47
CA ALA B 182 14.78 60.97 81.98
C ALA B 182 15.18 61.20 80.53
N ASP B 183 16.33 60.65 80.11
CA ASP B 183 16.73 60.76 78.71
C ASP B 183 15.66 60.14 77.81
N LEU B 184 15.23 58.92 78.14
CA LEU B 184 14.22 58.26 77.32
C LEU B 184 12.87 58.93 77.44
N GLU B 185 12.53 59.47 78.62
CA GLU B 185 11.27 60.19 78.73
C GLU B 185 11.28 61.40 77.79
N ARG B 186 12.41 62.10 77.72
CA ARG B 186 12.54 63.20 76.78
C ARG B 186 12.51 62.72 75.33
N ASP B 187 13.20 61.62 75.04
CA ASP B 187 13.51 61.25 73.65
C ASP B 187 12.45 60.40 73.00
N THR B 188 11.44 59.94 73.74
CA THR B 188 10.30 59.30 73.13
C THR B 188 9.06 60.19 73.17
N ASP B 189 9.18 61.45 73.63
CA ASP B 189 8.00 62.29 73.79
C ASP B 189 7.22 62.41 72.47
N ARG B 190 7.94 62.62 71.36
CA ARG B 190 7.39 62.57 70.02
C ARG B 190 8.26 61.65 69.18
N ASP B 191 7.86 61.43 67.93
CA ASP B 191 8.58 60.51 67.05
C ASP B 191 10.02 60.94 66.89
N ASN B 192 10.94 60.02 67.17
CA ASN B 192 12.38 60.30 67.17
C ASN B 192 13.04 59.41 66.12
N PHE B 193 13.28 59.98 64.96
CA PHE B 193 13.93 59.24 63.88
C PHE B 193 15.44 59.30 64.06
N MET B 194 16.10 58.15 63.92
CA MET B 194 17.54 58.01 64.09
C MET B 194 18.17 57.28 62.90
N SER B 195 19.29 57.81 62.41
CA SER B 195 20.16 57.06 61.51
C SER B 195 20.83 55.91 62.26
N ALA B 196 21.44 55.00 61.51
CA ALA B 196 22.19 53.91 62.15
C ALA B 196 23.31 54.46 63.02
N GLU B 197 23.93 55.56 62.58
CA GLU B 197 25.02 56.17 63.33
C GLU B 197 24.51 56.85 64.59
N GLU B 198 23.37 57.56 64.51
CA GLU B 198 22.80 58.18 65.70
C GLU B 198 22.32 57.12 66.68
N ALA B 199 21.79 56.02 66.17
CA ALA B 199 21.32 54.95 67.05
C ALA B 199 22.49 54.28 67.73
N LYS B 200 23.60 54.12 67.03
CA LYS B 200 24.77 53.55 67.68
C LYS B 200 25.26 54.50 68.75
N GLU B 201 25.25 55.80 68.44
CA GLU B 201 25.66 56.84 69.37
C GLU B 201 24.75 56.83 70.60
N TYR B 202 23.45 56.55 70.42
CA TYR B 202 22.45 56.57 71.49
C TYR B 202 22.59 55.41 72.47
N GLY B 203 23.24 54.32 72.08
CA GLY B 203 23.28 53.13 72.89
C GLY B 203 22.28 52.10 72.43
N LEU B 204 21.61 52.35 71.32
CA LEU B 204 20.50 51.52 70.90
C LEU B 204 20.98 50.31 70.10
N ILE B 205 22.09 50.47 69.35
CA ILE B 205 22.78 49.38 68.67
C ILE B 205 24.27 49.51 68.98
N ASP B 206 25.01 48.43 68.68
CA ASP B 206 26.43 48.36 68.96
C ASP B 206 27.31 48.64 67.74
N GLN B 207 27.08 47.97 66.62
CA GLN B 207 27.93 48.16 65.46
C GLN B 207 27.08 48.29 64.19
N ILE B 208 27.56 49.13 63.28
CA ILE B 208 27.02 49.20 61.92
C ILE B 208 27.84 48.27 61.03
N LEU B 209 27.19 47.64 60.07
CA LEU B 209 27.87 46.71 59.18
C LEU B 209 28.20 47.39 57.86
N GLU B 210 29.30 46.96 57.25
CA GLU B 210 29.78 47.58 56.02
C GLU B 210 29.87 46.58 54.86
N ASP C 36 4.47 23.94 60.65
CA ASP C 36 5.10 22.68 61.04
C ASP C 36 5.92 22.83 62.33
N ILE C 37 6.48 24.02 62.55
CA ILE C 37 7.10 24.33 63.84
C ILE C 37 6.13 24.06 64.99
N TYR C 38 4.84 24.32 64.81
CA TYR C 38 3.89 24.11 65.89
C TYR C 38 3.71 22.66 66.27
N SER C 39 3.86 21.73 65.34
CA SER C 39 3.81 20.31 65.68
C SER C 39 5.04 19.85 66.50
N ARG C 40 6.22 20.45 66.28
CA ARG C 40 7.39 20.05 67.08
C ARG C 40 7.18 20.41 68.55
N LEU C 41 6.51 21.54 68.77
CA LEU C 41 6.12 21.95 70.12
C LEU C 41 5.00 21.07 70.68
N LEU C 42 4.07 20.63 69.82
CA LEU C 42 3.04 19.73 70.32
C LEU C 42 3.62 18.38 70.72
N LYS C 43 4.66 17.91 70.01
CA LYS C 43 5.28 16.67 70.41
C LYS C 43 5.93 16.79 71.77
N GLU C 44 6.32 18.00 72.16
CA GLU C 44 6.83 18.23 73.50
C GLU C 44 5.72 18.59 74.47
N ARG C 45 4.46 18.35 74.09
CA ARG C 45 3.30 18.55 74.96
C ARG C 45 3.09 20.04 75.30
N ILE C 46 3.35 20.90 74.31
CA ILE C 46 3.04 22.33 74.37
C ILE C 46 1.82 22.57 73.51
N VAL C 47 0.78 23.18 74.07
CA VAL C 47 -0.41 23.60 73.33
C VAL C 47 -0.53 25.11 73.44
N PHE C 48 -0.79 25.77 72.32
CA PHE C 48 -0.87 27.23 72.25
C PHE C 48 -2.32 27.69 72.18
N LEU C 49 -2.62 28.81 72.86
CA LEU C 49 -3.82 29.59 72.55
C LEU C 49 -3.38 31.01 72.28
N VAL C 50 -3.41 31.39 70.99
CA VAL C 50 -2.99 32.71 70.53
C VAL C 50 -4.17 33.37 69.85
N GLY C 51 -4.53 34.56 70.32
CA GLY C 51 -5.65 35.28 69.77
C GLY C 51 -6.97 35.00 70.47
N PRO C 52 -8.07 35.39 69.83
CA PRO C 52 -9.38 35.32 70.51
C PRO C 52 -9.85 33.90 70.79
N VAL C 53 -10.62 33.77 71.86
CA VAL C 53 -11.26 32.51 72.24
C VAL C 53 -12.56 32.43 71.44
N THR C 54 -12.57 31.58 70.45
CA THR C 54 -13.75 31.35 69.63
C THR C 54 -14.05 29.86 69.64
N ASP C 55 -15.26 29.50 69.17
CA ASP C 55 -15.61 28.09 69.04
C ASP C 55 -14.54 27.33 68.25
N GLU C 56 -13.93 28.00 67.26
CA GLU C 56 -13.01 27.31 66.39
C GLU C 56 -11.68 27.10 67.12
N SER C 57 -11.13 28.18 67.68
CA SER C 57 -9.87 28.08 68.40
C SER C 57 -10.02 27.24 69.65
N ALA C 58 -11.19 27.36 70.32
CA ALA C 58 -11.41 26.57 71.51
C ALA C 58 -11.36 25.08 71.19
N ASN C 59 -12.05 24.66 70.13
CA ASN C 59 -12.12 23.24 69.86
C ASN C 59 -10.78 22.71 69.35
N LEU C 60 -9.98 23.56 68.72
CA LEU C 60 -8.65 23.15 68.35
C LEU C 60 -7.80 22.84 69.59
N VAL C 61 -7.95 23.65 70.64
CA VAL C 61 -7.24 23.38 71.89
C VAL C 61 -7.75 22.09 72.53
N VAL C 62 -9.08 21.89 72.54
CA VAL C 62 -9.65 20.68 73.12
C VAL C 62 -9.11 19.43 72.41
N ALA C 63 -9.08 19.46 71.07
CA ALA C 63 -8.59 18.30 70.36
C ALA C 63 -7.14 17.98 70.75
N GLN C 64 -6.30 19.01 70.84
CA GLN C 64 -4.91 18.79 71.25
C GLN C 64 -4.81 18.30 72.70
N LEU C 65 -5.66 18.80 73.59
CA LEU C 65 -5.65 18.30 74.95
C LEU C 65 -6.02 16.82 74.97
N LEU C 66 -7.07 16.45 74.24
CA LEU C 66 -7.43 15.04 74.15
C LEU C 66 -6.32 14.22 73.48
N PHE C 67 -5.69 14.80 72.45
CA PHE C 67 -4.63 14.08 71.75
C PHE C 67 -3.46 13.80 72.68
N LEU C 68 -2.98 14.82 73.39
CA LEU C 68 -1.82 14.68 74.26
C LEU C 68 -2.08 13.73 75.42
N GLU C 69 -3.30 13.69 75.93
CA GLU C 69 -3.62 12.71 76.98
C GLU C 69 -3.52 11.27 76.47
N SER C 70 -4.08 10.99 75.29
CA SER C 70 -4.02 9.65 74.74
C SER C 70 -2.57 9.21 74.54
N GLU C 71 -1.71 10.13 74.12
CA GLU C 71 -0.33 9.73 73.93
C GLU C 71 0.35 9.47 75.27
N ASN C 72 -0.08 10.12 76.35
CA ASN C 72 0.53 9.86 77.64
C ASN C 72 -0.33 10.48 78.73
N PRO C 73 -1.14 9.68 79.43
CA PRO C 73 -1.98 10.24 80.48
C PRO C 73 -1.21 10.61 81.73
N ASP C 74 0.10 10.40 81.75
CA ASP C 74 0.87 10.56 82.98
C ASP C 74 1.90 11.70 82.96
N LYS C 75 2.10 12.36 81.84
CA LYS C 75 2.95 13.53 81.77
C LYS C 75 2.15 14.83 81.69
N ASP C 76 2.68 15.87 82.30
CA ASP C 76 2.09 17.20 82.25
C ASP C 76 1.85 17.67 80.82
N ILE C 77 0.90 18.60 80.66
CA ILE C 77 0.65 19.31 79.41
C ILE C 77 0.96 20.77 79.70
N PHE C 78 1.49 21.48 78.70
CA PHE C 78 1.89 22.87 78.90
C PHE C 78 1.09 23.75 77.93
N PHE C 79 0.19 24.53 78.50
CA PHE C 79 -0.77 25.34 77.76
C PHE C 79 -0.27 26.78 77.77
N TYR C 80 0.30 27.23 76.66
CA TYR C 80 0.79 28.60 76.51
C TYR C 80 -0.32 29.51 76.00
N ILE C 81 -0.54 30.62 76.70
CA ILE C 81 -1.68 31.50 76.44
C ILE C 81 -1.16 32.89 76.11
N ASN C 82 -1.52 33.40 74.93
CA ASN C 82 -1.37 34.81 74.58
C ASN C 82 -2.67 35.21 73.90
N SER C 83 -3.64 35.69 74.70
CA SER C 83 -5.00 35.89 74.21
C SER C 83 -5.74 37.08 74.81
N PRO C 84 -6.54 37.80 74.02
CA PRO C 84 -7.33 38.90 74.56
C PRO C 84 -8.66 38.46 75.16
N GLY C 85 -9.01 37.18 75.07
CA GLY C 85 -10.27 36.69 75.57
C GLY C 85 -11.14 36.19 74.44
N GLY C 86 -12.44 36.17 74.70
CA GLY C 86 -13.37 35.76 73.67
C GLY C 86 -14.66 35.19 74.26
N SER C 87 -15.17 34.16 73.60
CA SER C 87 -16.45 33.56 73.94
C SER C 87 -16.39 32.89 75.30
N VAL C 88 -17.39 33.17 76.15
CA VAL C 88 -17.44 32.52 77.46
C VAL C 88 -17.65 31.01 77.30
N THR C 89 -18.58 30.61 76.41
CA THR C 89 -18.86 29.18 76.26
C THR C 89 -17.69 28.43 75.66
N ALA C 90 -17.04 29.02 74.64
CA ALA C 90 -15.91 28.35 74.01
C ALA C 90 -14.77 28.16 75.00
N GLY C 91 -14.52 29.18 75.82
CA GLY C 91 -13.53 29.01 76.86
C GLY C 91 -13.94 27.95 77.87
N MET C 92 -15.23 27.89 78.23
CA MET C 92 -15.65 26.87 79.17
C MET C 92 -15.37 25.46 78.65
N SER C 93 -15.49 25.23 77.33
CA SER C 93 -15.18 23.91 76.81
C SER C 93 -13.71 23.56 77.02
N ILE C 94 -12.80 24.55 76.89
CA ILE C 94 -11.39 24.34 77.22
C ILE C 94 -11.23 24.02 78.69
N TYR C 95 -11.85 24.84 79.55
CA TYR C 95 -11.76 24.68 80.99
C TYR C 95 -12.18 23.28 81.43
N ASP C 96 -13.36 22.84 81.01
CA ASP C 96 -13.85 21.53 81.42
C ASP C 96 -12.91 20.41 80.94
N THR C 97 -12.33 20.56 79.75
CA THR C 97 -11.39 19.56 79.28
C THR C 97 -10.13 19.56 80.12
N MET C 98 -9.62 20.75 80.50
CA MET C 98 -8.42 20.83 81.34
C MET C 98 -8.64 20.10 82.66
N ASN C 99 -9.81 20.25 83.25
CA ASN C 99 -10.14 19.62 84.51
C ASN C 99 -10.52 18.14 84.39
N PHE C 100 -10.97 17.68 83.22
CA PHE C 100 -11.45 16.31 83.06
C PHE C 100 -10.31 15.33 82.84
N ILE C 101 -9.30 15.72 82.07
CA ILE C 101 -8.25 14.80 81.70
C ILE C 101 -7.37 14.48 82.91
N LYS C 102 -6.71 13.32 82.82
CA LYS C 102 -5.78 12.91 83.88
C LYS C 102 -4.56 13.82 83.96
N PRO C 103 -3.90 14.21 82.86
CA PRO C 103 -2.69 15.03 82.99
C PRO C 103 -2.96 16.37 83.67
N ASP C 104 -2.01 16.80 84.48
CA ASP C 104 -1.96 18.20 84.90
C ASP C 104 -1.80 19.07 83.67
N VAL C 105 -2.56 20.15 83.60
CA VAL C 105 -2.38 21.13 82.54
C VAL C 105 -1.70 22.34 83.18
N SER C 106 -0.41 22.49 82.93
CA SER C 106 0.29 23.68 83.34
C SER C 106 -0.05 24.81 82.35
N THR C 107 -0.23 26.01 82.89
CA THR C 107 -0.50 27.18 82.06
C THR C 107 0.64 28.18 82.18
N LEU C 108 0.95 28.83 81.08
CA LEU C 108 1.97 29.85 81.03
C LEU C 108 1.44 31.00 80.19
N CYS C 109 1.56 32.21 80.72
CA CYS C 109 1.13 33.41 80.01
C CYS C 109 2.32 34.08 79.36
N LEU C 110 2.24 34.30 78.06
CA LEU C 110 3.21 35.15 77.38
C LEU C 110 2.47 36.25 76.65
N GLY C 111 2.99 37.47 76.71
CA GLY C 111 2.26 38.59 76.13
C GLY C 111 1.16 39.05 77.05
N GLN C 112 -0.01 38.44 76.90
CA GLN C 112 -1.12 38.80 77.77
C GLN C 112 -2.08 37.64 77.92
N ALA C 113 -2.87 37.69 78.99
CA ALA C 113 -4.00 36.80 79.22
C ALA C 113 -5.14 37.67 79.73
N ALA C 114 -6.13 37.92 78.90
CA ALA C 114 -7.22 38.83 79.26
C ALA C 114 -8.56 38.11 79.18
N SER C 115 -9.45 38.45 80.13
CA SER C 115 -10.83 37.93 80.22
C SER C 115 -10.75 36.40 80.17
N MET C 116 -11.46 35.72 79.25
CA MET C 116 -11.35 34.26 79.21
C MET C 116 -9.89 33.79 79.12
N GLY C 117 -9.01 34.60 78.53
CA GLY C 117 -7.62 34.21 78.53
C GLY C 117 -7.06 34.15 79.94
N ALA C 118 -7.39 35.14 80.78
CA ALA C 118 -6.97 35.12 82.18
C ALA C 118 -7.65 34.01 82.96
N PHE C 119 -8.94 33.75 82.66
CA PHE C 119 -9.67 32.67 83.31
C PHE C 119 -8.98 31.32 83.13
N LEU C 120 -8.60 30.99 81.89
CA LEU C 120 -7.93 29.73 81.62
C LEU C 120 -6.53 29.69 82.24
N LEU C 121 -5.84 30.83 82.29
CA LEU C 121 -4.56 30.88 82.97
C LEU C 121 -4.70 30.51 84.44
N SER C 122 -5.67 31.11 85.13
CA SER C 122 -5.90 30.81 86.55
C SER C 122 -6.38 29.38 86.79
N ALA C 123 -6.87 28.70 85.75
CA ALA C 123 -7.41 27.35 85.83
C ALA C 123 -6.35 26.25 85.70
N GLY C 124 -5.09 26.59 85.44
CA GLY C 124 -4.05 25.60 85.38
C GLY C 124 -3.86 24.94 86.73
N GLU C 125 -3.15 23.81 86.72
CA GLU C 125 -2.86 23.09 87.95
C GLU C 125 -2.15 24.00 88.94
N LYS C 126 -2.64 24.05 90.18
CA LYS C 126 -2.07 24.95 91.17
C LYS C 126 -0.63 24.54 91.51
N GLY C 127 0.28 25.50 91.45
CA GLY C 127 1.69 25.23 91.50
C GLY C 127 2.36 25.23 90.15
N LYS C 128 1.57 25.23 89.07
CA LYS C 128 2.08 25.12 87.71
C LYS C 128 1.46 26.16 86.79
N ARG C 129 1.04 27.30 87.35
CA ARG C 129 0.55 28.42 86.55
C ARG C 129 1.63 29.50 86.52
N PHE C 130 2.13 29.80 85.32
CA PHE C 130 3.30 30.65 85.16
C PHE C 130 3.02 31.83 84.24
N ALA C 131 3.84 32.86 84.41
CA ALA C 131 3.83 34.01 83.52
C ALA C 131 5.26 34.52 83.33
N LEU C 132 5.53 35.08 82.15
CA LEU C 132 6.81 35.73 81.86
C LEU C 132 6.84 37.14 82.47
N PRO C 133 8.04 37.70 82.67
CA PRO C 133 8.15 38.92 83.50
C PRO C 133 7.33 40.09 82.99
N ASN C 134 7.15 40.23 81.70
CA ASN C 134 6.46 41.40 81.17
C ASN C 134 5.08 41.05 80.63
N SER C 135 4.58 39.85 80.97
CA SER C 135 3.22 39.43 80.67
C SER C 135 2.20 40.34 81.35
N ARG C 136 1.01 40.35 80.80
CA ARG C 136 -0.09 41.14 81.33
C ARG C 136 -1.32 40.27 81.57
N ILE C 137 -1.99 40.48 82.70
CA ILE C 137 -3.21 39.78 83.04
C ILE C 137 -4.32 40.81 83.24
N MET C 138 -5.50 40.54 82.69
CA MET C 138 -6.65 41.40 82.94
C MET C 138 -7.91 40.58 83.12
N ILE C 139 -8.71 40.95 84.13
CA ILE C 139 -9.96 40.30 84.48
C ILE C 139 -11.08 41.34 84.54
N HIS C 140 -12.28 40.91 84.18
CA HIS C 140 -13.44 41.81 84.25
C HIS C 140 -14.72 40.99 84.22
N GLN C 141 -15.82 41.63 84.60
CA GLN C 141 -17.12 41.02 84.44
C GLN C 141 -17.46 40.90 82.95
N PRO C 142 -18.45 40.07 82.62
CA PRO C 142 -18.81 39.92 81.21
C PRO C 142 -19.36 41.19 80.61
N LEU C 143 -19.28 41.27 79.29
CA LEU C 143 -19.82 42.40 78.55
C LEU C 143 -20.39 41.90 77.22
N ILE C 144 -21.26 42.71 76.64
CA ILE C 144 -21.94 42.40 75.39
C ILE C 144 -21.64 43.51 74.37
N SER C 145 -21.46 43.11 73.11
CA SER C 145 -21.26 44.10 72.05
C SER C 145 -22.53 44.92 71.81
N GLY C 146 -23.67 44.25 71.63
CA GLY C 146 -24.93 44.93 71.30
C GLY C 146 -25.42 45.79 72.47
N LEU C 148 -28.84 45.21 72.89
CA LEU C 148 -29.31 43.90 72.43
C LEU C 148 -30.81 43.74 72.58
N GLY C 149 -31.31 42.55 72.20
CA GLY C 149 -32.63 42.07 72.59
C GLY C 149 -33.85 42.77 72.06
N GLY C 150 -35.02 42.13 72.16
CA GLY C 150 -36.25 42.70 71.67
C GLY C 150 -37.25 43.05 72.76
N GLN C 151 -37.99 42.06 73.25
CA GLN C 151 -39.02 42.37 74.24
C GLN C 151 -38.44 42.42 75.65
N ALA C 152 -39.14 43.14 76.52
CA ALA C 152 -38.71 43.26 77.91
C ALA C 152 -38.56 41.89 78.56
N SER C 153 -39.45 40.96 78.24
CA SER C 153 -39.32 39.60 78.74
C SER C 153 -38.02 38.97 78.26
N ASP C 154 -37.69 39.17 76.98
CA ASP C 154 -36.51 38.54 76.43
C ASP C 154 -35.25 39.15 77.00
N ILE C 155 -35.25 40.47 77.17
CA ILE C 155 -34.10 41.16 77.72
C ILE C 155 -33.91 40.79 79.18
N GLU C 156 -35.02 40.60 79.89
CA GLU C 156 -34.95 40.11 81.26
C GLU C 156 -34.29 38.74 81.32
N ILE C 157 -34.69 37.83 80.42
CA ILE C 157 -34.14 36.47 80.39
C ILE C 157 -32.64 36.49 80.15
N HIS C 158 -32.19 37.31 79.18
CA HIS C 158 -30.76 37.40 78.84
C HIS C 158 -29.97 38.20 79.87
N ALA C 159 -30.58 39.20 80.50
CA ALA C 159 -29.93 39.83 81.64
C ALA C 159 -29.63 38.80 82.73
N ARG C 160 -30.61 37.95 83.06
CA ARG C 160 -30.38 36.94 84.10
C ARG C 160 -29.28 35.97 83.69
N GLU C 161 -29.31 35.54 82.42
CA GLU C 161 -28.32 34.57 81.99
C GLU C 161 -26.92 35.15 82.09
N LEU C 162 -26.80 36.43 81.73
CA LEU C 162 -25.53 37.10 81.78
C LEU C 162 -25.09 37.34 83.23
N LEU C 163 -26.03 37.63 84.12
CA LEU C 163 -25.65 37.74 85.53
C LEU C 163 -25.28 36.39 86.12
N LYS C 164 -25.95 35.32 85.68
CA LYS C 164 -25.52 33.98 86.08
C LYS C 164 -24.11 33.69 85.59
N ILE C 165 -23.79 34.06 84.34
CA ILE C 165 -22.45 33.85 83.84
C ILE C 165 -21.45 34.62 84.71
N LYS C 166 -21.78 35.88 85.04
CA LYS C 166 -20.93 36.71 85.88
C LYS C 166 -20.67 36.07 87.24
N GLU C 167 -21.72 35.60 87.92
CA GLU C 167 -21.53 35.03 89.24
C GLU C 167 -20.75 33.73 89.17
N LYS C 168 -21.00 32.92 88.14
CA LYS C 168 -20.24 31.69 88.00
C LYS C 168 -18.76 31.99 87.85
N LEU C 169 -18.43 32.95 86.97
CA LEU C 169 -17.04 33.26 86.68
C LEU C 169 -16.33 33.81 87.91
N ASN C 170 -17.02 34.65 88.68
CA ASN C 170 -16.43 35.14 89.92
C ASN C 170 -16.23 34.01 90.92
N ARG C 171 -17.21 33.10 91.05
CA ARG C 171 -17.08 32.01 92.02
C ARG C 171 -15.91 31.10 91.65
N LEU C 172 -15.84 30.70 90.38
CA LEU C 172 -14.77 29.83 89.94
C LEU C 172 -13.41 30.52 90.09
N MET C 173 -13.33 31.79 89.73
CA MET C 173 -12.05 32.46 89.82
C MET C 173 -11.68 32.77 91.26
N ALA C 174 -12.67 32.95 92.13
CA ALA C 174 -12.37 33.03 93.56
C ALA C 174 -11.75 31.72 94.04
N LYS C 175 -12.27 30.57 93.57
CA LYS C 175 -11.61 29.33 93.96
C LYS C 175 -10.21 29.23 93.37
N HIS C 176 -10.04 29.59 92.09
CA HIS C 176 -8.70 29.46 91.50
C HIS C 176 -7.69 30.27 92.27
N CYS C 177 -8.09 31.42 92.77
CA CYS C 177 -7.19 32.34 93.45
C CYS C 177 -7.13 32.12 94.94
N ASP C 178 -7.91 31.17 95.50
CA ASP C 178 -7.99 30.98 96.95
C ASP C 178 -8.29 32.31 97.62
N ARG C 179 -9.35 32.94 97.11
CA ARG C 179 -9.77 34.25 97.53
C ARG C 179 -11.26 34.22 97.82
N ASP C 180 -11.76 35.29 98.46
CA ASP C 180 -13.17 35.38 98.79
C ASP C 180 -13.98 35.81 97.58
N LEU C 181 -15.21 35.28 97.49
CA LEU C 181 -16.09 35.70 96.40
C LEU C 181 -16.25 37.21 96.40
N ALA C 182 -16.27 37.84 97.59
CA ALA C 182 -16.41 39.28 97.67
C ALA C 182 -15.24 40.00 97.01
N ASP C 183 -14.03 39.44 97.13
CA ASP C 183 -12.87 40.05 96.49
C ASP C 183 -13.04 40.10 94.96
N LEU C 184 -13.40 38.96 94.35
CA LEU C 184 -13.51 38.93 92.90
C LEU C 184 -14.66 39.78 92.40
N GLU C 185 -15.77 39.86 93.17
CA GLU C 185 -16.89 40.74 92.80
C GLU C 185 -16.42 42.19 92.76
N ARG C 186 -15.64 42.59 93.75
CA ARG C 186 -15.02 43.90 93.73
C ARG C 186 -14.06 44.06 92.55
N ASP C 187 -13.25 43.05 92.28
CA ASP C 187 -12.11 43.28 91.39
C ASP C 187 -12.38 43.04 89.91
N THR C 188 -13.56 42.52 89.52
CA THR C 188 -13.90 42.45 88.10
C THR C 188 -14.94 43.47 87.69
N ASP C 189 -15.33 44.37 88.62
CA ASP C 189 -16.40 45.31 88.33
C ASP C 189 -16.12 46.13 87.09
N ARG C 190 -14.87 46.57 86.93
CA ARG C 190 -14.37 47.18 85.72
C ARG C 190 -13.08 46.47 85.33
N ASP C 191 -12.53 46.84 84.17
CA ASP C 191 -11.31 46.20 83.69
C ASP C 191 -10.19 46.30 84.72
N ASN C 192 -9.60 45.16 85.07
CA ASN C 192 -8.57 45.10 86.11
C ASN C 192 -7.27 44.61 85.48
N PHE C 193 -6.36 45.53 85.18
CA PHE C 193 -5.06 45.20 84.61
C PHE C 193 -4.05 44.89 85.71
N MET C 194 -3.31 43.79 85.54
CA MET C 194 -2.34 43.29 86.51
C MET C 194 -1.02 42.93 85.83
N SER C 195 0.07 43.35 86.47
CA SER C 195 1.38 42.82 86.14
C SER C 195 1.49 41.35 86.57
N ALA C 196 2.57 40.70 86.11
CA ALA C 196 2.82 39.33 86.57
C ALA C 196 2.96 39.30 88.09
N GLU C 197 3.59 40.33 88.68
CA GLU C 197 3.75 40.32 90.13
C GLU C 197 2.41 40.58 90.80
N GLU C 198 1.58 41.46 90.24
CA GLU C 198 0.25 41.66 90.82
C GLU C 198 -0.60 40.40 90.68
N ALA C 199 -0.42 39.67 89.58
CA ALA C 199 -1.19 38.44 89.37
C ALA C 199 -0.74 37.33 90.32
N LYS C 200 0.57 37.25 90.63
CA LYS C 200 1.04 36.22 91.56
C LYS C 200 0.52 36.48 92.97
N GLU C 201 0.51 37.75 93.39
CA GLU C 201 0.00 38.12 94.71
C GLU C 201 -1.47 37.75 94.83
N TYR C 202 -2.21 37.92 93.72
CA TYR C 202 -3.65 37.75 93.71
C TYR C 202 -4.06 36.30 93.83
N GLY C 203 -3.17 35.36 93.51
CA GLY C 203 -3.49 33.95 93.46
C GLY C 203 -3.78 33.43 92.08
N LEU C 204 -3.58 34.24 91.06
CA LEU C 204 -3.98 33.91 89.70
C LEU C 204 -2.92 33.10 88.95
N ILE C 205 -1.65 33.32 89.28
CA ILE C 205 -0.55 32.50 88.80
C ILE C 205 0.29 32.14 90.01
N ASP C 206 1.26 31.26 89.78
CA ASP C 206 2.09 30.75 90.88
C ASP C 206 3.49 31.34 90.90
N GLN C 207 4.17 31.44 89.76
CA GLN C 207 5.48 32.08 89.73
C GLN C 207 5.81 32.67 88.36
N ILE C 208 6.83 33.51 88.36
CA ILE C 208 7.25 34.27 87.19
C ILE C 208 8.60 33.72 86.72
N LEU C 209 8.69 33.38 85.44
CA LEU C 209 9.90 32.77 84.88
C LEU C 209 10.84 33.80 84.27
N ASP D 36 -5.19 14.96 59.82
CA ASP D 36 -4.84 15.87 60.90
C ASP D 36 -5.23 15.26 62.24
N ILE D 37 -5.56 16.11 63.23
CA ILE D 37 -5.98 15.58 64.53
C ILE D 37 -7.48 15.29 64.56
N TYR D 38 -8.31 16.08 63.84
CA TYR D 38 -9.75 15.77 63.79
C TYR D 38 -9.98 14.45 63.08
N SER D 39 -9.16 14.22 62.06
CA SER D 39 -8.92 12.90 61.50
C SER D 39 -8.76 11.85 62.58
N ARG D 40 -7.77 12.03 63.43
CA ARG D 40 -7.40 11.00 64.37
C ARG D 40 -8.43 10.85 65.52
N LEU D 41 -9.17 11.90 65.91
CA LEU D 41 -10.36 11.66 66.75
C LEU D 41 -11.44 10.91 65.98
N LEU D 42 -11.52 11.12 64.67
CA LEU D 42 -12.50 10.36 63.89
C LEU D 42 -12.14 8.88 63.87
N LYS D 43 -10.83 8.58 63.95
CA LYS D 43 -10.37 7.21 64.03
C LYS D 43 -10.85 6.53 65.31
N GLU D 44 -11.13 7.29 66.37
CA GLU D 44 -11.70 6.80 67.61
C GLU D 44 -13.22 6.90 67.66
N ARG D 45 -13.87 7.10 66.51
CA ARG D 45 -15.32 7.13 66.39
C ARG D 45 -15.95 8.34 67.10
N ILE D 46 -15.22 9.47 67.12
CA ILE D 46 -15.71 10.77 67.61
C ILE D 46 -15.98 11.67 66.41
N VAL D 47 -17.20 12.23 66.36
CA VAL D 47 -17.57 13.23 65.37
C VAL D 47 -17.90 14.54 66.07
N PHE D 48 -17.42 15.65 65.48
CA PHE D 48 -17.60 16.98 66.00
C PHE D 48 -18.70 17.73 65.24
N LEU D 49 -19.45 18.56 65.97
CA LEU D 49 -20.23 19.64 65.35
C LEU D 49 -19.89 20.92 66.09
N VAL D 50 -19.09 21.80 65.47
CA VAL D 50 -18.60 23.02 66.10
C VAL D 50 -19.13 24.22 65.31
N GLY D 51 -19.81 25.12 65.99
CA GLY D 51 -20.38 26.27 65.33
C GLY D 51 -21.77 25.97 64.80
N PRO D 52 -22.27 26.86 63.94
CA PRO D 52 -23.69 26.77 63.51
C PRO D 52 -23.98 25.53 62.66
N VAL D 53 -25.25 25.13 62.72
CA VAL D 53 -25.76 24.02 61.92
C VAL D 53 -26.17 24.54 60.53
N THR D 54 -25.39 24.21 59.50
CA THR D 54 -25.71 24.59 58.13
C THR D 54 -25.76 23.37 57.22
N ASP D 55 -26.25 23.55 55.99
CA ASP D 55 -26.22 22.44 55.04
C ASP D 55 -24.84 21.82 54.91
N GLU D 56 -23.80 22.64 54.97
CA GLU D 56 -22.45 22.08 54.92
C GLU D 56 -22.07 21.39 56.21
N SER D 57 -22.33 22.01 57.36
CA SER D 57 -21.99 21.33 58.61
C SER D 57 -22.72 20.00 58.70
N ALA D 58 -23.99 20.00 58.31
CA ALA D 58 -24.80 18.80 58.45
C ALA D 58 -24.30 17.67 57.55
N ASN D 59 -24.08 17.95 56.26
CA ASN D 59 -23.75 16.82 55.39
C ASN D 59 -22.34 16.31 55.68
N LEU D 60 -21.45 17.17 56.18
CA LEU D 60 -20.17 16.71 56.71
C LEU D 60 -20.37 15.77 57.91
N VAL D 61 -21.28 16.11 58.82
CA VAL D 61 -21.56 15.20 59.94
C VAL D 61 -22.24 13.93 59.46
N VAL D 62 -23.22 14.05 58.54
CA VAL D 62 -23.92 12.86 58.04
C VAL D 62 -22.93 11.92 57.36
N ALA D 63 -22.01 12.48 56.56
CA ALA D 63 -21.01 11.66 55.89
C ALA D 63 -20.15 10.91 56.88
N GLN D 64 -19.71 11.57 57.95
CA GLN D 64 -18.86 10.88 58.92
C GLN D 64 -19.64 9.76 59.61
N LEU D 65 -20.93 9.99 59.85
CA LEU D 65 -21.75 8.94 60.45
C LEU D 65 -21.84 7.74 59.53
N LEU D 66 -22.10 7.99 58.24
CA LEU D 66 -22.18 6.88 57.29
C LEU D 66 -20.85 6.14 57.19
N PHE D 67 -19.74 6.89 57.21
CA PHE D 67 -18.43 6.28 57.16
C PHE D 67 -18.17 5.43 58.40
N LEU D 68 -18.43 6.00 59.58
CA LEU D 68 -18.16 5.26 60.81
C LEU D 68 -19.03 4.03 60.93
N GLU D 69 -20.29 4.11 60.50
CA GLU D 69 -21.13 2.91 60.46
C GLU D 69 -20.55 1.88 59.50
N SER D 70 -20.03 2.35 58.35
CA SER D 70 -19.39 1.46 57.39
C SER D 70 -18.19 0.75 57.97
N GLU D 71 -17.35 1.47 58.72
CA GLU D 71 -16.17 0.84 59.29
C GLU D 71 -16.53 -0.15 60.39
N ASN D 72 -17.63 0.08 61.08
CA ASN D 72 -18.10 -0.82 62.12
C ASN D 72 -19.52 -0.42 62.52
N PRO D 73 -20.54 -1.16 62.06
CA PRO D 73 -21.92 -0.77 62.38
C PRO D 73 -22.37 -1.14 63.79
N ASP D 74 -21.49 -1.72 64.62
CA ASP D 74 -21.92 -2.19 65.93
C ASP D 74 -21.25 -1.50 67.10
N LYS D 75 -20.29 -0.61 66.88
CA LYS D 75 -19.66 0.17 67.96
C LYS D 75 -20.30 1.55 68.07
N ASP D 76 -20.44 2.02 69.31
CA ASP D 76 -21.01 3.34 69.53
C ASP D 76 -20.21 4.41 68.78
N ILE D 77 -20.90 5.50 68.45
CA ILE D 77 -20.30 6.70 67.89
C ILE D 77 -20.55 7.83 68.87
N PHE D 78 -19.61 8.75 68.97
CA PHE D 78 -19.67 9.83 69.95
C PHE D 78 -19.75 11.17 69.23
N PHE D 79 -20.89 11.83 69.37
CA PHE D 79 -21.20 13.06 68.65
C PHE D 79 -20.98 14.20 69.63
N TYR D 80 -19.85 14.91 69.47
CA TYR D 80 -19.50 16.03 70.34
C TYR D 80 -20.08 17.30 69.76
N ILE D 81 -20.82 18.05 70.59
CA ILE D 81 -21.60 19.19 70.11
C ILE D 81 -21.17 20.44 70.85
N ASN D 82 -20.73 21.45 70.10
CA ASN D 82 -20.55 22.81 70.62
C ASN D 82 -21.12 23.73 69.55
N SER D 83 -22.42 24.03 69.65
CA SER D 83 -23.11 24.71 68.59
C SER D 83 -24.18 25.65 69.15
N PRO D 84 -24.36 26.83 68.56
CA PRO D 84 -25.45 27.73 68.93
C PRO D 84 -26.76 27.48 68.20
N GLY D 85 -26.82 26.52 67.28
CA GLY D 85 -28.00 26.27 66.48
C GLY D 85 -27.81 26.51 64.99
N GLY D 86 -28.89 26.70 64.27
CA GLY D 86 -28.83 26.95 62.85
C GLY D 86 -30.08 26.47 62.14
N SER D 87 -29.87 25.93 60.93
CA SER D 87 -30.94 25.51 60.06
C SER D 87 -31.67 24.29 60.60
N VAL D 88 -33.00 24.37 60.65
CA VAL D 88 -33.82 23.23 61.09
C VAL D 88 -33.67 22.06 60.12
N THR D 89 -33.75 22.33 58.81
CA THR D 89 -33.70 21.22 57.84
C THR D 89 -32.35 20.53 57.87
N ALA D 90 -31.25 21.28 58.02
CA ALA D 90 -29.94 20.65 58.11
C ALA D 90 -29.82 19.80 59.37
N GLY D 91 -30.32 20.32 60.51
CA GLY D 91 -30.29 19.54 61.73
C GLY D 91 -31.12 18.27 61.61
N MET D 92 -32.26 18.37 60.92
CA MET D 92 -33.07 17.17 60.68
C MET D 92 -32.29 16.14 59.87
N SER D 93 -31.42 16.57 58.97
CA SER D 93 -30.65 15.62 58.18
C SER D 93 -29.67 14.84 59.06
N ILE D 94 -29.06 15.50 60.04
CA ILE D 94 -28.26 14.77 61.02
C ILE D 94 -29.15 13.87 61.85
N TYR D 95 -30.26 14.41 62.36
CA TYR D 95 -31.17 13.70 63.24
C TYR D 95 -31.64 12.38 62.64
N ASP D 96 -32.18 12.42 61.42
CA ASP D 96 -32.65 11.19 60.80
C ASP D 96 -31.49 10.23 60.56
N THR D 97 -30.30 10.76 60.27
CA THR D 97 -29.13 9.89 60.14
C THR D 97 -28.78 9.26 61.48
N MET D 98 -28.83 10.04 62.57
CA MET D 98 -28.52 9.47 63.88
C MET D 98 -29.44 8.30 64.20
N ASN D 99 -30.73 8.44 63.88
CA ASN D 99 -31.68 7.37 64.18
C ASN D 99 -31.64 6.21 63.18
N PHE D 100 -31.15 6.43 61.97
CA PHE D 100 -31.23 5.38 60.95
C PHE D 100 -30.10 4.38 61.11
N ILE D 101 -28.90 4.85 61.45
CA ILE D 101 -27.79 3.93 61.48
C ILE D 101 -27.93 2.96 62.66
N LYS D 102 -27.27 1.81 62.52
CA LYS D 102 -27.30 0.80 63.57
C LYS D 102 -26.55 1.25 64.82
N PRO D 103 -25.33 1.79 64.72
CA PRO D 103 -24.60 2.17 65.94
C PRO D 103 -25.37 3.21 66.73
N ASP D 104 -25.33 3.05 68.06
CA ASP D 104 -25.79 4.09 68.97
C ASP D 104 -25.00 5.37 68.76
N VAL D 105 -25.71 6.50 68.70
CA VAL D 105 -25.06 7.80 68.64
C VAL D 105 -25.18 8.39 70.03
N SER D 106 -24.06 8.34 70.74
CA SER D 106 -23.92 9.06 71.99
C SER D 106 -23.65 10.53 71.71
N THR D 107 -24.27 11.41 72.50
CA THR D 107 -24.00 12.83 72.38
C THR D 107 -23.38 13.38 73.65
N LEU D 108 -22.49 14.35 73.48
CA LEU D 108 -21.86 15.05 74.60
C LEU D 108 -21.80 16.53 74.24
N CYS D 109 -22.28 17.37 75.14
CA CYS D 109 -22.25 18.82 74.96
C CYS D 109 -21.02 19.38 75.66
N LEU D 110 -20.18 20.08 74.91
CA LEU D 110 -19.07 20.85 75.46
C LEU D 110 -19.19 22.28 74.99
N GLY D 111 -19.02 23.23 75.90
CA GLY D 111 -19.30 24.62 75.60
C GLY D 111 -20.78 24.91 75.69
N GLN D 112 -21.50 24.75 74.58
CA GLN D 112 -22.93 24.95 74.59
C GLN D 112 -23.60 24.13 73.51
N ALA D 113 -24.88 23.87 73.71
CA ALA D 113 -25.73 23.31 72.69
C ALA D 113 -27.04 24.10 72.76
N ALA D 114 -27.27 24.98 71.79
CA ALA D 114 -28.43 25.87 71.79
C ALA D 114 -29.27 25.65 70.55
N SER D 115 -30.59 25.78 70.72
CA SER D 115 -31.57 25.68 69.65
C SER D 115 -31.32 24.35 68.92
N MET D 116 -31.12 24.34 67.59
CA MET D 116 -30.94 23.09 66.87
C MET D 116 -29.81 22.25 67.44
N GLY D 117 -28.79 22.89 68.03
CA GLY D 117 -27.74 22.12 68.68
C GLY D 117 -28.24 21.39 69.92
N ALA D 118 -29.04 22.06 70.75
CA ALA D 118 -29.64 21.37 71.88
C ALA D 118 -30.61 20.27 71.42
N PHE D 119 -31.34 20.51 70.33
CA PHE D 119 -32.19 19.45 69.79
C PHE D 119 -31.36 18.20 69.48
N LEU D 120 -30.22 18.38 68.81
CA LEU D 120 -29.40 17.22 68.44
C LEU D 120 -28.79 16.55 69.67
N LEU D 121 -28.41 17.34 70.67
CA LEU D 121 -27.89 16.77 71.90
C LEU D 121 -28.92 15.83 72.52
N SER D 122 -30.16 16.28 72.64
CA SER D 122 -31.20 15.46 73.25
C SER D 122 -31.52 14.21 72.44
N ALA D 123 -31.13 14.18 71.16
CA ALA D 123 -31.46 13.08 70.26
C ALA D 123 -30.52 11.89 70.41
N GLY D 124 -29.53 11.98 71.28
CA GLY D 124 -28.64 10.87 71.48
C GLY D 124 -29.37 9.67 72.05
N GLU D 125 -28.69 8.53 71.96
CA GLU D 125 -29.21 7.30 72.53
C GLU D 125 -29.45 7.52 74.02
N LYS D 126 -30.65 7.19 74.49
CA LYS D 126 -30.98 7.44 75.88
C LYS D 126 -30.10 6.60 76.82
N GLY D 127 -29.49 7.27 77.80
CA GLY D 127 -28.44 6.71 78.63
C GLY D 127 -27.02 7.09 78.24
N LYS D 128 -26.84 7.68 77.06
CA LYS D 128 -25.53 8.01 76.53
C LYS D 128 -25.49 9.45 76.03
N ARG D 129 -26.30 10.33 76.61
CA ARG D 129 -26.26 11.76 76.30
C ARG D 129 -25.58 12.47 77.46
N PHE D 130 -24.46 13.13 77.18
CA PHE D 130 -23.62 13.65 78.24
C PHE D 130 -23.46 15.17 78.10
N ALA D 131 -23.04 15.78 79.21
CA ALA D 131 -22.66 17.18 79.23
C ALA D 131 -21.47 17.37 80.16
N LEU D 132 -20.64 18.34 79.83
CA LEU D 132 -19.52 18.68 80.70
C LEU D 132 -20.01 19.62 81.81
N PRO D 133 -19.27 19.70 82.94
CA PRO D 133 -19.84 20.38 84.12
C PRO D 133 -20.25 21.83 83.89
N ASN D 134 -19.54 22.58 83.05
CA ASN D 134 -19.87 23.99 82.84
C ASN D 134 -20.49 24.24 81.47
N SER D 135 -20.99 23.19 80.83
CA SER D 135 -21.76 23.28 79.60
C SER D 135 -23.05 24.05 79.83
N ARG D 136 -23.57 24.60 78.72
CA ARG D 136 -24.82 25.32 78.70
C ARG D 136 -25.74 24.75 77.62
N ILE D 137 -27.02 24.62 77.95
CA ILE D 137 -28.06 24.20 77.01
C ILE D 137 -29.09 25.32 76.93
N MET D 138 -29.58 25.59 75.71
CA MET D 138 -30.67 26.55 75.54
C MET D 138 -31.65 26.00 74.52
N ILE D 139 -32.94 26.12 74.82
CA ILE D 139 -34.00 25.67 73.93
C ILE D 139 -34.99 26.82 73.74
N HIS D 140 -35.56 26.90 72.54
CA HIS D 140 -36.54 27.93 72.26
C HIS D 140 -37.37 27.53 71.04
N GLN D 141 -38.52 28.17 70.90
CA GLN D 141 -39.35 27.98 69.72
C GLN D 141 -38.65 28.58 68.49
N PRO D 142 -39.10 28.20 67.28
CA PRO D 142 -38.41 28.68 66.07
C PRO D 142 -38.36 30.20 65.99
N LEU D 143 -37.39 30.67 65.24
CA LEU D 143 -37.04 32.07 65.12
C LEU D 143 -36.76 32.36 63.66
N ILE D 144 -37.00 33.59 63.24
CA ILE D 144 -36.78 33.99 61.85
C ILE D 144 -36.21 35.40 61.84
N SER D 145 -35.22 35.63 60.98
CA SER D 145 -34.71 36.98 60.77
C SER D 145 -35.30 37.59 59.48
N GLY D 149 -41.79 37.84 54.06
CA GLY D 149 -42.59 37.45 52.91
C GLY D 149 -43.21 38.62 52.16
N GLY D 150 -43.81 38.33 51.00
CA GLY D 150 -44.47 39.36 50.21
C GLY D 150 -45.98 39.44 50.40
N GLN D 151 -46.74 38.60 49.69
CA GLN D 151 -48.19 38.69 49.73
C GLN D 151 -48.76 38.03 50.98
N ALA D 152 -49.93 38.52 51.40
CA ALA D 152 -50.58 37.98 52.60
C ALA D 152 -50.81 36.47 52.48
N SER D 153 -51.21 36.01 51.29
CA SER D 153 -51.31 34.57 51.09
C SER D 153 -49.97 33.86 51.30
N ASP D 154 -48.86 34.46 50.81
CA ASP D 154 -47.56 33.82 50.97
C ASP D 154 -47.11 33.85 52.43
N ILE D 155 -47.38 34.94 53.14
CA ILE D 155 -47.01 35.01 54.55
C ILE D 155 -47.82 34.01 55.39
N GLU D 156 -49.10 33.83 55.04
CA GLU D 156 -49.92 32.82 55.69
C GLU D 156 -49.28 31.43 55.54
N ILE D 157 -48.86 31.09 54.31
CA ILE D 157 -48.25 29.78 54.04
C ILE D 157 -46.98 29.59 54.86
N HIS D 158 -46.12 30.61 54.90
CA HIS D 158 -44.84 30.43 55.57
C HIS D 158 -45.01 30.46 57.08
N ALA D 159 -45.99 31.22 57.58
CA ALA D 159 -46.38 31.08 58.98
C ALA D 159 -46.89 29.67 59.32
N ARG D 160 -47.76 29.04 58.49
CA ARG D 160 -48.10 27.64 58.84
C ARG D 160 -46.85 26.77 58.88
N GLU D 161 -45.97 26.94 57.88
CA GLU D 161 -44.81 26.06 57.87
C GLU D 161 -43.99 26.30 59.13
N LEU D 162 -43.91 27.55 59.59
CA LEU D 162 -43.17 27.81 60.82
C LEU D 162 -43.87 27.23 62.06
N LEU D 163 -45.21 27.30 62.12
CA LEU D 163 -45.91 26.70 63.26
C LEU D 163 -45.90 25.18 63.20
N LYS D 164 -45.97 24.60 62.00
CA LYS D 164 -45.80 23.15 61.93
C LYS D 164 -44.43 22.73 62.46
N ILE D 165 -43.38 23.49 62.11
CA ILE D 165 -42.03 23.23 62.60
C ILE D 165 -41.96 23.36 64.12
N LYS D 166 -42.57 24.41 64.68
CA LYS D 166 -42.58 24.58 66.12
C LYS D 166 -43.20 23.37 66.82
N GLU D 167 -44.37 22.92 66.35
CA GLU D 167 -45.04 21.81 67.02
C GLU D 167 -44.23 20.52 66.86
N LYS D 168 -43.71 20.26 65.66
CA LYS D 168 -42.90 19.07 65.42
C LYS D 168 -41.69 19.03 66.36
N LEU D 169 -40.98 20.17 66.50
CA LEU D 169 -39.80 20.24 67.37
C LEU D 169 -40.18 20.07 68.83
N ASN D 170 -41.29 20.69 69.26
CA ASN D 170 -41.73 20.52 70.64
C ASN D 170 -42.14 19.07 70.90
N ARG D 171 -42.83 18.43 69.95
CA ARG D 171 -43.24 17.04 70.13
C ARG D 171 -42.03 16.14 70.23
N LEU D 172 -41.10 16.26 69.29
CA LEU D 172 -39.95 15.37 69.31
C LEU D 172 -39.15 15.54 70.58
N MET D 173 -38.96 16.78 71.05
CA MET D 173 -38.16 16.97 72.26
C MET D 173 -38.91 16.49 73.50
N ALA D 174 -40.24 16.58 73.50
CA ALA D 174 -41.00 15.95 74.58
C ALA D 174 -40.73 14.44 74.60
N LYS D 175 -40.63 13.82 73.43
CA LYS D 175 -40.21 12.42 73.32
C LYS D 175 -38.79 12.21 73.87
N HIS D 176 -37.86 13.10 73.46
CA HIS D 176 -36.48 12.98 73.92
C HIS D 176 -36.37 13.13 75.43
N CYS D 177 -37.20 14.00 76.02
CA CYS D 177 -37.13 14.31 77.45
C CYS D 177 -38.09 13.51 78.31
N ASP D 178 -38.91 12.64 77.72
CA ASP D 178 -39.95 11.90 78.43
C ASP D 178 -40.83 12.85 79.24
N ARG D 179 -41.32 13.89 78.55
CA ARG D 179 -42.19 14.88 79.16
C ARG D 179 -43.42 15.09 78.30
N ASP D 180 -44.33 15.89 78.84
CA ASP D 180 -45.58 16.22 78.17
C ASP D 180 -45.34 17.29 77.12
N LEU D 181 -46.09 17.22 76.03
CA LEU D 181 -45.95 18.26 75.03
C LEU D 181 -46.18 19.63 75.64
N ALA D 182 -47.10 19.73 76.60
CA ALA D 182 -47.39 21.02 77.23
C ALA D 182 -46.17 21.56 77.97
N ASP D 183 -45.36 20.67 78.57
CA ASP D 183 -44.12 21.11 79.19
C ASP D 183 -43.22 21.78 78.16
N LEU D 184 -43.00 21.10 77.02
CA LEU D 184 -42.14 21.68 76.00
C LEU D 184 -42.76 22.93 75.39
N GLU D 185 -44.09 22.96 75.28
CA GLU D 185 -44.75 24.15 74.77
C GLU D 185 -44.55 25.34 75.71
N ARG D 186 -44.70 25.10 77.01
CA ARG D 186 -44.51 26.14 78.03
C ARG D 186 -43.07 26.61 78.09
N ASP D 187 -42.11 25.69 78.02
CA ASP D 187 -40.70 25.93 78.30
C ASP D 187 -39.86 26.31 77.10
N THR D 188 -40.41 26.29 75.89
CA THR D 188 -39.72 26.88 74.75
C THR D 188 -40.32 28.20 74.31
N ASP D 189 -41.29 28.73 75.08
CA ASP D 189 -41.95 29.95 74.67
C ASP D 189 -40.97 31.10 74.45
N ARG D 190 -39.97 31.24 75.33
CA ARG D 190 -38.87 32.19 75.13
C ARG D 190 -37.57 31.43 75.36
N ASP D 191 -36.42 32.11 75.15
CA ASP D 191 -35.12 31.46 75.28
C ASP D 191 -35.01 30.88 76.68
N ASN D 192 -34.72 29.58 76.74
CA ASN D 192 -34.67 28.86 78.00
C ASN D 192 -33.27 28.29 78.19
N PHE D 193 -32.47 29.00 78.99
CA PHE D 193 -31.10 28.63 79.30
C PHE D 193 -31.08 27.64 80.46
N MET D 194 -30.33 26.57 80.30
CA MET D 194 -30.24 25.53 81.30
C MET D 194 -28.78 25.21 81.58
N SER D 195 -28.45 25.11 82.87
CA SER D 195 -27.18 24.53 83.30
C SER D 195 -27.18 23.05 83.01
N ALA D 196 -25.99 22.44 83.09
CA ALA D 196 -25.89 21.00 82.90
C ALA D 196 -26.78 20.25 83.89
N GLU D 197 -26.87 20.70 85.15
CA GLU D 197 -27.74 19.98 86.10
C GLU D 197 -29.21 20.19 85.76
N GLU D 198 -29.59 21.39 85.30
CA GLU D 198 -30.96 21.59 84.86
C GLU D 198 -31.29 20.80 83.60
N ALA D 199 -30.32 20.60 82.69
CA ALA D 199 -30.61 19.82 81.49
C ALA D 199 -30.86 18.35 81.85
N LYS D 200 -30.07 17.82 82.79
CA LYS D 200 -30.27 16.44 83.23
C LYS D 200 -31.61 16.30 83.94
N GLU D 201 -32.00 17.24 84.82
CA GLU D 201 -33.35 17.13 85.36
C GLU D 201 -34.40 17.19 84.29
N TYR D 202 -34.14 17.98 83.26
CA TYR D 202 -35.19 18.21 82.30
C TYR D 202 -35.47 16.95 81.50
N GLY D 203 -34.53 16.02 81.46
CA GLY D 203 -34.63 14.86 80.62
C GLY D 203 -33.85 15.02 79.35
N LEU D 204 -33.09 16.09 79.22
CA LEU D 204 -32.43 16.48 77.98
C LEU D 204 -31.07 15.80 77.80
N ILE D 205 -30.38 15.51 78.91
CA ILE D 205 -29.16 14.70 78.93
C ILE D 205 -29.29 13.67 80.04
N ASP D 206 -28.38 12.70 80.02
CA ASP D 206 -28.38 11.62 80.99
C ASP D 206 -27.33 11.77 82.08
N GLN D 207 -26.15 12.29 81.77
CA GLN D 207 -25.09 12.30 82.77
C GLN D 207 -24.14 13.50 82.58
N ILE D 208 -23.78 14.11 83.70
CA ILE D 208 -22.76 15.15 83.71
C ILE D 208 -21.44 14.49 84.06
N LEU D 209 -20.45 14.66 83.21
CA LEU D 209 -19.14 14.04 83.42
C LEU D 209 -18.34 14.87 84.42
N GLU D 210 -17.58 14.19 85.28
CA GLU D 210 -16.95 14.83 86.42
C GLU D 210 -15.43 14.63 86.40
N ASN D 211 -14.69 15.66 86.81
CA ASN D 211 -13.22 15.66 86.85
C ASN D 211 -12.62 14.47 87.60
N ASP E 36 -10.92 11.77 50.03
CA ASP E 36 -11.63 12.07 51.26
C ASP E 36 -12.79 11.10 51.47
N ILE E 37 -13.64 11.40 52.46
CA ILE E 37 -14.80 10.53 52.73
C ILE E 37 -15.80 10.60 51.58
N TYR E 38 -15.95 11.78 50.97
CA TYR E 38 -16.88 11.90 49.83
C TYR E 38 -16.39 11.08 48.66
N SER E 39 -15.08 10.97 48.50
CA SER E 39 -14.53 10.02 47.54
C SER E 39 -14.93 8.60 47.87
N ARG E 40 -14.92 8.25 49.13
CA ARG E 40 -15.25 6.87 49.49
C ARG E 40 -16.77 6.61 49.36
N LEU E 41 -17.65 7.66 49.44
CA LEU E 41 -19.06 7.50 49.07
C LEU E 41 -19.28 7.29 47.58
N LEU E 42 -18.41 7.83 46.73
CA LEU E 42 -18.53 7.59 45.29
C LEU E 42 -18.18 6.14 44.91
N LYS E 43 -17.33 5.48 45.68
CA LYS E 43 -17.02 4.07 45.42
C LYS E 43 -18.24 3.18 45.57
N GLU E 44 -19.21 3.59 46.40
CA GLU E 44 -20.47 2.88 46.57
C GLU E 44 -21.60 3.41 45.69
N ARG E 45 -21.29 4.21 44.67
CA ARG E 45 -22.27 4.70 43.71
C ARG E 45 -23.30 5.65 44.33
N ILE E 46 -22.88 6.46 45.31
CA ILE E 46 -23.72 7.51 45.86
C ILE E 46 -23.19 8.84 45.37
N VAL E 47 -24.07 9.66 44.80
CA VAL E 47 -23.72 11.03 44.44
C VAL E 47 -24.60 11.98 45.26
N PHE E 48 -23.98 13.06 45.74
CA PHE E 48 -24.60 14.08 46.56
C PHE E 48 -24.97 15.30 45.73
N LEU E 49 -26.11 15.89 46.04
CA LEU E 49 -26.44 17.27 45.67
C LEU E 49 -26.83 17.95 46.97
N VAL E 50 -25.92 18.76 47.51
CA VAL E 50 -26.13 19.48 48.76
C VAL E 50 -26.02 20.96 48.45
N GLY E 51 -27.05 21.71 48.80
CA GLY E 51 -27.06 23.12 48.54
C GLY E 51 -27.70 23.45 47.22
N PRO E 52 -27.50 24.69 46.74
CA PRO E 52 -28.23 25.15 45.56
C PRO E 52 -27.86 24.41 44.30
N VAL E 53 -28.82 24.34 43.39
CA VAL E 53 -28.62 23.77 42.07
C VAL E 53 -28.06 24.87 41.19
N THR E 54 -26.78 24.77 40.84
CA THR E 54 -26.14 25.73 39.95
C THR E 54 -25.51 24.98 38.79
N ASP E 55 -25.12 25.74 37.77
CA ASP E 55 -24.39 25.16 36.65
C ASP E 55 -23.19 24.39 37.17
N GLU E 56 -22.52 24.91 38.21
CA GLU E 56 -21.29 24.21 38.55
C GLU E 56 -21.66 22.97 39.38
N SER E 57 -22.58 23.07 40.36
CA SER E 57 -22.95 21.86 41.12
C SER E 57 -23.60 20.82 40.21
N ALA E 58 -24.36 21.25 39.21
CA ALA E 58 -25.04 20.32 38.31
C ALA E 58 -24.05 19.50 37.50
N ASN E 59 -23.05 20.14 36.90
CA ASN E 59 -22.20 19.38 36.01
C ASN E 59 -21.30 18.43 36.79
N LEU E 60 -20.96 18.78 38.03
CA LEU E 60 -20.25 17.84 38.88
C LEU E 60 -21.10 16.59 39.11
N VAL E 61 -22.40 16.75 39.33
CA VAL E 61 -23.28 15.59 39.47
C VAL E 61 -23.37 14.84 38.15
N VAL E 62 -23.55 15.55 37.04
CA VAL E 62 -23.69 14.90 35.74
C VAL E 62 -22.46 14.05 35.44
N ALA E 63 -21.27 14.62 35.70
CA ALA E 63 -20.04 13.89 35.43
C ALA E 63 -19.99 12.61 36.25
N GLN E 64 -20.39 12.69 37.52
CA GLN E 64 -20.34 11.50 38.36
C GLN E 64 -21.31 10.43 37.86
N LEU E 65 -22.49 10.84 37.38
CA LEU E 65 -23.44 9.87 36.83
C LEU E 65 -22.84 9.14 35.63
N LEU E 66 -22.20 9.90 34.72
CA LEU E 66 -21.54 9.27 33.57
C LEU E 66 -20.44 8.34 34.04
N PHE E 67 -19.73 8.74 35.09
CA PHE E 67 -18.63 7.93 35.62
C PHE E 67 -19.15 6.63 36.21
N LEU E 68 -20.19 6.69 37.04
CA LEU E 68 -20.70 5.47 37.66
C LEU E 68 -21.27 4.52 36.61
N GLU E 69 -21.90 5.08 35.57
CA GLU E 69 -22.35 4.24 34.45
C GLU E 69 -21.14 3.64 33.72
N SER E 70 -20.08 4.41 33.54
CA SER E 70 -18.87 3.90 32.92
C SER E 70 -18.31 2.71 33.71
N GLU E 71 -18.32 2.81 35.05
CA GLU E 71 -17.79 1.74 35.89
C GLU E 71 -18.66 0.49 35.87
N ASN E 72 -19.97 0.65 35.73
CA ASN E 72 -20.87 -0.49 35.70
C ASN E 72 -22.24 -0.02 35.23
N PRO E 73 -22.62 -0.32 33.99
CA PRO E 73 -23.90 0.18 33.48
C PRO E 73 -25.10 -0.55 34.05
N ASP E 74 -24.90 -1.54 34.92
CA ASP E 74 -25.99 -2.41 35.33
C ASP E 74 -26.35 -2.30 36.81
N LYS E 75 -25.57 -1.59 37.62
CA LYS E 75 -25.92 -1.37 39.02
C LYS E 75 -26.55 0.00 39.20
N ASP E 76 -27.52 0.08 40.11
CA ASP E 76 -28.19 1.31 40.48
C ASP E 76 -27.19 2.38 40.93
N ILE E 77 -27.62 3.63 40.81
CA ILE E 77 -26.92 4.79 41.34
C ILE E 77 -27.82 5.43 42.39
N PHE E 78 -27.20 6.01 43.41
CA PHE E 78 -27.95 6.58 44.52
C PHE E 78 -27.68 8.07 44.64
N PHE E 79 -28.72 8.86 44.35
CA PHE E 79 -28.65 10.32 44.28
C PHE E 79 -29.25 10.90 45.56
N TYR E 80 -28.39 11.36 46.46
CA TYR E 80 -28.83 11.95 47.72
C TYR E 80 -29.02 13.46 47.52
N ILE E 81 -30.19 13.97 47.89
CA ILE E 81 -30.57 15.35 47.62
C ILE E 81 -30.86 16.05 48.94
N ASN E 82 -30.15 17.18 49.19
CA ASN E 82 -30.50 18.16 50.23
C ASN E 82 -30.33 19.54 49.61
N SER E 83 -31.41 20.10 49.06
CA SER E 83 -31.28 21.32 48.30
C SER E 83 -32.49 22.23 48.43
N PRO E 84 -32.28 23.53 48.51
CA PRO E 84 -33.41 24.48 48.50
C PRO E 84 -33.88 24.84 47.10
N GLY E 85 -33.21 24.32 46.08
CA GLY E 85 -33.52 24.63 44.70
C GLY E 85 -32.41 25.29 43.92
N GLY E 86 -32.75 25.99 42.85
CA GLY E 86 -31.77 26.71 42.07
C GLY E 86 -32.21 26.86 40.63
N SER E 87 -31.21 26.82 39.76
CA SER E 87 -31.36 27.08 38.33
C SER E 87 -32.16 25.99 37.63
N VAL E 88 -33.13 26.40 36.81
CA VAL E 88 -33.93 25.43 36.06
C VAL E 88 -33.07 24.69 35.05
N THR E 89 -32.28 25.43 34.27
CA THR E 89 -31.50 24.80 33.20
C THR E 89 -30.46 23.85 33.77
N ALA E 90 -29.81 24.24 34.87
CA ALA E 90 -28.86 23.34 35.52
C ALA E 90 -29.57 22.08 36.01
N GLY E 91 -30.80 22.23 36.53
CA GLY E 91 -31.58 21.08 36.94
C GLY E 91 -31.94 20.17 35.78
N MET E 92 -32.32 20.76 34.64
CA MET E 92 -32.64 19.94 33.47
C MET E 92 -31.43 19.14 33.01
N SER E 93 -30.22 19.68 33.20
CA SER E 93 -29.04 18.95 32.76
C SER E 93 -28.84 17.68 33.58
N ILE E 94 -29.06 17.78 34.91
CA ILE E 94 -29.03 16.59 35.76
C ILE E 94 -30.17 15.66 35.39
N TYR E 95 -31.38 16.22 35.27
CA TYR E 95 -32.54 15.42 34.94
C TYR E 95 -32.32 14.56 33.69
N ASP E 96 -31.92 15.18 32.58
CA ASP E 96 -31.76 14.45 31.34
C ASP E 96 -30.68 13.38 31.43
N THR E 97 -29.63 13.62 32.22
CA THR E 97 -28.63 12.57 32.40
C THR E 97 -29.20 11.39 33.16
N MET E 98 -30.01 11.66 34.20
CA MET E 98 -30.63 10.57 34.94
C MET E 98 -31.43 9.67 34.01
N ASN E 99 -32.14 10.27 33.05
CA ASN E 99 -33.00 9.54 32.13
C ASN E 99 -32.24 8.85 31.00
N PHE E 100 -31.07 9.35 30.63
CA PHE E 100 -30.40 8.83 29.45
C PHE E 100 -29.61 7.57 29.77
N ILE E 101 -28.96 7.53 30.94
CA ILE E 101 -28.05 6.43 31.26
C ILE E 101 -28.82 5.14 31.49
N LYS E 102 -28.11 4.02 31.33
CA LYS E 102 -28.74 2.72 31.57
C LYS E 102 -29.08 2.54 33.05
N PRO E 103 -28.17 2.82 34.01
CA PRO E 103 -28.48 2.55 35.42
C PRO E 103 -29.69 3.31 35.92
N ASP E 104 -30.50 2.64 36.72
CA ASP E 104 -31.56 3.28 37.47
C ASP E 104 -30.95 4.28 38.44
N VAL E 105 -31.52 5.47 38.50
CA VAL E 105 -31.07 6.47 39.44
C VAL E 105 -32.10 6.52 40.55
N SER E 106 -31.72 5.97 41.70
CA SER E 106 -32.50 6.10 42.91
C SER E 106 -32.22 7.46 43.53
N THR E 107 -33.26 8.10 44.06
CA THR E 107 -33.13 9.41 44.72
C THR E 107 -33.54 9.31 46.17
N LEU E 108 -32.85 10.07 47.02
CA LEU E 108 -33.11 10.14 48.45
C LEU E 108 -33.04 11.57 48.98
N CYS E 109 -34.08 11.99 49.68
CA CYS E 109 -34.13 13.32 50.28
C CYS E 109 -33.76 13.22 51.75
N LEU E 110 -32.75 14.00 52.15
CA LEU E 110 -32.44 14.21 53.56
C LEU E 110 -32.33 15.70 53.81
N GLY E 111 -32.90 16.17 54.90
CA GLY E 111 -32.99 17.59 55.11
C GLY E 111 -34.17 18.16 54.35
N GLN E 112 -33.96 18.52 53.08
CA GLN E 112 -35.05 19.07 52.28
C GLN E 112 -34.79 18.87 50.80
N ALA E 113 -35.87 18.93 50.02
CA ALA E 113 -35.79 19.04 48.56
C ALA E 113 -36.85 20.06 48.15
N ALA E 114 -36.42 21.25 47.75
CA ALA E 114 -37.33 22.34 47.41
C ALA E 114 -37.11 22.80 45.98
N SER E 115 -38.22 23.18 45.33
CA SER E 115 -38.19 23.69 43.96
C SER E 115 -37.45 22.67 43.09
N MET E 116 -36.41 23.06 42.37
CA MET E 116 -35.71 22.12 41.50
C MET E 116 -35.16 20.92 42.27
N GLY E 117 -34.89 21.08 43.56
CA GLY E 117 -34.48 19.94 44.35
C GLY E 117 -35.57 18.89 44.48
N ALA E 118 -36.80 19.33 44.71
CA ALA E 118 -37.92 18.39 44.73
C ALA E 118 -38.16 17.79 43.34
N PHE E 119 -38.04 18.61 42.29
CA PHE E 119 -38.18 18.11 40.93
C PHE E 119 -37.23 16.95 40.65
N LEU E 120 -35.96 17.11 41.01
CA LEU E 120 -35.00 16.03 40.76
C LEU E 120 -35.31 14.84 41.67
N LEU E 121 -35.80 15.12 42.88
CA LEU E 121 -36.19 14.05 43.80
C LEU E 121 -37.26 13.17 43.18
N SER E 122 -38.31 13.82 42.64
CA SER E 122 -39.43 13.13 42.02
C SER E 122 -39.03 12.40 40.75
N ALA E 123 -37.89 12.75 40.18
CA ALA E 123 -37.41 12.22 38.90
C ALA E 123 -36.65 10.91 39.03
N GLY E 124 -36.45 10.41 40.25
CA GLY E 124 -35.81 9.11 40.40
C GLY E 124 -36.65 7.98 39.81
N GLU E 125 -35.98 6.85 39.61
CA GLU E 125 -36.63 5.65 39.09
C GLU E 125 -37.81 5.27 39.98
N LYS E 126 -38.98 5.14 39.37
CA LYS E 126 -40.19 4.91 40.16
C LYS E 126 -40.13 3.58 40.91
N GLY E 127 -40.39 3.64 42.21
CA GLY E 127 -40.11 2.58 43.14
C GLY E 127 -38.86 2.79 43.97
N LYS E 128 -37.99 3.73 43.56
CA LYS E 128 -36.70 3.90 44.24
C LYS E 128 -36.47 5.35 44.63
N ARG E 129 -37.55 6.08 44.90
CA ARG E 129 -37.47 7.44 45.42
C ARG E 129 -37.79 7.41 46.91
N PHE E 130 -36.84 7.82 47.74
CA PHE E 130 -36.95 7.68 49.18
C PHE E 130 -36.82 9.04 49.86
N ALA E 131 -37.31 9.12 51.09
CA ALA E 131 -37.09 10.26 51.96
C ALA E 131 -36.91 9.76 53.38
N LEU E 132 -36.12 10.50 54.14
CA LEU E 132 -35.92 10.20 55.54
C LEU E 132 -37.11 10.76 56.33
N PRO E 133 -37.37 10.26 57.54
CA PRO E 133 -38.67 10.54 58.20
C PRO E 133 -38.99 12.03 58.37
N ASN E 134 -37.99 12.87 58.62
CA ASN E 134 -38.25 14.29 58.87
C ASN E 134 -37.78 15.16 57.71
N SER E 135 -37.57 14.56 56.53
CA SER E 135 -37.32 15.33 55.34
C SER E 135 -38.49 16.24 55.01
N ARG E 136 -38.21 17.32 54.30
CA ARG E 136 -39.20 18.27 53.88
C ARG E 136 -39.13 18.48 52.37
N ILE E 137 -40.29 18.56 51.74
CA ILE E 137 -40.41 18.78 50.31
C ILE E 137 -41.19 20.06 50.07
N MET E 138 -40.75 20.86 49.09
CA MET E 138 -41.50 22.03 48.67
C MET E 138 -41.48 22.14 47.15
N ILE E 139 -42.63 22.44 46.56
CA ILE E 139 -42.77 22.65 45.13
C ILE E 139 -43.51 23.96 44.89
N HIS E 140 -43.15 24.65 43.82
CA HIS E 140 -43.84 25.89 43.48
C HIS E 140 -43.55 26.23 42.02
N GLN E 141 -44.35 27.15 41.47
CA GLN E 141 -44.14 27.67 40.12
C GLN E 141 -42.84 28.49 40.06
N PRO E 142 -42.33 28.78 38.86
CA PRO E 142 -41.08 29.54 38.75
C PRO E 142 -41.18 30.91 39.42
N LEU E 143 -40.01 31.45 39.76
CA LEU E 143 -39.85 32.71 40.49
C LEU E 143 -38.71 33.47 39.83
N ILE E 144 -38.55 34.75 40.12
CA ILE E 144 -37.51 35.44 39.37
C ILE E 144 -36.50 36.20 40.23
N SER E 145 -36.94 36.95 41.24
CA SER E 145 -35.98 37.78 42.01
C SER E 145 -35.69 37.24 43.42
N LEU E 148 -37.89 43.11 36.15
CA LEU E 148 -37.17 42.50 35.03
C LEU E 148 -36.90 43.55 33.94
N GLY E 149 -36.05 43.19 32.98
CA GLY E 149 -35.57 43.99 31.84
C GLY E 149 -36.25 45.25 31.35
N GLY E 150 -36.54 45.32 30.05
CA GLY E 150 -36.72 46.60 29.43
C GLY E 150 -37.99 46.91 28.66
N GLN E 151 -38.00 46.71 27.35
CA GLN E 151 -39.12 47.13 26.53
C GLN E 151 -40.28 46.13 26.66
N ALA E 152 -41.50 46.63 26.42
CA ALA E 152 -42.68 45.77 26.53
C ALA E 152 -42.55 44.52 25.65
N SER E 153 -41.94 44.66 24.46
CA SER E 153 -41.67 43.48 23.62
C SER E 153 -40.76 42.47 24.34
N ASP E 154 -39.73 42.96 25.02
CA ASP E 154 -38.79 42.06 25.67
C ASP E 154 -39.41 41.37 26.87
N ILE E 155 -40.25 42.10 27.60
CA ILE E 155 -40.89 41.53 28.77
C ILE E 155 -41.94 40.48 28.38
N GLU E 156 -42.73 40.74 27.33
CA GLU E 156 -43.61 39.70 26.82
C GLU E 156 -42.82 38.46 26.43
N ILE E 157 -41.65 38.63 25.79
CA ILE E 157 -40.85 37.46 25.44
C ILE E 157 -40.46 36.67 26.68
N HIS E 158 -39.99 37.37 27.73
CA HIS E 158 -39.49 36.65 28.92
C HIS E 158 -40.61 36.10 29.79
N ALA E 159 -41.73 36.81 29.90
CA ALA E 159 -42.88 36.23 30.55
C ALA E 159 -43.34 34.97 29.82
N ARG E 160 -43.37 35.00 28.49
CA ARG E 160 -43.85 33.84 27.75
C ARG E 160 -42.90 32.67 27.95
N GLU E 161 -41.59 32.94 28.00
CA GLU E 161 -40.63 31.89 28.28
C GLU E 161 -40.79 31.34 29.70
N LEU E 162 -41.08 32.21 30.66
CA LEU E 162 -41.25 31.75 32.03
C LEU E 162 -42.49 30.86 32.15
N LEU E 163 -43.56 31.19 31.40
CA LEU E 163 -44.77 30.38 31.42
C LEU E 163 -44.54 29.03 30.76
N LYS E 164 -43.75 28.99 29.68
CA LYS E 164 -43.34 27.72 29.10
C LYS E 164 -42.57 26.90 30.11
N ILE E 165 -41.64 27.54 30.83
CA ILE E 165 -40.91 26.83 31.88
C ILE E 165 -41.88 26.34 32.94
N LYS E 166 -42.81 27.20 33.35
CA LYS E 166 -43.82 26.80 34.32
C LYS E 166 -44.63 25.61 33.82
N GLU E 167 -45.10 25.68 32.58
CA GLU E 167 -45.92 24.59 32.08
C GLU E 167 -45.13 23.31 31.92
N LYS E 168 -43.88 23.40 31.43
CA LYS E 168 -43.06 22.20 31.30
C LYS E 168 -42.86 21.55 32.65
N LEU E 169 -42.52 22.36 33.67
CA LEU E 169 -42.26 21.78 34.99
C LEU E 169 -43.52 21.15 35.57
N ASN E 170 -44.68 21.78 35.35
CA ASN E 170 -45.92 21.18 35.82
C ASN E 170 -46.21 19.85 35.09
N ARG E 171 -46.03 19.80 33.76
CA ARG E 171 -46.31 18.57 33.02
C ARG E 171 -45.38 17.45 33.46
N LEU E 172 -44.08 17.73 33.51
CA LEU E 172 -43.13 16.71 33.93
C LEU E 172 -43.39 16.25 35.37
N MET E 173 -43.74 17.18 36.25
CA MET E 173 -43.98 16.78 37.64
C MET E 173 -45.23 15.95 37.76
N ALA E 174 -46.25 16.30 36.96
CA ALA E 174 -47.47 15.51 36.92
C ALA E 174 -47.19 14.09 36.48
N LYS E 175 -46.31 13.91 35.49
CA LYS E 175 -45.95 12.57 35.07
C LYS E 175 -45.22 11.81 36.18
N HIS E 176 -44.26 12.45 36.85
CA HIS E 176 -43.53 11.80 37.93
C HIS E 176 -44.46 11.35 39.06
N CYS E 177 -45.52 12.12 39.32
CA CYS E 177 -46.43 11.82 40.42
C CYS E 177 -47.63 10.98 39.97
N ASP E 178 -47.76 10.71 38.68
CA ASP E 178 -48.95 10.04 38.13
C ASP E 178 -50.23 10.78 38.53
N ARG E 179 -50.23 12.09 38.28
CA ARG E 179 -51.39 12.93 38.55
C ARG E 179 -51.74 13.75 37.32
N ASP E 180 -52.87 14.44 37.42
CA ASP E 180 -53.31 15.29 36.32
C ASP E 180 -52.53 16.59 36.33
N LEU E 181 -52.32 17.11 35.13
CA LEU E 181 -51.66 18.40 35.03
C LEU E 181 -52.37 19.43 35.90
N ALA E 182 -53.71 19.33 36.00
CA ALA E 182 -54.50 20.27 36.79
C ALA E 182 -54.12 20.23 38.26
N ASP E 183 -53.73 19.06 38.78
CA ASP E 183 -53.25 18.98 40.15
C ASP E 183 -51.99 19.81 40.35
N LEU E 184 -50.99 19.61 39.48
CA LEU E 184 -49.74 20.33 39.63
C LEU E 184 -49.92 21.81 39.35
N GLU E 185 -50.82 22.16 38.43
CA GLU E 185 -51.12 23.57 38.20
C GLU E 185 -51.73 24.20 39.45
N ARG E 186 -52.70 23.50 40.07
CA ARG E 186 -53.30 24.02 41.29
C ARG E 186 -52.32 24.08 42.45
N ASP E 187 -51.49 23.04 42.59
CA ASP E 187 -50.74 22.80 43.82
C ASP E 187 -49.37 23.44 43.83
N THR E 188 -48.94 24.03 42.71
CA THR E 188 -47.71 24.81 42.67
C THR E 188 -47.97 26.30 42.57
N ASP E 189 -49.25 26.74 42.67
CA ASP E 189 -49.56 28.16 42.53
C ASP E 189 -48.80 29.00 43.54
N ARG E 190 -48.69 28.51 44.77
CA ARG E 190 -47.84 29.09 45.80
C ARG E 190 -47.02 27.98 46.44
N ASP E 191 -46.13 28.38 47.36
CA ASP E 191 -45.23 27.43 48.00
C ASP E 191 -46.03 26.30 48.68
N ASN E 192 -45.70 25.06 48.32
CA ASN E 192 -46.41 23.90 48.82
C ASN E 192 -45.43 23.02 49.61
N PHE E 193 -45.44 23.17 50.91
CA PHE E 193 -44.58 22.42 51.81
C PHE E 193 -45.22 21.08 52.17
N MET E 194 -44.43 20.00 52.09
CA MET E 194 -44.92 18.65 52.35
C MET E 194 -44.00 17.88 53.28
N SER E 195 -44.62 17.22 54.26
CA SER E 195 -43.91 16.23 55.04
C SER E 195 -43.56 15.04 54.15
N ALA E 196 -42.74 14.14 54.68
CA ALA E 196 -42.42 12.95 53.92
C ALA E 196 -43.67 12.14 53.60
N GLU E 197 -44.65 12.09 54.53
CA GLU E 197 -45.81 11.24 54.23
C GLU E 197 -46.67 11.93 53.16
N GLU E 198 -46.78 13.26 53.23
CA GLU E 198 -47.54 13.96 52.21
C GLU E 198 -46.89 13.83 50.83
N ALA E 199 -45.56 13.76 50.76
CA ALA E 199 -44.90 13.63 49.47
C ALA E 199 -45.14 12.24 48.87
N LYS E 200 -45.19 11.21 49.71
CA LYS E 200 -45.51 9.86 49.25
C LYS E 200 -46.94 9.79 48.78
N GLU E 201 -47.85 10.46 49.49
CA GLU E 201 -49.24 10.54 49.08
C GLU E 201 -49.37 11.23 47.73
N TYR E 202 -48.54 12.24 47.49
CA TYR E 202 -48.65 13.06 46.30
C TYR E 202 -48.12 12.34 45.07
N GLY E 203 -47.24 11.36 45.26
CA GLY E 203 -46.57 10.70 44.18
C GLY E 203 -45.14 11.12 43.93
N LEU E 204 -44.55 11.97 44.79
CA LEU E 204 -43.20 12.46 44.53
C LEU E 204 -42.14 11.49 45.02
N ILE E 205 -42.43 10.71 46.07
CA ILE E 205 -41.53 9.67 46.53
C ILE E 205 -42.30 8.36 46.66
N ASP E 206 -41.56 7.28 46.88
CA ASP E 206 -42.15 5.97 46.98
C ASP E 206 -42.15 5.39 48.38
N GLN E 207 -41.17 5.74 49.21
CA GLN E 207 -41.13 5.12 50.52
C GLN E 207 -40.31 5.99 51.48
N ILE E 208 -40.76 6.01 52.73
CA ILE E 208 -40.08 6.68 53.83
C ILE E 208 -39.21 5.63 54.54
N LEU E 209 -37.95 5.94 54.75
CA LEU E 209 -37.01 5.01 55.37
C LEU E 209 -37.03 5.18 56.89
N GLU E 210 -37.38 4.12 57.62
CA GLU E 210 -37.69 4.20 59.04
C GLU E 210 -36.55 3.71 59.94
N ASN E 211 -36.56 4.19 61.18
CA ASN E 211 -35.52 3.91 62.18
C ASN E 211 -35.24 2.42 62.35
N ASP F 36 -8.69 12.06 38.64
CA ASP F 36 -9.83 12.96 38.71
C ASP F 36 -10.90 12.61 37.68
N ILE F 37 -12.12 13.08 37.94
CA ILE F 37 -13.27 12.75 37.10
C ILE F 37 -13.16 13.44 35.75
N TYR F 38 -12.76 14.71 35.76
CA TYR F 38 -12.65 15.48 34.53
C TYR F 38 -11.48 15.00 33.65
N SER F 39 -10.39 14.56 34.25
CA SER F 39 -9.31 13.97 33.47
C SER F 39 -9.77 12.70 32.77
N ARG F 40 -10.62 11.92 33.44
CA ARG F 40 -11.09 10.67 32.84
C ARG F 40 -12.04 10.95 31.68
N LEU F 41 -12.82 12.04 31.75
CA LEU F 41 -13.68 12.44 30.63
C LEU F 41 -12.87 12.96 29.45
N LEU F 42 -11.78 13.68 29.74
CA LEU F 42 -10.91 14.15 28.67
C LEU F 42 -10.22 12.98 27.96
N LYS F 43 -9.98 11.88 28.69
CA LYS F 43 -9.38 10.70 28.07
C LYS F 43 -10.32 10.09 27.04
N GLU F 44 -11.64 10.26 27.21
CA GLU F 44 -12.65 9.85 26.25
C GLU F 44 -12.95 10.94 25.23
N ARG F 45 -12.12 11.98 25.16
CA ARG F 45 -12.22 13.06 24.19
C ARG F 45 -13.49 13.90 24.40
N ILE F 46 -13.90 14.07 25.66
CA ILE F 46 -14.99 14.95 26.03
C ILE F 46 -14.40 16.24 26.59
N VAL F 47 -14.78 17.38 25.99
CA VAL F 47 -14.43 18.69 26.51
C VAL F 47 -15.72 19.39 26.91
N PHE F 48 -15.69 20.02 28.07
CA PHE F 48 -16.84 20.71 28.64
C PHE F 48 -16.67 22.22 28.50
N LEU F 49 -17.75 22.92 28.26
CA LEU F 49 -17.79 24.36 28.52
C LEU F 49 -18.99 24.59 29.43
N VAL F 50 -18.74 24.86 30.70
CA VAL F 50 -19.82 25.04 31.67
C VAL F 50 -19.73 26.45 32.26
N GLY F 51 -20.82 27.20 32.14
CA GLY F 51 -20.84 28.56 32.63
C GLY F 51 -20.42 29.57 31.59
N PRO F 52 -20.11 30.79 32.03
CA PRO F 52 -19.88 31.89 31.10
C PRO F 52 -18.67 31.67 30.20
N VAL F 53 -18.73 32.24 29.00
CA VAL F 53 -17.61 32.22 28.06
C VAL F 53 -16.72 33.42 28.36
N THR F 54 -15.55 33.18 28.94
CA THR F 54 -14.58 34.22 29.24
C THR F 54 -13.28 33.85 28.54
N ASP F 55 -12.35 34.81 28.50
CA ASP F 55 -11.03 34.50 27.97
C ASP F 55 -10.43 33.27 28.65
N GLU F 56 -10.67 33.11 29.95
CA GLU F 56 -10.07 32.00 30.69
C GLU F 56 -10.73 30.68 30.34
N SER F 57 -12.06 30.65 30.39
CA SER F 57 -12.76 29.42 30.03
C SER F 57 -12.55 29.08 28.55
N ALA F 58 -12.48 30.09 27.70
CA ALA F 58 -12.27 29.85 26.27
C ALA F 58 -10.90 29.20 26.03
N ASN F 59 -9.85 29.74 26.64
CA ASN F 59 -8.53 29.22 26.32
C ASN F 59 -8.30 27.83 26.89
N LEU F 60 -8.94 27.48 28.01
CA LEU F 60 -8.88 26.11 28.50
C LEU F 60 -9.51 25.13 27.51
N VAL F 61 -10.64 25.50 26.90
CA VAL F 61 -11.22 24.66 25.87
C VAL F 61 -10.29 24.58 24.66
N VAL F 62 -9.74 25.71 24.24
CA VAL F 62 -8.83 25.77 23.10
C VAL F 62 -7.62 24.88 23.36
N ALA F 63 -7.11 24.93 24.59
CA ALA F 63 -5.97 24.08 24.93
C ALA F 63 -6.33 22.61 24.81
N GLN F 64 -7.49 22.22 25.31
CA GLN F 64 -7.89 20.82 25.24
C GLN F 64 -8.14 20.37 23.81
N LEU F 65 -8.67 21.25 22.96
CA LEU F 65 -8.86 20.88 21.57
C LEU F 65 -7.53 20.59 20.88
N LEU F 66 -6.56 21.50 21.01
CA LEU F 66 -5.24 21.26 20.42
C LEU F 66 -4.61 20.01 21.01
N PHE F 67 -4.81 19.78 22.30
CA PHE F 67 -4.26 18.60 22.96
C PHE F 67 -4.90 17.32 22.41
N LEU F 68 -6.24 17.28 22.33
CA LEU F 68 -6.91 16.07 21.86
C LEU F 68 -6.57 15.77 20.40
N GLU F 69 -6.40 16.81 19.59
CA GLU F 69 -5.90 16.57 18.24
C GLU F 69 -4.50 16.01 18.29
N SER F 70 -3.66 16.57 19.18
CA SER F 70 -2.30 16.05 19.35
C SER F 70 -2.32 14.57 19.71
N GLU F 71 -3.25 14.14 20.57
CA GLU F 71 -3.29 12.75 20.98
C GLU F 71 -3.72 11.83 19.84
N ASN F 72 -4.58 12.32 18.92
CA ASN F 72 -5.04 11.52 17.79
C ASN F 72 -5.84 12.42 16.83
N PRO F 73 -5.26 12.77 15.67
CA PRO F 73 -5.97 13.67 14.74
C PRO F 73 -7.11 13.02 13.98
N ASP F 74 -7.40 11.74 14.23
CA ASP F 74 -8.35 10.97 13.43
C ASP F 74 -9.58 10.52 14.21
N LYS F 75 -9.64 10.75 15.51
CA LYS F 75 -10.83 10.47 16.29
C LYS F 75 -11.58 11.76 16.56
N ASP F 76 -12.91 11.66 16.54
CA ASP F 76 -13.79 12.76 16.91
C ASP F 76 -13.53 13.26 18.34
N ILE F 77 -13.90 14.51 18.57
CA ILE F 77 -13.92 15.18 19.86
C ILE F 77 -15.36 15.54 20.17
N PHE F 78 -15.74 15.48 21.45
CA PHE F 78 -17.12 15.71 21.88
C PHE F 78 -17.17 16.92 22.83
N PHE F 79 -17.83 17.99 22.38
CA PHE F 79 -17.88 19.28 23.05
C PHE F 79 -19.25 19.41 23.75
N TYR F 80 -19.26 19.22 25.07
CA TYR F 80 -20.46 19.35 25.88
C TYR F 80 -20.59 20.78 26.38
N ILE F 81 -21.76 21.39 26.14
CA ILE F 81 -21.95 22.82 26.38
C ILE F 81 -23.11 23.04 27.33
N ASN F 82 -22.84 23.74 28.44
CA ASN F 82 -23.90 24.27 29.30
C ASN F 82 -23.48 25.68 29.68
N SER F 83 -23.93 26.66 28.89
CA SER F 83 -23.39 28.00 29.04
C SER F 83 -24.46 29.06 28.78
N PRO F 84 -24.44 30.16 29.54
CA PRO F 84 -25.36 31.28 29.28
C PRO F 84 -24.85 32.26 28.23
N GLY F 85 -23.63 32.07 27.71
CA GLY F 85 -23.04 33.01 26.78
C GLY F 85 -21.78 33.62 27.37
N GLY F 86 -21.37 34.77 26.86
CA GLY F 86 -20.20 35.43 27.36
C GLY F 86 -19.54 36.28 26.28
N SER F 87 -18.21 36.32 26.30
CA SER F 87 -17.45 37.17 25.41
C SER F 87 -17.50 36.66 23.97
N VAL F 88 -17.89 37.55 23.04
CA VAL F 88 -17.91 37.14 21.63
C VAL F 88 -16.51 36.83 21.14
N THR F 89 -15.52 37.66 21.50
CA THR F 89 -14.16 37.41 21.03
C THR F 89 -13.64 36.10 21.59
N ALA F 90 -13.90 35.85 22.88
CA ALA F 90 -13.43 34.61 23.50
C ALA F 90 -14.05 33.40 22.83
N GLY F 91 -15.36 33.46 22.54
CA GLY F 91 -16.01 32.37 21.82
C GLY F 91 -15.44 32.19 20.43
N MET F 92 -15.09 33.30 19.75
CA MET F 92 -14.49 33.20 18.42
C MET F 92 -13.17 32.44 18.45
N SER F 93 -12.44 32.50 19.56
CA SER F 93 -11.21 31.72 19.64
C SER F 93 -11.52 30.21 19.67
N ILE F 94 -12.59 29.82 20.38
CA ILE F 94 -13.02 28.42 20.33
C ILE F 94 -13.46 28.04 18.93
N TYR F 95 -14.29 28.88 18.32
CA TYR F 95 -14.83 28.61 16.99
C TYR F 95 -13.73 28.35 15.97
N ASP F 96 -12.75 29.26 15.88
CA ASP F 96 -11.67 29.11 14.92
C ASP F 96 -10.84 27.85 15.20
N THR F 97 -10.66 27.52 16.48
CA THR F 97 -9.97 26.29 16.83
C THR F 97 -10.79 25.05 16.45
N MET F 98 -12.11 25.09 16.66
CA MET F 98 -12.94 23.96 16.23
C MET F 98 -12.81 23.73 14.75
N ASN F 99 -12.79 24.80 13.96
CA ASN F 99 -12.74 24.66 12.50
C ASN F 99 -11.34 24.33 11.99
N PHE F 100 -10.28 24.57 12.78
CA PHE F 100 -8.92 24.41 12.28
C PHE F 100 -8.42 22.96 12.37
N ILE F 101 -8.70 22.28 13.47
CA ILE F 101 -8.13 20.95 13.73
C ILE F 101 -8.74 19.90 12.80
N LYS F 102 -8.02 18.79 12.64
CA LYS F 102 -8.53 17.72 11.78
C LYS F 102 -9.77 17.04 12.37
N PRO F 103 -9.81 16.67 13.65
CA PRO F 103 -10.99 15.95 14.16
C PRO F 103 -12.26 16.75 14.04
N ASP F 104 -13.34 16.07 13.65
CA ASP F 104 -14.68 16.60 13.75
C ASP F 104 -15.01 16.92 15.21
N VAL F 105 -15.56 18.10 15.44
CA VAL F 105 -15.98 18.44 16.79
C VAL F 105 -17.49 18.34 16.84
N SER F 106 -17.96 17.27 17.48
CA SER F 106 -19.37 17.11 17.78
C SER F 106 -19.73 18.04 18.92
N THR F 107 -20.92 18.63 18.84
CA THR F 107 -21.44 19.47 19.92
C THR F 107 -22.68 18.85 20.51
N LEU F 108 -22.84 19.02 21.82
CA LEU F 108 -24.01 18.56 22.54
C LEU F 108 -24.38 19.60 23.59
N CYS F 109 -25.64 20.02 23.60
CA CYS F 109 -26.15 20.96 24.58
C CYS F 109 -26.84 20.18 25.70
N LEU F 110 -26.38 20.40 26.94
CA LEU F 110 -27.11 19.93 28.11
C LEU F 110 -27.36 21.13 29.00
N GLY F 111 -28.54 21.20 29.58
CA GLY F 111 -28.94 22.36 30.32
C GLY F 111 -29.35 23.45 29.37
N GLN F 112 -28.41 24.30 28.97
CA GLN F 112 -28.72 25.35 28.02
C GLN F 112 -27.48 25.73 27.23
N ALA F 113 -27.73 26.30 26.05
CA ALA F 113 -26.69 26.94 25.23
C ALA F 113 -27.33 28.22 24.72
N ALA F 114 -26.90 29.35 25.29
CA ALA F 114 -27.47 30.65 25.04
C ALA F 114 -26.40 31.57 24.47
N SER F 115 -26.83 32.48 23.59
CA SER F 115 -25.95 33.49 23.01
C SER F 115 -24.70 32.80 22.44
N MET F 116 -23.50 33.22 22.87
CA MET F 116 -22.28 32.59 22.36
C MET F 116 -22.26 31.08 22.60
N GLY F 117 -22.94 30.60 23.64
CA GLY F 117 -23.07 29.15 23.83
C GLY F 117 -23.87 28.49 22.73
N ALA F 118 -24.96 29.13 22.30
CA ALA F 118 -25.70 28.60 21.16
C ALA F 118 -24.86 28.72 19.88
N PHE F 119 -24.13 29.82 19.73
CA PHE F 119 -23.27 29.98 18.55
C PHE F 119 -22.31 28.80 18.46
N LEU F 120 -21.67 28.46 19.58
CA LEU F 120 -20.73 27.36 19.56
C LEU F 120 -21.43 26.04 19.32
N LEU F 121 -22.65 25.89 19.87
CA LEU F 121 -23.42 24.67 19.64
C LEU F 121 -23.67 24.47 18.15
N SER F 122 -24.15 25.51 17.46
CA SER F 122 -24.44 25.38 16.04
C SER F 122 -23.19 25.17 15.19
N ALA F 123 -22.01 25.43 15.74
CA ALA F 123 -20.77 25.31 15.00
C ALA F 123 -20.20 23.89 14.96
N GLY F 124 -20.80 22.92 15.66
CA GLY F 124 -20.32 21.55 15.58
C GLY F 124 -20.46 20.98 14.19
N GLU F 125 -19.76 19.87 13.96
CA GLU F 125 -19.80 19.20 12.68
C GLU F 125 -21.24 18.84 12.31
N LYS F 126 -21.67 19.24 11.10
CA LYS F 126 -23.08 19.01 10.76
C LYS F 126 -23.36 17.51 10.67
N GLY F 127 -24.42 17.06 11.30
CA GLY F 127 -24.66 15.65 11.53
C GLY F 127 -24.26 15.18 12.92
N LYS F 128 -23.53 16.00 13.65
CA LYS F 128 -23.03 15.62 14.96
C LYS F 128 -23.28 16.71 16.01
N ARG F 129 -24.33 17.52 15.83
CA ARG F 129 -24.73 18.52 16.81
C ARG F 129 -25.99 18.02 17.50
N PHE F 130 -25.91 17.79 18.81
CA PHE F 130 -26.97 17.13 19.55
C PHE F 130 -27.45 17.99 20.71
N ALA F 131 -28.66 17.70 21.19
CA ALA F 131 -29.15 18.32 22.41
C ALA F 131 -29.93 17.27 23.21
N LEU F 132 -29.94 17.45 24.53
CA LEU F 132 -30.73 16.60 25.40
C LEU F 132 -32.20 17.05 25.39
N PRO F 133 -33.13 16.16 25.75
CA PRO F 133 -34.56 16.45 25.48
C PRO F 133 -35.05 17.76 26.05
N ASN F 134 -34.53 18.16 27.21
CA ASN F 134 -35.03 19.34 27.88
C ASN F 134 -34.04 20.48 27.86
N SER F 135 -33.07 20.39 26.96
CA SER F 135 -32.13 21.47 26.70
C SER F 135 -32.84 22.72 26.19
N ARG F 136 -32.18 23.85 26.39
CA ARG F 136 -32.68 25.13 25.91
C ARG F 136 -31.60 25.78 25.06
N ILE F 137 -32.01 26.35 23.93
CA ILE F 137 -31.14 27.13 23.06
C ILE F 137 -31.69 28.54 23.06
N MET F 138 -30.81 29.53 23.16
CA MET F 138 -31.25 30.90 23.01
C MET F 138 -30.23 31.64 22.17
N ILE F 139 -30.75 32.44 21.23
CA ILE F 139 -29.97 33.26 20.33
C ILE F 139 -30.53 34.68 20.39
N HIS F 140 -29.65 35.67 20.26
CA HIS F 140 -30.06 37.08 20.29
C HIS F 140 -28.95 37.91 19.68
N GLN F 141 -29.29 39.15 19.32
CA GLN F 141 -28.32 40.11 18.80
C GLN F 141 -27.37 40.57 19.92
N PRO F 142 -26.25 41.19 19.57
CA PRO F 142 -25.30 41.60 20.63
C PRO F 142 -25.91 42.59 21.62
N LEU F 143 -25.31 42.65 22.82
CA LEU F 143 -25.87 43.37 23.96
C LEU F 143 -24.72 44.14 24.65
N ILE F 144 -24.99 45.37 25.08
CA ILE F 144 -24.05 46.13 25.91
C ILE F 144 -24.73 46.49 27.24
N SER F 145 -23.92 46.52 28.30
CA SER F 145 -24.39 47.09 29.56
C SER F 145 -23.39 48.12 30.13
N GLY F 150 -18.51 58.31 25.53
CA GLY F 150 -17.63 59.40 25.09
C GLY F 150 -18.12 60.40 24.03
N GLN F 151 -17.26 60.73 23.07
CA GLN F 151 -17.60 61.65 22.00
C GLN F 151 -18.47 60.98 20.94
N ALA F 152 -19.23 61.79 20.21
CA ALA F 152 -20.09 61.23 19.17
C ALA F 152 -19.28 60.39 18.20
N SER F 153 -18.06 60.84 17.88
CA SER F 153 -17.17 60.06 17.01
C SER F 153 -16.87 58.69 17.61
N ASP F 154 -16.57 58.64 18.92
CA ASP F 154 -16.25 57.38 19.57
C ASP F 154 -17.48 56.50 19.66
N ILE F 155 -18.64 57.12 19.88
CA ILE F 155 -19.88 56.36 19.98
C ILE F 155 -20.25 55.76 18.62
N GLU F 156 -20.06 56.51 17.53
CA GLU F 156 -20.30 55.93 16.22
C GLU F 156 -19.40 54.73 15.98
N ILE F 157 -18.11 54.86 16.30
CA ILE F 157 -17.15 53.79 16.04
C ILE F 157 -17.58 52.52 16.72
N HIS F 158 -17.96 52.61 18.00
CA HIS F 158 -18.33 51.40 18.72
C HIS F 158 -19.68 50.86 18.27
N ALA F 159 -20.62 51.75 17.93
CA ALA F 159 -21.84 51.33 17.27
C ALA F 159 -21.54 50.61 15.96
N ARG F 160 -20.62 51.15 15.15
CA ARG F 160 -20.33 50.53 13.86
C ARG F 160 -19.74 49.13 14.11
N GLU F 161 -18.84 49.01 15.09
CA GLU F 161 -18.22 47.73 15.42
C GLU F 161 -19.22 46.73 15.99
N LEU F 162 -20.17 47.21 16.80
CA LEU F 162 -21.18 46.33 17.35
C LEU F 162 -22.08 45.80 16.25
N LEU F 163 -22.40 46.63 15.25
CA LEU F 163 -23.24 46.16 14.15
C LEU F 163 -22.49 45.17 13.28
N LYS F 164 -21.18 45.38 13.09
CA LYS F 164 -20.36 44.40 12.38
C LYS F 164 -20.32 43.06 13.10
N ILE F 165 -20.17 43.08 14.43
CA ILE F 165 -20.19 41.84 15.20
C ILE F 165 -21.56 41.17 15.06
N LYS F 166 -22.63 41.96 15.17
CA LYS F 166 -23.96 41.42 14.96
C LYS F 166 -24.09 40.75 13.60
N GLU F 167 -23.59 41.41 12.54
CA GLU F 167 -23.70 40.88 11.19
C GLU F 167 -22.85 39.62 11.01
N LYS F 168 -21.63 39.61 11.57
CA LYS F 168 -20.79 38.43 11.49
C LYS F 168 -21.46 37.22 12.15
N LEU F 169 -22.03 37.43 13.35
CA LEU F 169 -22.66 36.34 14.09
C LEU F 169 -23.89 35.83 13.38
N ASN F 170 -24.70 36.75 12.84
CA ASN F 170 -25.89 36.35 12.10
C ASN F 170 -25.52 35.57 10.83
N ARG F 171 -24.49 36.05 10.11
CA ARG F 171 -24.08 35.41 8.86
C ARG F 171 -23.53 34.02 9.12
N LEU F 172 -22.61 33.91 10.07
CA LEU F 172 -22.01 32.61 10.38
C LEU F 172 -23.07 31.63 10.84
N MET F 173 -24.00 32.09 11.66
CA MET F 173 -25.00 31.17 12.16
C MET F 173 -26.00 30.80 11.05
N ALA F 174 -26.24 31.72 10.11
CA ALA F 174 -27.04 31.38 8.93
C ALA F 174 -26.35 30.29 8.12
N LYS F 175 -25.03 30.39 8.00
CA LYS F 175 -24.26 29.36 7.34
C LYS F 175 -24.41 28.03 8.09
N HIS F 176 -24.38 28.07 9.43
CA HIS F 176 -24.55 26.84 10.23
C HIS F 176 -25.91 26.20 10.02
N CYS F 177 -26.96 27.01 9.89
CA CYS F 177 -28.35 26.57 9.79
C CYS F 177 -28.81 26.41 8.34
N ASP F 178 -27.93 26.72 7.40
CA ASP F 178 -28.26 26.78 5.98
C ASP F 178 -29.48 27.65 5.71
N ARG F 179 -29.43 28.87 6.27
CA ARG F 179 -30.45 29.90 6.11
C ARG F 179 -29.72 31.19 5.70
N ASP F 180 -30.47 32.26 5.43
CA ASP F 180 -29.88 33.53 5.05
C ASP F 180 -29.56 34.47 6.22
N LEU F 181 -28.66 35.44 5.96
CA LEU F 181 -28.38 36.50 6.93
C LEU F 181 -29.65 37.23 7.36
N ALA F 182 -30.59 37.45 6.44
CA ALA F 182 -31.84 38.13 6.75
C ALA F 182 -32.65 37.35 7.77
N ASP F 183 -32.58 36.02 7.70
CA ASP F 183 -33.27 35.13 8.63
C ASP F 183 -32.78 35.34 10.05
N LEU F 184 -31.46 35.27 10.23
CA LEU F 184 -30.90 35.41 11.57
C LEU F 184 -31.07 36.83 12.09
N GLU F 185 -31.06 37.83 11.20
CA GLU F 185 -31.33 39.21 11.62
C GLU F 185 -32.75 39.32 12.21
N ARG F 186 -33.73 38.70 11.56
CA ARG F 186 -35.10 38.73 12.06
C ARG F 186 -35.23 37.96 13.38
N ASP F 187 -34.56 36.81 13.48
CA ASP F 187 -34.81 35.88 14.56
C ASP F 187 -33.92 36.11 15.78
N THR F 188 -32.94 36.99 15.69
CA THR F 188 -32.19 37.39 16.87
C THR F 188 -32.50 38.83 17.25
N ASP F 189 -33.44 39.46 16.55
CA ASP F 189 -33.74 40.85 16.84
C ASP F 189 -34.07 41.03 18.31
N ARG F 190 -34.84 40.11 18.88
CA ARG F 190 -35.01 40.05 20.33
C ARG F 190 -34.72 38.62 20.77
N ASP F 191 -34.73 38.39 22.07
CA ASP F 191 -34.36 37.07 22.62
C ASP F 191 -35.22 35.98 22.01
N ASN F 192 -34.57 34.95 21.49
CA ASN F 192 -35.26 33.84 20.85
C ASN F 192 -34.98 32.56 21.62
N PHE F 193 -35.92 32.14 22.46
CA PHE F 193 -35.80 30.90 23.22
C PHE F 193 -36.34 29.73 22.40
N MET F 194 -35.59 28.63 22.37
CA MET F 194 -35.99 27.47 21.57
C MET F 194 -35.81 26.18 22.35
N SER F 195 -36.79 25.31 22.25
CA SER F 195 -36.65 23.93 22.71
C SER F 195 -35.69 23.16 21.80
N ALA F 196 -35.36 21.94 22.23
CA ALA F 196 -34.54 21.06 21.39
C ALA F 196 -35.18 20.81 20.02
N GLU F 197 -36.50 20.64 19.93
CA GLU F 197 -37.11 20.43 18.62
C GLU F 197 -37.13 21.72 17.79
N GLU F 198 -37.33 22.87 18.42
CA GLU F 198 -37.28 24.10 17.63
C GLU F 198 -35.86 24.35 17.11
N ALA F 199 -34.85 23.98 17.90
CA ALA F 199 -33.46 24.19 17.48
C ALA F 199 -33.08 23.24 16.35
N LYS F 200 -33.60 22.01 16.38
CA LYS F 200 -33.37 21.08 15.28
C LYS F 200 -34.08 21.56 14.02
N GLU F 201 -35.31 22.06 14.16
CA GLU F 201 -36.02 22.61 13.01
C GLU F 201 -35.31 23.84 12.45
N TYR F 202 -34.69 24.65 13.31
CA TYR F 202 -34.03 25.86 12.84
C TYR F 202 -32.73 25.54 12.11
N GLY F 203 -32.15 24.36 12.33
CA GLY F 203 -30.88 23.99 11.75
C GLY F 203 -29.70 24.12 12.68
N LEU F 204 -29.93 24.42 13.96
CA LEU F 204 -28.83 24.66 14.90
C LEU F 204 -28.31 23.38 15.49
N ILE F 205 -29.14 22.35 15.57
CA ILE F 205 -28.68 21.01 15.94
C ILE F 205 -29.27 20.05 14.92
N ASP F 206 -28.72 18.84 14.90
CA ASP F 206 -29.10 17.79 13.97
C ASP F 206 -30.03 16.77 14.58
N GLN F 207 -29.81 16.40 15.83
CA GLN F 207 -30.51 15.27 16.45
C GLN F 207 -30.70 15.55 17.93
N ILE F 208 -31.82 15.06 18.48
CA ILE F 208 -32.06 15.07 19.92
C ILE F 208 -31.84 13.66 20.46
N LEU F 209 -31.01 13.55 21.48
CA LEU F 209 -30.74 12.27 22.11
C LEU F 209 -31.92 11.85 22.98
N GLU F 210 -32.42 10.63 22.75
CA GLU F 210 -33.43 10.00 23.61
C GLU F 210 -33.11 10.25 25.08
N ASP G 36 0.41 19.79 33.41
CA ASP G 36 -0.99 19.96 33.08
C ASP G 36 -1.12 20.22 31.59
N ILE G 37 -2.24 20.85 31.17
CA ILE G 37 -2.42 21.11 29.73
C ILE G 37 -1.50 22.23 29.26
N TYR G 38 -1.34 23.27 30.08
CA TYR G 38 -0.46 24.35 29.69
C TYR G 38 0.99 23.92 29.73
N SER G 39 1.32 22.98 30.61
CA SER G 39 2.66 22.44 30.59
C SER G 39 2.96 21.77 29.26
N ARG G 40 2.02 20.97 28.73
CA ARG G 40 2.35 20.25 27.50
C ARG G 40 2.42 21.18 26.29
N LEU G 41 1.67 22.28 26.31
CA LEU G 41 1.82 23.26 25.25
C LEU G 41 3.18 23.96 25.30
N LEU G 42 3.72 24.21 26.49
CA LEU G 42 5.02 24.89 26.58
C LEU G 42 6.14 24.04 26.01
N LYS G 43 6.06 22.73 26.18
CA LYS G 43 7.06 21.90 25.55
C LYS G 43 6.98 21.87 24.07
N GLU G 44 5.89 22.30 23.47
CA GLU G 44 5.94 22.49 22.05
C GLU G 44 6.39 23.92 21.72
N ARG G 45 6.91 24.66 22.72
CA ARG G 45 7.42 26.03 22.57
C ARG G 45 6.31 27.02 22.22
N ILE G 46 5.12 26.78 22.77
CA ILE G 46 3.99 27.70 22.68
C ILE G 46 3.84 28.41 24.01
N VAL G 47 3.81 29.74 23.97
CA VAL G 47 3.56 30.58 25.13
C VAL G 47 2.28 31.36 24.92
N PHE G 48 1.49 31.44 25.98
CA PHE G 48 0.22 32.15 25.93
C PHE G 48 0.35 33.50 26.61
N LEU G 49 -0.35 34.49 26.07
CA LEU G 49 -0.69 35.71 26.77
C LEU G 49 -2.21 35.80 26.68
N VAL G 50 -2.90 35.45 27.77
CA VAL G 50 -4.36 35.44 27.80
C VAL G 50 -4.79 36.45 28.87
N GLY G 51 -5.59 37.43 28.47
CA GLY G 51 -6.02 38.47 29.37
C GLY G 51 -5.15 39.73 29.36
N PRO G 52 -5.34 40.58 30.36
CA PRO G 52 -4.66 41.89 30.38
C PRO G 52 -3.14 41.77 30.45
N VAL G 53 -2.47 42.76 29.90
CA VAL G 53 -1.02 42.86 30.02
C VAL G 53 -0.75 43.59 31.33
N THR G 54 -0.27 42.87 32.32
CA THR G 54 0.13 43.42 33.60
C THR G 54 1.59 43.10 33.86
N ASP G 55 2.16 43.77 34.85
CA ASP G 55 3.51 43.40 35.26
C ASP G 55 3.59 41.91 35.53
N GLU G 56 2.53 41.35 36.10
CA GLU G 56 2.55 39.95 36.49
C GLU G 56 2.48 39.04 35.27
N SER G 57 1.52 39.26 34.36
CA SER G 57 1.44 38.43 33.16
C SER G 57 2.64 38.63 32.22
N ALA G 58 3.13 39.88 32.11
CA ALA G 58 4.25 40.16 31.21
C ALA G 58 5.51 39.41 31.64
N ASN G 59 5.85 39.47 32.93
CA ASN G 59 7.10 38.83 33.33
C ASN G 59 6.97 37.32 33.28
N LEU G 60 5.76 36.80 33.48
CA LEU G 60 5.50 35.38 33.26
C LEU G 60 5.77 35.01 31.80
N VAL G 61 5.42 35.88 30.87
CA VAL G 61 5.76 35.63 29.48
C VAL G 61 7.27 35.71 29.27
N VAL G 62 7.91 36.75 29.83
CA VAL G 62 9.35 36.95 29.68
C VAL G 62 10.12 35.75 30.22
N ALA G 63 9.71 35.24 31.38
CA ALA G 63 10.39 34.09 31.97
C ALA G 63 10.31 32.88 31.05
N GLN G 64 9.12 32.63 30.47
CA GLN G 64 8.97 31.48 29.58
C GLN G 64 9.80 31.64 28.32
N LEU G 65 9.89 32.86 27.79
CA LEU G 65 10.71 33.10 26.61
C LEU G 65 12.17 32.76 26.89
N LEU G 66 12.69 33.21 28.04
CA LEU G 66 14.07 32.88 28.41
C LEU G 66 14.26 31.39 28.60
N PHE G 67 13.30 30.73 29.24
CA PHE G 67 13.41 29.30 29.49
C PHE G 67 13.47 28.51 28.19
N LEU G 68 12.60 28.84 27.23
CA LEU G 68 12.59 28.11 25.96
C LEU G 68 13.87 28.32 25.17
N GLU G 69 14.41 29.55 25.20
CA GLU G 69 15.69 29.80 24.57
C GLU G 69 16.77 29.00 25.27
N SER G 70 16.69 28.91 26.60
CA SER G 70 17.61 28.09 27.37
C SER G 70 17.61 26.63 26.94
N GLU G 71 16.42 26.05 26.72
CA GLU G 71 16.38 24.65 26.33
C GLU G 71 16.84 24.44 24.88
N ASN G 72 16.66 25.42 24.02
CA ASN G 72 17.08 25.33 22.62
C ASN G 72 17.04 26.72 22.00
N PRO G 73 18.21 27.34 21.83
CA PRO G 73 18.26 28.70 21.29
C PRO G 73 18.03 28.79 19.80
N ASP G 74 17.74 27.69 19.10
CA ASP G 74 17.64 27.69 17.63
C ASP G 74 16.28 27.35 17.06
N LYS G 75 15.30 26.97 17.86
CA LYS G 75 13.97 26.69 17.33
C LYS G 75 13.06 27.88 17.55
N ASP G 76 12.18 28.13 16.58
CA ASP G 76 11.19 29.19 16.69
C ASP G 76 10.37 29.04 17.97
N ILE G 77 9.81 30.16 18.44
CA ILE G 77 8.87 30.18 19.55
C ILE G 77 7.54 30.71 19.06
N PHE G 78 6.46 30.19 19.63
CA PHE G 78 5.12 30.51 19.14
C PHE G 78 4.32 31.21 20.24
N PHE G 79 4.04 32.49 20.02
CA PHE G 79 3.43 33.38 20.99
C PHE G 79 1.96 33.59 20.60
N TYR G 80 1.07 32.90 21.31
CA TYR G 80 -0.36 32.99 21.09
C TYR G 80 -0.94 34.10 21.97
N ILE G 81 -1.69 35.02 21.35
CA ILE G 81 -2.14 36.25 22.01
C ILE G 81 -3.65 36.35 21.94
N ASN G 82 -4.29 36.44 23.10
CA ASN G 82 -5.70 36.84 23.23
C ASN G 82 -5.78 37.81 24.40
N SER G 83 -5.68 39.11 24.11
CA SER G 83 -5.56 40.11 25.13
C SER G 83 -6.27 41.42 24.79
N PRO G 84 -6.90 42.08 25.77
CA PRO G 84 -7.53 43.38 25.51
C PRO G 84 -6.57 44.54 25.58
N GLY G 85 -5.32 44.31 25.95
CA GLY G 85 -4.35 45.37 26.14
C GLY G 85 -3.92 45.40 27.58
N GLY G 86 -3.40 46.53 28.03
CA GLY G 86 -2.99 46.70 29.41
C GLY G 86 -1.86 47.71 29.52
N SER G 87 -0.96 47.41 30.46
CA SER G 87 0.14 48.33 30.79
C SER G 87 1.12 48.42 29.64
N VAL G 88 1.41 49.65 29.20
CA VAL G 88 2.38 49.84 28.13
C VAL G 88 3.77 49.41 28.57
N THR G 89 4.13 49.75 29.81
CA THR G 89 5.45 49.41 30.33
C THR G 89 5.64 47.90 30.40
N ALA G 90 4.63 47.18 30.89
CA ALA G 90 4.74 45.72 30.92
C ALA G 90 4.82 45.15 29.50
N GLY G 91 4.08 45.75 28.57
CA GLY G 91 4.17 45.28 27.20
C GLY G 91 5.56 45.44 26.62
N MET G 92 6.23 46.56 26.95
CA MET G 92 7.59 46.79 26.48
C MET G 92 8.56 45.74 27.00
N SER G 93 8.32 45.20 28.20
CA SER G 93 9.22 44.17 28.69
C SER G 93 9.11 42.88 27.87
N ILE G 94 7.89 42.51 27.45
CA ILE G 94 7.72 41.38 26.55
C ILE G 94 8.38 41.67 25.20
N TYR G 95 8.07 42.84 24.64
CA TYR G 95 8.59 43.24 23.32
C TYR G 95 10.12 43.17 23.26
N ASP G 96 10.80 43.84 24.21
CA ASP G 96 12.26 43.84 24.20
C ASP G 96 12.82 42.43 24.39
N THR G 97 12.12 41.58 25.15
CA THR G 97 12.54 40.19 25.27
C THR G 97 12.40 39.47 23.93
N MET G 98 11.29 39.68 23.21
CA MET G 98 11.09 39.04 21.92
C MET G 98 12.20 39.39 20.95
N ASN G 99 12.63 40.65 20.95
CA ASN G 99 13.65 41.11 20.02
C ASN G 99 15.07 40.74 20.43
N PHE G 100 15.33 40.49 21.71
CA PHE G 100 16.69 40.22 22.18
C PHE G 100 17.07 38.76 22.02
N ILE G 101 16.13 37.84 22.25
CA ILE G 101 16.48 36.41 22.29
C ILE G 101 16.84 35.92 20.88
N LYS G 102 17.58 34.81 20.85
CA LYS G 102 18.01 34.26 19.57
C LYS G 102 16.83 33.74 18.74
N PRO G 103 15.93 32.91 19.28
CA PRO G 103 14.84 32.37 18.45
C PRO G 103 13.92 33.44 17.86
N ASP G 104 13.44 33.15 16.65
CA ASP G 104 12.29 33.84 16.10
C ASP G 104 11.08 33.61 16.99
N VAL G 105 10.36 34.67 17.33
CA VAL G 105 9.11 34.57 18.07
C VAL G 105 7.98 34.81 17.08
N SER G 106 7.32 33.74 16.67
CA SER G 106 6.13 33.88 15.87
C SER G 106 4.98 34.30 16.77
N THR G 107 4.10 35.13 16.25
CA THR G 107 2.89 35.50 16.98
C THR G 107 1.67 35.01 16.21
N LEU G 108 0.62 34.67 16.95
CA LEU G 108 -0.66 34.25 16.41
C LEU G 108 -1.74 34.87 17.27
N CYS G 109 -2.72 35.52 16.63
CA CYS G 109 -3.87 36.09 17.34
C CYS G 109 -5.04 35.11 17.29
N LEU G 110 -5.56 34.73 18.46
CA LEU G 110 -6.82 33.99 18.54
C LEU G 110 -7.78 34.75 19.46
N GLY G 111 -9.02 34.90 19.04
CA GLY G 111 -9.93 35.77 19.75
C GLY G 111 -9.71 37.23 19.40
N GLN G 112 -8.83 37.90 20.13
CA GLN G 112 -8.58 39.31 19.84
C GLN G 112 -7.17 39.67 20.25
N ALA G 113 -6.67 40.75 19.64
CA ALA G 113 -5.44 41.40 20.10
C ALA G 113 -5.72 42.89 20.02
N ALA G 114 -5.91 43.53 21.17
CA ALA G 114 -6.29 44.94 21.22
C ALA G 114 -5.25 45.71 22.00
N SER G 115 -5.01 46.95 21.54
CA SER G 115 -4.07 47.88 22.16
C SER G 115 -2.72 47.15 22.29
N MET G 116 -2.11 47.11 23.48
CA MET G 116 -0.79 46.48 23.60
C MET G 116 -0.79 45.04 23.10
N GLY G 117 -1.96 44.37 23.13
CA GLY G 117 -2.04 43.05 22.53
C GLY G 117 -1.82 43.08 21.02
N ALA G 118 -2.38 44.09 20.35
CA ALA G 118 -2.12 44.27 18.93
C ALA G 118 -0.66 44.68 18.69
N PHE G 119 -0.10 45.52 19.57
CA PHE G 119 1.30 45.89 19.45
C PHE G 119 2.17 44.64 19.45
N LEU G 120 1.97 43.75 20.43
CA LEU G 120 2.82 42.57 20.54
C LEU G 120 2.63 41.62 19.38
N LEU G 121 1.38 41.51 18.90
CA LEU G 121 1.08 40.70 17.73
C LEU G 121 1.88 41.17 16.53
N SER G 122 1.84 42.47 16.25
CA SER G 122 2.58 43.04 15.14
C SER G 122 4.09 42.92 15.33
N ALA G 123 4.52 42.63 16.54
CA ALA G 123 5.93 42.56 16.88
C ALA G 123 6.57 41.22 16.56
N GLY G 124 5.80 40.25 16.09
CA GLY G 124 6.35 38.96 15.75
C GLY G 124 7.37 39.05 14.61
N GLU G 125 8.10 37.94 14.47
CA GLU G 125 9.06 37.81 13.37
C GLU G 125 8.32 38.02 12.05
N LYS G 126 8.82 38.95 11.22
CA LYS G 126 8.12 39.27 9.99
C LYS G 126 8.12 38.07 9.04
N GLY G 127 6.94 37.73 8.55
CA GLY G 127 6.68 36.48 7.88
C GLY G 127 6.03 35.45 8.76
N LYS G 128 6.00 35.66 10.09
CA LYS G 128 5.49 34.66 11.02
C LYS G 128 4.47 35.26 12.00
N ARG G 129 3.73 36.29 11.55
CA ARG G 129 2.65 36.85 12.34
C ARG G 129 1.32 36.44 11.73
N PHE G 130 0.53 35.70 12.50
CA PHE G 130 -0.69 35.04 12.05
C PHE G 130 -1.89 35.46 12.90
N ALA G 131 -3.07 35.28 12.32
CA ALA G 131 -4.33 35.41 13.04
C ALA G 131 -5.29 34.35 12.51
N LEU G 132 -6.19 33.92 13.40
CA LEU G 132 -7.25 33.01 13.05
C LEU G 132 -8.36 33.79 12.34
N PRO G 133 -9.17 33.13 11.51
CA PRO G 133 -10.03 33.90 10.57
C PRO G 133 -10.93 34.93 11.24
N ASN G 134 -11.46 34.65 12.42
CA ASN G 134 -12.39 35.57 13.06
C ASN G 134 -11.78 36.26 14.25
N SER G 135 -10.45 36.26 14.33
CA SER G 135 -9.74 37.09 15.27
C SER G 135 -10.02 38.56 15.01
N ARG G 136 -9.91 39.36 16.05
CA ARG G 136 -10.11 40.78 15.94
C ARG G 136 -8.86 41.50 16.42
N ILE G 137 -8.49 42.55 15.71
CA ILE G 137 -7.36 43.39 16.08
C ILE G 137 -7.90 44.79 16.34
N MET G 138 -7.44 45.42 17.42
CA MET G 138 -7.82 46.79 17.68
C MET G 138 -6.59 47.58 18.07
N ILE G 139 -6.43 48.76 17.47
CA ILE G 139 -5.32 49.66 17.79
C ILE G 139 -5.89 51.04 18.07
N HIS G 140 -5.28 51.74 19.02
CA HIS G 140 -5.73 53.07 19.42
C HIS G 140 -4.57 53.80 20.11
N GLN G 141 -4.68 55.12 20.18
CA GLN G 141 -3.68 55.90 20.89
C GLN G 141 -3.83 55.64 22.41
N PRO G 142 -2.82 56.01 23.21
CA PRO G 142 -2.87 55.72 24.64
C PRO G 142 -4.06 56.37 25.34
N LEU G 143 -4.43 55.76 26.46
CA LEU G 143 -5.56 56.19 27.26
C LEU G 143 -5.20 56.01 28.73
N ILE G 144 -5.63 56.96 29.57
CA ILE G 144 -5.48 56.86 31.02
C ILE G 144 -6.85 57.13 31.66
N SER G 145 -6.92 56.95 32.99
CA SER G 145 -8.12 57.33 33.75
C SER G 145 -7.80 57.79 35.18
N LEU G 148 -5.13 62.62 35.44
CA LEU G 148 -4.30 63.75 35.87
C LEU G 148 -5.18 64.81 36.51
N GLY G 149 -4.70 65.49 37.55
CA GLY G 149 -3.38 65.35 38.15
C GLY G 149 -3.21 66.49 39.16
N GLY G 150 -1.98 66.82 39.59
CA GLY G 150 -1.81 67.91 40.55
C GLY G 150 -1.53 69.30 39.99
N GLN G 151 -0.30 69.78 40.14
CA GLN G 151 0.08 71.11 39.66
C GLN G 151 0.24 71.11 38.15
N ALA G 152 0.04 72.29 37.54
CA ALA G 152 0.15 72.39 36.09
C ALA G 152 1.51 71.89 35.57
N SER G 153 2.59 72.18 36.29
CA SER G 153 3.89 71.65 35.91
C SER G 153 3.89 70.13 35.87
N ASP G 154 3.27 69.48 36.86
CA ASP G 154 3.23 68.02 36.87
C ASP G 154 2.35 67.49 35.75
N ILE G 155 1.25 68.19 35.46
CA ILE G 155 0.37 67.76 34.40
C ILE G 155 1.06 67.92 33.05
N GLU G 156 1.84 68.99 32.90
CA GLU G 156 2.64 69.18 31.69
C GLU G 156 3.61 68.03 31.50
N ILE G 157 4.30 67.66 32.58
CA ILE G 157 5.29 66.58 32.53
C ILE G 157 4.62 65.27 32.13
N HIS G 158 3.48 64.95 32.73
CA HIS G 158 2.83 63.68 32.44
C HIS G 158 2.12 63.69 31.10
N ALA G 159 1.53 64.83 30.73
CA ALA G 159 1.04 64.99 29.37
C ALA G 159 2.15 64.76 28.35
N ARG G 160 3.32 65.38 28.56
CA ARG G 160 4.43 65.18 27.63
C ARG G 160 4.89 63.73 27.63
N GLU G 161 4.94 63.11 28.80
CA GLU G 161 5.34 61.70 28.86
C GLU G 161 4.33 60.80 28.16
N LEU G 162 3.03 61.13 28.26
CA LEU G 162 2.01 60.33 27.60
C LEU G 162 2.11 60.47 26.08
N LEU G 163 2.44 61.66 25.59
CA LEU G 163 2.59 61.83 24.15
C LEU G 163 3.84 61.16 23.62
N LYS G 164 4.94 61.12 24.40
CA LYS G 164 6.11 60.35 23.96
C LYS G 164 5.77 58.87 23.82
N ILE G 165 5.02 58.34 24.78
CA ILE G 165 4.55 56.96 24.70
C ILE G 165 3.67 56.79 23.47
N LYS G 166 2.78 57.75 23.23
CA LYS G 166 1.94 57.67 22.05
C LYS G 166 2.79 57.59 20.79
N GLU G 167 3.74 58.53 20.65
CA GLU G 167 4.55 58.57 19.44
C GLU G 167 5.46 57.36 19.33
N LYS G 168 6.04 56.91 20.46
CA LYS G 168 6.91 55.74 20.40
C LYS G 168 6.14 54.52 19.85
N LEU G 169 4.92 54.28 20.35
CA LEU G 169 4.13 53.14 19.89
C LEU G 169 3.69 53.29 18.44
N ASN G 170 3.30 54.51 18.04
CA ASN G 170 2.96 54.74 16.63
C ASN G 170 4.17 54.56 15.71
N ARG G 171 5.35 55.05 16.12
CA ARG G 171 6.56 54.91 15.31
C ARG G 171 6.98 53.46 15.17
N LEU G 172 7.03 52.74 16.29
CA LEU G 172 7.40 51.32 16.28
C LEU G 172 6.42 50.51 15.44
N MET G 173 5.13 50.77 15.60
CA MET G 173 4.14 49.99 14.88
C MET G 173 4.15 50.31 13.40
N ALA G 174 4.46 51.56 13.04
CA ALA G 174 4.63 51.90 11.63
C ALA G 174 5.75 51.08 10.99
N LYS G 175 6.86 50.87 11.72
CA LYS G 175 7.93 49.99 11.23
C LYS G 175 7.45 48.56 11.11
N HIS G 176 6.69 48.06 12.09
CA HIS G 176 6.18 46.70 12.00
C HIS G 176 5.32 46.54 10.76
N CYS G 177 4.55 47.56 10.40
CA CYS G 177 3.60 47.50 9.31
C CYS G 177 4.18 48.03 8.00
N ASP G 178 5.41 48.54 8.04
CA ASP G 178 6.06 49.22 6.93
C ASP G 178 5.18 50.34 6.39
N ARG G 179 4.72 51.20 7.30
CA ARG G 179 3.91 52.35 6.96
C ARG G 179 4.53 53.61 7.55
N ASP G 180 3.99 54.75 7.15
CA ASP G 180 4.48 56.02 7.64
C ASP G 180 3.87 56.31 9.01
N LEU G 181 4.62 57.03 9.84
CA LEU G 181 4.10 57.44 11.14
C LEU G 181 2.79 58.20 10.99
N ALA G 182 2.65 59.02 9.93
CA ALA G 182 1.41 59.76 9.75
C ALA G 182 0.22 58.82 9.57
N ASP G 183 0.45 57.65 8.96
CA ASP G 183 -0.57 56.61 8.81
C ASP G 183 -1.05 56.11 10.16
N LEU G 184 -0.12 55.75 11.05
CA LEU G 184 -0.49 55.25 12.38
C LEU G 184 -1.11 56.34 13.26
N GLU G 185 -0.66 57.60 13.12
CA GLU G 185 -1.28 58.70 13.88
C GLU G 185 -2.74 58.86 13.49
N ARG G 186 -3.01 58.80 12.19
CA ARG G 186 -4.38 58.88 11.71
C ARG G 186 -5.23 57.73 12.22
N ASP G 187 -4.69 56.51 12.16
CA ASP G 187 -5.49 55.31 12.33
C ASP G 187 -5.56 54.85 13.78
N THR G 188 -4.78 55.45 14.67
CA THR G 188 -4.95 55.23 16.10
C THR G 188 -5.61 56.43 16.77
N ASP G 189 -5.99 57.45 16.00
CA ASP G 189 -6.58 58.63 16.62
C ASP G 189 -7.77 58.23 17.47
N ARG G 190 -8.59 57.32 16.97
CA ARG G 190 -9.65 56.70 17.74
C ARG G 190 -9.53 55.20 17.58
N ASP G 191 -10.41 54.48 18.27
CA ASP G 191 -10.39 53.02 18.25
C ASP G 191 -10.56 52.55 16.83
N ASN G 192 -9.64 51.70 16.40
CA ASN G 192 -9.62 51.18 15.04
C ASN G 192 -9.77 49.66 15.12
N PHE G 193 -10.99 49.19 14.91
CA PHE G 193 -11.27 47.76 14.90
C PHE G 193 -11.02 47.21 13.50
N MET G 194 -10.31 46.09 13.43
CA MET G 194 -9.92 45.48 12.16
C MET G 194 -10.22 43.99 12.17
N SER G 195 -10.80 43.49 11.09
CA SER G 195 -10.83 42.05 10.88
C SER G 195 -9.41 41.55 10.58
N ALA G 196 -9.25 40.22 10.61
CA ALA G 196 -7.95 39.64 10.27
C ALA G 196 -7.53 40.02 8.86
N GLU G 197 -8.47 40.11 7.93
CA GLU G 197 -8.11 40.48 6.56
C GLU G 197 -7.66 41.93 6.50
N GLU G 198 -8.34 42.81 7.26
CA GLU G 198 -7.89 44.19 7.33
C GLU G 198 -6.51 44.30 7.97
N ALA G 199 -6.22 43.45 8.96
CA ALA G 199 -4.93 43.53 9.64
C ALA G 199 -3.79 43.10 8.73
N LYS G 200 -4.01 42.05 7.95
CA LYS G 200 -3.03 41.61 6.97
C LYS G 200 -2.88 42.65 5.87
N GLU G 201 -3.98 43.21 5.40
CA GLU G 201 -3.82 44.29 4.45
C GLU G 201 -3.07 45.48 5.02
N TYR G 202 -3.23 45.70 6.31
CA TYR G 202 -2.59 46.83 6.95
C TYR G 202 -1.10 46.63 7.18
N GLY G 203 -0.63 45.39 7.19
CA GLY G 203 0.75 45.09 7.51
C GLY G 203 0.97 44.63 8.93
N LEU G 204 -0.10 44.39 9.67
CA LEU G 204 -0.02 44.08 11.08
C LEU G 204 0.19 42.58 11.32
N ILE G 205 -0.29 41.75 10.40
CA ILE G 205 0.01 40.33 10.40
C ILE G 205 0.40 39.95 8.99
N ASP G 206 0.98 38.77 8.88
CA ASP G 206 1.42 38.34 7.57
C ASP G 206 0.40 37.48 6.85
N GLN G 207 -0.39 36.70 7.58
CA GLN G 207 -1.07 35.63 6.90
C GLN G 207 -2.07 35.01 7.87
N ILE G 208 -3.22 34.62 7.29
CA ILE G 208 -4.38 34.18 8.04
C ILE G 208 -4.49 32.67 7.88
N LEU G 209 -4.62 31.98 8.98
CA LEU G 209 -4.68 30.53 8.98
C LEU G 209 -6.13 30.07 8.85
N GLU G 210 -6.41 29.35 7.75
CA GLU G 210 -7.70 28.70 7.57
C GLU G 210 -8.04 27.82 8.78
N ASP H 36 2.49 7.65 -14.80
CA ASP H 36 3.61 7.48 -15.72
C ASP H 36 3.12 7.14 -17.14
N ILE H 37 4.05 6.65 -17.97
CA ILE H 37 3.77 6.50 -19.40
C ILE H 37 2.73 5.42 -19.62
N TYR H 38 2.86 4.29 -18.92
CA TYR H 38 1.91 3.19 -19.03
C TYR H 38 0.57 3.59 -18.46
N SER H 39 0.57 4.49 -17.47
CA SER H 39 -0.66 5.08 -16.96
C SER H 39 -1.36 5.88 -18.04
N ARG H 40 -0.60 6.59 -18.88
CA ARG H 40 -1.25 7.37 -19.92
C ARG H 40 -1.81 6.50 -21.04
N LEU H 41 -1.17 5.35 -21.33
CA LEU H 41 -1.72 4.39 -22.28
C LEU H 41 -2.98 3.73 -21.75
N LEU H 42 -3.05 3.48 -20.43
CA LEU H 42 -4.27 2.89 -19.90
C LEU H 42 -5.42 3.86 -20.02
N LYS H 43 -5.15 5.17 -19.86
CA LYS H 43 -6.21 6.15 -19.97
C LYS H 43 -6.80 6.14 -21.37
N GLU H 44 -6.00 5.77 -22.37
CA GLU H 44 -6.48 5.59 -23.73
C GLU H 44 -6.97 4.19 -23.97
N ARG H 45 -7.16 3.42 -22.89
CA ARG H 45 -7.73 2.06 -22.91
C ARG H 45 -6.79 1.04 -23.59
N ILE H 46 -5.48 1.19 -23.39
CA ILE H 46 -4.50 0.22 -23.85
C ILE H 46 -4.07 -0.63 -22.65
N VAL H 47 -4.19 -1.95 -22.78
CA VAL H 47 -3.68 -2.87 -21.77
C VAL H 47 -2.60 -3.74 -22.38
N PHE H 48 -1.52 -3.89 -21.63
CA PHE H 48 -0.34 -4.63 -22.07
C PHE H 48 -0.26 -5.99 -21.40
N LEU H 49 0.19 -6.98 -22.16
CA LEU H 49 0.73 -8.20 -21.59
C LEU H 49 2.13 -8.35 -22.17
N VAL H 50 3.15 -8.07 -21.37
CA VAL H 50 4.54 -8.17 -21.78
C VAL H 50 5.22 -9.19 -20.89
N GLY H 51 5.86 -10.18 -21.52
CA GLY H 51 6.57 -11.22 -20.82
C GLY H 51 5.66 -12.38 -20.55
N PRO H 52 6.06 -13.27 -19.65
CA PRO H 52 5.33 -14.52 -19.44
C PRO H 52 3.94 -14.32 -18.85
N VAL H 53 3.07 -15.28 -19.15
CA VAL H 53 1.72 -15.34 -18.60
C VAL H 53 1.75 -16.04 -17.25
N THR H 54 1.62 -15.28 -16.17
CA THR H 54 1.58 -15.85 -14.83
C THR H 54 0.31 -15.42 -14.10
N ASP H 55 0.00 -16.12 -12.99
CA ASP H 55 -1.09 -15.71 -12.12
C ASP H 55 -0.91 -14.23 -11.77
N GLU H 56 0.33 -13.81 -11.62
CA GLU H 56 0.65 -12.43 -11.32
C GLU H 56 0.26 -11.48 -12.44
N SER H 57 0.85 -11.68 -13.61
CA SER H 57 0.55 -10.84 -14.76
C SER H 57 -0.90 -11.01 -15.22
N ALA H 58 -1.46 -12.22 -15.12
CA ALA H 58 -2.85 -12.43 -15.53
C ALA H 58 -3.78 -11.57 -14.69
N ASN H 59 -3.59 -11.60 -13.38
CA ASN H 59 -4.51 -10.90 -12.51
C ASN H 59 -4.35 -9.39 -12.66
N LEU H 60 -3.14 -8.94 -13.00
CA LEU H 60 -2.94 -7.54 -13.32
C LEU H 60 -3.70 -7.14 -14.61
N VAL H 61 -3.66 -7.99 -15.64
CA VAL H 61 -4.44 -7.75 -16.86
C VAL H 61 -5.95 -7.85 -16.60
N VAL H 62 -6.37 -8.84 -15.81
CA VAL H 62 -7.80 -8.97 -15.49
C VAL H 62 -8.31 -7.72 -14.75
N ALA H 63 -7.54 -7.24 -13.78
CA ALA H 63 -7.95 -6.04 -13.05
C ALA H 63 -8.06 -4.84 -14.00
N GLN H 64 -7.13 -4.70 -14.94
CA GLN H 64 -7.23 -3.57 -15.84
C GLN H 64 -8.46 -3.68 -16.75
N LEU H 65 -8.78 -4.89 -17.21
CA LEU H 65 -9.95 -5.04 -18.08
C LEU H 65 -11.22 -4.63 -17.36
N LEU H 66 -11.41 -5.13 -16.13
CA LEU H 66 -12.58 -4.77 -15.34
C LEU H 66 -12.59 -3.28 -15.07
N PHE H 67 -11.43 -2.68 -14.83
CA PHE H 67 -11.38 -1.24 -14.60
C PHE H 67 -11.83 -0.49 -15.84
N LEU H 68 -11.31 -0.87 -17.02
CA LEU H 68 -11.65 -0.16 -18.24
C LEU H 68 -13.13 -0.30 -18.57
N GLU H 69 -13.72 -1.47 -18.29
CA GLU H 69 -15.16 -1.63 -18.48
C GLU H 69 -15.90 -0.69 -17.57
N SER H 70 -15.46 -0.62 -16.31
CA SER H 70 -16.07 0.27 -15.33
C SER H 70 -16.01 1.73 -15.78
N GLU H 71 -14.90 2.13 -16.39
CA GLU H 71 -14.79 3.53 -16.82
C GLU H 71 -15.72 3.82 -17.99
N ASN H 72 -16.01 2.84 -18.83
CA ASN H 72 -16.95 2.96 -19.94
C ASN H 72 -17.19 1.60 -20.58
N PRO H 73 -18.36 0.97 -20.36
CA PRO H 73 -18.60 -0.36 -20.93
C PRO H 73 -18.84 -0.36 -22.43
N ASP H 74 -18.80 0.79 -23.09
CA ASP H 74 -19.19 0.91 -24.50
C ASP H 74 -18.04 1.28 -25.42
N LYS H 75 -16.84 1.49 -24.89
CA LYS H 75 -15.66 1.75 -25.69
C LYS H 75 -14.82 0.48 -25.80
N ASP H 76 -14.20 0.28 -26.97
CA ASP H 76 -13.26 -0.82 -27.16
C ASP H 76 -12.09 -0.77 -26.18
N ILE H 77 -11.48 -1.94 -25.97
CA ILE H 77 -10.24 -2.09 -25.21
C ILE H 77 -9.19 -2.64 -26.16
N PHE H 78 -7.94 -2.20 -26.01
CA PHE H 78 -6.88 -2.61 -26.92
C PHE H 78 -5.83 -3.37 -26.13
N PHE H 79 -5.73 -4.67 -26.41
CA PHE H 79 -4.88 -5.57 -25.64
C PHE H 79 -3.64 -5.83 -26.48
N TYR H 80 -2.55 -5.17 -26.12
CA TYR H 80 -1.28 -5.31 -26.81
C TYR H 80 -0.51 -6.46 -26.18
N ILE H 81 -0.06 -7.40 -27.02
CA ILE H 81 0.50 -8.67 -26.56
C ILE H 81 1.92 -8.83 -27.11
N ASN H 82 2.88 -9.00 -26.21
CA ASN H 82 4.25 -9.43 -26.53
C ASN H 82 4.64 -10.45 -25.46
N SER H 83 4.38 -11.72 -25.72
CA SER H 83 4.53 -12.76 -24.71
C SER H 83 4.95 -14.10 -25.28
N PRO H 84 5.83 -14.83 -24.59
CA PRO H 84 6.18 -16.19 -25.02
C PRO H 84 5.22 -17.26 -24.55
N GLY H 85 4.24 -16.91 -23.72
CA GLY H 85 3.31 -17.88 -23.18
C GLY H 85 3.42 -17.98 -21.67
N GLY H 86 2.98 -19.09 -21.12
CA GLY H 86 3.05 -19.32 -19.70
C GLY H 86 1.93 -20.23 -19.23
N SER H 87 1.43 -19.94 -18.03
CA SER H 87 0.45 -20.78 -17.36
C SER H 87 -0.88 -20.81 -18.11
N VAL H 88 -1.39 -22.01 -18.34
CA VAL H 88 -2.69 -22.18 -19.00
C VAL H 88 -3.84 -21.65 -18.14
N THR H 89 -3.86 -22.00 -16.84
CA THR H 89 -4.97 -21.52 -16.02
C THR H 89 -4.94 -19.99 -15.92
N ALA H 90 -3.76 -19.39 -15.79
CA ALA H 90 -3.71 -17.93 -15.73
C ALA H 90 -4.18 -17.32 -17.05
N GLY H 91 -3.75 -17.91 -18.18
CA GLY H 91 -4.22 -17.43 -19.46
C GLY H 91 -5.71 -17.60 -19.62
N MET H 92 -6.25 -18.74 -19.16
CA MET H 92 -7.69 -18.94 -19.22
C MET H 92 -8.45 -17.89 -18.42
N SER H 93 -7.87 -17.40 -17.31
CA SER H 93 -8.57 -16.38 -16.55
C SER H 93 -8.64 -15.05 -17.31
N ILE H 94 -7.57 -14.67 -18.02
CA ILE H 94 -7.66 -13.48 -18.87
C ILE H 94 -8.71 -13.70 -19.96
N TYR H 95 -8.67 -14.87 -20.60
CA TYR H 95 -9.60 -15.24 -21.66
C TYR H 95 -11.05 -15.09 -21.23
N ASP H 96 -11.40 -15.69 -20.09
CA ASP H 96 -12.78 -15.60 -19.63
C ASP H 96 -13.18 -14.16 -19.36
N THR H 97 -12.26 -13.34 -18.87
CA THR H 97 -12.55 -11.92 -18.70
C THR H 97 -12.79 -11.21 -20.03
N MET H 98 -11.99 -11.51 -21.06
CA MET H 98 -12.18 -10.89 -22.38
C MET H 98 -13.58 -11.15 -22.91
N ASN H 99 -14.06 -12.40 -22.78
CA ASN H 99 -15.36 -12.76 -23.32
C ASN H 99 -16.52 -12.32 -22.43
N PHE H 100 -16.29 -12.07 -21.15
CA PHE H 100 -17.39 -11.76 -20.24
C PHE H 100 -17.77 -10.29 -20.29
N ILE H 101 -16.78 -9.41 -20.35
CA ILE H 101 -17.08 -7.99 -20.26
C ILE H 101 -17.83 -7.55 -21.52
N LYS H 102 -18.58 -6.45 -21.37
CA LYS H 102 -19.34 -5.94 -22.51
C LYS H 102 -18.43 -5.34 -23.59
N PRO H 103 -17.44 -4.50 -23.27
CA PRO H 103 -16.62 -3.90 -24.33
C PRO H 103 -15.87 -4.94 -25.16
N ASP H 104 -15.79 -4.68 -26.46
CA ASP H 104 -14.94 -5.47 -27.35
C ASP H 104 -13.47 -5.36 -26.94
N VAL H 105 -12.79 -6.50 -26.89
CA VAL H 105 -11.36 -6.53 -26.61
C VAL H 105 -10.65 -6.81 -27.93
N SER H 106 -10.09 -5.75 -28.51
CA SER H 106 -9.22 -5.89 -29.66
C SER H 106 -7.85 -6.35 -29.17
N THR H 107 -7.21 -7.21 -29.94
CA THR H 107 -5.87 -7.67 -29.63
C THR H 107 -4.91 -7.23 -30.72
N LEU H 108 -3.66 -6.97 -30.33
CA LEU H 108 -2.60 -6.59 -31.25
C LEU H 108 -1.33 -7.29 -30.81
N CYS H 109 -0.67 -7.99 -31.74
CA CYS H 109 0.60 -8.65 -31.46
C CYS H 109 1.77 -7.78 -31.93
N LEU H 110 2.68 -7.45 -31.02
CA LEU H 110 3.94 -6.81 -31.37
C LEU H 110 5.09 -7.61 -30.79
N GLY H 111 6.14 -7.81 -31.58
CA GLY H 111 7.20 -8.70 -31.17
C GLY H 111 6.77 -10.14 -31.40
N GLN H 112 6.11 -10.73 -30.41
CA GLN H 112 5.67 -12.10 -30.60
C GLN H 112 4.45 -12.38 -29.73
N ALA H 113 3.68 -13.38 -30.16
CA ALA H 113 2.60 -13.97 -29.38
C ALA H 113 2.72 -15.48 -29.52
N ALA H 114 3.20 -16.14 -28.48
CA ALA H 114 3.50 -17.57 -28.53
C ALA H 114 2.74 -18.32 -27.45
N SER H 115 2.36 -19.56 -27.78
CA SER H 115 1.69 -20.48 -26.87
C SER H 115 0.48 -19.75 -26.30
N MET H 116 0.34 -19.66 -24.98
CA MET H 116 -0.82 -18.99 -24.39
C MET H 116 -0.93 -17.54 -24.85
N GLY H 117 0.19 -16.90 -25.19
CA GLY H 117 0.13 -15.57 -25.77
C GLY H 117 -0.55 -15.58 -27.12
N ALA H 118 -0.27 -16.61 -27.93
CA ALA H 118 -0.97 -16.76 -29.20
C ALA H 118 -2.44 -17.10 -28.98
N PHE H 119 -2.73 -17.93 -27.99
CA PHE H 119 -4.12 -18.22 -27.65
C PHE H 119 -4.88 -16.95 -27.35
N LEU H 120 -4.29 -16.07 -26.54
CA LEU H 120 -4.98 -14.83 -26.19
C LEU H 120 -5.10 -13.89 -27.39
N LEU H 121 -4.09 -13.87 -28.27
CA LEU H 121 -4.18 -13.04 -29.46
C LEU H 121 -5.37 -13.45 -30.32
N SER H 122 -5.49 -14.76 -30.59
CA SER H 122 -6.59 -15.26 -31.40
C SER H 122 -7.96 -15.05 -30.73
N ALA H 123 -7.99 -14.74 -29.43
CA ALA H 123 -9.24 -14.59 -28.71
C ALA H 123 -9.83 -13.18 -28.80
N GLY H 124 -9.15 -12.23 -29.44
CA GLY H 124 -9.73 -10.90 -29.57
C GLY H 124 -11.00 -10.92 -30.41
N GLU H 125 -11.78 -9.86 -30.28
CA GLU H 125 -13.02 -9.70 -31.05
C GLU H 125 -12.73 -9.81 -32.55
N LYS H 126 -13.51 -10.63 -33.26
CA LYS H 126 -13.14 -10.83 -34.65
C LYS H 126 -13.46 -9.62 -35.52
N GLY H 127 -12.50 -9.29 -36.39
CA GLY H 127 -12.45 -8.05 -37.11
C GLY H 127 -11.48 -7.08 -36.49
N LYS H 128 -11.06 -7.35 -35.24
CA LYS H 128 -10.23 -6.46 -34.45
C LYS H 128 -9.03 -7.18 -33.83
N ARG H 129 -8.56 -8.25 -34.45
CA ARG H 129 -7.34 -8.91 -33.99
C ARG H 129 -6.21 -8.56 -34.96
N PHE H 130 -5.19 -7.89 -34.45
CA PHE H 130 -4.16 -7.30 -35.30
C PHE H 130 -2.78 -7.82 -34.93
N ALA H 131 -1.86 -7.64 -35.89
CA ALA H 131 -0.45 -7.89 -35.71
C ALA H 131 0.35 -6.84 -36.47
N LEU H 132 1.54 -6.54 -35.98
CA LEU H 132 2.50 -5.70 -36.70
C LEU H 132 3.25 -6.52 -37.74
N PRO H 133 3.81 -5.86 -38.78
CA PRO H 133 4.32 -6.60 -39.95
C PRO H 133 5.35 -7.66 -39.65
N ASN H 134 6.19 -7.45 -38.65
CA ASN H 134 7.27 -8.38 -38.37
C ASN H 134 7.02 -9.18 -37.09
N SER H 135 5.78 -9.15 -36.60
CA SER H 135 5.35 -9.98 -35.49
C SER H 135 5.45 -11.45 -35.87
N ARG H 136 5.62 -12.30 -34.86
CA ARG H 136 5.59 -13.75 -35.04
C ARG H 136 4.66 -14.38 -34.01
N ILE H 137 3.96 -15.40 -34.46
CA ILE H 137 3.04 -16.19 -33.66
C ILE H 137 3.54 -17.62 -33.64
N MET H 138 3.40 -18.28 -32.49
CA MET H 138 3.69 -19.71 -32.37
C MET H 138 2.59 -20.41 -31.59
N ILE H 139 2.17 -21.57 -32.08
CA ILE H 139 1.17 -22.39 -31.39
C ILE H 139 1.75 -23.78 -31.21
N HIS H 140 1.37 -24.42 -30.12
CA HIS H 140 1.85 -25.78 -29.89
C HIS H 140 1.00 -26.47 -28.82
N GLN H 141 1.15 -27.79 -28.81
CA GLN H 141 0.49 -28.65 -27.83
C GLN H 141 1.05 -28.32 -26.44
N PRO H 142 0.30 -28.62 -25.37
CA PRO H 142 0.81 -28.27 -24.04
C PRO H 142 2.09 -29.00 -23.67
N LEU H 143 2.82 -28.41 -22.74
CA LEU H 143 4.17 -28.85 -22.44
C LEU H 143 4.39 -28.84 -20.93
N ILE H 144 5.36 -29.66 -20.50
CA ILE H 144 5.63 -29.91 -19.09
C ILE H 144 7.10 -30.25 -18.91
N SER H 145 7.74 -29.60 -17.96
CA SER H 145 9.00 -30.07 -17.43
C SER H 145 8.81 -30.38 -15.94
N LEU H 148 7.33 -36.14 -14.58
CA LEU H 148 6.09 -35.92 -13.81
C LEU H 148 6.01 -36.87 -12.61
N GLY H 149 5.33 -36.41 -11.54
CA GLY H 149 4.70 -37.19 -10.47
C GLY H 149 5.25 -38.51 -9.96
N GLY H 150 4.41 -39.23 -9.22
CA GLY H 150 4.89 -40.40 -8.48
C GLY H 150 4.34 -41.74 -8.89
N GLN H 151 3.15 -42.10 -8.39
CA GLN H 151 2.61 -43.43 -8.66
C GLN H 151 1.97 -43.50 -10.06
N ALA H 152 1.91 -44.72 -10.59
CA ALA H 152 1.33 -44.91 -11.92
C ALA H 152 -0.08 -44.36 -12.00
N SER H 153 -0.90 -44.55 -10.96
CA SER H 153 -2.25 -43.99 -10.91
C SER H 153 -2.23 -42.46 -10.96
N ASP H 154 -1.27 -41.83 -10.25
CA ASP H 154 -1.19 -40.37 -10.24
C ASP H 154 -0.70 -39.86 -11.59
N ILE H 155 0.22 -40.60 -12.21
CA ILE H 155 0.74 -40.23 -13.50
C ILE H 155 -0.36 -40.32 -14.55
N GLU H 156 -1.18 -41.36 -14.43
CA GLU H 156 -2.33 -41.56 -15.29
C GLU H 156 -3.33 -40.39 -15.14
N ILE H 157 -3.58 -39.98 -13.89
CA ILE H 157 -4.54 -38.90 -13.64
C ILE H 157 -4.09 -37.61 -14.30
N HIS H 158 -2.81 -37.26 -14.15
CA HIS H 158 -2.31 -35.98 -14.65
C HIS H 158 -2.08 -35.98 -16.15
N ALA H 159 -1.58 -37.08 -16.73
CA ALA H 159 -1.55 -37.17 -18.19
C ALA H 159 -2.95 -36.97 -18.74
N ARG H 160 -3.96 -37.53 -18.07
CA ARG H 160 -5.33 -37.39 -18.54
C ARG H 160 -5.77 -35.93 -18.50
N GLU H 161 -5.42 -35.22 -17.42
CA GLU H 161 -5.74 -33.80 -17.33
C GLU H 161 -4.97 -33.01 -18.39
N LEU H 162 -3.74 -33.40 -18.66
CA LEU H 162 -2.97 -32.71 -19.68
C LEU H 162 -3.59 -32.95 -21.05
N LEU H 163 -4.10 -34.15 -21.29
CA LEU H 163 -4.74 -34.44 -22.57
C LEU H 163 -6.08 -33.69 -22.70
N LYS H 164 -6.82 -33.50 -21.60
CA LYS H 164 -8.01 -32.67 -21.66
C LYS H 164 -7.68 -31.23 -22.01
N ILE H 165 -6.66 -30.68 -21.35
CA ILE H 165 -6.23 -29.31 -21.61
C ILE H 165 -5.80 -29.17 -23.07
N LYS H 166 -5.06 -30.15 -23.58
CA LYS H 166 -4.67 -30.15 -24.98
C LYS H 166 -5.89 -30.09 -25.89
N GLU H 167 -6.89 -30.91 -25.59
CA GLU H 167 -8.09 -30.92 -26.42
C GLU H 167 -8.88 -29.62 -26.25
N LYS H 168 -9.01 -29.14 -25.02
CA LYS H 168 -9.71 -27.88 -24.81
C LYS H 168 -9.05 -26.77 -25.62
N LEU H 169 -7.72 -26.70 -25.56
CA LEU H 169 -6.98 -25.65 -26.27
C LEU H 169 -7.14 -25.78 -27.78
N ASN H 170 -7.10 -27.00 -28.32
CA ASN H 170 -7.31 -27.15 -29.76
C ASN H 170 -8.72 -26.75 -30.20
N ARG H 171 -9.74 -27.19 -29.44
CA ARG H 171 -11.12 -26.89 -29.82
C ARG H 171 -11.38 -25.39 -29.81
N LEU H 172 -10.99 -24.72 -28.72
CA LEU H 172 -11.20 -23.28 -28.59
C LEU H 172 -10.47 -22.49 -29.67
N MET H 173 -9.22 -22.86 -29.96
CA MET H 173 -8.45 -22.12 -30.96
C MET H 173 -8.96 -22.43 -32.37
N ALA H 174 -9.47 -23.64 -32.60
CA ALA H 174 -10.16 -23.92 -33.85
C ALA H 174 -11.40 -23.03 -34.02
N LYS H 175 -12.14 -22.78 -32.93
CA LYS H 175 -13.28 -21.87 -33.03
C LYS H 175 -12.82 -20.44 -33.33
N HIS H 176 -11.74 -20.00 -32.68
CA HIS H 176 -11.22 -18.65 -32.95
C HIS H 176 -10.83 -18.49 -34.41
N CYS H 177 -10.31 -19.54 -35.03
CA CYS H 177 -9.77 -19.49 -36.38
C CYS H 177 -10.76 -19.84 -37.47
N ASP H 178 -12.00 -20.21 -37.12
CA ASP H 178 -12.99 -20.69 -38.08
C ASP H 178 -12.41 -21.82 -38.92
N ARG H 179 -11.86 -22.81 -38.23
CA ARG H 179 -11.17 -23.92 -38.84
C ARG H 179 -11.68 -25.25 -38.26
N ASP H 180 -11.28 -26.35 -38.90
CA ASP H 180 -11.65 -27.67 -38.38
C ASP H 180 -10.71 -28.08 -37.27
N LEU H 181 -11.26 -28.78 -36.27
CA LEU H 181 -10.43 -29.25 -35.17
C LEU H 181 -9.31 -30.16 -35.67
N ALA H 182 -9.53 -30.93 -36.74
CA ALA H 182 -8.46 -31.79 -37.25
C ALA H 182 -7.25 -30.97 -37.67
N ASP H 183 -7.49 -29.77 -38.21
CA ASP H 183 -6.40 -28.86 -38.57
C ASP H 183 -5.56 -28.51 -37.37
N LEU H 184 -6.20 -28.07 -36.28
CA LEU H 184 -5.43 -27.66 -35.10
C LEU H 184 -4.76 -28.83 -34.42
N GLU H 185 -5.35 -30.02 -34.48
CA GLU H 185 -4.66 -31.19 -33.94
C GLU H 185 -3.37 -31.43 -34.71
N ARG H 186 -3.42 -31.34 -36.04
CA ARG H 186 -2.24 -31.48 -36.88
C ARG H 186 -1.26 -30.33 -36.66
N ASP H 187 -1.74 -29.11 -36.53
CA ASP H 187 -0.83 -27.97 -36.60
C ASP H 187 -0.22 -27.57 -35.25
N THR H 188 -0.69 -28.14 -34.15
CA THR H 188 -0.08 -27.88 -32.84
C THR H 188 0.77 -29.03 -32.37
N ASP H 189 0.97 -30.06 -33.22
CA ASP H 189 1.67 -31.25 -32.79
C ASP H 189 3.06 -30.92 -32.28
N ARG H 190 3.77 -30.03 -32.99
CA ARG H 190 5.03 -29.46 -32.56
C ARG H 190 4.95 -27.94 -32.74
N ASP H 191 6.01 -27.25 -32.33
CA ASP H 191 6.00 -25.79 -32.41
C ASP H 191 5.80 -25.34 -33.85
N ASN H 192 4.82 -24.49 -34.05
CA ASN H 192 4.39 -24.01 -35.35
C ASN H 192 4.60 -22.49 -35.36
N PHE H 193 5.71 -22.05 -35.96
CA PHE H 193 6.01 -20.63 -36.05
C PHE H 193 5.33 -20.04 -37.28
N MET H 194 4.69 -18.89 -37.09
CA MET H 194 3.93 -18.22 -38.14
C MET H 194 4.30 -16.75 -38.22
N SER H 195 4.54 -16.31 -39.44
CA SER H 195 4.60 -14.90 -39.73
C SER H 195 3.21 -14.27 -39.61
N ALA H 196 3.18 -12.94 -39.61
CA ALA H 196 1.90 -12.26 -39.58
C ALA H 196 1.01 -12.66 -40.76
N GLU H 197 1.58 -12.89 -41.96
CA GLU H 197 0.75 -13.23 -43.11
C GLU H 197 0.22 -14.62 -42.90
N GLU H 198 1.10 -15.52 -42.43
CA GLU H 198 0.72 -16.90 -42.22
C GLU H 198 -0.31 -16.99 -41.12
N ALA H 199 -0.18 -16.13 -40.11
CA ALA H 199 -1.17 -16.12 -39.04
C ALA H 199 -2.50 -15.56 -39.54
N LYS H 200 -2.44 -14.56 -40.43
CA LYS H 200 -3.68 -14.00 -40.96
C LYS H 200 -4.42 -15.02 -41.83
N GLU H 201 -3.71 -15.69 -42.75
CA GLU H 201 -4.37 -16.70 -43.58
C GLU H 201 -4.88 -17.87 -42.73
N TYR H 202 -4.22 -18.16 -41.61
CA TYR H 202 -4.65 -19.27 -40.77
C TYR H 202 -5.97 -18.98 -40.07
N GLY H 203 -6.32 -17.71 -39.89
CA GLY H 203 -7.47 -17.30 -39.13
C GLY H 203 -7.17 -16.81 -37.74
N LEU H 204 -5.91 -16.68 -37.39
CA LEU H 204 -5.54 -16.36 -36.01
C LEU H 204 -5.61 -14.86 -35.74
N ILE H 205 -5.40 -14.05 -36.77
CA ILE H 205 -5.60 -12.60 -36.70
C ILE H 205 -6.43 -12.17 -37.91
N ASP H 206 -6.93 -10.95 -37.83
CA ASP H 206 -7.70 -10.39 -38.92
C ASP H 206 -6.92 -9.49 -39.87
N GLN H 207 -6.02 -8.63 -39.41
CA GLN H 207 -5.30 -7.80 -40.37
C GLN H 207 -3.90 -7.50 -39.84
N ILE H 208 -3.02 -7.08 -40.76
CA ILE H 208 -1.59 -6.99 -40.49
C ILE H 208 -1.05 -5.55 -40.34
N LEU H 209 -1.82 -4.51 -40.71
CA LEU H 209 -1.40 -3.12 -40.41
C LEU H 209 -0.05 -2.64 -40.96
N GLU H 210 -0.05 -1.55 -41.73
CA GLU H 210 1.19 -0.82 -41.98
C GLU H 210 0.84 0.60 -42.41
N ASN H 211 1.59 1.57 -41.87
CA ASN H 211 1.50 2.98 -42.24
C ASN H 211 2.73 3.34 -43.09
N ASP I 36 -4.73 1.70 -5.38
CA ASP I 36 -4.50 1.47 -6.81
C ASP I 36 -5.73 0.84 -7.47
N ILE I 37 -5.48 0.02 -8.50
CA ILE I 37 -6.55 -0.73 -9.14
C ILE I 37 -7.16 -1.75 -8.20
N TYR I 38 -6.32 -2.43 -7.41
CA TYR I 38 -6.80 -3.41 -6.46
C TYR I 38 -7.57 -2.72 -5.35
N SER I 39 -7.19 -1.50 -5.00
CA SER I 39 -8.00 -0.73 -4.07
C SER I 39 -9.38 -0.41 -4.67
N ARG I 40 -9.48 -0.16 -5.98
CA ARG I 40 -10.79 0.20 -6.57
C ARG I 40 -11.74 -0.97 -6.46
N LEU I 41 -11.17 -2.14 -6.64
CA LEU I 41 -11.93 -3.35 -6.57
C LEU I 41 -12.42 -3.58 -5.17
N LEU I 42 -11.62 -3.21 -4.17
CA LEU I 42 -12.06 -3.39 -2.80
C LEU I 42 -13.21 -2.45 -2.47
N LYS I 43 -13.23 -1.25 -3.06
CA LYS I 43 -14.33 -0.31 -2.81
C LYS I 43 -15.67 -0.84 -3.32
N GLU I 44 -15.64 -1.73 -4.31
CA GLU I 44 -16.83 -2.45 -4.74
C GLU I 44 -17.00 -3.77 -4.02
N ARG I 45 -16.29 -3.97 -2.91
CA ARG I 45 -16.45 -5.16 -2.06
C ARG I 45 -15.96 -6.45 -2.76
N ILE I 46 -14.88 -6.32 -3.52
CA ILE I 46 -14.18 -7.46 -4.13
C ILE I 46 -12.91 -7.74 -3.33
N VAL I 47 -12.75 -8.99 -2.89
CA VAL I 47 -11.53 -9.47 -2.27
C VAL I 47 -10.94 -10.54 -3.15
N PHE I 48 -9.63 -10.47 -3.35
CA PHE I 48 -8.87 -11.40 -4.18
C PHE I 48 -8.07 -12.35 -3.30
N LEU I 49 -7.99 -13.61 -3.71
CA LEU I 49 -6.93 -14.50 -3.27
C LEU I 49 -6.26 -15.04 -4.52
N VAL I 50 -5.06 -14.54 -4.84
CA VAL I 50 -4.33 -14.96 -6.03
C VAL I 50 -3.03 -15.59 -5.58
N GLY I 51 -2.78 -16.82 -6.02
CA GLY I 51 -1.60 -17.55 -5.65
C GLY I 51 -1.78 -18.40 -4.40
N PRO I 52 -0.67 -18.89 -3.84
CA PRO I 52 -0.80 -19.85 -2.73
C PRO I 52 -1.44 -19.21 -1.50
N VAL I 53 -2.10 -20.05 -0.72
CA VAL I 53 -2.70 -19.66 0.55
C VAL I 53 -1.62 -19.79 1.62
N THR I 54 -1.16 -18.64 2.12
CA THR I 54 -0.15 -18.56 3.16
C THR I 54 -0.70 -17.77 4.33
N ASP I 55 0.01 -17.82 5.46
CA ASP I 55 -0.36 -16.98 6.58
C ASP I 55 -0.51 -15.51 6.16
N GLU I 56 0.32 -15.04 5.21
CA GLU I 56 0.26 -13.64 4.82
C GLU I 56 -0.96 -13.37 3.95
N SER I 57 -1.13 -14.17 2.89
CA SER I 57 -2.28 -13.99 2.01
C SER I 57 -3.58 -14.25 2.78
N ALA I 58 -3.58 -15.22 3.69
CA ALA I 58 -4.78 -15.52 4.44
C ALA I 58 -5.19 -14.33 5.31
N ASN I 59 -4.24 -13.79 6.10
CA ASN I 59 -4.63 -12.70 6.97
C ASN I 59 -4.92 -11.44 6.17
N LEU I 60 -4.34 -11.29 4.99
CA LEU I 60 -4.73 -10.19 4.11
C LEU I 60 -6.20 -10.29 3.71
N VAL I 61 -6.67 -11.50 3.40
CA VAL I 61 -8.09 -11.68 3.11
C VAL I 61 -8.93 -11.46 4.36
N VAL I 62 -8.49 -12.00 5.51
CA VAL I 62 -9.27 -11.90 6.74
C VAL I 62 -9.48 -10.44 7.13
N ALA I 63 -8.42 -9.63 7.05
CA ALA I 63 -8.55 -8.22 7.40
C ALA I 63 -9.55 -7.51 6.48
N GLN I 64 -9.49 -7.80 5.16
CA GLN I 64 -10.44 -7.15 4.25
C GLN I 64 -11.87 -7.59 4.52
N LEU I 65 -12.07 -8.86 4.87
CA LEU I 65 -13.40 -9.32 5.21
C LEU I 65 -13.95 -8.57 6.42
N LEU I 66 -13.13 -8.41 7.46
CA LEU I 66 -13.55 -7.64 8.63
C LEU I 66 -13.79 -6.17 8.28
N PHE I 67 -12.96 -5.60 7.41
CA PHE I 67 -13.13 -4.20 7.02
C PHE I 67 -14.45 -3.99 6.27
N LEU I 68 -14.71 -4.83 5.27
CA LEU I 68 -15.93 -4.70 4.46
C LEU I 68 -17.18 -4.87 5.32
N GLU I 69 -17.14 -5.77 6.30
CA GLU I 69 -18.28 -5.91 7.20
C GLU I 69 -18.51 -4.66 8.03
N SER I 70 -17.45 -4.07 8.61
CA SER I 70 -17.68 -2.87 9.39
C SER I 70 -18.23 -1.72 8.53
N GLU I 71 -17.77 -1.61 7.27
CA GLU I 71 -18.25 -0.54 6.40
C GLU I 71 -19.71 -0.71 6.06
N ASN I 72 -20.19 -1.93 5.96
CA ASN I 72 -21.58 -2.22 5.69
C ASN I 72 -21.78 -3.70 5.94
N PRO I 73 -22.39 -4.08 7.08
CA PRO I 73 -22.54 -5.49 7.43
C PRO I 73 -23.68 -6.22 6.74
N ASP I 74 -24.43 -5.56 5.87
CA ASP I 74 -25.64 -6.11 5.29
C ASP I 74 -25.54 -6.31 3.78
N LYS I 75 -24.44 -5.91 3.17
CA LYS I 75 -24.22 -6.10 1.75
C LYS I 75 -23.31 -7.30 1.50
N ASP I 76 -23.63 -8.08 0.46
CA ASP I 76 -22.78 -9.21 0.09
C ASP I 76 -21.34 -8.75 -0.19
N ILE I 77 -20.41 -9.68 -0.02
CA ILE I 77 -19.00 -9.49 -0.37
C ILE I 77 -18.64 -10.51 -1.44
N PHE I 78 -17.73 -10.13 -2.34
CA PHE I 78 -17.36 -10.97 -3.48
C PHE I 78 -15.87 -11.33 -3.41
N PHE I 79 -15.62 -12.62 -3.24
CA PHE I 79 -14.31 -13.22 -3.02
C PHE I 79 -13.86 -13.90 -4.31
N TYR I 80 -12.91 -13.29 -5.03
CA TYR I 80 -12.40 -13.86 -6.27
C TYR I 80 -11.17 -14.73 -5.99
N ILE I 81 -11.19 -15.97 -6.46
CA ILE I 81 -10.18 -16.97 -6.11
C ILE I 81 -9.49 -17.49 -7.38
N ASN I 82 -8.15 -17.34 -7.42
CA ASN I 82 -7.31 -17.98 -8.42
C ASN I 82 -6.07 -18.51 -7.67
N SER I 83 -6.16 -19.76 -7.21
CA SER I 83 -5.18 -20.31 -6.31
C SER I 83 -4.96 -21.80 -6.50
N PRO I 84 -3.71 -22.27 -6.41
CA PRO I 84 -3.43 -23.72 -6.45
C PRO I 84 -3.52 -24.42 -5.11
N GLY I 85 -3.85 -23.71 -4.02
CA GLY I 85 -3.88 -24.29 -2.69
C GLY I 85 -2.92 -23.61 -1.72
N GLY I 86 -2.51 -24.29 -0.65
CA GLY I 86 -1.56 -23.74 0.29
C GLY I 86 -1.78 -24.29 1.70
N SER I 87 -1.56 -23.42 2.69
CA SER I 87 -1.64 -23.81 4.09
C SER I 87 -3.08 -24.13 4.51
N VAL I 88 -3.27 -25.31 5.11
CA VAL I 88 -4.60 -25.66 5.61
C VAL I 88 -5.00 -24.72 6.72
N THR I 89 -4.08 -24.46 7.64
CA THR I 89 -4.36 -23.62 8.78
C THR I 89 -4.71 -22.21 8.34
N ALA I 90 -3.97 -21.67 7.36
CA ALA I 90 -4.21 -20.32 6.87
C ALA I 90 -5.57 -20.23 6.19
N GLY I 91 -5.92 -21.26 5.41
CA GLY I 91 -7.22 -21.29 4.76
C GLY I 91 -8.35 -21.35 5.78
N MET I 92 -8.15 -22.13 6.84
CA MET I 92 -9.13 -22.20 7.92
C MET I 92 -9.39 -20.83 8.53
N SER I 93 -8.37 -19.96 8.55
CA SER I 93 -8.56 -18.60 9.07
C SER I 93 -9.50 -17.82 8.17
N ILE I 94 -9.35 -17.92 6.83
CA ILE I 94 -10.31 -17.29 5.92
C ILE I 94 -11.69 -17.92 6.09
N TYR I 95 -11.74 -19.24 6.10
CA TYR I 95 -12.99 -20.00 6.22
C TYR I 95 -13.80 -19.56 7.42
N ASP I 96 -13.20 -19.60 8.61
CA ASP I 96 -13.93 -19.25 9.82
C ASP I 96 -14.40 -17.80 9.78
N THR I 97 -13.61 -16.90 9.18
CA THR I 97 -14.04 -15.52 9.04
C THR I 97 -15.23 -15.39 8.10
N MET I 98 -15.24 -16.12 6.98
CA MET I 98 -16.36 -16.04 6.04
C MET I 98 -17.67 -16.40 6.72
N ASN I 99 -17.64 -17.45 7.55
CA ASN I 99 -18.84 -17.94 8.23
C ASN I 99 -19.22 -17.09 9.44
N PHE I 100 -18.29 -16.32 10.00
CA PHE I 100 -18.59 -15.58 11.21
C PHE I 100 -19.27 -14.25 10.89
N ILE I 101 -18.82 -13.57 9.83
CA ILE I 101 -19.33 -12.23 9.57
C ILE I 101 -20.76 -12.28 9.06
N LYS I 102 -21.47 -11.18 9.27
CA LYS I 102 -22.86 -11.10 8.83
C LYS I 102 -23.00 -11.08 7.31
N PRO I 103 -22.20 -10.32 6.54
CA PRO I 103 -22.39 -10.34 5.08
C PRO I 103 -22.17 -11.72 4.48
N ASP I 104 -23.03 -12.06 3.51
CA ASP I 104 -22.79 -13.23 2.69
C ASP I 104 -21.50 -13.06 1.85
N VAL I 105 -20.69 -14.11 1.82
CA VAL I 105 -19.47 -14.12 1.02
C VAL I 105 -19.71 -15.01 -0.19
N SER I 106 -19.90 -14.35 -1.32
CA SER I 106 -19.95 -15.01 -2.61
C SER I 106 -18.55 -15.40 -3.04
N THR I 107 -18.40 -16.58 -3.64
CA THR I 107 -17.11 -16.96 -4.19
C THR I 107 -17.23 -17.18 -5.70
N LEU I 108 -16.17 -16.79 -6.40
CA LEU I 108 -16.02 -16.94 -7.84
C LEU I 108 -14.62 -17.41 -8.15
N CYS I 109 -14.53 -18.48 -8.92
CA CYS I 109 -13.27 -19.08 -9.34
C CYS I 109 -12.92 -18.59 -10.74
N LEU I 110 -11.75 -17.98 -10.87
CA LEU I 110 -11.18 -17.66 -12.17
C LEU I 110 -9.78 -18.25 -12.26
N GLY I 111 -9.49 -18.85 -13.42
CA GLY I 111 -8.27 -19.60 -13.57
C GLY I 111 -8.40 -20.98 -12.96
N GLN I 112 -8.08 -21.10 -11.68
CA GLN I 112 -8.16 -22.38 -11.01
C GLN I 112 -8.44 -22.16 -9.53
N ALA I 113 -8.98 -23.20 -8.92
CA ALA I 113 -9.08 -23.28 -7.47
C ALA I 113 -8.81 -24.73 -7.10
N ALA I 114 -7.62 -25.00 -6.55
CA ALA I 114 -7.17 -26.35 -6.21
C ALA I 114 -6.86 -26.45 -4.71
N SER I 115 -7.06 -27.65 -4.16
CA SER I 115 -6.78 -27.95 -2.75
C SER I 115 -7.52 -26.91 -1.88
N MET I 116 -6.84 -26.23 -0.96
CA MET I 116 -7.52 -25.26 -0.11
C MET I 116 -8.18 -24.14 -0.91
N GLY I 117 -7.74 -23.90 -2.14
CA GLY I 117 -8.44 -22.96 -3.00
C GLY I 117 -9.81 -23.47 -3.39
N ALA I 118 -9.91 -24.76 -3.71
CA ALA I 118 -11.21 -25.34 -3.99
C ALA I 118 -12.05 -25.39 -2.72
N PHE I 119 -11.43 -25.69 -1.59
CA PHE I 119 -12.15 -25.72 -0.32
C PHE I 119 -12.85 -24.40 -0.03
N LEU I 120 -12.13 -23.28 -0.17
CA LEU I 120 -12.73 -21.99 0.13
C LEU I 120 -13.80 -21.64 -0.91
N LEU I 121 -13.55 -21.97 -2.18
CA LEU I 121 -14.55 -21.74 -3.22
C LEU I 121 -15.85 -22.44 -2.86
N SER I 122 -15.75 -23.72 -2.48
CA SER I 122 -16.95 -24.47 -2.11
C SER I 122 -17.63 -23.93 -0.85
N ALA I 123 -16.94 -23.10 -0.06
CA ALA I 123 -17.44 -22.56 1.21
C ALA I 123 -18.25 -21.28 1.07
N GLY I 124 -18.41 -20.74 -0.12
CA GLY I 124 -19.20 -19.53 -0.27
C GLY I 124 -20.66 -19.77 0.10
N GLU I 125 -21.37 -18.64 0.25
CA GLU I 125 -22.78 -18.67 0.54
C GLU I 125 -23.50 -19.46 -0.53
N LYS I 126 -24.29 -20.44 -0.11
CA LYS I 126 -24.95 -21.33 -1.05
C LYS I 126 -25.97 -20.57 -1.90
N GLY I 127 -25.84 -20.73 -3.23
CA GLY I 127 -26.51 -19.93 -4.21
C GLY I 127 -25.64 -18.85 -4.82
N LYS I 128 -24.49 -18.58 -4.23
CA LYS I 128 -23.66 -17.48 -4.67
C LYS I 128 -22.23 -17.94 -4.91
N ARG I 129 -22.05 -19.21 -5.28
CA ARG I 129 -20.73 -19.75 -5.61
C ARG I 129 -20.63 -19.91 -7.12
N PHE I 130 -19.68 -19.19 -7.72
CA PHE I 130 -19.63 -19.06 -9.18
C PHE I 130 -18.26 -19.51 -9.71
N ALA I 131 -18.24 -19.84 -11.00
CA ALA I 131 -17.00 -20.11 -11.70
C ALA I 131 -17.12 -19.57 -13.12
N LEU I 132 -15.98 -19.20 -13.68
CA LEU I 132 -15.91 -18.77 -15.06
C LEU I 132 -15.87 -20.00 -15.97
N PRO I 133 -16.25 -19.85 -17.24
CA PRO I 133 -16.45 -21.03 -18.11
C PRO I 133 -15.24 -21.95 -18.23
N ASN I 134 -14.02 -21.41 -18.21
CA ASN I 134 -12.85 -22.24 -18.41
C ASN I 134 -12.01 -22.39 -17.14
N SER I 135 -12.60 -22.03 -16.01
CA SER I 135 -11.97 -22.27 -14.72
C SER I 135 -11.78 -23.77 -14.48
N ARG I 136 -10.84 -24.08 -13.60
CA ARG I 136 -10.53 -25.45 -13.23
C ARG I 136 -10.60 -25.61 -11.73
N ILE I 137 -11.21 -26.70 -11.28
CA ILE I 137 -11.30 -27.06 -9.87
C ILE I 137 -10.61 -28.40 -9.68
N MET I 138 -9.84 -28.52 -8.60
CA MET I 138 -9.23 -29.78 -8.23
C MET I 138 -9.30 -29.94 -6.72
N ILE I 139 -9.65 -31.14 -6.26
CA ILE I 139 -9.72 -31.45 -4.84
C ILE I 139 -8.91 -32.72 -4.58
N HIS I 140 -8.31 -32.80 -3.39
CA HIS I 140 -7.53 -33.98 -3.05
C HIS I 140 -7.34 -34.05 -1.53
N GLN I 141 -6.95 -35.25 -1.06
CA GLN I 141 -6.60 -35.48 0.33
C GLN I 141 -5.31 -34.72 0.67
N PRO I 142 -4.99 -34.57 1.94
CA PRO I 142 -3.79 -33.79 2.31
C PRO I 142 -2.51 -34.40 1.77
N LEU I 143 -1.51 -33.52 1.61
CA LEU I 143 -0.24 -33.87 0.98
C LEU I 143 0.87 -33.19 1.77
N ILE I 144 1.81 -33.97 2.30
CA ILE I 144 3.02 -33.42 2.89
C ILE I 144 4.14 -33.58 1.86
N SER I 145 4.76 -32.46 1.50
CA SER I 145 5.86 -32.50 0.55
C SER I 145 7.18 -32.23 1.26
N GLY I 150 11.43 -37.57 12.06
CA GLY I 150 12.08 -37.93 13.32
C GLY I 150 11.88 -39.33 13.89
N GLN I 151 11.45 -39.41 15.15
CA GLN I 151 11.27 -40.68 15.84
C GLN I 151 9.89 -41.27 15.51
N ALA I 152 9.79 -42.59 15.65
CA ALA I 152 8.52 -43.26 15.37
C ALA I 152 7.37 -42.64 16.14
N SER I 153 7.60 -42.29 17.42
CA SER I 153 6.55 -41.63 18.20
C SER I 153 6.15 -40.30 17.57
N ASP I 154 7.13 -39.51 17.09
CA ASP I 154 6.82 -38.21 16.51
C ASP I 154 6.13 -38.34 15.15
N ILE I 155 6.52 -39.34 14.35
CA ILE I 155 5.87 -39.54 13.07
C ILE I 155 4.43 -40.04 13.27
N GLU I 156 4.21 -40.87 14.30
CA GLU I 156 2.86 -41.29 14.65
C GLU I 156 1.98 -40.10 14.97
N ILE I 157 2.48 -39.18 15.80
CA ILE I 157 1.68 -38.01 16.17
C ILE I 157 1.32 -37.20 14.95
N HIS I 158 2.29 -36.98 14.06
CA HIS I 158 2.06 -36.13 12.90
C HIS I 158 1.22 -36.83 11.85
N ALA I 159 1.40 -38.15 11.69
CA ALA I 159 0.47 -38.95 10.90
C ALA I 159 -0.95 -38.90 11.48
N ARG I 160 -1.11 -39.04 12.80
CA ARG I 160 -2.45 -38.95 13.38
C ARG I 160 -3.07 -37.58 13.11
N GLU I 161 -2.30 -36.53 13.29
CA GLU I 161 -2.80 -35.19 13.02
C GLU I 161 -3.11 -34.99 11.54
N LEU I 162 -2.31 -35.59 10.65
CA LEU I 162 -2.56 -35.44 9.22
C LEU I 162 -3.88 -36.08 8.82
N LEU I 163 -4.21 -37.23 9.43
CA LEU I 163 -5.47 -37.91 9.11
C LEU I 163 -6.67 -37.16 9.67
N LYS I 164 -6.53 -36.54 10.85
CA LYS I 164 -7.63 -35.75 11.37
C LYS I 164 -7.98 -34.62 10.40
N ILE I 165 -6.94 -33.95 9.88
CA ILE I 165 -7.16 -32.90 8.88
C ILE I 165 -7.81 -33.50 7.63
N LYS I 166 -7.34 -34.67 7.20
CA LYS I 166 -7.95 -35.32 6.05
C LYS I 166 -9.45 -35.55 6.26
N GLU I 167 -9.81 -36.10 7.41
CA GLU I 167 -11.21 -36.38 7.71
C GLU I 167 -12.01 -35.09 7.91
N LYS I 168 -11.44 -34.10 8.60
CA LYS I 168 -12.14 -32.83 8.76
C LYS I 168 -12.48 -32.22 7.41
N LEU I 169 -11.49 -32.18 6.51
CA LEU I 169 -11.69 -31.54 5.21
C LEU I 169 -12.75 -32.27 4.41
N ASN I 170 -12.73 -33.59 4.44
CA ASN I 170 -13.73 -34.37 3.70
C ASN I 170 -15.14 -34.13 4.25
N ARG I 171 -15.29 -34.09 5.58
CA ARG I 171 -16.62 -33.88 6.14
C ARG I 171 -17.15 -32.50 5.78
N LEU I 172 -16.35 -31.45 5.98
CA LEU I 172 -16.80 -30.12 5.64
C LEU I 172 -17.12 -30.00 4.15
N MET I 173 -16.28 -30.60 3.30
CA MET I 173 -16.54 -30.52 1.87
C MET I 173 -17.74 -31.37 1.47
N ALA I 174 -18.01 -32.44 2.21
CA ALA I 174 -19.27 -33.16 1.99
C ALA I 174 -20.46 -32.26 2.31
N LYS I 175 -20.36 -31.46 3.38
CA LYS I 175 -21.41 -30.51 3.74
C LYS I 175 -21.57 -29.41 2.69
N HIS I 176 -20.45 -28.85 2.22
CA HIS I 176 -20.52 -27.80 1.21
C HIS I 176 -21.18 -28.31 -0.06
N CYS I 177 -20.94 -29.57 -0.42
CA CYS I 177 -21.40 -30.15 -1.67
C CYS I 177 -22.72 -30.86 -1.53
N ASP I 178 -23.28 -30.90 -0.31
CA ASP I 178 -24.51 -31.61 0.03
C ASP I 178 -24.48 -33.05 -0.47
N ARG I 179 -23.40 -33.74 -0.09
CA ARG I 179 -23.13 -35.11 -0.46
C ARG I 179 -22.76 -35.93 0.76
N ASP I 180 -22.65 -37.24 0.53
CA ASP I 180 -22.26 -38.16 1.59
C ASP I 180 -20.76 -38.09 1.81
N LEU I 181 -20.35 -38.23 3.07
CA LEU I 181 -18.94 -38.23 3.40
C LEU I 181 -18.19 -39.29 2.60
N ALA I 182 -18.83 -40.43 2.36
CA ALA I 182 -18.18 -41.52 1.61
C ALA I 182 -17.82 -41.09 0.20
N ASP I 183 -18.65 -40.22 -0.39
CA ASP I 183 -18.36 -39.67 -1.71
C ASP I 183 -17.05 -38.89 -1.70
N LEU I 184 -16.91 -37.96 -0.74
CA LEU I 184 -15.69 -37.16 -0.69
C LEU I 184 -14.50 -38.02 -0.33
N GLU I 185 -14.68 -39.03 0.53
CA GLU I 185 -13.59 -39.94 0.81
C GLU I 185 -13.17 -40.67 -0.45
N ARG I 186 -14.15 -41.10 -1.25
CA ARG I 186 -13.83 -41.72 -2.52
C ARG I 186 -13.16 -40.74 -3.47
N ASP I 187 -13.70 -39.52 -3.56
CA ASP I 187 -13.38 -38.61 -4.65
C ASP I 187 -12.17 -37.73 -4.38
N THR I 188 -11.60 -37.77 -3.18
CA THR I 188 -10.35 -37.08 -2.91
C THR I 188 -9.20 -38.03 -2.74
N ASP I 189 -9.40 -39.34 -2.94
CA ASP I 189 -8.31 -40.26 -2.69
C ASP I 189 -7.07 -39.87 -3.48
N ARG I 190 -7.26 -39.47 -4.75
CA ARG I 190 -6.21 -38.94 -5.60
C ARG I 190 -6.67 -37.63 -6.23
N ASP I 191 -5.77 -36.98 -6.98
CA ASP I 191 -6.09 -35.68 -7.56
C ASP I 191 -7.34 -35.76 -8.45
N ASN I 192 -8.30 -34.89 -8.15
CA ASN I 192 -9.58 -34.92 -8.82
C ASN I 192 -9.80 -33.60 -9.56
N PHE I 193 -9.53 -33.61 -10.85
CA PHE I 193 -9.71 -32.42 -11.70
C PHE I 193 -11.14 -32.40 -12.23
N MET I 194 -11.78 -31.23 -12.12
CA MET I 194 -13.17 -31.03 -12.53
C MET I 194 -13.29 -29.77 -13.38
N SER I 195 -14.04 -29.90 -14.47
CA SER I 195 -14.45 -28.73 -15.24
C SER I 195 -15.44 -27.90 -14.42
N ALA I 196 -15.72 -26.68 -14.90
CA ALA I 196 -16.73 -25.85 -14.24
C ALA I 196 -18.07 -26.58 -14.22
N GLU I 197 -18.36 -27.33 -15.28
CA GLU I 197 -19.59 -28.11 -15.40
C GLU I 197 -19.58 -29.30 -14.45
N GLU I 198 -18.43 -29.95 -14.29
CA GLU I 198 -18.33 -31.01 -13.29
C GLU I 198 -18.38 -30.45 -11.87
N ALA I 199 -17.85 -29.24 -11.66
CA ALA I 199 -17.90 -28.66 -10.33
C ALA I 199 -19.34 -28.31 -9.93
N LYS I 200 -20.14 -27.78 -10.87
CA LYS I 200 -21.53 -27.49 -10.56
C LYS I 200 -22.30 -28.77 -10.25
N GLU I 201 -22.08 -29.84 -11.04
CA GLU I 201 -22.79 -31.09 -10.75
C GLU I 201 -22.38 -31.66 -9.39
N TYR I 202 -21.13 -31.46 -9.00
CA TYR I 202 -20.66 -32.09 -7.77
C TYR I 202 -21.29 -31.48 -6.53
N GLY I 203 -21.78 -30.24 -6.64
CA GLY I 203 -22.27 -29.48 -5.52
C GLY I 203 -21.29 -28.46 -5.02
N LEU I 204 -20.18 -28.27 -5.72
CA LEU I 204 -19.06 -27.44 -5.26
C LEU I 204 -19.22 -25.96 -5.63
N ILE I 205 -19.90 -25.67 -6.74
CA ILE I 205 -20.31 -24.32 -7.14
C ILE I 205 -21.78 -24.38 -7.53
N ASP I 206 -22.39 -23.20 -7.65
CA ASP I 206 -23.82 -23.12 -7.94
C ASP I 206 -24.12 -22.70 -9.37
N GLN I 207 -23.25 -21.90 -9.98
CA GLN I 207 -23.55 -21.36 -11.29
C GLN I 207 -22.27 -21.07 -12.06
N ILE I 208 -22.32 -21.29 -13.38
CA ILE I 208 -21.27 -20.91 -14.32
C ILE I 208 -21.68 -19.61 -14.98
N LEU I 209 -20.81 -18.60 -14.93
CA LEU I 209 -21.13 -17.29 -15.48
C LEU I 209 -20.86 -17.26 -16.98
N GLU I 210 -21.92 -17.18 -17.78
CA GLU I 210 -21.77 -16.95 -19.23
C GLU I 210 -21.52 -15.46 -19.49
N ASP J 36 -4.19 2.51 5.18
CA ASP J 36 -3.86 1.08 5.17
C ASP J 36 -4.71 0.34 6.19
N ILE J 37 -5.07 -0.89 5.83
CA ILE J 37 -6.13 -1.62 6.51
C ILE J 37 -5.73 -2.00 7.93
N TYR J 38 -4.47 -2.39 8.12
CA TYR J 38 -4.00 -2.79 9.43
C TYR J 38 -4.02 -1.61 10.40
N SER J 39 -3.83 -0.39 9.87
CA SER J 39 -4.00 0.80 10.70
C SER J 39 -5.44 0.93 11.17
N ARG J 40 -6.40 0.61 10.31
CA ARG J 40 -7.80 0.72 10.70
C ARG J 40 -8.18 -0.31 11.75
N LEU J 41 -7.56 -1.50 11.70
CA LEU J 41 -7.79 -2.48 12.76
C LEU J 41 -7.18 -2.03 14.08
N LEU J 42 -6.03 -1.36 14.03
CA LEU J 42 -5.45 -0.90 15.27
C LEU J 42 -6.32 0.16 15.93
N LYS J 43 -7.04 0.95 15.12
CA LYS J 43 -7.91 2.01 15.63
C LYS J 43 -9.03 1.46 16.50
N GLU J 44 -9.42 0.20 16.29
CA GLU J 44 -10.35 -0.48 17.17
C GLU J 44 -9.65 -1.33 18.25
N ARG J 45 -8.35 -1.11 18.48
CA ARG J 45 -7.56 -1.82 19.49
C ARG J 45 -7.35 -3.30 19.19
N ILE J 46 -7.21 -3.66 17.91
CA ILE J 46 -6.83 -5.00 17.49
C ILE J 46 -5.38 -5.01 17.01
N VAL J 47 -4.57 -5.89 17.60
CA VAL J 47 -3.20 -6.12 17.18
C VAL J 47 -3.07 -7.59 16.74
N PHE J 48 -2.33 -7.80 15.64
CA PHE J 48 -2.13 -9.10 15.04
C PHE J 48 -0.74 -9.63 15.32
N LEU J 49 -0.62 -10.94 15.50
CA LEU J 49 0.65 -11.62 15.37
C LEU J 49 0.41 -12.74 14.37
N VAL J 50 0.87 -12.52 13.15
CA VAL J 50 0.72 -13.45 12.02
C VAL J 50 2.12 -13.90 11.62
N GLY J 51 2.33 -15.20 11.61
CA GLY J 51 3.62 -15.76 11.27
C GLY J 51 4.48 -15.98 12.49
N PRO J 52 5.76 -16.26 12.26
CA PRO J 52 6.63 -16.69 13.36
C PRO J 52 6.88 -15.59 14.38
N VAL J 53 7.13 -16.01 15.61
CA VAL J 53 7.46 -15.08 16.67
C VAL J 53 8.96 -14.78 16.55
N THR J 54 9.29 -13.60 16.05
CA THR J 54 10.66 -13.19 15.94
C THR J 54 10.82 -11.86 16.66
N ASP J 55 12.07 -11.47 16.84
CA ASP J 55 12.38 -10.18 17.42
C ASP J 55 11.66 -9.05 16.69
N GLU J 56 11.50 -9.16 15.36
CA GLU J 56 10.84 -8.08 14.61
C GLU J 56 9.36 -8.06 14.92
N SER J 57 8.71 -9.20 14.72
CA SER J 57 7.27 -9.28 14.92
C SER J 57 6.90 -9.05 16.37
N ALA J 58 7.71 -9.54 17.30
CA ALA J 58 7.40 -9.35 18.72
C ALA J 58 7.43 -7.86 19.09
N ASN J 59 8.46 -7.13 18.66
CA ASN J 59 8.60 -5.74 19.08
C ASN J 59 7.56 -4.83 18.41
N LEU J 60 7.06 -5.19 17.23
CA LEU J 60 5.91 -4.48 16.69
C LEU J 60 4.69 -4.65 17.60
N VAL J 61 4.46 -5.86 18.10
CA VAL J 61 3.33 -6.10 18.98
C VAL J 61 3.49 -5.27 20.25
N VAL J 62 4.69 -5.30 20.84
CA VAL J 62 4.92 -4.54 22.06
C VAL J 62 4.70 -3.06 21.83
N ALA J 63 5.23 -2.53 20.72
CA ALA J 63 5.02 -1.12 20.45
C ALA J 63 3.54 -0.82 20.30
N GLN J 64 2.80 -1.70 19.62
CA GLN J 64 1.36 -1.45 19.47
C GLN J 64 0.65 -1.53 20.81
N LEU J 65 1.01 -2.50 21.65
CA LEU J 65 0.37 -2.63 22.95
C LEU J 65 0.60 -1.40 23.82
N LEU J 66 1.85 -0.90 23.87
CA LEU J 66 2.15 0.32 24.62
C LEU J 66 1.37 1.50 24.07
N PHE J 67 1.25 1.58 22.74
CA PHE J 67 0.48 2.66 22.14
C PHE J 67 -0.99 2.60 22.55
N LEU J 68 -1.58 1.41 22.53
CA LEU J 68 -2.99 1.26 22.90
C LEU J 68 -3.23 1.60 24.36
N GLU J 69 -2.30 1.25 25.25
CA GLU J 69 -2.44 1.62 26.64
C GLU J 69 -2.39 3.14 26.82
N SER J 70 -1.45 3.82 26.17
CA SER J 70 -1.41 5.28 26.26
C SER J 70 -2.68 5.91 25.69
N GLU J 71 -3.22 5.33 24.59
CA GLU J 71 -4.45 5.89 24.01
C GLU J 71 -5.60 5.77 24.99
N ASN J 72 -5.63 4.70 25.78
CA ASN J 72 -6.62 4.52 26.85
C ASN J 72 -6.28 3.30 27.70
N PRO J 73 -5.80 3.49 28.93
CA PRO J 73 -5.42 2.34 29.76
C PRO J 73 -6.61 1.53 30.29
N ASP J 74 -7.85 1.88 29.93
CA ASP J 74 -9.02 1.27 30.53
C ASP J 74 -9.88 0.46 29.56
N LYS J 75 -9.60 0.47 28.27
CA LYS J 75 -10.34 -0.35 27.32
C LYS J 75 -9.55 -1.60 27.00
N ASP J 76 -10.26 -2.71 26.86
CA ASP J 76 -9.61 -3.95 26.47
C ASP J 76 -8.87 -3.79 25.16
N ILE J 77 -7.87 -4.65 24.97
CA ILE J 77 -7.14 -4.80 23.74
C ILE J 77 -7.40 -6.22 23.23
N PHE J 78 -7.44 -6.36 21.91
CA PHE J 78 -7.75 -7.64 21.28
C PHE J 78 -6.58 -8.08 20.43
N PHE J 79 -5.93 -9.17 20.88
CA PHE J 79 -4.69 -9.71 20.31
C PHE J 79 -5.06 -10.95 19.48
N TYR J 80 -5.05 -10.79 18.16
CA TYR J 80 -5.36 -11.87 17.23
C TYR J 80 -4.06 -12.59 16.86
N ILE J 81 -4.05 -13.92 16.98
CA ILE J 81 -2.83 -14.71 16.82
C ILE J 81 -3.04 -15.79 15.76
N ASN J 82 -2.18 -15.80 14.74
CA ASN J 82 -2.04 -16.95 13.83
C ASN J 82 -0.56 -17.20 13.67
N SER J 83 -0.01 -18.10 14.48
CA SER J 83 1.44 -18.27 14.52
C SER J 83 1.85 -19.70 14.78
N PRO J 84 2.90 -20.18 14.11
CA PRO J 84 3.44 -21.52 14.43
C PRO J 84 4.44 -21.51 15.59
N GLY J 85 4.80 -20.35 16.10
CA GLY J 85 5.79 -20.30 17.15
C GLY J 85 7.03 -19.54 16.73
N GLY J 86 8.11 -19.76 17.44
CA GLY J 86 9.35 -19.08 17.12
C GLY J 86 10.20 -18.89 18.38
N SER J 87 10.83 -17.72 18.45
CA SER J 87 11.76 -17.42 19.53
C SER J 87 11.05 -17.37 20.88
N VAL J 88 11.52 -18.19 21.83
CA VAL J 88 10.96 -18.18 23.18
C VAL J 88 11.23 -16.82 23.84
N THR J 89 12.41 -16.27 23.60
CA THR J 89 12.80 -15.00 24.17
C THR J 89 11.92 -13.86 23.63
N ALA J 90 11.67 -13.86 22.32
CA ALA J 90 10.85 -12.81 21.71
C ALA J 90 9.42 -12.88 22.21
N GLY J 91 8.89 -14.11 22.35
CA GLY J 91 7.56 -14.29 22.89
C GLY J 91 7.44 -13.78 24.31
N MET J 92 8.50 -13.98 25.11
CA MET J 92 8.50 -13.49 26.49
C MET J 92 8.33 -11.99 26.56
N SER J 93 8.86 -11.27 25.57
CA SER J 93 8.71 -9.81 25.59
C SER J 93 7.27 -9.40 25.37
N ILE J 94 6.55 -10.10 24.48
CA ILE J 94 5.11 -9.85 24.35
C ILE J 94 4.40 -10.23 25.63
N TYR J 95 4.68 -11.43 26.15
CA TYR J 95 4.04 -11.93 27.36
C TYR J 95 4.17 -10.95 28.53
N ASP J 96 5.40 -10.51 28.83
CA ASP J 96 5.60 -9.59 29.94
C ASP J 96 4.91 -8.26 29.69
N THR J 97 4.87 -7.84 28.42
CA THR J 97 4.15 -6.62 28.07
C THR J 97 2.65 -6.79 28.26
N MET J 98 2.11 -7.95 27.88
CA MET J 98 0.70 -8.19 28.13
C MET J 98 0.38 -8.07 29.62
N ASN J 99 1.24 -8.62 30.49
CA ASN J 99 0.95 -8.56 31.92
C ASN J 99 1.24 -7.20 32.54
N PHE J 100 2.09 -6.39 31.93
CA PHE J 100 2.48 -5.15 32.59
C PHE J 100 1.41 -4.10 32.46
N ILE J 101 0.82 -3.96 31.27
CA ILE J 101 -0.11 -2.86 31.02
C ILE J 101 -1.42 -3.09 31.77
N LYS J 102 -2.12 -1.99 32.02
CA LYS J 102 -3.42 -1.99 32.68
C LYS J 102 -4.50 -2.62 31.81
N PRO J 103 -4.59 -2.31 30.50
CA PRO J 103 -5.67 -2.89 29.70
C PRO J 103 -5.62 -4.41 29.72
N ASP J 104 -6.79 -5.02 29.85
CA ASP J 104 -6.91 -6.45 29.60
C ASP J 104 -6.53 -6.74 28.17
N VAL J 105 -5.72 -7.78 27.99
CA VAL J 105 -5.36 -8.23 26.66
C VAL J 105 -6.16 -9.48 26.41
N SER J 106 -7.22 -9.32 25.59
CA SER J 106 -7.96 -10.45 25.06
C SER J 106 -7.18 -11.06 23.90
N THR J 107 -7.18 -12.39 23.81
CA THR J 107 -6.55 -13.10 22.72
C THR J 107 -7.55 -13.95 21.95
N LEU J 108 -7.36 -14.04 20.63
CA LEU J 108 -8.21 -14.85 19.78
C LEU J 108 -7.31 -15.55 18.78
N CYS J 109 -7.49 -16.87 18.65
CA CYS J 109 -6.72 -17.70 17.71
C CYS J 109 -7.54 -17.93 16.45
N LEU J 110 -6.96 -17.57 15.30
CA LEU J 110 -7.49 -17.95 14.00
C LEU J 110 -6.38 -18.61 13.20
N GLY J 111 -6.71 -19.68 12.49
CA GLY J 111 -5.72 -20.50 11.84
C GLY J 111 -5.12 -21.50 12.80
N GLN J 112 -4.04 -21.09 13.46
CA GLN J 112 -3.38 -21.93 14.44
C GLN J 112 -2.65 -21.06 15.44
N ALA J 113 -2.40 -21.64 16.61
CA ALA J 113 -1.49 -21.08 17.61
C ALA J 113 -0.67 -22.26 18.11
N ALA J 114 0.59 -22.33 17.69
CA ALA J 114 1.46 -23.44 18.03
C ALA J 114 2.66 -22.91 18.81
N SER J 115 3.10 -23.72 19.78
CA SER J 115 4.30 -23.47 20.58
C SER J 115 4.19 -22.07 21.19
N MET J 116 5.16 -21.19 21.00
CA MET J 116 5.11 -19.88 21.63
C MET J 116 3.84 -19.13 21.27
N GLY J 117 3.26 -19.40 20.10
CA GLY J 117 1.96 -18.82 19.78
C GLY J 117 0.85 -19.32 20.69
N ALA J 118 0.85 -20.62 20.97
CA ALA J 118 -0.12 -21.15 21.92
C ALA J 118 0.14 -20.60 23.32
N PHE J 119 1.42 -20.41 23.67
CA PHE J 119 1.77 -19.82 24.96
C PHE J 119 1.12 -18.43 25.11
N LEU J 120 1.25 -17.59 24.08
CA LEU J 120 0.68 -16.24 24.15
C LEU J 120 -0.83 -16.27 24.14
N LEU J 121 -1.43 -17.20 23.37
CA LEU J 121 -2.87 -17.33 23.37
C LEU J 121 -3.39 -17.62 24.77
N SER J 122 -2.79 -18.60 25.46
CA SER J 122 -3.21 -18.99 26.79
C SER J 122 -2.97 -17.91 27.83
N ALA J 123 -2.15 -16.92 27.51
CA ALA J 123 -1.78 -15.85 28.42
C ALA J 123 -2.77 -14.70 28.44
N GLY J 124 -3.82 -14.76 27.62
CA GLY J 124 -4.82 -13.72 27.63
C GLY J 124 -5.55 -13.65 28.96
N GLU J 125 -6.21 -12.51 29.17
CA GLU J 125 -7.00 -12.32 30.37
C GLU J 125 -8.00 -13.45 30.48
N LYS J 126 -8.05 -14.09 31.66
CA LYS J 126 -8.93 -15.24 31.82
C LYS J 126 -10.40 -14.84 31.70
N GLY J 127 -11.13 -15.56 30.86
CA GLY J 127 -12.44 -15.16 30.42
C GLY J 127 -12.48 -14.49 29.06
N LYS J 128 -11.33 -14.08 28.53
CA LYS J 128 -11.31 -13.35 27.26
C LYS J 128 -10.33 -13.97 26.28
N ARG J 129 -10.11 -15.28 26.39
CA ARG J 129 -9.26 -16.04 25.47
C ARG J 129 -10.15 -16.86 24.55
N PHE J 130 -10.11 -16.57 23.26
CA PHE J 130 -11.05 -17.10 22.28
C PHE J 130 -10.32 -17.84 21.15
N ALA J 131 -11.05 -18.72 20.47
CA ALA J 131 -10.61 -19.36 19.26
C ALA J 131 -11.80 -19.50 18.31
N LEU J 132 -11.50 -19.48 17.01
CA LEU J 132 -12.49 -19.71 15.98
C LEU J 132 -12.70 -21.21 15.80
N PRO J 133 -13.84 -21.63 15.23
CA PRO J 133 -14.24 -23.05 15.31
C PRO J 133 -13.20 -24.02 14.78
N ASN J 134 -12.46 -23.64 13.74
CA ASN J 134 -11.49 -24.53 13.13
C ASN J 134 -10.06 -24.12 13.45
N SER J 135 -9.84 -23.34 14.50
CA SER J 135 -8.50 -23.10 14.99
C SER J 135 -7.87 -24.38 15.49
N ARG J 136 -6.54 -24.40 15.45
CA ARG J 136 -5.72 -25.49 15.94
C ARG J 136 -4.73 -24.94 16.94
N ILE J 137 -4.53 -25.66 18.04
CA ILE J 137 -3.59 -25.30 19.08
C ILE J 137 -2.56 -26.41 19.16
N MET J 138 -1.29 -26.04 19.30
CA MET J 138 -0.27 -27.05 19.56
C MET J 138 0.70 -26.54 20.62
N ILE J 139 1.05 -27.41 21.55
CA ILE J 139 2.00 -27.14 22.62
C ILE J 139 3.02 -28.26 22.65
N HIS J 140 4.27 -27.92 22.97
CA HIS J 140 5.34 -28.90 23.07
C HIS J 140 6.49 -28.31 23.87
N GLN J 141 7.35 -29.19 24.35
CA GLN J 141 8.57 -28.78 25.03
C GLN J 141 9.52 -28.09 24.05
N PRO J 142 10.52 -27.37 24.56
CA PRO J 142 11.48 -26.68 23.66
C PRO J 142 12.27 -27.61 22.76
N LEU J 143 12.76 -27.06 21.66
CA LEU J 143 13.55 -27.82 20.70
C LEU J 143 14.66 -26.93 20.16
N ILE J 144 15.64 -27.54 19.50
CA ILE J 144 16.58 -26.81 18.66
C ILE J 144 16.98 -27.70 17.49
N SER J 145 17.28 -27.07 16.36
CA SER J 145 17.65 -27.80 15.13
C SER J 145 19.17 -28.00 14.98
N GLY J 150 30.11 -27.46 20.95
CA GLY J 150 31.24 -27.19 21.83
C GLY J 150 31.79 -28.27 22.76
N GLN J 151 32.27 -27.84 23.91
CA GLN J 151 32.86 -28.72 24.91
C GLN J 151 31.76 -29.24 25.84
N ALA J 152 32.05 -30.36 26.51
CA ALA J 152 31.07 -30.93 27.44
C ALA J 152 30.62 -29.89 28.47
N SER J 153 31.54 -29.04 28.94
CA SER J 153 31.14 -27.96 29.85
C SER J 153 30.10 -27.03 29.21
N ASP J 154 30.28 -26.69 27.92
CA ASP J 154 29.39 -25.74 27.26
C ASP J 154 28.03 -26.35 26.93
N ILE J 155 28.02 -27.59 26.47
CA ILE J 155 26.77 -28.28 26.16
C ILE J 155 26.00 -28.51 27.43
N GLU J 156 26.72 -28.85 28.50
CA GLU J 156 26.14 -28.99 29.83
C GLU J 156 25.33 -27.74 30.22
N ILE J 157 25.92 -26.60 29.93
CA ILE J 157 25.34 -25.32 30.25
C ILE J 157 24.09 -25.09 29.44
N HIS J 158 24.14 -25.43 28.16
CA HIS J 158 23.04 -25.09 27.29
C HIS J 158 21.86 -26.04 27.46
N ALA J 159 22.12 -27.32 27.70
CA ALA J 159 21.05 -28.25 28.07
C ALA J 159 20.31 -27.75 29.31
N ARG J 160 21.07 -27.30 30.31
CA ARG J 160 20.45 -26.79 31.53
C ARG J 160 19.71 -25.48 31.29
N GLU J 161 20.25 -24.58 30.48
CA GLU J 161 19.45 -23.40 30.14
C GLU J 161 18.20 -23.83 29.38
N LEU J 162 18.32 -24.87 28.54
CA LEU J 162 17.16 -25.34 27.81
C LEU J 162 16.15 -26.04 28.74
N LEU J 163 16.64 -26.79 29.74
CA LEU J 163 15.70 -27.42 30.66
C LEU J 163 15.03 -26.41 31.58
N LYS J 164 15.75 -25.37 32.01
CA LYS J 164 15.10 -24.30 32.78
C LYS J 164 14.00 -23.65 31.98
N ILE J 165 14.25 -23.39 30.70
CA ILE J 165 13.22 -22.85 29.83
C ILE J 165 12.04 -23.81 29.74
N LYS J 166 12.33 -25.10 29.58
CA LYS J 166 11.27 -26.11 29.57
C LYS J 166 10.45 -26.07 30.85
N GLU J 167 11.13 -26.03 31.99
CA GLU J 167 10.39 -26.01 33.24
C GLU J 167 9.61 -24.72 33.41
N LYS J 168 10.21 -23.58 33.03
CA LYS J 168 9.50 -22.30 33.15
C LYS J 168 8.24 -22.28 32.30
N LEU J 169 8.32 -22.74 31.07
CA LEU J 169 7.17 -22.70 30.18
C LEU J 169 6.06 -23.60 30.71
N ASN J 170 6.42 -24.78 31.22
CA ASN J 170 5.42 -25.69 31.76
C ASN J 170 4.74 -25.12 33.01
N ARG J 171 5.51 -24.52 33.92
CA ARG J 171 4.90 -23.97 35.12
C ARG J 171 3.93 -22.84 34.76
N LEU J 172 4.41 -21.89 33.95
CA LEU J 172 3.57 -20.79 33.50
C LEU J 172 2.38 -21.29 32.69
N MET J 173 2.61 -22.30 31.84
CA MET J 173 1.49 -22.84 31.08
C MET J 173 0.51 -23.55 32.00
N ALA J 174 1.02 -24.17 33.06
CA ALA J 174 0.13 -24.77 34.06
C ALA J 174 -0.70 -23.70 34.77
N LYS J 175 -0.08 -22.58 35.12
CA LYS J 175 -0.83 -21.48 35.73
C LYS J 175 -1.88 -20.94 34.74
N HIS J 176 -1.52 -20.77 33.47
CA HIS J 176 -2.49 -20.27 32.51
C HIS J 176 -3.69 -21.20 32.40
N CYS J 177 -3.47 -22.51 32.52
CA CYS J 177 -4.52 -23.48 32.31
C CYS J 177 -5.21 -23.91 33.60
N ASP J 178 -4.78 -23.40 34.75
CA ASP J 178 -5.27 -23.88 36.03
C ASP J 178 -5.17 -25.40 36.15
N ARG J 179 -3.98 -25.92 35.84
CA ARG J 179 -3.70 -27.33 35.96
C ARG J 179 -2.42 -27.53 36.77
N ASP J 180 -2.18 -28.80 37.06
CA ASP J 180 -0.99 -29.18 37.79
C ASP J 180 0.21 -29.07 36.87
N LEU J 181 1.36 -28.73 37.46
CA LEU J 181 2.59 -28.77 36.68
C LEU J 181 2.81 -30.13 36.04
N ALA J 182 2.44 -31.21 36.75
CA ALA J 182 2.63 -32.57 36.24
C ALA J 182 1.81 -32.83 34.98
N ASP J 183 0.63 -32.20 34.85
CA ASP J 183 -0.13 -32.33 33.61
C ASP J 183 0.65 -31.76 32.42
N LEU J 184 1.15 -30.53 32.54
CA LEU J 184 1.87 -29.91 31.43
C LEU J 184 3.19 -30.62 31.15
N GLU J 185 3.82 -31.18 32.18
CA GLU J 185 5.03 -31.95 31.96
C GLU J 185 4.77 -33.20 31.11
N ARG J 186 3.80 -34.02 31.46
CA ARG J 186 3.54 -35.14 30.55
C ARG J 186 2.91 -34.67 29.21
N ASP J 187 2.05 -33.62 29.21
CA ASP J 187 1.28 -33.34 27.98
C ASP J 187 2.05 -32.52 26.95
N THR J 188 3.24 -32.01 27.25
CA THR J 188 4.05 -31.33 26.25
C THR J 188 5.29 -32.14 25.84
N ASP J 189 5.44 -33.35 26.34
CA ASP J 189 6.66 -34.13 26.09
C ASP J 189 6.91 -34.28 24.59
N ARG J 190 5.85 -34.52 23.81
CA ARG J 190 5.93 -34.48 22.36
C ARG J 190 4.82 -33.58 21.83
N ASP J 191 4.79 -33.40 20.52
CA ASP J 191 3.81 -32.50 19.92
C ASP J 191 2.38 -32.88 20.29
N ASN J 192 1.64 -31.89 20.80
CA ASN J 192 0.27 -32.07 21.28
C ASN J 192 -0.68 -31.15 20.50
N PHE J 193 -1.36 -31.72 19.52
CA PHE J 193 -2.31 -31.00 18.65
C PHE J 193 -3.70 -31.01 19.27
N MET J 194 -4.36 -29.85 19.28
CA MET J 194 -5.67 -29.70 19.91
C MET J 194 -6.62 -28.96 18.99
N SER J 195 -7.85 -29.47 18.90
CA SER J 195 -8.95 -28.74 18.31
C SER J 195 -9.31 -27.55 19.20
N ALA J 196 -10.12 -26.64 18.67
CA ALA J 196 -10.58 -25.55 19.54
C ALA J 196 -11.33 -26.10 20.75
N GLU J 197 -12.11 -27.17 20.58
CA GLU J 197 -12.83 -27.69 21.75
C GLU J 197 -11.89 -28.34 22.74
N GLU J 198 -10.85 -29.05 22.25
CA GLU J 198 -9.86 -29.61 23.16
C GLU J 198 -9.08 -28.52 23.90
N ALA J 199 -8.85 -27.38 23.23
CA ALA J 199 -8.11 -26.29 23.89
C ALA J 199 -8.95 -25.66 25.01
N LYS J 200 -10.25 -25.51 24.79
CA LYS J 200 -11.15 -25.00 25.80
C LYS J 200 -11.25 -25.99 26.96
N GLU J 201 -11.33 -27.27 26.66
CA GLU J 201 -11.30 -28.29 27.70
C GLU J 201 -10.01 -28.25 28.53
N TYR J 202 -8.90 -27.91 27.90
CA TYR J 202 -7.62 -27.96 28.57
C TYR J 202 -7.39 -26.80 29.53
N GLY J 203 -8.11 -25.69 29.37
CA GLY J 203 -7.88 -24.49 30.15
C GLY J 203 -7.08 -23.45 29.40
N LEU J 204 -6.81 -23.69 28.13
CA LEU J 204 -5.94 -22.87 27.33
C LEU J 204 -6.66 -21.69 26.68
N ILE J 205 -7.95 -21.85 26.43
CA ILE J 205 -8.84 -20.79 25.99
C ILE J 205 -10.12 -20.89 26.81
N ASP J 206 -10.94 -19.85 26.71
CA ASP J 206 -12.20 -19.83 27.47
C ASP J 206 -13.44 -20.13 26.62
N GLN J 207 -13.50 -19.65 25.38
CA GLN J 207 -14.71 -19.73 24.56
C GLN J 207 -14.38 -19.87 23.07
N ILE J 208 -15.15 -20.70 22.37
CA ILE J 208 -15.13 -20.78 20.90
C ILE J 208 -16.19 -19.86 20.33
N LEU J 209 -15.87 -19.13 19.27
CA LEU J 209 -16.85 -18.25 18.66
C LEU J 209 -17.63 -18.99 17.57
N GLU J 210 -18.95 -18.73 17.52
CA GLU J 210 -19.87 -19.48 16.69
C GLU J 210 -20.27 -18.70 15.44
N ASN J 211 -20.62 -19.44 14.39
CA ASN J 211 -20.97 -18.84 13.10
C ASN J 211 -22.43 -18.39 13.07
N ASP K 36 4.57 6.99 12.07
CA ASP K 36 5.12 5.71 12.51
C ASP K 36 4.97 5.55 14.02
N ILE K 37 4.78 4.30 14.46
CA ILE K 37 4.64 4.00 15.88
C ILE K 37 5.94 4.30 16.62
N TYR K 38 7.07 4.02 15.99
CA TYR K 38 8.38 4.28 16.58
C TYR K 38 8.67 5.77 16.72
N SER K 39 8.11 6.59 15.81
CA SER K 39 8.30 8.04 15.92
C SER K 39 7.69 8.62 17.19
N ARG K 40 6.53 8.13 17.58
CA ARG K 40 5.91 8.63 18.79
C ARG K 40 6.57 8.07 20.04
N LEU K 41 7.10 6.86 19.96
CA LEU K 41 7.89 6.36 21.07
C LEU K 41 9.16 7.19 21.22
N LEU K 42 9.75 7.64 20.10
CA LEU K 42 10.90 8.53 20.20
C LEU K 42 10.51 9.89 20.75
N LYS K 43 9.27 10.33 20.50
CA LYS K 43 8.81 11.59 21.07
C LYS K 43 8.75 11.53 22.59
N GLU K 44 8.57 10.33 23.14
CA GLU K 44 8.60 10.11 24.58
C GLU K 44 9.99 9.72 25.08
N ARG K 45 11.03 9.95 24.27
CA ARG K 45 12.41 9.73 24.67
C ARG K 45 12.69 8.25 24.95
N ILE K 46 12.03 7.38 24.18
CA ILE K 46 12.33 5.95 24.15
C ILE K 46 13.08 5.64 22.84
N VAL K 47 14.25 5.03 22.96
CA VAL K 47 14.99 4.52 21.81
C VAL K 47 15.13 3.02 22.01
N PHE K 48 14.94 2.25 20.94
CA PHE K 48 14.98 0.79 20.96
C PHE K 48 16.30 0.29 20.36
N LEU K 49 16.80 -0.81 20.91
CA LEU K 49 17.79 -1.65 20.22
C LEU K 49 17.21 -3.06 20.17
N VAL K 50 16.79 -3.48 18.98
CA VAL K 50 16.22 -4.81 18.79
C VAL K 50 17.06 -5.53 17.76
N GLY K 51 17.56 -6.70 18.12
CA GLY K 51 18.38 -7.48 17.23
C GLY K 51 19.86 -7.21 17.43
N PRO K 52 20.66 -7.66 16.46
CA PRO K 52 22.12 -7.64 16.64
C PRO K 52 22.71 -6.23 16.75
N VAL K 53 23.80 -6.13 17.50
CA VAL K 53 24.56 -4.90 17.61
C VAL K 53 25.54 -4.89 16.45
N THR K 54 25.27 -4.03 15.47
CA THR K 54 26.05 -3.82 14.27
C THR K 54 26.37 -2.33 14.12
N ASP K 55 27.33 -2.00 13.24
CA ASP K 55 27.67 -0.60 12.99
C ASP K 55 26.44 0.21 12.62
N GLU K 56 25.59 -0.38 11.82
CA GLU K 56 24.35 0.20 11.35
C GLU K 56 23.31 0.39 12.45
N SER K 57 23.00 -0.66 13.22
CA SER K 57 22.07 -0.49 14.32
C SER K 57 22.66 0.43 15.37
N ALA K 58 23.97 0.32 15.58
CA ALA K 58 24.63 1.15 16.59
C ALA K 58 24.55 2.62 16.25
N ASN K 59 24.89 2.98 15.01
CA ASN K 59 24.93 4.41 14.73
C ASN K 59 23.53 5.00 14.73
N LEU K 60 22.52 4.21 14.39
CA LEU K 60 21.14 4.65 14.51
C LEU K 60 20.78 4.97 15.96
N VAL K 61 21.19 4.11 16.90
CA VAL K 61 20.96 4.42 18.31
C VAL K 61 21.72 5.67 18.72
N VAL K 62 22.98 5.77 18.29
CA VAL K 62 23.82 6.92 18.64
C VAL K 62 23.19 8.21 18.11
N ALA K 63 22.67 8.18 16.89
CA ALA K 63 22.04 9.37 16.33
C ALA K 63 20.82 9.78 17.15
N GLN K 64 20.00 8.81 17.55
CA GLN K 64 18.80 9.12 18.33
C GLN K 64 19.16 9.68 19.70
N LEU K 65 20.20 9.15 20.33
CA LEU K 65 20.61 9.72 21.61
C LEU K 65 21.03 11.17 21.43
N LEU K 66 21.84 11.47 20.41
CA LEU K 66 22.27 12.83 20.18
C LEU K 66 21.07 13.73 19.89
N PHE K 67 20.10 13.21 19.15
CA PHE K 67 18.91 14.00 18.85
C PHE K 67 18.09 14.27 20.11
N LEU K 68 17.83 13.24 20.92
CA LEU K 68 17.02 13.45 22.12
C LEU K 68 17.69 14.43 23.09
N GLU K 69 19.01 14.35 23.23
CA GLU K 69 19.70 15.33 24.05
C GLU K 69 19.58 16.72 23.44
N SER K 70 19.71 16.80 22.11
CA SER K 70 19.55 18.07 21.41
C SER K 70 18.19 18.68 21.69
N GLU K 71 17.14 17.85 21.77
CA GLU K 71 15.80 18.35 22.03
C GLU K 71 15.65 18.84 23.48
N ASN K 72 16.30 18.20 24.43
CA ASN K 72 16.21 18.57 25.83
C ASN K 72 17.28 17.82 26.60
N PRO K 73 18.34 18.51 27.04
CA PRO K 73 19.44 17.82 27.74
C PRO K 73 19.16 17.44 29.17
N ASP K 74 17.98 17.72 29.73
CA ASP K 74 17.77 17.52 31.16
C ASP K 74 16.79 16.42 31.47
N LYS K 75 16.16 15.85 30.47
CA LYS K 75 15.23 14.78 30.72
C LYS K 75 15.84 13.43 30.40
N ASP K 76 15.49 12.45 31.23
CA ASP K 76 15.96 11.09 31.02
C ASP K 76 15.63 10.59 29.62
N ILE K 77 16.42 9.62 29.18
CA ILE K 77 16.20 8.87 27.95
C ILE K 77 15.98 7.43 28.36
N PHE K 78 15.11 6.72 27.65
CA PHE K 78 14.77 5.35 28.02
C PHE K 78 15.15 4.42 26.87
N PHE K 79 16.16 3.60 27.12
CA PHE K 79 16.79 2.73 26.14
C PHE K 79 16.25 1.32 26.38
N TYR K 80 15.36 0.87 25.50
CA TYR K 80 14.77 -0.46 25.58
C TYR K 80 15.62 -1.42 24.76
N ILE K 81 16.04 -2.53 25.37
CA ILE K 81 16.98 -3.45 24.76
C ILE K 81 16.37 -4.85 24.71
N ASN K 82 16.31 -5.42 23.51
CA ASN K 82 16.05 -6.85 23.26
C ASN K 82 17.06 -7.25 22.18
N SER K 83 18.22 -7.78 22.61
CA SER K 83 19.30 -8.03 21.66
C SER K 83 20.15 -9.24 22.03
N PRO K 84 20.58 -10.03 21.03
CA PRO K 84 21.45 -11.17 21.30
C PRO K 84 22.92 -10.80 21.36
N GLY K 85 23.29 -9.55 21.12
CA GLY K 85 24.68 -9.17 21.07
C GLY K 85 25.11 -8.68 19.71
N GLY K 86 26.41 -8.71 19.44
CA GLY K 86 26.90 -8.27 18.16
C GLY K 86 28.31 -7.72 18.29
N SER K 87 28.58 -6.68 17.51
CA SER K 87 29.91 -6.10 17.43
C SER K 87 30.28 -5.42 18.74
N VAL K 88 31.46 -5.75 19.26
CA VAL K 88 31.97 -5.08 20.46
C VAL K 88 32.20 -3.63 20.16
N THR K 89 32.79 -3.36 18.99
CA THR K 89 33.12 -2.00 18.58
C THR K 89 31.87 -1.17 18.38
N ALA K 90 30.87 -1.73 17.72
CA ALA K 90 29.63 -1.00 17.51
C ALA K 90 28.95 -0.73 18.84
N GLY K 91 28.98 -1.74 19.72
CA GLY K 91 28.43 -1.58 21.07
C GLY K 91 29.15 -0.52 21.88
N MET K 92 30.48 -0.43 21.74
CA MET K 92 31.22 0.57 22.49
C MET K 92 30.82 1.99 22.09
N SER K 93 30.45 2.21 20.83
CA SER K 93 30.07 3.55 20.42
C SER K 93 28.79 3.99 21.11
N ILE K 94 27.85 3.05 21.32
CA ILE K 94 26.66 3.34 22.11
C ILE K 94 27.04 3.67 23.55
N TYR K 95 27.86 2.81 24.17
CA TYR K 95 28.27 2.97 25.55
C TYR K 95 28.89 4.35 25.81
N ASP K 96 29.88 4.74 25.01
CA ASP K 96 30.50 6.04 25.23
C ASP K 96 29.49 7.17 25.00
N THR K 97 28.57 7.00 24.07
CA THR K 97 27.52 8.00 23.86
C THR K 97 26.58 8.08 25.06
N MET K 98 26.17 6.92 25.61
CA MET K 98 25.31 6.91 26.80
C MET K 98 25.99 7.66 27.95
N ASN K 99 27.29 7.42 28.16
CA ASN K 99 28.04 8.05 29.24
C ASN K 99 28.42 9.50 28.95
N PHE K 100 28.45 9.92 27.68
CA PHE K 100 28.90 11.27 27.37
C PHE K 100 27.79 12.30 27.53
N ILE K 101 26.58 11.97 27.08
CA ILE K 101 25.51 12.95 27.00
C ILE K 101 25.03 13.31 28.41
N LYS K 102 24.46 14.51 28.51
CA LYS K 102 23.99 15.00 29.81
C LYS K 102 22.82 14.16 30.36
N PRO K 103 21.77 13.83 29.59
CA PRO K 103 20.66 13.04 30.15
C PRO K 103 21.07 11.67 30.66
N ASP K 104 20.47 11.29 31.79
CA ASP K 104 20.55 9.93 32.28
C ASP K 104 19.99 8.98 31.24
N VAL K 105 20.68 7.88 30.98
CA VAL K 105 20.17 6.85 30.08
C VAL K 105 19.70 5.68 30.92
N SER K 106 18.40 5.56 31.08
CA SER K 106 17.82 4.38 31.67
C SER K 106 17.86 3.26 30.65
N THR K 107 18.12 2.03 31.11
CA THR K 107 18.08 0.87 30.26
C THR K 107 17.00 -0.07 30.79
N LEU K 108 16.33 -0.76 29.87
CA LEU K 108 15.32 -1.76 30.21
C LEU K 108 15.46 -2.95 29.30
N CYS K 109 15.56 -4.13 29.88
CA CYS K 109 15.66 -5.35 29.10
C CYS K 109 14.27 -5.96 28.98
N LEU K 110 13.83 -6.16 27.74
CA LEU K 110 12.64 -6.92 27.41
C LEU K 110 13.06 -7.99 26.42
N GLY K 111 12.58 -9.21 26.61
CA GLY K 111 13.04 -10.34 25.82
C GLY K 111 14.34 -10.91 26.34
N GLN K 112 15.46 -10.41 25.85
CA GLN K 112 16.74 -10.85 26.36
C GLN K 112 17.75 -9.74 26.17
N ALA K 113 18.82 -9.81 26.96
CA ALA K 113 20.02 -8.98 26.77
C ALA K 113 21.22 -9.91 26.95
N ALA K 114 21.85 -10.25 25.83
CA ALA K 114 22.95 -11.22 25.82
C ALA K 114 24.21 -10.58 25.28
N SER K 115 25.35 -10.94 25.87
CA SER K 115 26.67 -10.49 25.42
C SER K 115 26.64 -8.96 25.34
N MET K 116 27.01 -8.35 24.21
CA MET K 116 27.08 -6.91 24.12
C MET K 116 25.75 -6.23 24.47
N GLY K 117 24.64 -6.95 24.27
CA GLY K 117 23.36 -6.43 24.71
C GLY K 117 23.24 -6.33 26.22
N ALA K 118 23.75 -7.34 26.94
CA ALA K 118 23.81 -7.27 28.39
C ALA K 118 24.76 -6.18 28.86
N PHE K 119 25.89 -6.02 28.16
CA PHE K 119 26.82 -4.95 28.49
C PHE K 119 26.11 -3.61 28.45
N LEU K 120 25.33 -3.37 27.40
CA LEU K 120 24.65 -2.08 27.29
C LEU K 120 23.59 -1.92 28.37
N LEU K 121 22.91 -3.01 28.71
CA LEU K 121 21.93 -2.99 29.80
C LEU K 121 22.59 -2.59 31.11
N SER K 122 23.70 -3.24 31.47
CA SER K 122 24.40 -2.93 32.71
C SER K 122 24.97 -1.51 32.71
N ALA K 123 25.07 -0.87 31.55
CA ALA K 123 25.64 0.46 31.42
C ALA K 123 24.66 1.58 31.70
N GLY K 124 23.38 1.27 31.95
CA GLY K 124 22.42 2.31 32.25
C GLY K 124 22.70 3.04 33.54
N GLU K 125 22.06 4.20 33.69
CA GLU K 125 22.20 5.02 34.88
C GLU K 125 21.90 4.21 36.13
N LYS K 126 22.80 4.29 37.10
CA LYS K 126 22.70 3.44 38.27
C LYS K 126 21.44 3.79 39.08
N GLY K 127 20.62 2.78 39.33
CA GLY K 127 19.28 2.97 39.84
C GLY K 127 18.17 2.95 38.80
N LYS K 128 18.53 3.03 37.53
CA LYS K 128 17.55 3.15 36.46
C LYS K 128 17.78 2.09 35.39
N ARG K 129 18.30 0.93 35.79
CA ARG K 129 18.43 -0.22 34.91
C ARG K 129 17.38 -1.23 35.33
N PHE K 130 16.48 -1.57 34.41
CA PHE K 130 15.30 -2.39 34.66
C PHE K 130 15.28 -3.61 33.74
N ALA K 131 14.54 -4.62 34.16
CA ALA K 131 14.25 -5.75 33.30
C ALA K 131 12.82 -6.22 33.58
N LEU K 132 12.21 -6.80 32.56
CA LEU K 132 10.89 -7.36 32.70
C LEU K 132 10.95 -8.73 33.38
N PRO K 133 9.85 -9.18 33.96
CA PRO K 133 9.93 -10.37 34.84
C PRO K 133 10.54 -11.59 34.21
N ASN K 134 10.31 -11.80 32.92
CA ASN K 134 10.77 -13.02 32.28
C ASN K 134 11.89 -12.78 31.31
N SER K 135 12.52 -11.61 31.38
CA SER K 135 13.73 -11.36 30.62
C SER K 135 14.83 -12.33 31.04
N ARG K 136 15.76 -12.59 30.14
CA ARG K 136 16.97 -13.34 30.48
C ARG K 136 18.19 -12.54 30.02
N ILE K 137 19.23 -12.59 30.83
CA ILE K 137 20.49 -11.91 30.57
C ILE K 137 21.53 -12.99 30.38
N MET K 138 22.41 -12.79 29.40
CA MET K 138 23.53 -13.70 29.21
C MET K 138 24.79 -12.88 28.99
N ILE K 139 25.87 -13.32 29.65
CA ILE K 139 27.18 -12.69 29.55
C ILE K 139 28.20 -13.79 29.26
N HIS K 140 29.23 -13.45 28.49
CA HIS K 140 30.27 -14.42 28.19
C HIS K 140 31.52 -13.70 27.71
N GLN K 141 32.64 -14.43 27.74
CA GLN K 141 33.90 -13.92 27.22
C GLN K 141 33.81 -13.78 25.70
N PRO K 142 34.73 -13.02 25.08
CA PRO K 142 34.65 -12.83 23.63
C PRO K 142 34.77 -14.13 22.86
N LEU K 143 34.34 -14.07 21.60
CA LEU K 143 34.18 -15.23 20.73
C LEU K 143 34.74 -14.91 19.36
N ILE K 144 35.15 -15.98 18.67
CA ILE K 144 35.54 -15.93 17.25
C ILE K 144 35.10 -17.25 16.61
N SER K 145 34.49 -17.14 15.43
CA SER K 145 34.03 -18.31 14.68
C SER K 145 35.12 -18.96 13.81
N LEU K 148 43.05 -14.66 12.35
CA LEU K 148 43.46 -15.87 13.06
C LEU K 148 43.53 -16.99 12.06
N GLY K 149 44.24 -16.66 10.99
CA GLY K 149 44.69 -17.59 9.98
C GLY K 149 45.98 -17.09 9.35
N GLY K 150 46.77 -16.34 10.10
CA GLY K 150 48.05 -15.93 9.55
C GLY K 150 49.26 -16.58 10.20
N GLN K 151 50.31 -15.78 10.36
CA GLN K 151 51.54 -16.21 10.99
C GLN K 151 51.40 -16.20 12.51
N ALA K 152 52.26 -16.98 13.18
CA ALA K 152 52.21 -17.02 14.64
C ALA K 152 52.33 -15.63 15.23
N SER K 153 53.13 -14.75 14.61
CA SER K 153 53.17 -13.35 15.04
C SER K 153 51.81 -12.68 14.94
N ASP K 154 51.08 -12.94 13.84
CA ASP K 154 49.77 -12.32 13.65
C ASP K 154 48.74 -12.89 14.60
N ILE K 155 48.78 -14.20 14.81
CA ILE K 155 47.83 -14.83 15.70
C ILE K 155 48.08 -14.40 17.14
N GLU K 156 49.34 -14.24 17.52
CA GLU K 156 49.64 -13.69 18.84
C GLU K 156 49.01 -12.32 19.00
N ILE K 157 49.17 -11.45 17.99
CA ILE K 157 48.64 -10.10 18.06
C ILE K 157 47.13 -10.12 18.21
N HIS K 158 46.45 -10.95 17.42
CA HIS K 158 45.01 -10.95 17.49
C HIS K 158 44.53 -11.66 18.74
N ALA K 159 45.20 -12.73 19.15
CA ALA K 159 44.87 -13.33 20.43
C ALA K 159 45.07 -12.34 21.58
N ARG K 160 46.18 -11.63 21.59
CA ARG K 160 46.36 -10.71 22.69
C ARG K 160 45.34 -9.58 22.62
N GLU K 161 45.00 -9.11 21.42
CA GLU K 161 43.96 -8.08 21.33
C GLU K 161 42.62 -8.62 21.82
N LEU K 162 42.34 -9.90 21.59
CA LEU K 162 41.11 -10.52 22.06
C LEU K 162 41.06 -10.56 23.58
N LEU K 163 42.19 -10.78 24.23
CA LEU K 163 42.22 -10.80 25.69
C LEU K 163 42.11 -9.40 26.25
N LYS K 164 42.66 -8.41 25.56
CA LYS K 164 42.49 -7.04 26.02
C LYS K 164 41.02 -6.68 26.03
N ILE K 165 40.31 -7.05 24.96
CA ILE K 165 38.88 -6.78 24.87
C ILE K 165 38.13 -7.50 25.99
N LYS K 166 38.46 -8.77 26.21
CA LYS K 166 37.85 -9.53 27.30
C LYS K 166 38.04 -8.80 28.62
N GLU K 167 39.27 -8.36 28.87
CA GLU K 167 39.56 -7.68 30.13
C GLU K 167 38.85 -6.35 30.22
N LYS K 168 38.82 -5.59 29.11
CA LYS K 168 38.18 -4.28 29.12
C LYS K 168 36.70 -4.42 29.43
N LEU K 169 36.02 -5.35 28.75
CA LEU K 169 34.59 -5.55 28.99
C LEU K 169 34.35 -6.08 30.39
N ASN K 170 35.22 -6.99 30.87
CA ASN K 170 35.07 -7.53 32.21
C ASN K 170 35.27 -6.46 33.29
N ARG K 171 36.29 -5.61 33.14
CA ARG K 171 36.51 -4.55 34.12
C ARG K 171 35.37 -3.54 34.08
N LEU K 172 34.96 -3.14 32.88
CA LEU K 172 33.85 -2.22 32.74
C LEU K 172 32.60 -2.80 33.39
N MET K 173 32.35 -4.10 33.19
CA MET K 173 31.18 -4.68 33.81
C MET K 173 31.36 -4.82 35.31
N ALA K 174 32.60 -5.03 35.76
CA ALA K 174 32.81 -5.03 37.19
C ALA K 174 32.39 -3.70 37.81
N LYS K 175 32.72 -2.59 37.17
CA LYS K 175 32.30 -1.29 37.73
C LYS K 175 30.78 -1.17 37.72
N HIS K 176 30.12 -1.64 36.66
CA HIS K 176 28.66 -1.58 36.57
C HIS K 176 28.00 -2.34 37.71
N CYS K 177 28.58 -3.47 38.10
CA CYS K 177 28.02 -4.38 39.09
C CYS K 177 28.53 -4.19 40.51
N ASP K 178 29.46 -3.24 40.73
CA ASP K 178 30.16 -3.13 42.01
C ASP K 178 30.80 -4.46 42.39
N ARG K 179 31.54 -5.05 41.44
CA ARG K 179 32.27 -6.29 41.66
C ARG K 179 33.71 -6.07 41.19
N ASP K 180 34.47 -7.16 41.05
CA ASP K 180 35.85 -7.08 40.60
C ASP K 180 36.09 -7.78 39.26
N LEU K 181 37.17 -7.38 38.59
CA LEU K 181 37.58 -8.00 37.35
C LEU K 181 37.67 -9.53 37.47
N ALA K 182 38.17 -10.03 38.60
CA ALA K 182 38.28 -11.47 38.79
C ALA K 182 36.90 -12.13 38.83
N ASP K 183 35.91 -11.43 39.41
CA ASP K 183 34.53 -11.92 39.45
C ASP K 183 33.98 -12.15 38.06
N LEU K 184 34.12 -11.13 37.21
CA LEU K 184 33.62 -11.20 35.84
C LEU K 184 34.42 -12.18 35.00
N GLU K 185 35.72 -12.34 35.28
CA GLU K 185 36.51 -13.33 34.54
C GLU K 185 36.06 -14.78 34.83
N ARG K 186 35.80 -15.14 36.10
CA ARG K 186 35.23 -16.48 36.27
C ARG K 186 33.76 -16.56 35.84
N ASP K 187 33.00 -15.46 35.93
CA ASP K 187 31.57 -15.58 35.69
C ASP K 187 31.20 -15.46 34.22
N THR K 188 32.11 -14.98 33.37
CA THR K 188 31.89 -15.00 31.92
C THR K 188 32.75 -16.05 31.25
N ASP K 189 33.45 -16.87 32.03
CA ASP K 189 34.37 -17.84 31.47
C ASP K 189 33.67 -18.77 30.49
N ARG K 190 32.45 -19.17 30.83
CA ARG K 190 31.58 -19.88 29.90
C ARG K 190 30.24 -19.17 29.90
N ASP K 191 29.32 -19.60 29.04
CA ASP K 191 28.05 -18.91 28.89
C ASP K 191 27.31 -18.86 30.21
N ASN K 192 26.94 -17.64 30.63
CA ASN K 192 26.29 -17.40 31.91
C ASN K 192 24.88 -16.81 31.69
N PHE K 193 23.88 -17.68 31.74
CA PHE K 193 22.48 -17.31 31.63
C PHE K 193 21.93 -16.96 33.00
N MET K 194 21.20 -15.86 33.10
CA MET K 194 20.69 -15.39 34.37
C MET K 194 19.23 -15.01 34.24
N SER K 195 18.42 -15.40 35.22
CA SER K 195 17.09 -14.83 35.31
C SER K 195 17.19 -13.35 35.67
N ALA K 196 16.07 -12.64 35.57
CA ALA K 196 16.07 -11.22 35.93
C ALA K 196 16.47 -11.04 37.40
N GLU K 197 16.02 -11.93 38.28
CA GLU K 197 16.45 -11.85 39.67
C GLU K 197 17.91 -12.25 39.83
N GLU K 198 18.39 -13.21 39.06
CA GLU K 198 19.83 -13.45 39.13
C GLU K 198 20.60 -12.22 38.64
N ALA K 199 20.06 -11.51 37.64
CA ALA K 199 20.73 -10.33 37.11
C ALA K 199 20.74 -9.18 38.11
N LYS K 200 19.63 -9.00 38.85
CA LYS K 200 19.57 -7.95 39.86
C LYS K 200 20.55 -8.24 40.99
N GLU K 201 20.61 -9.50 41.43
CA GLU K 201 21.58 -9.87 42.46
C GLU K 201 23.00 -9.67 41.97
N TYR K 202 23.24 -9.88 40.68
CA TYR K 202 24.61 -9.77 40.20
C TYR K 202 25.05 -8.31 40.15
N GLY K 203 24.11 -7.38 40.05
CA GLY K 203 24.43 -5.98 39.88
C GLY K 203 24.26 -5.42 38.49
N LEU K 204 23.71 -6.19 37.53
CA LEU K 204 23.56 -5.68 36.17
C LEU K 204 22.31 -4.83 35.99
N ILE K 205 21.28 -5.08 36.80
CA ILE K 205 20.09 -4.25 36.82
C ILE K 205 19.76 -3.91 38.26
N ASP K 206 18.80 -2.99 38.43
CA ASP K 206 18.42 -2.47 39.74
C ASP K 206 17.08 -3.02 40.23
N GLN K 207 16.08 -2.93 39.37
CA GLN K 207 14.65 -3.04 39.55
C GLN K 207 14.16 -4.12 38.58
N ILE K 208 13.30 -5.04 39.00
CA ILE K 208 12.52 -5.81 38.05
C ILE K 208 11.12 -5.19 38.03
N LEU K 209 10.58 -4.96 36.85
CA LEU K 209 9.26 -4.36 36.76
C LEU K 209 8.21 -5.45 36.89
N GLU K 210 7.52 -5.50 38.02
CA GLU K 210 6.47 -6.48 38.29
C GLU K 210 5.19 -5.69 38.54
N ASN K 211 4.56 -5.24 37.46
CA ASN K 211 3.34 -4.42 37.59
C ASN K 211 2.19 -4.96 36.74
N ASP L 36 14.99 13.36 7.73
CA ASP L 36 15.72 12.27 8.37
C ASP L 36 16.66 12.75 9.47
N ILE L 37 16.84 11.90 10.50
CA ILE L 37 17.63 12.28 11.67
C ILE L 37 19.06 12.62 11.26
N TYR L 38 19.59 11.89 10.27
CA TYR L 38 20.94 12.14 9.77
C TYR L 38 21.04 13.48 9.05
N SER L 39 19.99 13.90 8.34
CA SER L 39 19.99 15.24 7.78
C SER L 39 20.04 16.26 8.90
N ARG L 40 19.39 15.91 9.98
CA ARG L 40 19.21 16.80 11.09
C ARG L 40 20.58 17.03 11.79
N LEU L 41 21.47 16.03 11.73
CA LEU L 41 22.89 16.15 12.12
C LEU L 41 23.71 16.94 11.11
N LEU L 42 23.40 16.80 9.82
CA LEU L 42 24.17 17.56 8.82
C LEU L 42 23.96 19.06 8.95
N LYS L 43 22.77 19.47 9.38
CA LYS L 43 22.55 20.89 9.60
C LYS L 43 23.46 21.45 10.69
N GLU L 44 23.92 20.60 11.61
CA GLU L 44 24.88 21.00 12.63
C GLU L 44 26.31 20.79 12.18
N ARG L 45 26.52 20.55 10.88
CA ARG L 45 27.85 20.39 10.27
C ARG L 45 28.58 19.14 10.77
N ILE L 46 27.83 18.06 11.01
CA ILE L 46 28.39 16.74 11.32
C ILE L 46 28.25 15.84 10.10
N VAL L 47 29.37 15.23 9.67
CA VAL L 47 29.42 14.24 8.61
C VAL L 47 29.89 12.91 9.19
N PHE L 48 29.21 11.84 8.80
CA PHE L 48 29.50 10.51 9.30
C PHE L 48 30.26 9.72 8.25
N LEU L 49 31.17 8.88 8.70
CA LEU L 49 31.66 7.76 7.90
C LEU L 49 31.46 6.53 8.78
N VAL L 50 30.46 5.72 8.43
CA VAL L 50 30.10 4.52 9.17
C VAL L 50 30.22 3.34 8.23
N GLY L 51 31.03 2.35 8.61
CA GLY L 51 31.23 1.16 7.81
C GLY L 51 32.42 1.29 6.88
N PRO L 52 32.50 0.41 5.89
CA PRO L 52 33.67 0.37 5.00
C PRO L 52 33.83 1.64 4.17
N VAL L 53 35.10 1.93 3.84
CA VAL L 53 35.43 3.04 2.96
C VAL L 53 35.44 2.49 1.52
N THR L 54 34.42 2.87 0.77
CA THR L 54 34.24 2.54 -0.64
C THR L 54 34.12 3.81 -1.45
N ASP L 55 34.23 3.65 -2.78
CA ASP L 55 34.01 4.79 -3.68
C ASP L 55 32.71 5.50 -3.37
N GLU L 56 31.70 4.73 -2.99
CA GLU L 56 30.35 5.23 -2.75
C GLU L 56 30.26 6.00 -1.43
N SER L 57 30.69 5.39 -0.32
CA SER L 57 30.72 6.10 0.94
C SER L 57 31.70 7.27 0.88
N ALA L 58 32.83 7.08 0.19
CA ALA L 58 33.82 8.14 0.10
C ALA L 58 33.24 9.36 -0.57
N ASN L 59 32.58 9.16 -1.71
CA ASN L 59 32.13 10.34 -2.45
C ASN L 59 30.93 10.98 -1.78
N LEU L 60 30.14 10.21 -1.01
CA LEU L 60 29.15 10.85 -0.15
C LEU L 60 29.81 11.76 0.89
N VAL L 61 30.91 11.32 1.50
CA VAL L 61 31.60 12.21 2.42
C VAL L 61 32.14 13.43 1.68
N VAL L 62 32.76 13.23 0.51
CA VAL L 62 33.34 14.34 -0.25
C VAL L 62 32.25 15.36 -0.63
N ALA L 63 31.08 14.88 -1.06
CA ALA L 63 30.00 15.77 -1.46
C ALA L 63 29.52 16.64 -0.29
N GLN L 64 29.36 16.04 0.90
CA GLN L 64 28.91 16.80 2.05
C GLN L 64 29.93 17.84 2.48
N LEU L 65 31.21 17.50 2.40
CA LEU L 65 32.25 18.45 2.74
C LEU L 65 32.17 19.68 1.84
N LEU L 66 32.00 19.45 0.54
CA LEU L 66 31.85 20.55 -0.39
C LEU L 66 30.59 21.36 -0.07
N PHE L 67 29.49 20.69 0.25
CA PHE L 67 28.26 21.41 0.57
C PHE L 67 28.41 22.24 1.83
N LEU L 68 28.97 21.66 2.88
CA LEU L 68 29.07 22.40 4.13
C LEU L 68 29.94 23.63 3.95
N GLU L 69 31.01 23.51 3.15
CA GLU L 69 31.87 24.66 2.86
C GLU L 69 31.14 25.73 2.07
N SER L 70 30.32 25.35 1.08
CA SER L 70 29.54 26.34 0.35
C SER L 70 28.54 27.06 1.27
N GLU L 71 27.95 26.32 2.22
CA GLU L 71 27.01 26.93 3.18
C GLU L 71 27.70 27.89 4.14
N ASN L 72 28.96 27.62 4.49
CA ASN L 72 29.71 28.53 5.35
C ASN L 72 31.18 28.11 5.39
N PRO L 73 32.06 28.80 4.65
CA PRO L 73 33.46 28.39 4.60
C PRO L 73 34.26 28.70 5.86
N ASP L 74 33.63 29.26 6.89
CA ASP L 74 34.37 29.77 8.03
C ASP L 74 34.07 29.02 9.33
N LYS L 75 33.10 28.09 9.32
CA LYS L 75 32.76 27.28 10.48
C LYS L 75 33.40 25.91 10.34
N ASP L 76 33.91 25.39 11.45
CA ASP L 76 34.49 24.06 11.51
C ASP L 76 33.48 23.02 11.02
N ILE L 77 34.00 21.88 10.57
CA ILE L 77 33.20 20.71 10.22
C ILE L 77 33.59 19.57 11.15
N PHE L 78 32.64 18.69 11.47
CA PHE L 78 32.88 17.60 12.40
C PHE L 78 32.65 16.27 11.70
N PHE L 79 33.74 15.51 11.56
CA PHE L 79 33.75 14.24 10.83
C PHE L 79 33.80 13.11 11.84
N TYR L 80 32.65 12.47 12.08
CA TYR L 80 32.58 11.36 13.02
C TYR L 80 32.88 10.06 12.26
N ILE L 81 33.80 9.25 12.79
CA ILE L 81 34.32 8.08 12.08
C ILE L 81 34.11 6.84 12.92
N ASN L 82 33.41 5.85 12.35
CA ASN L 82 33.29 4.48 12.89
C ASN L 82 33.50 3.52 11.73
N SER L 83 34.76 3.17 11.48
CA SER L 83 35.05 2.46 10.25
C SER L 83 36.17 1.44 10.39
N PRO L 84 36.02 0.28 9.74
CA PRO L 84 37.05 -0.75 9.73
C PRO L 84 38.11 -0.60 8.65
N GLY L 85 38.02 0.41 7.78
CA GLY L 85 38.94 0.58 6.67
C GLY L 85 38.26 0.56 5.31
N GLY L 86 39.01 0.26 4.27
CA GLY L 86 38.44 0.12 2.94
C GLY L 86 39.45 0.50 1.88
N SER L 87 38.93 1.06 0.79
CA SER L 87 39.72 1.38 -0.39
C SER L 87 40.64 2.56 -0.12
N VAL L 88 41.93 2.39 -0.41
CA VAL L 88 42.88 3.48 -0.18
C VAL L 88 42.60 4.65 -1.13
N THR L 89 42.31 4.38 -2.40
CA THR L 89 42.04 5.46 -3.34
C THR L 89 40.78 6.22 -2.92
N ALA L 90 39.74 5.50 -2.51
CA ALA L 90 38.51 6.16 -2.05
C ALA L 90 38.76 6.99 -0.80
N GLY L 91 39.57 6.47 0.13
CA GLY L 91 39.95 7.25 1.30
C GLY L 91 40.77 8.49 0.93
N MET L 92 41.67 8.33 -0.05
CA MET L 92 42.49 9.45 -0.51
C MET L 92 41.65 10.60 -1.07
N SER L 93 40.50 10.30 -1.68
CA SER L 93 39.66 11.39 -2.15
C SER L 93 39.06 12.17 -0.98
N ILE L 94 38.62 11.49 0.09
CA ILE L 94 38.15 12.21 1.27
C ILE L 94 39.29 13.04 1.88
N TYR L 95 40.46 12.42 2.05
CA TYR L 95 41.62 13.08 2.62
C TYR L 95 41.94 14.39 1.89
N ASP L 96 42.05 14.31 0.56
CA ASP L 96 42.39 15.49 -0.21
C ASP L 96 41.29 16.54 -0.12
N THR L 97 40.02 16.12 -0.01
CA THR L 97 38.94 17.08 0.20
C THR L 97 39.04 17.73 1.58
N MET L 98 39.38 16.95 2.62
CA MET L 98 39.54 17.54 3.96
C MET L 98 40.61 18.63 3.95
N ASN L 99 41.71 18.40 3.22
CA ASN L 99 42.79 19.37 3.18
C ASN L 99 42.55 20.55 2.24
N PHE L 100 41.66 20.40 1.26
CA PHE L 100 41.51 21.46 0.26
C PHE L 100 40.57 22.56 0.75
N ILE L 101 39.48 22.20 1.42
CA ILE L 101 38.48 23.17 1.78
C ILE L 101 39.00 24.12 2.87
N LYS L 102 38.39 25.30 2.95
CA LYS L 102 38.73 26.31 3.94
C LYS L 102 38.37 25.92 5.38
N PRO L 103 37.18 25.36 5.65
CA PRO L 103 36.84 25.01 7.04
C PRO L 103 37.82 23.98 7.61
N ASP L 104 38.14 24.15 8.89
CA ASP L 104 38.81 23.07 9.61
C ASP L 104 37.92 21.85 9.67
N VAL L 105 38.48 20.68 9.38
CA VAL L 105 37.74 19.42 9.53
C VAL L 105 38.27 18.76 10.80
N SER L 106 37.46 18.85 11.85
CA SER L 106 37.71 18.12 13.07
C SER L 106 37.28 16.66 12.88
N THR L 107 38.05 15.73 13.44
CA THR L 107 37.68 14.32 13.39
C THR L 107 37.45 13.78 14.79
N LEU L 108 36.52 12.85 14.89
CA LEU L 108 36.19 12.20 16.15
C LEU L 108 35.94 10.73 15.87
N CYS L 109 36.58 9.85 16.65
CA CYS L 109 36.40 8.42 16.50
C CYS L 109 35.40 7.91 17.54
N LEU L 110 34.36 7.23 17.09
CA LEU L 110 33.47 6.48 17.98
C LEU L 110 33.35 5.03 17.50
N GLY L 111 33.46 4.10 18.44
CA GLY L 111 33.52 2.69 18.12
C GLY L 111 34.93 2.33 17.70
N GLN L 112 35.23 2.43 16.41
CA GLN L 112 36.59 2.13 15.93
C GLN L 112 36.93 2.95 14.70
N ALA L 113 38.24 3.14 14.51
CA ALA L 113 38.81 3.69 13.28
C ALA L 113 40.03 2.85 12.96
N ALA L 114 39.92 2.00 11.96
CA ALA L 114 40.97 1.05 11.60
C ALA L 114 41.39 1.24 10.15
N SER L 115 42.69 1.04 9.90
CA SER L 115 43.26 1.11 8.54
C SER L 115 42.89 2.47 7.97
N MET L 116 42.28 2.55 6.79
CA MET L 116 41.94 3.84 6.21
C MET L 116 41.06 4.68 7.15
N GLY L 117 40.32 4.02 8.04
CA GLY L 117 39.60 4.78 9.04
C GLY L 117 40.51 5.49 10.01
N ALA L 118 41.56 4.81 10.48
CA ALA L 118 42.51 5.47 11.36
C ALA L 118 43.26 6.57 10.63
N PHE L 119 43.62 6.32 9.37
CA PHE L 119 44.28 7.35 8.57
C PHE L 119 43.47 8.62 8.53
N LEU L 120 42.17 8.51 8.18
CA LEU L 120 41.34 9.70 8.06
C LEU L 120 41.16 10.39 9.41
N LEU L 121 41.05 9.60 10.48
CA LEU L 121 41.03 10.18 11.81
C LEU L 121 42.28 11.02 12.06
N SER L 122 43.46 10.42 11.82
CA SER L 122 44.70 11.15 12.07
C SER L 122 44.86 12.35 11.17
N ALA L 123 44.07 12.42 10.09
CA ALA L 123 44.19 13.51 9.14
C ALA L 123 43.39 14.74 9.54
N GLY L 124 42.63 14.68 10.65
CA GLY L 124 41.87 15.84 11.08
C GLY L 124 42.75 17.01 11.44
N GLU L 125 42.12 18.19 11.52
CA GLU L 125 42.84 19.40 11.90
C GLU L 125 43.56 19.23 13.24
N LYS L 126 44.85 19.55 13.26
CA LYS L 126 45.65 19.38 14.47
C LYS L 126 45.15 20.26 15.61
N GLY L 127 44.91 19.63 16.74
CA GLY L 127 44.22 20.23 17.85
C GLY L 127 42.76 19.86 17.93
N LYS L 128 42.19 19.25 16.88
CA LYS L 128 40.76 18.99 16.75
C LYS L 128 40.47 17.56 16.32
N ARG L 129 41.34 16.62 16.66
CA ARG L 129 41.12 15.20 16.39
C ARG L 129 40.78 14.51 17.71
N PHE L 130 39.61 13.91 17.77
CA PHE L 130 39.11 13.39 19.03
C PHE L 130 38.78 11.90 18.96
N ALA L 131 38.75 11.27 20.13
CA ALA L 131 38.28 9.92 20.30
C ALA L 131 37.49 9.83 21.60
N LEU L 132 36.49 8.95 21.60
CA LEU L 132 35.71 8.65 22.80
C LEU L 132 36.48 7.65 23.66
N PRO L 133 36.20 7.59 24.97
CA PRO L 133 37.09 6.84 25.88
C PRO L 133 37.34 5.40 25.48
N ASN L 134 36.38 4.72 24.89
CA ASN L 134 36.51 3.31 24.59
C ASN L 134 36.63 3.03 23.11
N SER L 135 36.92 4.05 22.31
CA SER L 135 37.24 3.87 20.91
C SER L 135 38.47 2.98 20.74
N ARG L 136 38.56 2.35 19.58
CA ARG L 136 39.66 1.46 19.25
C ARG L 136 40.30 2.01 17.98
N ILE L 137 41.63 2.10 17.94
CA ILE L 137 42.34 2.57 16.76
C ILE L 137 43.27 1.46 16.29
N MET L 138 43.24 1.18 14.99
CA MET L 138 44.16 0.21 14.41
C MET L 138 44.70 0.72 13.09
N ILE L 139 46.01 0.55 12.93
CA ILE L 139 46.76 0.93 11.75
C ILE L 139 47.55 -0.30 11.32
N HIS L 140 47.71 -0.45 10.01
CA HIS L 140 48.48 -1.58 9.51
C HIS L 140 48.93 -1.28 8.10
N GLN L 141 49.93 -2.01 7.64
CA GLN L 141 50.36 -1.89 6.26
C GLN L 141 49.28 -2.44 5.30
N PRO L 142 49.39 -2.11 4.02
CA PRO L 142 48.36 -2.55 3.06
C PRO L 142 48.31 -4.06 2.96
N LEU L 143 47.13 -4.54 2.62
CA LEU L 143 46.82 -5.96 2.53
C LEU L 143 45.85 -6.12 1.38
N ILE L 144 46.10 -7.09 0.50
CA ILE L 144 45.15 -7.37 -0.55
C ILE L 144 44.74 -8.83 -0.49
N SER L 145 43.61 -9.14 -1.14
CA SER L 145 42.93 -10.41 -0.96
C SER L 145 43.58 -11.55 -1.77
N GLY L 146 43.59 -11.44 -3.10
CA GLY L 146 44.10 -12.50 -3.95
C GLY L 146 45.12 -12.06 -4.99
N LEU L 148 48.70 -12.89 -6.25
CA LEU L 148 48.28 -11.87 -7.22
C LEU L 148 47.95 -12.42 -8.61
N GLY L 149 48.17 -11.59 -9.64
CA GLY L 149 47.71 -11.86 -10.99
C GLY L 149 48.59 -12.74 -11.86
N GLY L 150 49.03 -12.22 -13.00
CA GLY L 150 49.60 -13.09 -14.02
C GLY L 150 51.11 -13.13 -14.17
N GLN L 151 51.64 -12.44 -15.19
CA GLN L 151 53.07 -12.55 -15.49
C GLN L 151 53.91 -11.86 -14.42
N ALA L 152 55.16 -12.34 -14.30
CA ALA L 152 56.10 -11.79 -13.33
C ALA L 152 56.28 -10.29 -13.51
N SER L 153 56.30 -9.82 -14.76
CA SER L 153 56.35 -8.38 -15.01
C SER L 153 55.17 -7.66 -14.38
N ASP L 154 53.97 -8.24 -14.51
CA ASP L 154 52.77 -7.61 -13.99
C ASP L 154 52.76 -7.67 -12.47
N ILE L 155 53.27 -8.76 -11.90
CA ILE L 155 53.30 -8.89 -10.45
C ILE L 155 54.28 -7.88 -9.87
N GLU L 156 55.42 -7.67 -10.56
CA GLU L 156 56.38 -6.62 -10.16
C GLU L 156 55.74 -5.24 -10.19
N ILE L 157 55.02 -4.93 -11.26
CA ILE L 157 54.39 -3.62 -11.37
C ILE L 157 53.44 -3.43 -10.19
N HIS L 158 52.64 -4.44 -9.87
CA HIS L 158 51.65 -4.28 -8.82
C HIS L 158 52.25 -4.37 -7.43
N ALA L 159 53.27 -5.22 -7.23
CA ALA L 159 53.98 -5.21 -5.96
C ALA L 159 54.58 -3.83 -5.68
N ARG L 160 55.24 -3.23 -6.67
CA ARG L 160 55.83 -1.92 -6.44
C ARG L 160 54.75 -0.87 -6.22
N GLU L 161 53.63 -0.98 -6.92
CA GLU L 161 52.56 -0.03 -6.68
C GLU L 161 52.01 -0.17 -5.27
N LEU L 162 51.93 -1.42 -4.78
CA LEU L 162 51.45 -1.66 -3.43
C LEU L 162 52.41 -1.10 -2.38
N LEU L 163 53.71 -1.22 -2.61
CA LEU L 163 54.69 -0.67 -1.68
C LEU L 163 54.70 0.85 -1.72
N LYS L 164 54.49 1.46 -2.88
CA LYS L 164 54.37 2.91 -2.94
C LYS L 164 53.19 3.39 -2.10
N ILE L 165 52.06 2.71 -2.22
CA ILE L 165 50.91 3.05 -1.40
C ILE L 165 51.27 2.87 0.07
N LYS L 166 51.92 1.75 0.40
CA LYS L 166 52.35 1.52 1.76
C LYS L 166 53.25 2.66 2.24
N GLU L 167 54.23 3.02 1.42
CA GLU L 167 55.16 4.06 1.85
C GLU L 167 54.46 5.43 1.94
N LYS L 168 53.56 5.73 1.01
CA LYS L 168 52.84 6.99 1.07
C LYS L 168 52.00 7.10 2.36
N LEU L 169 51.29 6.03 2.73
CA LEU L 169 50.43 6.08 3.91
C LEU L 169 51.25 6.23 5.19
N ASN L 170 52.36 5.49 5.27
CA ASN L 170 53.24 5.61 6.42
C ASN L 170 53.87 6.99 6.51
N ARG L 171 54.25 7.58 5.36
CA ARG L 171 54.83 8.91 5.39
C ARG L 171 53.80 9.93 5.87
N LEU L 172 52.59 9.88 5.29
CA LEU L 172 51.53 10.82 5.64
C LEU L 172 51.11 10.65 7.10
N MET L 173 51.01 9.41 7.57
CA MET L 173 50.69 9.23 8.96
C MET L 173 51.84 9.66 9.86
N ALA L 174 53.08 9.48 9.40
CA ALA L 174 54.23 9.98 10.18
C ALA L 174 54.15 11.50 10.31
N LYS L 175 53.76 12.20 9.24
CA LYS L 175 53.53 13.64 9.35
C LYS L 175 52.37 13.96 10.29
N HIS L 176 51.26 13.23 10.17
CA HIS L 176 50.10 13.47 11.04
C HIS L 176 50.45 13.28 12.49
N CYS L 177 51.28 12.28 12.78
CA CYS L 177 51.65 11.98 14.17
C CYS L 177 52.89 12.72 14.58
N ASP L 178 53.47 13.50 13.67
CA ASP L 178 54.69 14.20 13.95
C ASP L 178 55.76 13.22 14.44
N ARG L 179 55.93 12.13 13.67
CA ARG L 179 56.88 11.06 13.95
C ARG L 179 57.69 10.74 12.70
N ASP L 180 58.72 9.92 12.89
CA ASP L 180 59.58 9.49 11.79
C ASP L 180 58.94 8.31 11.06
N LEU L 181 59.23 8.23 9.77
CA LEU L 181 58.73 7.12 8.95
C LEU L 181 59.16 5.75 9.50
N ALA L 182 60.37 5.65 10.06
CA ALA L 182 60.80 4.37 10.59
C ALA L 182 59.88 3.92 11.73
N ASP L 183 59.34 4.87 12.50
CA ASP L 183 58.34 4.53 13.52
C ASP L 183 57.10 3.90 12.89
N LEU L 184 56.53 4.55 11.86
CA LEU L 184 55.33 4.01 11.23
C LEU L 184 55.61 2.72 10.47
N GLU L 185 56.81 2.56 9.89
CA GLU L 185 57.16 1.30 9.25
C GLU L 185 57.19 0.17 10.28
N ARG L 186 57.84 0.42 11.40
CA ARG L 186 57.89 -0.57 12.47
C ARG L 186 56.50 -0.82 13.04
N ASP L 187 55.69 0.22 13.19
CA ASP L 187 54.44 0.09 13.94
C ASP L 187 53.25 -0.31 13.09
N THR L 188 53.37 -0.34 11.76
CA THR L 188 52.32 -0.90 10.90
C THR L 188 52.72 -2.23 10.29
N ASP L 189 53.88 -2.79 10.65
CA ASP L 189 54.34 -4.01 10.02
C ASP L 189 53.30 -5.09 10.15
N ARG L 190 52.71 -5.22 11.33
CA ARG L 190 51.58 -6.08 11.57
C ARG L 190 50.50 -5.22 12.20
N ASP L 191 49.35 -5.83 12.45
CA ASP L 191 48.22 -5.09 13.02
C ASP L 191 48.57 -4.45 14.35
N ASN L 192 48.31 -3.17 14.46
CA ASN L 192 48.63 -2.39 15.66
C ASN L 192 47.36 -1.81 16.28
N PHE L 193 46.84 -2.47 17.31
CA PHE L 193 45.63 -2.05 18.01
C PHE L 193 45.99 -1.07 19.13
N MET L 194 45.28 0.04 19.20
CA MET L 194 45.60 1.09 20.17
C MET L 194 44.33 1.56 20.84
N SER L 195 44.41 1.76 22.15
CA SER L 195 43.38 2.45 22.90
C SER L 195 43.37 3.93 22.52
N ALA L 196 42.34 4.64 22.97
CA ALA L 196 42.32 6.08 22.73
C ALA L 196 43.54 6.76 23.35
N GLU L 197 43.96 6.32 24.55
CA GLU L 197 45.12 6.92 25.20
C GLU L 197 46.39 6.53 24.48
N GLU L 198 46.47 5.29 23.98
CA GLU L 198 47.63 4.89 23.18
C GLU L 198 47.69 5.70 21.89
N ALA L 199 46.52 6.01 21.31
CA ALA L 199 46.46 6.81 20.08
C ALA L 199 46.82 8.26 20.36
N LYS L 200 46.43 8.77 21.53
CA LYS L 200 46.76 10.15 21.86
C LYS L 200 48.25 10.31 22.08
N GLU L 201 48.85 9.37 22.80
CA GLU L 201 50.28 9.39 23.00
C GLU L 201 51.02 9.21 21.69
N TYR L 202 50.43 8.45 20.76
CA TYR L 202 51.10 8.18 19.49
C TYR L 202 51.14 9.40 18.60
N GLY L 203 50.18 10.31 18.75
CA GLY L 203 50.04 11.44 17.87
C GLY L 203 48.92 11.35 16.86
N LEU L 204 48.07 10.33 16.95
CA LEU L 204 47.00 10.14 15.96
C LEU L 204 45.76 10.95 16.31
N ILE L 205 45.54 11.21 17.60
CA ILE L 205 44.49 12.10 18.06
C ILE L 205 45.08 13.05 19.08
N ASP L 206 44.39 14.17 19.31
CA ASP L 206 44.85 15.17 20.25
C ASP L 206 44.22 15.07 21.63
N GLN L 207 43.02 14.51 21.75
CA GLN L 207 42.31 14.56 23.02
C GLN L 207 41.23 13.48 23.05
N ILE L 208 41.02 12.91 24.23
CA ILE L 208 39.93 11.99 24.51
C ILE L 208 38.80 12.79 25.14
N LEU L 209 37.58 12.59 24.65
CA LEU L 209 36.46 13.34 25.18
C LEU L 209 36.01 12.75 26.52
N GLU L 210 36.17 13.56 27.56
CA GLU L 210 35.70 13.37 28.93
C GLU L 210 34.33 12.68 29.03
N ASP M 36 18.58 16.52 -3.80
CA ASP M 36 19.52 16.13 -2.75
C ASP M 36 20.90 16.78 -2.98
N ILE M 37 21.93 16.18 -2.39
CA ILE M 37 23.28 16.76 -2.46
C ILE M 37 23.82 16.72 -3.89
N TYR M 38 23.60 15.60 -4.59
CA TYR M 38 24.09 15.48 -5.97
C TYR M 38 23.33 16.41 -6.90
N SER M 39 22.05 16.69 -6.60
CA SER M 39 21.32 17.68 -7.38
C SER M 39 21.87 19.10 -7.22
N ARG M 40 22.30 19.54 -6.00
CA ARG M 40 22.84 20.91 -5.96
C ARG M 40 24.17 21.04 -6.62
N LEU M 41 25.01 20.00 -6.53
CA LEU M 41 26.29 20.08 -7.24
C LEU M 41 26.07 20.15 -8.74
N LEU M 42 25.01 19.49 -9.21
CA LEU M 42 24.65 19.63 -10.60
C LEU M 42 24.19 21.06 -10.89
N LYS M 43 23.61 21.72 -9.88
CA LYS M 43 23.20 23.11 -10.06
C LYS M 43 24.41 23.99 -10.30
N GLU M 44 25.57 23.59 -9.79
CA GLU M 44 26.82 24.28 -10.03
C GLU M 44 27.60 23.72 -11.22
N ARG M 45 26.96 22.92 -12.08
CA ARG M 45 27.59 22.36 -13.28
C ARG M 45 28.73 21.40 -12.94
N ILE M 46 28.55 20.62 -11.88
CA ILE M 46 29.47 19.54 -11.50
C ILE M 46 28.84 18.22 -11.89
N VAL M 47 29.57 17.41 -12.67
CA VAL M 47 29.13 16.07 -13.03
C VAL M 47 30.11 15.06 -12.45
N PHE M 48 29.58 14.01 -11.84
CA PHE M 48 30.40 12.98 -11.23
C PHE M 48 30.39 11.74 -12.10
N LEU M 49 31.54 11.09 -12.16
CA LEU M 49 31.65 9.71 -12.61
C LEU M 49 32.36 8.97 -11.49
N VAL M 50 31.62 8.20 -10.71
CA VAL M 50 32.18 7.45 -9.58
C VAL M 50 31.95 5.97 -9.82
N GLY M 51 33.04 5.20 -9.81
CA GLY M 51 32.96 3.78 -10.02
C GLY M 51 33.15 3.36 -11.47
N PRO M 52 32.78 2.12 -11.77
CA PRO M 52 33.08 1.54 -13.08
C PRO M 52 32.35 2.28 -14.20
N VAL M 53 32.95 2.26 -15.39
CA VAL M 53 32.32 2.82 -16.59
C VAL M 53 31.42 1.74 -17.18
N THR M 54 30.12 1.93 -17.09
CA THR M 54 29.14 1.04 -17.69
C THR M 54 28.28 1.86 -18.61
N ASP M 55 27.50 1.16 -19.45
CA ASP M 55 26.51 1.80 -20.31
C ASP M 55 25.57 2.69 -19.50
N GLU M 56 25.29 2.29 -18.27
CA GLU M 56 24.33 2.97 -17.41
C GLU M 56 24.89 4.29 -16.93
N SER M 57 26.07 4.21 -16.28
CA SER M 57 26.74 5.38 -15.76
C SER M 57 27.23 6.28 -16.86
N ALA M 58 27.62 5.72 -18.00
CA ALA M 58 28.07 6.57 -19.09
C ALA M 58 26.94 7.45 -19.61
N ASN M 59 25.78 6.85 -19.91
CA ASN M 59 24.73 7.69 -20.48
C ASN M 59 24.14 8.63 -19.44
N LEU M 60 24.19 8.23 -18.18
CA LEU M 60 23.83 9.11 -17.09
C LEU M 60 24.74 10.34 -17.08
N VAL M 61 26.05 10.12 -17.30
CA VAL M 61 26.99 11.23 -17.48
C VAL M 61 26.66 12.00 -18.75
N VAL M 62 26.41 11.28 -19.85
CA VAL M 62 26.10 11.92 -21.14
C VAL M 62 24.86 12.82 -21.02
N ALA M 63 23.83 12.31 -20.33
CA ALA M 63 22.59 13.08 -20.15
C ALA M 63 22.85 14.37 -19.40
N GLN M 64 23.66 14.32 -18.35
CA GLN M 64 23.93 15.53 -17.59
C GLN M 64 24.71 16.54 -18.42
N LEU M 65 25.64 16.08 -19.25
CA LEU M 65 26.40 17.02 -20.10
C LEU M 65 25.48 17.75 -21.07
N LEU M 66 24.59 17.02 -21.75
CA LEU M 66 23.67 17.68 -22.66
C LEU M 66 22.78 18.65 -21.91
N PHE M 67 22.36 18.26 -20.71
CA PHE M 67 21.51 19.11 -19.91
C PHE M 67 22.22 20.39 -19.53
N LEU M 68 23.46 20.28 -19.03
CA LEU M 68 24.18 21.46 -18.60
C LEU M 68 24.46 22.41 -19.76
N GLU M 69 24.75 21.85 -20.95
CA GLU M 69 24.87 22.69 -22.14
C GLU M 69 23.54 23.35 -22.46
N SER M 70 22.44 22.60 -22.33
CA SER M 70 21.10 23.14 -22.56
C SER M 70 20.79 24.30 -21.64
N GLU M 71 21.18 24.19 -20.36
CA GLU M 71 20.89 25.24 -19.40
C GLU M 71 21.70 26.51 -19.66
N ASN M 72 22.89 26.37 -20.21
CA ASN M 72 23.78 27.48 -20.55
C ASN M 72 24.93 26.91 -21.36
N PRO M 73 24.95 27.12 -22.68
CA PRO M 73 26.03 26.60 -23.51
C PRO M 73 27.34 27.39 -23.42
N ASP M 74 27.42 28.39 -22.56
CA ASP M 74 28.58 29.28 -22.55
C ASP M 74 29.42 29.22 -21.28
N LYS M 75 28.99 28.49 -20.25
CA LYS M 75 29.76 28.29 -19.03
C LYS M 75 30.40 26.90 -19.02
N ASP M 76 31.62 26.83 -18.51
CA ASP M 76 32.33 25.56 -18.36
C ASP M 76 31.52 24.57 -17.53
N ILE M 77 31.80 23.27 -17.75
CA ILE M 77 31.26 22.16 -16.99
C ILE M 77 32.43 21.48 -16.28
N PHE M 78 32.18 20.97 -15.06
CA PHE M 78 33.23 20.38 -14.24
C PHE M 78 32.90 18.91 -13.97
N PHE M 79 33.73 18.04 -14.56
CA PHE M 79 33.54 16.59 -14.59
C PHE M 79 34.52 15.96 -13.61
N TYR M 80 34.03 15.54 -12.44
CA TYR M 80 34.84 14.92 -11.39
C TYR M 80 34.85 13.40 -11.57
N ILE M 81 36.04 12.81 -11.61
CA ILE M 81 36.21 11.40 -11.97
C ILE M 81 36.91 10.67 -10.82
N ASN M 82 36.29 9.60 -10.32
CA ASN M 82 36.92 8.63 -9.43
C ASN M 82 36.48 7.26 -9.95
N SER M 83 37.30 6.66 -10.82
CA SER M 83 36.84 5.46 -11.49
C SER M 83 37.96 4.46 -11.72
N PRO M 84 37.69 3.17 -11.58
CA PRO M 84 38.71 2.15 -11.87
C PRO M 84 38.82 1.81 -13.35
N GLY M 85 37.97 2.38 -14.20
CA GLY M 85 37.94 2.03 -15.60
C GLY M 85 36.60 1.41 -15.93
N GLY M 86 36.52 0.68 -17.03
CA GLY M 86 35.30 -0.01 -17.44
C GLY M 86 35.24 -0.16 -18.96
N SER M 87 34.02 -0.06 -19.50
CA SER M 87 33.73 -0.30 -20.90
C SER M 87 34.36 0.77 -21.80
N VAL M 88 35.09 0.34 -22.83
CA VAL M 88 35.66 1.29 -23.78
C VAL M 88 34.57 1.99 -24.59
N THR M 89 33.57 1.25 -25.07
CA THR M 89 32.52 1.89 -25.87
C THR M 89 31.72 2.86 -25.00
N ALA M 90 31.44 2.48 -23.74
CA ALA M 90 30.70 3.39 -22.87
C ALA M 90 31.51 4.66 -22.58
N GLY M 91 32.83 4.51 -22.35
CA GLY M 91 33.65 5.69 -22.18
C GLY M 91 33.66 6.55 -23.43
N MET M 92 33.72 5.92 -24.61
CA MET M 92 33.69 6.66 -25.86
C MET M 92 32.41 7.48 -26.00
N SER M 93 31.29 7.00 -25.47
CA SER M 93 30.06 7.79 -25.59
C SER M 93 30.18 9.09 -24.82
N ILE M 94 30.77 9.05 -23.63
CA ILE M 94 31.06 10.28 -22.90
C ILE M 94 32.10 11.12 -23.66
N TYR M 95 33.19 10.48 -24.06
CA TYR M 95 34.26 11.18 -24.75
C TYR M 95 33.71 12.00 -25.91
N ASP M 96 32.94 11.36 -26.79
CA ASP M 96 32.38 12.09 -27.92
C ASP M 96 31.40 13.18 -27.45
N THR M 97 30.66 12.93 -26.36
CA THR M 97 29.77 13.97 -25.81
C THR M 97 30.58 15.15 -25.28
N MET M 98 31.70 14.89 -24.59
CA MET M 98 32.54 15.98 -24.12
C MET M 98 33.04 16.84 -25.29
N ASN M 99 33.39 16.19 -26.41
CA ASN M 99 33.91 16.90 -27.57
C ASN M 99 32.83 17.59 -28.40
N PHE M 100 31.59 17.12 -28.34
CA PHE M 100 30.56 17.70 -29.20
C PHE M 100 29.96 18.97 -28.61
N ILE M 101 29.69 18.98 -27.31
CA ILE M 101 28.98 20.10 -26.77
C ILE M 101 29.87 21.34 -26.76
N LYS M 102 29.22 22.52 -26.78
CA LYS M 102 29.94 23.79 -26.84
C LYS M 102 30.72 24.10 -25.56
N PRO M 103 30.16 23.98 -24.35
CA PRO M 103 30.94 24.33 -23.15
C PRO M 103 32.21 23.49 -22.99
N ASP M 104 33.27 24.14 -22.50
CA ASP M 104 34.46 23.41 -22.07
C ASP M 104 34.11 22.43 -20.96
N VAL M 105 34.62 21.22 -21.06
CA VAL M 105 34.43 20.25 -19.98
C VAL M 105 35.77 20.12 -19.28
N SER M 106 35.86 20.73 -18.10
CA SER M 106 37.01 20.57 -17.22
C SER M 106 36.92 19.22 -16.52
N THR M 107 38.07 18.57 -16.35
CA THR M 107 38.14 17.29 -15.68
C THR M 107 38.95 17.40 -14.40
N LEU M 108 38.53 16.63 -13.42
CA LEU M 108 39.20 16.56 -12.13
C LEU M 108 39.22 15.11 -11.68
N CYS M 109 40.40 14.64 -11.30
CA CYS M 109 40.55 13.31 -10.74
C CYS M 109 40.63 13.44 -9.22
N LEU M 110 39.75 12.74 -8.50
CA LEU M 110 39.87 12.57 -7.06
C LEU M 110 39.86 11.07 -6.76
N GLY M 111 40.73 10.65 -5.85
CA GLY M 111 40.90 9.22 -5.65
C GLY M 111 41.77 8.63 -6.73
N GLN M 112 41.15 8.20 -7.83
CA GLN M 112 41.90 7.60 -8.93
C GLN M 112 41.16 7.80 -10.24
N ALA M 113 41.92 7.70 -11.34
CA ALA M 113 41.35 7.61 -12.68
C ALA M 113 42.21 6.60 -13.44
N ALA M 114 41.67 5.40 -13.68
CA ALA M 114 42.40 4.31 -14.29
C ALA M 114 41.67 3.86 -15.57
N SER M 115 42.46 3.40 -16.56
CA SER M 115 41.93 2.92 -17.85
C SER M 115 41.04 4.01 -18.44
N MET M 116 39.80 3.69 -18.81
CA MET M 116 38.88 4.63 -19.43
C MET M 116 38.65 5.83 -18.52
N GLY M 117 38.78 5.63 -17.20
CA GLY M 117 38.74 6.77 -16.31
C GLY M 117 39.91 7.71 -16.51
N ALA M 118 41.12 7.16 -16.62
CA ALA M 118 42.26 8.04 -16.94
C ALA M 118 42.12 8.63 -18.33
N PHE M 119 41.59 7.82 -19.27
CA PHE M 119 41.35 8.31 -20.62
C PHE M 119 40.43 9.53 -20.61
N LEU M 120 39.31 9.45 -19.88
CA LEU M 120 38.39 10.57 -19.84
C LEU M 120 39.01 11.76 -19.11
N LEU M 121 39.82 11.51 -18.08
CA LEU M 121 40.51 12.60 -17.42
C LEU M 121 41.38 13.37 -18.41
N SER M 122 42.21 12.66 -19.19
CA SER M 122 43.07 13.37 -20.14
C SER M 122 42.28 14.08 -21.23
N ALA M 123 41.00 13.76 -21.40
CA ALA M 123 40.20 14.34 -22.47
C ALA M 123 39.58 15.68 -22.12
N GLY M 124 39.71 16.16 -20.89
CA GLY M 124 39.15 17.45 -20.56
C GLY M 124 39.79 18.56 -21.37
N GLU M 125 39.15 19.73 -21.33
CA GLU M 125 39.69 20.88 -22.04
C GLU M 125 41.12 21.19 -21.59
N LYS M 126 42.05 21.28 -22.54
CA LYS M 126 43.44 21.47 -22.21
C LYS M 126 43.68 22.82 -21.55
N GLY M 127 44.37 22.79 -20.42
CA GLY M 127 44.44 23.89 -19.48
C GLY M 127 43.49 23.73 -18.31
N LYS M 128 42.55 22.79 -18.39
CA LYS M 128 41.52 22.60 -17.38
C LYS M 128 41.41 21.14 -16.93
N ARG M 129 42.53 20.42 -16.96
CA ARG M 129 42.60 19.07 -16.42
C ARG M 129 43.37 19.10 -15.11
N PHE M 130 42.69 18.70 -14.04
CA PHE M 130 43.18 18.84 -12.68
C PHE M 130 43.15 17.47 -11.98
N ALA M 131 43.99 17.35 -10.94
CA ALA M 131 43.98 16.21 -10.04
C ALA M 131 44.30 16.67 -8.63
N LEU M 132 43.77 15.94 -7.67
CA LEU M 132 44.06 16.24 -6.28
C LEU M 132 45.43 15.66 -5.91
N PRO M 133 46.06 16.17 -4.85
CA PRO M 133 47.47 15.82 -4.60
C PRO M 133 47.73 14.34 -4.47
N ASN M 134 46.78 13.58 -3.93
CA ASN M 134 46.99 12.17 -3.68
C ASN M 134 46.18 11.30 -4.62
N SER M 135 45.69 11.87 -5.72
CA SER M 135 45.09 11.11 -6.80
C SER M 135 46.10 10.16 -7.43
N ARG M 136 45.56 9.10 -8.02
CA ARG M 136 46.31 8.06 -8.69
C ARG M 136 45.80 7.92 -10.12
N ILE M 137 46.71 7.80 -11.07
CA ILE M 137 46.39 7.65 -12.49
C ILE M 137 46.96 6.34 -13.01
N MET M 138 46.19 5.65 -13.84
CA MET M 138 46.74 4.46 -14.52
C MET M 138 46.23 4.32 -15.95
N ILE M 139 47.17 4.01 -16.85
CA ILE M 139 46.89 3.82 -18.27
C ILE M 139 47.44 2.45 -18.66
N HIS M 140 46.74 1.76 -19.57
CA HIS M 140 47.23 0.48 -20.05
C HIS M 140 46.52 0.12 -21.35
N GLN M 141 47.08 -0.85 -22.04
CA GLN M 141 46.45 -1.36 -23.24
C GLN M 141 45.18 -2.13 -22.87
N PRO M 142 44.33 -2.40 -23.87
CA PRO M 142 43.08 -3.11 -23.60
C PRO M 142 43.29 -4.47 -22.95
N LEU M 143 42.25 -4.91 -22.25
CA LEU M 143 42.26 -6.11 -21.44
C LEU M 143 40.94 -6.85 -21.62
N ILE M 144 40.99 -8.18 -21.51
CA ILE M 144 39.79 -9.01 -21.58
C ILE M 144 39.87 -10.06 -20.49
N SER M 145 38.70 -10.46 -19.98
CA SER M 145 38.56 -11.71 -19.23
C SER M 145 37.41 -12.54 -19.80
N GLY M 150 35.48 -19.12 -29.22
CA GLY M 150 34.88 -19.63 -30.45
C GLY M 150 35.81 -20.22 -31.51
N GLN M 151 35.53 -19.93 -32.79
CA GLN M 151 36.33 -20.46 -33.89
C GLN M 151 37.53 -19.57 -34.19
N ALA M 152 38.54 -20.18 -34.82
CA ALA M 152 39.75 -19.45 -35.15
C ALA M 152 39.43 -18.21 -35.99
N SER M 153 38.49 -18.32 -36.93
CA SER M 153 38.06 -17.14 -37.68
C SER M 153 37.48 -16.09 -36.74
N ASP M 154 36.67 -16.54 -35.76
CA ASP M 154 36.02 -15.60 -34.85
C ASP M 154 37.04 -14.95 -33.92
N ILE M 155 38.01 -15.74 -33.44
CA ILE M 155 39.03 -15.18 -32.57
C ILE M 155 39.93 -14.21 -33.33
N GLU M 156 40.25 -14.53 -34.58
CA GLU M 156 40.98 -13.57 -35.41
C GLU M 156 40.23 -12.26 -35.50
N ILE M 157 38.91 -12.32 -35.73
CA ILE M 157 38.09 -11.11 -35.87
C ILE M 157 38.12 -10.27 -34.60
N HIS M 158 37.96 -10.91 -33.44
CA HIS M 158 37.90 -10.17 -32.20
C HIS M 158 39.28 -9.72 -31.74
N ALA M 159 40.32 -10.52 -32.01
CA ALA M 159 41.68 -10.06 -31.80
C ALA M 159 41.96 -8.81 -32.61
N ARG M 160 41.54 -8.81 -33.88
CA ARG M 160 41.77 -7.66 -34.73
C ARG M 160 41.00 -6.44 -34.23
N GLU M 161 39.75 -6.63 -33.78
CA GLU M 161 38.97 -5.53 -33.24
C GLU M 161 39.59 -4.98 -31.95
N LEU M 162 40.12 -5.87 -31.12
CA LEU M 162 40.77 -5.45 -29.88
C LEU M 162 42.06 -4.67 -30.20
N LEU M 163 42.79 -5.07 -31.26
CA LEU M 163 43.99 -4.33 -31.66
C LEU M 163 43.66 -2.95 -32.23
N LYS M 164 42.55 -2.81 -32.94
CA LYS M 164 42.13 -1.49 -33.38
C LYS M 164 41.88 -0.57 -32.19
N ILE M 165 41.17 -1.07 -31.18
CA ILE M 165 40.90 -0.28 -29.99
C ILE M 165 42.20 0.11 -29.31
N LYS M 166 43.14 -0.82 -29.16
CA LYS M 166 44.44 -0.49 -28.58
C LYS M 166 45.12 0.63 -29.33
N GLU M 167 45.18 0.52 -30.65
CA GLU M 167 45.82 1.57 -31.43
C GLU M 167 45.03 2.87 -31.37
N LYS M 168 43.70 2.78 -31.43
CA LYS M 168 42.91 4.02 -31.33
C LYS M 168 43.18 4.74 -30.02
N LEU M 169 43.18 3.98 -28.90
CA LEU M 169 43.38 4.59 -27.59
C LEU M 169 44.78 5.19 -27.46
N ASN M 170 45.82 4.51 -27.95
CA ASN M 170 47.17 5.05 -27.86
C ASN M 170 47.28 6.34 -28.66
N ARG M 171 46.74 6.34 -29.89
CA ARG M 171 46.80 7.54 -30.72
C ARG M 171 46.04 8.69 -30.06
N LEU M 172 44.80 8.42 -29.64
CA LEU M 172 44.01 9.46 -28.98
C LEU M 172 44.69 9.94 -27.69
N MET M 173 45.22 9.02 -26.91
CA MET M 173 45.88 9.47 -25.69
C MET M 173 47.18 10.21 -26.00
N ALA M 174 47.86 9.84 -27.10
CA ALA M 174 49.03 10.60 -27.53
C ALA M 174 48.67 12.04 -27.87
N LYS M 175 47.53 12.25 -28.57
CA LYS M 175 47.05 13.61 -28.85
C LYS M 175 46.69 14.35 -27.57
N HIS M 176 46.02 13.68 -26.63
CA HIS M 176 45.65 14.37 -25.39
C HIS M 176 46.89 14.82 -24.62
N CYS M 177 47.95 14.02 -24.64
CA CYS M 177 49.15 14.28 -23.84
C CYS M 177 50.21 15.09 -24.60
N ASP M 178 49.95 15.44 -25.86
CA ASP M 178 50.97 16.06 -26.72
C ASP M 178 52.26 15.27 -26.72
N ARG M 179 52.15 13.97 -26.98
CA ARG M 179 53.34 13.14 -27.01
C ARG M 179 53.34 12.33 -28.29
N ASP M 180 54.49 11.74 -28.52
CA ASP M 180 54.66 10.90 -29.67
C ASP M 180 54.01 9.54 -29.42
N LEU M 181 53.40 8.99 -30.46
CA LEU M 181 52.67 7.73 -30.33
C LEU M 181 53.54 6.62 -29.76
N ALA M 182 54.82 6.58 -30.12
CA ALA M 182 55.70 5.53 -29.62
C ALA M 182 55.85 5.57 -28.10
N ASP M 183 55.79 6.77 -27.50
CA ASP M 183 55.81 6.84 -26.05
C ASP M 183 54.64 6.07 -25.46
N LEU M 184 53.43 6.33 -25.96
CA LEU M 184 52.25 5.68 -25.40
C LEU M 184 52.25 4.19 -25.71
N GLU M 185 52.76 3.78 -26.87
CA GLU M 185 52.88 2.35 -27.15
C GLU M 185 53.82 1.69 -26.14
N ARG M 186 54.98 2.30 -25.86
CA ARG M 186 55.84 1.72 -24.82
C ARG M 186 55.21 1.84 -23.43
N ASP M 187 54.48 2.93 -23.15
CA ASP M 187 54.00 3.20 -21.79
C ASP M 187 52.64 2.62 -21.46
N THR M 188 51.89 2.09 -22.42
CA THR M 188 50.67 1.37 -22.05
C THR M 188 50.82 -0.13 -22.17
N ASP M 189 52.02 -0.61 -22.52
CA ASP M 189 52.22 -2.04 -22.76
C ASP M 189 51.79 -2.85 -21.55
N ARG M 190 52.15 -2.38 -20.35
CA ARG M 190 51.63 -2.93 -19.11
C ARG M 190 51.12 -1.79 -18.23
N ASP M 191 50.53 -2.16 -17.09
CA ASP M 191 49.92 -1.19 -16.19
C ASP M 191 50.91 -0.15 -15.74
N ASN M 192 50.56 1.12 -15.92
CA ASN M 192 51.42 2.27 -15.66
C ASN M 192 50.78 3.17 -14.59
N PHE M 193 51.23 3.04 -13.36
CA PHE M 193 50.73 3.85 -12.25
C PHE M 193 51.53 5.15 -12.17
N MET M 194 50.82 6.26 -12.07
CA MET M 194 51.45 7.57 -12.04
C MET M 194 50.84 8.39 -10.92
N SER M 195 51.69 9.08 -10.18
CA SER M 195 51.21 10.09 -9.26
C SER M 195 50.62 11.27 -10.03
N ALA M 196 49.95 12.16 -9.28
CA ALA M 196 49.43 13.38 -9.90
C ALA M 196 50.57 14.18 -10.53
N GLU M 197 51.72 14.23 -9.87
CA GLU M 197 52.88 14.92 -10.41
C GLU M 197 53.46 14.19 -11.61
N GLU M 198 53.50 12.85 -11.57
CA GLU M 198 53.92 12.09 -12.75
C GLU M 198 52.92 12.27 -13.89
N ALA M 199 51.63 12.34 -13.57
CA ALA M 199 50.64 12.52 -14.62
C ALA M 199 50.74 13.91 -15.22
N LYS M 200 51.04 14.93 -14.41
CA LYS M 200 51.17 16.27 -14.95
C LYS M 200 52.35 16.36 -15.88
N GLU M 201 53.48 15.74 -15.50
CA GLU M 201 54.67 15.68 -16.33
C GLU M 201 54.41 14.96 -17.63
N TYR M 202 53.57 13.95 -17.61
CA TYR M 202 53.33 13.15 -18.80
C TYR M 202 52.51 13.92 -19.84
N GLY M 203 51.82 14.97 -19.45
CA GLY M 203 50.91 15.66 -20.33
C GLY M 203 49.48 15.25 -20.14
N LEU M 204 49.21 14.42 -19.13
CA LEU M 204 47.91 13.82 -18.91
C LEU M 204 46.97 14.71 -18.09
N ILE M 205 47.49 15.55 -17.21
CA ILE M 205 46.70 16.59 -16.55
C ILE M 205 47.50 17.87 -16.66
N ASP M 206 46.86 18.98 -16.25
CA ASP M 206 47.43 20.30 -16.41
C ASP M 206 48.03 20.84 -15.11
N GLN M 207 47.23 20.85 -14.04
CA GLN M 207 47.35 21.51 -12.73
C GLN M 207 47.13 20.45 -11.64
N ILE M 208 47.86 20.55 -10.53
CA ILE M 208 47.51 19.80 -9.32
C ILE M 208 46.90 20.80 -8.37
N LEU M 209 45.90 20.40 -7.60
CA LEU M 209 45.20 21.32 -6.72
C LEU M 209 45.68 21.16 -5.28
N GLU M 210 45.45 22.21 -4.48
CA GLU M 210 45.99 22.25 -3.11
C GLU M 210 45.23 23.20 -2.17
N ASP N 36 12.98 13.93 -13.18
CA ASP N 36 14.40 13.61 -13.34
C ASP N 36 14.89 14.01 -14.72
N ILE N 37 16.11 13.61 -15.06
CA ILE N 37 16.82 14.17 -16.22
C ILE N 37 16.34 13.52 -17.51
N TYR N 38 16.10 12.22 -17.51
CA TYR N 38 15.66 11.54 -18.72
C TYR N 38 14.29 12.05 -19.18
N SER N 39 13.47 12.50 -18.24
CA SER N 39 12.19 13.11 -18.59
C SER N 39 12.34 14.43 -19.38
N ARG N 40 13.35 15.27 -19.08
CA ARG N 40 13.42 16.51 -19.87
C ARG N 40 13.79 16.17 -21.30
N LEU N 41 14.66 15.16 -21.44
CA LEU N 41 15.06 14.73 -22.77
C LEU N 41 13.87 14.20 -23.52
N LEU N 42 12.96 13.53 -22.80
CA LEU N 42 11.73 13.09 -23.45
C LEU N 42 10.89 14.29 -23.85
N LYS N 43 10.97 15.39 -23.09
CA LYS N 43 10.28 16.62 -23.48
C LYS N 43 10.86 17.20 -24.76
N GLU N 44 12.12 16.89 -25.06
CA GLU N 44 12.72 17.28 -26.34
C GLU N 44 12.61 16.21 -27.41
N ARG N 45 11.77 15.19 -27.19
CA ARG N 45 11.55 14.12 -28.17
C ARG N 45 12.80 13.26 -28.37
N ILE N 46 13.58 13.04 -27.31
CA ILE N 46 14.74 12.14 -27.31
C ILE N 46 14.30 10.84 -26.64
N VAL N 47 14.47 9.72 -27.33
CA VAL N 47 14.25 8.41 -26.73
C VAL N 47 15.55 7.63 -26.70
N PHE N 48 15.80 6.99 -25.57
CA PHE N 48 17.01 6.24 -25.31
C PHE N 48 16.73 4.74 -25.38
N LEU N 49 17.66 4.00 -25.97
CA LEU N 49 17.75 2.56 -25.76
C LEU N 49 19.19 2.35 -25.34
N VAL N 50 19.40 2.12 -24.06
CA VAL N 50 20.72 1.90 -23.49
C VAL N 50 20.74 0.52 -22.87
N GLY N 51 21.72 -0.29 -23.26
CA GLY N 51 21.84 -1.65 -22.78
C GLY N 51 21.14 -2.65 -23.67
N PRO N 52 20.94 -3.86 -23.16
CA PRO N 52 20.41 -4.95 -23.99
C PRO N 52 18.97 -4.68 -24.44
N VAL N 53 18.63 -5.24 -25.60
CA VAL N 53 17.27 -5.20 -26.13
C VAL N 53 16.52 -6.39 -25.54
N THR N 54 15.62 -6.11 -24.59
CA THR N 54 14.79 -7.10 -23.95
C THR N 54 13.32 -6.72 -24.17
N ASP N 55 12.42 -7.64 -23.83
CA ASP N 55 10.99 -7.33 -23.86
C ASP N 55 10.69 -6.08 -23.02
N GLU N 56 11.39 -5.90 -21.90
CA GLU N 56 11.11 -4.76 -21.03
C GLU N 56 11.64 -3.46 -21.65
N SER N 57 12.93 -3.45 -22.04
CA SER N 57 13.50 -2.25 -22.63
C SER N 57 12.81 -1.92 -23.95
N ALA N 58 12.46 -2.95 -24.72
CA ALA N 58 11.78 -2.71 -25.99
C ALA N 58 10.42 -2.06 -25.76
N ASN N 59 9.63 -2.60 -24.82
CA ASN N 59 8.29 -2.06 -24.69
C ASN N 59 8.31 -0.68 -24.06
N LEU N 60 9.30 -0.41 -23.22
CA LEU N 60 9.48 0.95 -22.70
C LEU N 60 9.75 1.92 -23.84
N VAL N 61 10.55 1.52 -24.83
CA VAL N 61 10.78 2.36 -26.00
C VAL N 61 9.50 2.52 -26.82
N VAL N 62 8.75 1.43 -27.04
CA VAL N 62 7.54 1.53 -27.85
C VAL N 62 6.57 2.53 -27.22
N ALA N 63 6.43 2.47 -25.91
CA ALA N 63 5.52 3.37 -25.21
C ALA N 63 5.93 4.82 -25.41
N GLN N 64 7.22 5.11 -25.32
CA GLN N 64 7.68 6.48 -25.52
C GLN N 64 7.47 6.93 -26.96
N LEU N 65 7.65 6.04 -27.92
CA LEU N 65 7.42 6.40 -29.31
C LEU N 65 5.98 6.79 -29.55
N LEU N 66 5.06 5.94 -29.08
CA LEU N 66 3.64 6.22 -29.24
C LEU N 66 3.26 7.51 -28.52
N PHE N 67 3.87 7.74 -27.36
CA PHE N 67 3.58 8.94 -26.58
C PHE N 67 4.03 10.20 -27.32
N LEU N 68 5.26 10.20 -27.82
CA LEU N 68 5.76 11.37 -28.52
C LEU N 68 4.93 11.67 -29.76
N GLU N 69 4.46 10.63 -30.46
CA GLU N 69 3.58 10.87 -31.60
C GLU N 69 2.27 11.50 -31.13
N SER N 70 1.74 11.05 -30.01
CA SER N 70 0.53 11.65 -29.46
C SER N 70 0.72 13.14 -29.14
N GLU N 71 1.88 13.51 -28.57
CA GLU N 71 2.12 14.91 -28.22
C GLU N 71 2.26 15.80 -29.43
N ASN N 72 2.77 15.27 -30.54
CA ASN N 72 2.91 15.94 -31.81
C ASN N 72 3.27 14.95 -32.90
N PRO N 73 2.32 14.61 -33.78
CA PRO N 73 2.61 13.66 -34.85
C PRO N 73 3.46 14.22 -35.98
N ASP N 74 3.90 15.48 -35.90
CA ASP N 74 4.57 16.12 -37.02
C ASP N 74 6.02 16.50 -36.75
N LYS N 75 6.50 16.34 -35.53
CA LYS N 75 7.90 16.61 -35.26
C LYS N 75 8.69 15.31 -35.23
N ASP N 76 9.93 15.37 -35.75
CA ASP N 76 10.86 14.26 -35.70
C ASP N 76 11.05 13.79 -34.26
N ILE N 77 11.44 12.52 -34.11
CA ILE N 77 11.82 11.92 -32.84
C ILE N 77 13.28 11.50 -32.94
N PHE N 78 14.01 11.59 -31.84
CA PHE N 78 15.44 11.31 -31.85
C PHE N 78 15.72 10.12 -30.94
N PHE N 79 16.11 9.02 -31.55
CA PHE N 79 16.29 7.72 -30.90
C PHE N 79 17.78 7.49 -30.76
N TYR N 80 18.28 7.71 -29.54
CA TYR N 80 19.69 7.54 -29.21
C TYR N 80 19.92 6.10 -28.77
N ILE N 81 20.87 5.43 -29.43
CA ILE N 81 21.08 4.01 -29.25
C ILE N 81 22.51 3.79 -28.78
N ASN N 82 22.65 3.14 -27.64
CA ASN N 82 23.92 2.61 -27.15
C ASN N 82 23.57 1.21 -26.65
N SER N 83 23.69 0.21 -27.54
CA SER N 83 23.24 -1.15 -27.22
C SER N 83 24.12 -2.23 -27.82
N PRO N 84 24.34 -3.33 -27.10
CA PRO N 84 25.06 -4.49 -27.67
C PRO N 84 24.17 -5.49 -28.41
N GLY N 85 22.86 -5.27 -28.45
CA GLY N 85 21.94 -6.22 -29.06
C GLY N 85 20.94 -6.81 -28.08
N GLY N 86 20.34 -7.94 -28.43
CA GLY N 86 19.39 -8.61 -27.57
C GLY N 86 18.36 -9.40 -28.36
N SER N 87 17.13 -9.41 -27.84
CA SER N 87 16.05 -10.24 -28.37
C SER N 87 15.64 -9.79 -29.78
N VAL N 88 15.56 -10.75 -30.70
CA VAL N 88 15.09 -10.40 -32.04
C VAL N 88 13.63 -9.93 -32.01
N THR N 89 12.76 -10.68 -31.33
CA THR N 89 11.35 -10.28 -31.31
C THR N 89 11.18 -8.94 -30.60
N ALA N 90 11.93 -8.73 -29.53
CA ALA N 90 11.80 -7.45 -28.83
C ALA N 90 12.22 -6.31 -29.73
N GLY N 91 13.33 -6.47 -30.44
CA GLY N 91 13.76 -5.42 -31.34
C GLY N 91 12.80 -5.19 -32.48
N MET N 92 12.25 -6.28 -33.05
CA MET N 92 11.26 -6.15 -34.11
C MET N 92 10.02 -5.37 -33.66
N SER N 93 9.65 -5.43 -32.37
CA SER N 93 8.51 -4.64 -31.93
C SER N 93 8.84 -3.13 -31.95
N ILE N 94 10.07 -2.75 -31.59
CA ILE N 94 10.48 -1.36 -31.76
C ILE N 94 10.52 -1.00 -33.24
N TYR N 95 11.16 -1.84 -34.05
CA TYR N 95 11.28 -1.58 -35.49
C TYR N 95 9.92 -1.27 -36.12
N ASP N 96 8.94 -2.15 -35.88
CA ASP N 96 7.62 -1.94 -36.47
C ASP N 96 6.97 -0.67 -35.94
N THR N 97 7.20 -0.33 -34.67
CA THR N 97 6.67 0.92 -34.14
C THR N 97 7.31 2.13 -34.83
N MET N 98 8.62 2.07 -35.07
CA MET N 98 9.28 3.18 -35.76
C MET N 98 8.66 3.43 -37.13
N ASN N 99 8.40 2.36 -37.90
CA ASN N 99 7.91 2.50 -39.26
C ASN N 99 6.45 2.88 -39.35
N PHE N 100 5.67 2.61 -38.29
CA PHE N 100 4.23 2.81 -38.30
C PHE N 100 3.84 4.25 -37.94
N ILE N 101 4.52 4.86 -36.98
CA ILE N 101 4.10 6.17 -36.51
C ILE N 101 4.37 7.24 -37.57
N LYS N 102 3.61 8.33 -37.50
CA LYS N 102 3.79 9.39 -38.49
C LYS N 102 5.15 10.06 -38.39
N PRO N 103 5.63 10.48 -37.21
CA PRO N 103 6.91 11.20 -37.18
C PRO N 103 8.06 10.36 -37.73
N ASP N 104 8.95 11.04 -38.45
CA ASP N 104 10.24 10.45 -38.79
C ASP N 104 11.00 10.10 -37.52
N VAL N 105 11.58 8.91 -37.50
CA VAL N 105 12.39 8.48 -36.38
C VAL N 105 13.84 8.62 -36.79
N SER N 106 14.49 9.67 -36.31
CA SER N 106 15.94 9.79 -36.47
C SER N 106 16.63 8.89 -35.46
N THR N 107 17.69 8.22 -35.91
CA THR N 107 18.49 7.37 -35.04
C THR N 107 19.91 7.92 -34.93
N LEU N 108 20.49 7.75 -33.76
CA LEU N 108 21.85 8.17 -33.47
C LEU N 108 22.55 7.09 -32.63
N CYS N 109 23.71 6.66 -33.06
CA CYS N 109 24.51 5.71 -32.30
C CYS N 109 25.52 6.46 -31.46
N LEU N 110 25.53 6.19 -30.15
CA LEU N 110 26.60 6.65 -29.29
C LEU N 110 27.17 5.46 -28.54
N GLY N 111 28.50 5.40 -28.45
CA GLY N 111 29.14 4.24 -27.88
C GLY N 111 29.21 3.11 -28.88
N GLN N 112 28.17 2.27 -28.91
CA GLN N 112 28.13 1.17 -29.84
C GLN N 112 26.68 0.84 -30.19
N ALA N 113 26.50 0.21 -31.35
CA ALA N 113 25.22 -0.38 -31.77
C ALA N 113 25.52 -1.71 -32.42
N ALA N 114 25.25 -2.81 -31.70
CA ALA N 114 25.62 -4.16 -32.14
C ALA N 114 24.37 -5.02 -32.25
N SER N 115 24.38 -5.95 -33.21
CA SER N 115 23.26 -6.87 -33.49
C SER N 115 21.99 -6.05 -33.66
N MET N 116 20.93 -6.37 -32.92
CA MET N 116 19.65 -5.72 -33.08
C MET N 116 19.76 -4.22 -32.87
N GLY N 117 20.76 -3.79 -32.10
CA GLY N 117 21.00 -2.36 -31.98
C GLY N 117 21.45 -1.73 -33.29
N ALA N 118 22.37 -2.39 -34.00
CA ALA N 118 22.78 -1.89 -35.32
C ALA N 118 21.61 -1.99 -36.30
N PHE N 119 20.82 -3.05 -36.18
CA PHE N 119 19.60 -3.16 -36.96
C PHE N 119 18.70 -1.95 -36.72
N LEU N 120 18.44 -1.61 -35.45
CA LEU N 120 17.55 -0.49 -35.18
C LEU N 120 18.14 0.82 -35.65
N LEU N 121 19.46 0.99 -35.49
CA LEU N 121 20.13 2.19 -35.97
C LEU N 121 19.89 2.37 -37.46
N SER N 122 20.16 1.33 -38.24
CA SER N 122 20.00 1.40 -39.68
C SER N 122 18.54 1.59 -40.10
N ALA N 123 17.58 1.35 -39.20
CA ALA N 123 16.17 1.43 -39.55
C ALA N 123 15.60 2.83 -39.45
N GLY N 124 16.40 3.80 -38.98
CA GLY N 124 15.93 5.17 -38.88
C GLY N 124 15.62 5.76 -40.24
N GLU N 125 14.91 6.89 -40.22
CA GLU N 125 14.57 7.61 -41.44
C GLU N 125 15.83 7.94 -42.23
N LYS N 126 15.82 7.62 -43.53
CA LYS N 126 17.00 7.85 -44.37
C LYS N 126 17.26 9.34 -44.51
N GLY N 127 18.51 9.74 -44.27
CA GLY N 127 18.88 11.14 -44.14
C GLY N 127 19.04 11.59 -42.70
N LYS N 128 18.59 10.78 -41.74
CA LYS N 128 18.60 11.18 -40.34
C LYS N 128 19.19 10.09 -39.43
N ARG N 129 20.08 9.24 -39.95
CA ARG N 129 20.74 8.22 -39.14
C ARG N 129 22.18 8.63 -38.89
N PHE N 130 22.51 8.84 -37.61
CA PHE N 130 23.76 9.47 -37.21
C PHE N 130 24.58 8.60 -36.26
N ALA N 131 25.88 8.92 -36.20
CA ALA N 131 26.76 8.34 -35.22
C ALA N 131 27.77 9.37 -34.75
N LEU N 132 28.22 9.22 -33.51
CA LEU N 132 29.23 10.08 -32.93
C LEU N 132 30.62 9.65 -33.44
N PRO N 133 31.63 10.53 -33.36
CA PRO N 133 32.88 10.26 -34.10
C PRO N 133 33.52 8.93 -33.80
N ASN N 134 33.43 8.42 -32.56
CA ASN N 134 34.09 7.18 -32.15
C ASN N 134 33.10 6.07 -31.82
N SER N 135 31.86 6.18 -32.28
CA SER N 135 30.88 5.11 -32.17
C SER N 135 31.37 3.85 -32.88
N ARG N 136 30.83 2.71 -32.46
CA ARG N 136 31.13 1.42 -33.06
C ARG N 136 29.85 0.72 -33.51
N ILE N 137 29.88 0.14 -34.71
CA ILE N 137 28.76 -0.63 -35.26
C ILE N 137 29.22 -2.07 -35.47
N MET N 138 28.38 -3.05 -35.14
CA MET N 138 28.67 -4.45 -35.44
C MET N 138 27.41 -5.15 -35.91
N ILE N 139 27.53 -5.95 -36.96
CA ILE N 139 26.42 -6.70 -37.53
C ILE N 139 26.82 -8.16 -37.66
N HIS N 140 25.86 -9.06 -37.46
CA HIS N 140 26.17 -10.48 -37.59
C HIS N 140 24.87 -11.26 -37.73
N GLN N 141 24.99 -12.49 -38.19
CA GLN N 141 23.84 -13.38 -38.24
C GLN N 141 23.43 -13.76 -36.82
N PRO N 142 22.21 -14.24 -36.61
CA PRO N 142 21.77 -14.53 -35.24
C PRO N 142 22.59 -15.65 -34.61
N LEU N 143 22.62 -15.64 -33.28
CA LEU N 143 23.34 -16.65 -32.52
C LEU N 143 22.55 -16.98 -31.27
N ILE N 144 22.69 -18.22 -30.78
CA ILE N 144 21.88 -18.74 -29.69
C ILE N 144 22.81 -19.33 -28.62
N SER N 145 22.44 -19.13 -27.34
CA SER N 145 23.34 -19.27 -26.21
C SER N 145 24.04 -20.64 -26.12
N GLY N 146 23.31 -21.77 -25.98
CA GLY N 146 21.88 -21.94 -26.19
C GLY N 146 21.51 -23.42 -26.31
N GLY N 149 18.45 -28.31 -27.91
CA GLY N 149 17.96 -29.45 -27.15
C GLY N 149 16.62 -30.04 -27.59
N GLY N 150 16.43 -31.35 -27.39
CA GLY N 150 15.16 -32.00 -27.64
C GLY N 150 15.26 -33.07 -28.73
N GLN N 151 14.13 -33.28 -29.43
CA GLN N 151 14.04 -34.28 -30.49
C GLN N 151 14.51 -33.70 -31.83
N ALA N 152 14.95 -34.60 -32.71
CA ALA N 152 15.43 -34.18 -34.03
C ALA N 152 14.37 -33.37 -34.79
N SER N 153 13.10 -33.77 -34.69
CA SER N 153 12.02 -32.99 -35.29
C SER N 153 11.96 -31.58 -34.70
N ASP N 154 12.12 -31.46 -33.39
CA ASP N 154 12.03 -30.16 -32.75
C ASP N 154 13.21 -29.27 -33.11
N ILE N 155 14.39 -29.87 -33.21
CA ILE N 155 15.57 -29.12 -33.59
C ILE N 155 15.45 -28.65 -35.04
N GLU N 156 14.88 -29.49 -35.91
CA GLU N 156 14.61 -29.03 -37.26
C GLU N 156 13.74 -27.79 -37.27
N ILE N 157 12.64 -27.82 -36.53
CA ILE N 157 11.70 -26.70 -36.48
C ILE N 157 12.40 -25.43 -36.00
N HIS N 158 13.18 -25.54 -34.91
CA HIS N 158 13.79 -24.33 -34.38
C HIS N 158 14.97 -23.89 -35.20
N ALA N 159 15.73 -24.84 -35.75
CA ALA N 159 16.73 -24.48 -36.75
C ALA N 159 16.08 -23.78 -37.94
N ARG N 160 14.94 -24.30 -38.42
CA ARG N 160 14.28 -23.67 -39.56
C ARG N 160 13.80 -22.26 -39.21
N GLU N 161 13.27 -22.08 -38.01
CA GLU N 161 12.84 -20.74 -37.61
C GLU N 161 14.01 -19.78 -37.50
N LEU N 162 15.16 -20.28 -37.03
CA LEU N 162 16.35 -19.44 -36.89
C LEU N 162 16.89 -18.96 -38.23
N LEU N 163 16.84 -19.83 -39.25
CA LEU N 163 17.29 -19.44 -40.59
C LEU N 163 16.33 -18.44 -41.24
N LYS N 164 15.02 -18.58 -41.00
CA LYS N 164 14.09 -17.57 -41.49
C LYS N 164 14.38 -16.22 -40.88
N ILE N 165 14.66 -16.18 -39.58
CA ILE N 165 15.02 -14.93 -38.91
C ILE N 165 16.27 -14.34 -39.55
N LYS N 166 17.27 -15.19 -39.82
CA LYS N 166 18.51 -14.76 -40.47
C LYS N 166 18.22 -14.14 -41.83
N GLU N 167 17.42 -14.81 -42.66
CA GLU N 167 17.19 -14.29 -44.00
C GLU N 167 16.39 -13.00 -43.95
N LYS N 168 15.40 -12.95 -43.07
CA LYS N 168 14.60 -11.74 -42.87
C LYS N 168 15.49 -10.56 -42.48
N LEU N 169 16.40 -10.77 -41.52
CA LEU N 169 17.30 -9.70 -41.06
C LEU N 169 18.25 -9.26 -42.17
N ASN N 170 18.79 -10.21 -42.95
CA ASN N 170 19.67 -9.82 -44.04
C ASN N 170 18.94 -9.00 -45.09
N ARG N 171 17.73 -9.43 -45.48
CA ARG N 171 16.96 -8.71 -46.48
C ARG N 171 16.60 -7.31 -46.00
N LEU N 172 16.11 -7.20 -44.78
CA LEU N 172 15.73 -5.88 -44.29
C LEU N 172 16.93 -4.95 -44.21
N MET N 173 18.08 -5.43 -43.75
CA MET N 173 19.22 -4.53 -43.64
C MET N 173 19.78 -4.18 -44.99
N ALA N 174 19.66 -5.09 -45.96
CA ALA N 174 20.00 -4.74 -47.33
C ALA N 174 19.10 -3.60 -47.83
N LYS N 175 17.81 -3.63 -47.46
CA LYS N 175 16.94 -2.50 -47.82
C LYS N 175 17.37 -1.23 -47.12
N HIS N 176 17.71 -1.31 -45.83
CA HIS N 176 18.17 -0.15 -45.08
C HIS N 176 19.45 0.43 -45.66
N CYS N 177 20.35 -0.43 -46.14
CA CYS N 177 21.64 0.01 -46.64
C CYS N 177 21.64 0.27 -48.14
N ASP N 178 20.50 0.05 -48.81
CA ASP N 178 20.38 0.16 -50.26
C ASP N 178 21.45 -0.71 -50.94
N ARG N 179 21.50 -1.98 -50.51
CA ARG N 179 22.46 -2.92 -51.05
C ARG N 179 21.75 -4.21 -51.48
N ASP N 180 22.50 -5.06 -52.15
CA ASP N 180 21.96 -6.33 -52.59
C ASP N 180 21.98 -7.29 -51.41
N LEU N 181 21.01 -8.19 -51.41
CA LEU N 181 20.94 -9.19 -50.35
C LEU N 181 22.25 -9.97 -50.22
N ALA N 182 22.92 -10.26 -51.35
CA ALA N 182 24.12 -11.08 -51.29
C ALA N 182 25.22 -10.40 -50.49
N ASP N 183 25.30 -9.06 -50.55
CA ASP N 183 26.30 -8.33 -49.77
C ASP N 183 26.11 -8.62 -48.30
N LEU N 184 24.86 -8.50 -47.83
CA LEU N 184 24.56 -8.68 -46.42
C LEU N 184 24.77 -10.11 -45.99
N GLU N 185 24.48 -11.06 -46.87
CA GLU N 185 24.72 -12.46 -46.54
C GLU N 185 26.20 -12.71 -46.30
N ARG N 186 27.06 -12.13 -47.14
CA ARG N 186 28.50 -12.21 -46.94
C ARG N 186 28.96 -11.49 -45.67
N ASP N 187 28.42 -10.30 -45.42
CA ASP N 187 28.99 -9.39 -44.42
C ASP N 187 28.40 -9.56 -43.03
N THR N 188 27.38 -10.39 -42.85
CA THR N 188 26.95 -10.74 -41.50
C THR N 188 27.37 -12.15 -41.14
N ASP N 189 28.10 -12.84 -42.03
CA ASP N 189 28.44 -14.24 -41.81
C ASP N 189 29.15 -14.46 -40.48
N ARG N 190 30.08 -13.57 -40.14
CA ARG N 190 30.71 -13.51 -38.84
C ARG N 190 30.67 -12.05 -38.35
N ASP N 191 31.19 -11.81 -37.15
CA ASP N 191 31.10 -10.47 -36.56
C ASP N 191 31.81 -9.45 -37.44
N ASN N 192 31.08 -8.42 -37.81
CA ASN N 192 31.55 -7.39 -38.72
C ASN N 192 31.56 -6.07 -37.96
N PHE N 193 32.74 -5.68 -37.49
CA PHE N 193 32.94 -4.44 -36.77
C PHE N 193 33.18 -3.30 -37.74
N MET N 194 32.48 -2.18 -37.54
CA MET N 194 32.59 -1.03 -38.42
C MET N 194 32.75 0.25 -37.62
N SER N 195 33.71 1.07 -38.02
CA SER N 195 33.78 2.42 -37.48
C SER N 195 32.61 3.24 -37.99
N ALA N 196 32.41 4.42 -37.40
CA ALA N 196 31.36 5.30 -37.91
C ALA N 196 31.61 5.63 -39.38
N GLU N 197 32.87 5.82 -39.78
CA GLU N 197 33.13 6.12 -41.19
C GLU N 197 32.86 4.90 -42.06
N GLU N 198 33.24 3.70 -41.60
CA GLU N 198 32.92 2.50 -42.38
C GLU N 198 31.42 2.26 -42.44
N ALA N 199 30.71 2.56 -41.35
CA ALA N 199 29.28 2.33 -41.36
C ALA N 199 28.58 3.29 -42.32
N LYS N 200 29.05 4.54 -42.39
CA LYS N 200 28.46 5.51 -43.32
C LYS N 200 28.70 5.08 -44.76
N GLU N 201 29.91 4.60 -45.05
CA GLU N 201 30.21 4.09 -46.39
C GLU N 201 29.33 2.92 -46.77
N TYR N 202 28.99 2.09 -45.78
CA TYR N 202 28.20 0.89 -46.02
C TYR N 202 26.74 1.20 -46.35
N GLY N 203 26.27 2.38 -45.98
CA GLY N 203 24.89 2.70 -46.16
C GLY N 203 24.09 2.53 -44.90
N LEU N 204 24.74 2.21 -43.79
CA LEU N 204 24.05 1.87 -42.56
C LEU N 204 23.65 3.10 -41.76
N ILE N 205 24.42 4.19 -41.87
CA ILE N 205 24.04 5.50 -41.35
C ILE N 205 24.23 6.48 -42.49
N ASP N 206 23.79 7.72 -42.25
CA ASP N 206 23.89 8.80 -43.22
C ASP N 206 24.98 9.81 -42.93
N GLN N 207 25.31 10.09 -41.67
CA GLN N 207 26.17 11.25 -41.40
C GLN N 207 26.85 11.02 -40.05
N ILE N 208 28.02 11.63 -39.85
CA ILE N 208 28.75 11.57 -38.60
C ILE N 208 28.74 12.98 -38.00
N LEU N 209 28.42 13.09 -36.72
CA LEU N 209 28.35 14.41 -36.09
C LEU N 209 29.69 14.81 -35.49
N GLU N 210 29.95 16.12 -35.46
CA GLU N 210 31.23 16.66 -35.03
C GLU N 210 31.07 17.82 -34.04
N ASP O 36 45.18 -60.92 -21.59
CA ASP O 36 44.20 -59.93 -22.04
C ASP O 36 43.82 -60.12 -23.53
N ILE O 37 42.83 -59.37 -23.99
CA ILE O 37 42.36 -59.54 -25.37
C ILE O 37 42.99 -58.46 -26.27
N TYR O 38 43.12 -57.24 -25.73
CA TYR O 38 43.86 -56.17 -26.39
C TYR O 38 45.30 -56.59 -26.51
N SER O 39 45.66 -57.47 -25.58
CA SER O 39 46.99 -58.01 -25.50
C SER O 39 47.32 -58.80 -26.78
N ARG O 40 46.37 -59.58 -27.33
CA ARG O 40 46.60 -60.27 -28.61
C ARG O 40 46.20 -59.42 -29.82
N LEU O 41 45.43 -58.34 -29.64
CA LEU O 41 45.22 -57.39 -30.76
C LEU O 41 46.51 -56.68 -31.15
N LEU O 42 47.28 -56.23 -30.16
CA LEU O 42 48.58 -55.67 -30.49
C LEU O 42 49.48 -56.72 -31.10
N LYS O 43 49.30 -57.99 -30.72
CA LYS O 43 50.17 -59.03 -31.24
C LYS O 43 50.12 -59.08 -32.77
N GLU O 44 48.98 -58.70 -33.34
CA GLU O 44 48.75 -58.61 -34.76
C GLU O 44 49.04 -57.23 -35.33
N ARG O 45 49.74 -56.37 -34.59
CA ARG O 45 50.12 -55.03 -35.05
C ARG O 45 48.88 -54.14 -35.21
N ILE O 46 47.91 -54.29 -34.31
CA ILE O 46 46.74 -53.42 -34.28
C ILE O 46 46.91 -52.43 -33.15
N VAL O 47 46.81 -51.14 -33.45
CA VAL O 47 46.79 -50.11 -32.43
C VAL O 47 45.47 -49.35 -32.52
N PHE O 48 44.84 -49.14 -31.36
CA PHE O 48 43.56 -48.47 -31.22
C PHE O 48 43.74 -47.05 -30.69
N LEU O 49 42.93 -46.12 -31.17
CA LEU O 49 42.71 -44.84 -30.50
C LEU O 49 41.22 -44.63 -30.32
N VAL O 50 40.74 -44.80 -29.10
CA VAL O 50 39.31 -44.68 -28.77
C VAL O 50 39.14 -43.53 -27.81
N GLY O 51 38.27 -42.58 -28.18
CA GLY O 51 37.99 -41.43 -27.36
C GLY O 51 38.90 -40.27 -27.69
N PRO O 52 38.92 -39.27 -26.81
CA PRO O 52 39.63 -38.03 -27.11
C PRO O 52 41.13 -38.22 -27.26
N VAL O 53 41.72 -37.35 -28.08
CA VAL O 53 43.17 -37.32 -28.24
C VAL O 53 43.67 -36.45 -27.11
N THR O 54 44.31 -37.07 -26.14
CA THR O 54 44.91 -36.36 -25.04
C THR O 54 46.38 -36.69 -25.03
N ASP O 55 47.15 -35.89 -24.26
CA ASP O 55 48.57 -36.19 -24.10
C ASP O 55 48.80 -37.65 -23.70
N GLU O 56 47.88 -38.23 -22.90
CA GLU O 56 48.12 -39.60 -22.41
C GLU O 56 47.80 -40.61 -23.51
N SER O 57 46.63 -40.47 -24.14
CA SER O 57 46.23 -41.42 -25.16
C SER O 57 47.18 -41.36 -26.34
N ALA O 58 47.65 -40.16 -26.66
CA ALA O 58 48.57 -39.98 -27.78
C ALA O 58 49.87 -40.71 -27.50
N ASN O 59 50.42 -40.54 -26.30
CA ASN O 59 51.72 -41.14 -26.03
C ASN O 59 51.63 -42.66 -25.89
N LEU O 60 50.47 -43.18 -25.47
CA LEU O 60 50.24 -44.62 -25.54
C LEU O 60 50.27 -45.11 -26.98
N VAL O 61 49.66 -44.35 -27.90
CA VAL O 61 49.72 -44.75 -29.29
C VAL O 61 51.15 -44.68 -29.79
N VAL O 62 51.87 -43.60 -29.45
CA VAL O 62 53.25 -43.41 -29.87
C VAL O 62 54.14 -44.53 -29.34
N ALA O 63 53.93 -44.93 -28.08
CA ALA O 63 54.72 -46.01 -27.50
C ALA O 63 54.52 -47.32 -28.26
N GLN O 64 53.28 -47.64 -28.62
CA GLN O 64 53.01 -48.85 -29.38
C GLN O 64 53.57 -48.77 -30.78
N LEU O 65 53.54 -47.58 -31.39
CA LEU O 65 54.12 -47.42 -32.73
C LEU O 65 55.61 -47.71 -32.72
N LEU O 66 56.34 -47.10 -31.78
CA LEU O 66 57.77 -47.35 -31.70
C LEU O 66 58.03 -48.82 -31.42
N PHE O 67 57.22 -49.40 -30.55
CA PHE O 67 57.35 -50.80 -30.20
C PHE O 67 57.13 -51.71 -31.41
N LEU O 68 56.03 -51.49 -32.15
CA LEU O 68 55.73 -52.37 -33.27
C LEU O 68 56.81 -52.29 -34.35
N GLU O 69 57.36 -51.11 -34.58
CA GLU O 69 58.48 -50.99 -35.52
C GLU O 69 59.68 -51.78 -35.03
N SER O 70 59.96 -51.71 -33.72
CA SER O 70 61.08 -52.44 -33.15
C SER O 70 60.93 -53.95 -33.31
N GLU O 71 59.71 -54.47 -33.10
CA GLU O 71 59.52 -55.91 -33.24
C GLU O 71 59.68 -56.37 -34.68
N ASN O 72 59.38 -55.49 -35.62
CA ASN O 72 59.54 -55.81 -37.03
C ASN O 72 59.35 -54.53 -37.83
N PRO O 73 60.42 -53.91 -38.34
CA PRO O 73 60.27 -52.67 -39.10
C PRO O 73 59.72 -52.84 -40.51
N ASP O 74 59.38 -54.05 -40.93
CA ASP O 74 58.97 -54.24 -42.32
C ASP O 74 57.54 -54.72 -42.50
N LYS O 75 56.81 -54.99 -41.43
CA LYS O 75 55.40 -55.34 -41.52
C LYS O 75 54.54 -54.10 -41.28
N ASP O 76 53.46 -53.98 -42.04
CA ASP O 76 52.53 -52.87 -41.88
C ASP O 76 51.95 -52.84 -40.47
N ILE O 77 51.52 -51.64 -40.06
CA ILE O 77 50.82 -51.44 -38.78
C ILE O 77 49.41 -50.95 -39.08
N PHE O 78 48.46 -51.35 -38.24
CA PHE O 78 47.05 -51.04 -38.47
C PHE O 78 46.48 -50.23 -37.31
N PHE O 79 46.21 -48.96 -37.61
CA PHE O 79 45.84 -47.94 -36.64
C PHE O 79 44.33 -47.74 -36.69
N TYR O 80 43.63 -48.27 -35.69
CA TYR O 80 42.19 -48.15 -35.63
C TYR O 80 41.81 -46.88 -34.87
N ILE O 81 40.97 -46.05 -35.48
CA ILE O 81 40.62 -44.74 -34.91
C ILE O 81 39.11 -44.69 -34.69
N ASN O 82 38.71 -44.43 -33.45
CA ASN O 82 37.33 -44.09 -33.12
C ASN O 82 37.39 -42.93 -32.12
N SER O 83 37.44 -41.71 -32.65
CA SER O 83 37.74 -40.59 -31.78
C SER O 83 37.01 -39.31 -32.22
N PRO O 84 36.57 -38.49 -31.27
CA PRO O 84 36.00 -37.18 -31.62
C PRO O 84 37.02 -36.07 -31.80
N GLY O 85 38.30 -36.35 -31.58
CA GLY O 85 39.32 -35.32 -31.69
C GLY O 85 40.01 -35.05 -30.36
N GLY O 86 40.63 -33.89 -30.23
CA GLY O 86 41.25 -33.53 -28.99
C GLY O 86 42.41 -32.57 -29.26
N SER O 87 43.47 -32.74 -28.47
CA SER O 87 44.60 -31.81 -28.49
C SER O 87 45.36 -31.89 -29.82
N VAL O 88 45.59 -30.72 -30.41
CA VAL O 88 46.34 -30.65 -31.66
C VAL O 88 47.78 -31.12 -31.45
N THR O 89 48.44 -30.68 -30.37
CA THR O 89 49.85 -31.04 -30.19
C THR O 89 50.00 -32.54 -29.95
N ALA O 90 49.12 -33.15 -29.14
CA ALA O 90 49.17 -34.59 -28.89
C ALA O 90 48.92 -35.38 -30.16
N GLY O 91 47.98 -34.92 -31.00
CA GLY O 91 47.79 -35.57 -32.29
C GLY O 91 49.01 -35.43 -33.18
N MET O 92 49.64 -34.24 -33.15
CA MET O 92 50.84 -34.06 -33.95
C MET O 92 51.95 -35.02 -33.53
N SER O 93 52.00 -35.37 -32.24
CA SER O 93 53.01 -36.32 -31.81
C SER O 93 52.75 -37.70 -32.41
N ILE O 94 51.48 -38.13 -32.46
CA ILE O 94 51.15 -39.38 -33.15
C ILE O 94 51.51 -39.28 -34.62
N TYR O 95 51.09 -38.19 -35.26
CA TYR O 95 51.33 -37.95 -36.68
C TYR O 95 52.80 -38.05 -37.03
N ASP O 96 53.64 -37.29 -36.31
CA ASP O 96 55.07 -37.32 -36.60
C ASP O 96 55.65 -38.71 -36.37
N THR O 97 55.13 -39.44 -35.38
CA THR O 97 55.56 -40.83 -35.21
C THR O 97 55.13 -41.70 -36.39
N MET O 98 53.89 -41.53 -36.88
CA MET O 98 53.49 -42.32 -38.03
C MET O 98 54.42 -42.09 -39.21
N ASN O 99 54.83 -40.85 -39.43
CA ASN O 99 55.69 -40.55 -40.55
C ASN O 99 57.14 -40.94 -40.34
N PHE O 100 57.60 -41.04 -39.09
CA PHE O 100 59.02 -41.27 -38.85
C PHE O 100 59.38 -42.75 -39.03
N ILE O 101 58.55 -43.65 -38.53
CA ILE O 101 58.87 -45.07 -38.52
C ILE O 101 58.83 -45.65 -39.94
N LYS O 102 59.59 -46.75 -40.14
CA LYS O 102 59.64 -47.41 -41.45
C LYS O 102 58.32 -48.08 -41.84
N PRO O 103 57.63 -48.83 -40.98
CA PRO O 103 56.41 -49.50 -41.43
C PRO O 103 55.39 -48.51 -41.96
N ASP O 104 54.67 -48.92 -43.01
CA ASP O 104 53.46 -48.23 -43.41
C ASP O 104 52.47 -48.33 -42.26
N VAL O 105 51.85 -47.20 -41.93
CA VAL O 105 50.82 -47.16 -40.91
C VAL O 105 49.49 -47.05 -41.64
N SER O 106 48.78 -48.17 -41.72
CA SER O 106 47.42 -48.14 -42.24
C SER O 106 46.51 -47.62 -41.14
N THR O 107 45.54 -46.78 -41.54
CA THR O 107 44.54 -46.24 -40.62
C THR O 107 43.16 -46.73 -41.00
N LEU O 108 42.32 -46.94 -40.00
CA LEU O 108 40.95 -47.36 -40.24
C LEU O 108 40.04 -46.65 -39.27
N CYS O 109 38.96 -46.08 -39.80
CA CYS O 109 37.95 -45.41 -38.98
C CYS O 109 36.77 -46.35 -38.72
N LEU O 110 36.44 -46.52 -37.45
CA LEU O 110 35.19 -47.17 -37.08
C LEU O 110 34.46 -46.26 -36.10
N GLY O 111 33.14 -46.14 -36.29
CA GLY O 111 32.39 -45.19 -35.51
C GLY O 111 32.55 -43.80 -36.09
N GLN O 112 33.60 -43.09 -35.65
CA GLN O 112 33.85 -41.74 -36.13
C GLN O 112 35.32 -41.39 -36.05
N ALA O 113 35.70 -40.42 -36.89
CA ALA O 113 37.00 -39.75 -36.86
C ALA O 113 36.71 -38.28 -37.07
N ALA O 114 36.79 -37.49 -36.02
CA ALA O 114 36.46 -36.08 -36.13
C ALA O 114 37.64 -35.22 -35.68
N SER O 115 37.79 -34.07 -36.34
CA SER O 115 38.80 -33.08 -35.98
C SER O 115 40.16 -33.78 -35.99
N MET O 116 40.96 -33.67 -34.93
CA MET O 116 42.31 -34.24 -34.94
C MET O 116 42.31 -35.74 -35.25
N GLY O 117 41.25 -36.45 -34.87
CA GLY O 117 41.12 -37.85 -35.24
C GLY O 117 40.91 -38.06 -36.73
N ALA O 118 40.11 -37.20 -37.36
CA ALA O 118 39.98 -37.26 -38.82
C ALA O 118 41.30 -36.91 -39.47
N PHE O 119 42.04 -35.97 -38.88
CA PHE O 119 43.37 -35.63 -39.38
C PHE O 119 44.26 -36.87 -39.43
N LEU O 120 44.27 -37.65 -38.33
CA LEU O 120 45.15 -38.82 -38.25
C LEU O 120 44.71 -39.92 -39.21
N LEU O 121 43.39 -40.11 -39.36
CA LEU O 121 42.91 -41.09 -40.31
C LEU O 121 43.45 -40.80 -41.70
N SER O 122 43.34 -39.54 -42.13
CA SER O 122 43.80 -39.11 -43.44
C SER O 122 45.31 -39.20 -43.57
N ALA O 123 46.03 -39.32 -42.46
CA ALA O 123 47.48 -39.38 -42.44
C ALA O 123 48.03 -40.79 -42.64
N GLY O 124 47.18 -41.81 -42.73
CA GLY O 124 47.68 -43.14 -43.00
C GLY O 124 48.33 -43.20 -44.37
N GLU O 125 49.11 -44.26 -44.59
CA GLU O 125 49.76 -44.46 -45.88
C GLU O 125 48.73 -44.46 -47.00
N LYS O 126 48.96 -43.63 -48.01
CA LYS O 126 47.99 -43.51 -49.10
C LYS O 126 47.85 -44.83 -49.83
N GLY O 127 46.60 -45.28 -49.99
CA GLY O 127 46.28 -46.62 -50.42
C GLY O 127 45.90 -47.55 -49.28
N LYS O 128 46.13 -47.15 -48.03
CA LYS O 128 45.86 -48.02 -46.90
C LYS O 128 45.07 -47.30 -45.83
N ARG O 129 44.23 -46.33 -46.24
CA ARG O 129 43.31 -45.61 -45.36
C ARG O 129 41.89 -46.11 -45.59
N PHE O 130 41.29 -46.69 -44.56
CA PHE O 130 40.00 -47.35 -44.69
C PHE O 130 39.01 -46.81 -43.67
N ALA O 131 37.72 -46.99 -43.99
CA ALA O 131 36.64 -46.70 -43.05
C ALA O 131 35.55 -47.76 -43.18
N LEU O 132 34.84 -47.98 -42.09
CA LEU O 132 33.72 -48.90 -42.13
C LEU O 132 32.52 -48.21 -42.77
N PRO O 133 31.54 -48.98 -43.30
CA PRO O 133 30.51 -48.35 -44.17
C PRO O 133 29.73 -47.26 -43.49
N ASN O 134 29.48 -47.37 -42.19
CA ASN O 134 28.65 -46.40 -41.48
C ASN O 134 29.45 -45.48 -40.58
N SER O 135 30.76 -45.41 -40.79
CA SER O 135 31.60 -44.45 -40.12
C SER O 135 31.22 -43.01 -40.47
N ARG O 136 31.60 -42.10 -39.59
CA ARG O 136 31.40 -40.68 -39.79
C ARG O 136 32.74 -39.97 -39.72
N ILE O 137 32.95 -39.05 -40.65
CA ILE O 137 34.18 -38.27 -40.71
C ILE O 137 33.80 -36.81 -40.55
N MET O 138 34.56 -36.07 -39.74
CA MET O 138 34.29 -34.64 -39.68
C MET O 138 35.58 -33.84 -39.58
N ILE O 139 35.64 -32.74 -40.36
CA ILE O 139 36.79 -31.85 -40.37
C ILE O 139 36.30 -30.42 -40.16
N HIS O 140 37.11 -29.62 -39.45
CA HIS O 140 36.82 -28.21 -39.21
C HIS O 140 38.11 -27.50 -38.81
N GLN O 141 38.08 -26.18 -38.88
CA GLN O 141 39.20 -25.35 -38.44
C GLN O 141 39.33 -25.41 -36.92
N PRO O 142 40.47 -24.98 -36.36
CA PRO O 142 40.64 -25.11 -34.91
C PRO O 142 39.59 -24.31 -34.15
N LEU O 143 39.36 -24.74 -32.90
CA LEU O 143 38.28 -24.26 -32.06
C LEU O 143 38.80 -24.15 -30.63
N ILE O 144 38.43 -23.07 -29.94
CA ILE O 144 38.93 -22.77 -28.59
C ILE O 144 37.74 -22.61 -27.64
N SER O 145 37.98 -22.89 -26.35
CA SER O 145 37.01 -22.53 -25.31
C SER O 145 37.62 -21.60 -24.24
N GLY O 150 43.69 -12.53 -21.84
CA GLY O 150 44.50 -11.59 -21.11
C GLY O 150 44.59 -10.17 -21.69
N GLN O 151 45.82 -9.67 -21.84
CA GLN O 151 46.07 -8.38 -22.48
C GLN O 151 45.97 -8.51 -24.00
N ALA O 152 45.75 -7.37 -24.66
CA ALA O 152 45.63 -7.35 -26.13
C ALA O 152 46.89 -7.93 -26.79
N SER O 153 48.07 -7.63 -26.24
CA SER O 153 49.30 -8.23 -26.76
C SER O 153 49.27 -9.75 -26.64
N ASP O 154 48.81 -10.25 -25.50
CA ASP O 154 48.82 -11.70 -25.30
C ASP O 154 47.79 -12.37 -26.21
N ILE O 155 46.63 -11.75 -26.38
CA ILE O 155 45.55 -12.31 -27.19
C ILE O 155 45.92 -12.33 -28.66
N GLU O 156 46.55 -11.24 -29.17
CA GLU O 156 47.08 -11.26 -30.54
C GLU O 156 48.17 -12.31 -30.70
N ILE O 157 48.98 -12.56 -29.67
CA ILE O 157 49.96 -13.64 -29.80
C ILE O 157 49.24 -14.95 -30.08
N HIS O 158 48.21 -15.27 -29.27
CA HIS O 158 47.54 -16.56 -29.35
C HIS O 158 46.62 -16.64 -30.57
N ALA O 159 46.01 -15.53 -30.96
CA ALA O 159 45.30 -15.50 -32.23
C ALA O 159 46.25 -15.87 -33.38
N ARG O 160 47.49 -15.34 -33.37
CA ARG O 160 48.41 -15.70 -34.43
C ARG O 160 48.77 -17.17 -34.38
N GLU O 161 49.03 -17.71 -33.19
CA GLU O 161 49.37 -19.11 -33.07
C GLU O 161 48.20 -20.00 -33.50
N LEU O 162 46.97 -19.60 -33.17
CA LEU O 162 45.81 -20.38 -33.58
C LEU O 162 45.64 -20.34 -35.09
N LEU O 163 45.94 -19.20 -35.71
CA LEU O 163 45.88 -19.08 -37.16
C LEU O 163 47.03 -19.82 -37.84
N LYS O 164 48.21 -19.88 -37.21
CA LYS O 164 49.26 -20.70 -37.79
C LYS O 164 48.85 -22.17 -37.81
N ILE O 165 48.27 -22.65 -36.71
CA ILE O 165 47.80 -24.02 -36.66
C ILE O 165 46.73 -24.27 -37.73
N LYS O 166 45.77 -23.35 -37.86
CA LYS O 166 44.72 -23.50 -38.86
C LYS O 166 45.29 -23.66 -40.27
N GLU O 167 46.24 -22.81 -40.66
CA GLU O 167 46.81 -22.96 -42.00
C GLU O 167 47.62 -24.25 -42.13
N LYS O 168 48.41 -24.59 -41.10
CA LYS O 168 49.20 -25.82 -41.14
C LYS O 168 48.29 -27.03 -41.31
N LEU O 169 47.19 -27.09 -40.55
CA LEU O 169 46.29 -28.23 -40.69
C LEU O 169 45.62 -28.25 -42.06
N ASN O 170 45.19 -27.09 -42.57
CA ASN O 170 44.61 -27.06 -43.92
C ASN O 170 45.63 -27.45 -44.97
N ARG O 171 46.85 -26.95 -44.81
CA ARG O 171 47.92 -27.22 -45.76
C ARG O 171 48.25 -28.72 -45.75
N LEU O 172 48.43 -29.31 -44.56
CA LEU O 172 48.72 -30.74 -44.47
C LEU O 172 47.57 -31.59 -44.98
N MET O 173 46.36 -31.27 -44.59
CA MET O 173 45.27 -32.14 -44.98
C MET O 173 45.00 -32.04 -46.48
N ALA O 174 45.29 -30.89 -47.10
CA ALA O 174 45.25 -30.78 -48.56
C ALA O 174 46.23 -31.73 -49.21
N LYS O 175 47.43 -31.89 -48.62
CA LYS O 175 48.39 -32.86 -49.10
C LYS O 175 47.85 -34.28 -48.95
N HIS O 176 47.27 -34.59 -47.78
CA HIS O 176 46.73 -35.92 -47.54
C HIS O 176 45.62 -36.27 -48.52
N CYS O 177 44.81 -35.28 -48.91
CA CYS O 177 43.65 -35.52 -49.75
C CYS O 177 43.96 -35.32 -51.22
N ASP O 178 45.19 -34.92 -51.54
CA ASP O 178 45.60 -34.58 -52.91
C ASP O 178 44.65 -33.53 -53.48
N ARG O 179 44.40 -32.48 -52.71
CA ARG O 179 43.48 -31.44 -53.16
C ARG O 179 44.16 -30.09 -53.08
N ASP O 180 43.53 -29.11 -53.70
CA ASP O 180 44.06 -27.75 -53.69
C ASP O 180 43.77 -27.10 -52.35
N LEU O 181 44.71 -26.30 -51.87
CA LEU O 181 44.56 -25.67 -50.57
C LEU O 181 43.25 -24.89 -50.46
N ALA O 182 42.83 -24.26 -51.56
CA ALA O 182 41.59 -23.48 -51.48
C ALA O 182 40.42 -24.35 -51.08
N ASP O 183 40.41 -25.62 -51.51
CA ASP O 183 39.33 -26.53 -51.14
C ASP O 183 39.22 -26.65 -49.63
N LEU O 184 40.33 -26.96 -48.95
CA LEU O 184 40.29 -27.18 -47.52
C LEU O 184 39.97 -25.89 -46.77
N GLU O 185 40.38 -24.74 -47.28
CA GLU O 185 40.01 -23.46 -46.68
C GLU O 185 38.50 -23.26 -46.74
N ARG O 186 37.89 -23.59 -47.89
CA ARG O 186 36.43 -23.56 -48.02
C ARG O 186 35.77 -24.62 -47.15
N ASP O 187 36.32 -25.83 -47.12
CA ASP O 187 35.58 -26.96 -46.56
C ASP O 187 35.79 -27.17 -45.07
N THR O 188 36.72 -26.46 -44.41
CA THR O 188 36.84 -26.54 -42.95
C THR O 188 36.35 -25.27 -42.28
N ASP O 189 35.79 -24.33 -43.06
CA ASP O 189 35.34 -23.07 -42.47
C ASP O 189 34.35 -23.32 -41.33
N ARG O 190 33.42 -24.25 -41.52
CA ARG O 190 32.54 -24.70 -40.47
C ARG O 190 32.57 -26.22 -40.47
N ASP O 191 31.87 -26.82 -39.52
CA ASP O 191 31.89 -28.26 -39.35
C ASP O 191 31.43 -28.97 -40.60
N ASN O 192 32.25 -29.90 -41.06
CA ASN O 192 32.04 -30.61 -42.31
C ASN O 192 31.91 -32.11 -42.01
N PHE O 193 30.67 -32.58 -41.91
CA PHE O 193 30.38 -33.99 -41.65
C PHE O 193 30.35 -34.75 -42.96
N MET O 194 31.01 -35.92 -42.97
CA MET O 194 31.13 -36.73 -44.18
C MET O 194 30.86 -38.20 -43.88
N SER O 195 30.08 -38.83 -44.76
CA SER O 195 29.97 -40.28 -44.79
C SER O 195 31.28 -40.88 -45.26
N ALA O 196 31.39 -42.20 -45.12
CA ALA O 196 32.57 -42.89 -45.61
C ALA O 196 32.80 -42.66 -47.11
N GLU O 197 31.72 -42.65 -47.92
CA GLU O 197 31.89 -42.42 -49.36
C GLU O 197 32.25 -40.99 -49.68
N GLU O 198 31.68 -40.03 -48.94
CA GLU O 198 32.10 -38.65 -49.16
C GLU O 198 33.56 -38.45 -48.79
N ALA O 199 34.03 -39.17 -47.76
CA ALA O 199 35.42 -39.05 -47.38
C ALA O 199 36.34 -39.70 -48.42
N LYS O 200 35.93 -40.85 -48.98
CA LYS O 200 36.74 -41.49 -50.00
C LYS O 200 36.81 -40.62 -51.25
N GLU O 201 35.67 -40.13 -51.69
CA GLU O 201 35.65 -39.27 -52.85
C GLU O 201 36.32 -37.92 -52.55
N TYR O 202 36.38 -37.52 -51.27
CA TYR O 202 37.08 -36.28 -50.93
C TYR O 202 38.60 -36.44 -51.03
N GLY O 203 39.11 -37.67 -51.00
CA GLY O 203 40.52 -37.91 -50.97
C GLY O 203 41.05 -38.20 -49.60
N LEU O 204 40.16 -38.36 -48.63
CA LEU O 204 40.51 -38.50 -47.23
C LEU O 204 40.74 -39.94 -46.79
N ILE O 205 40.10 -40.90 -47.46
CA ILE O 205 40.37 -42.32 -47.27
C ILE O 205 40.50 -42.92 -48.67
N ASP O 206 40.88 -44.19 -48.71
CA ASP O 206 41.12 -44.86 -49.99
C ASP O 206 40.01 -45.81 -50.39
N GLN O 207 39.49 -46.55 -49.44
CA GLN O 207 38.68 -47.75 -49.58
C GLN O 207 37.69 -47.77 -48.43
N ILE O 208 36.47 -48.23 -48.71
CA ILE O 208 35.46 -48.47 -47.67
C ILE O 208 35.32 -49.98 -47.57
N LEU O 209 35.57 -50.53 -46.40
CA LEU O 209 35.58 -51.97 -46.26
C LEU O 209 34.17 -52.50 -46.19
N GLU O 210 33.82 -53.37 -47.15
CA GLU O 210 32.43 -53.74 -47.39
C GLU O 210 31.94 -54.85 -46.45
N ASN O 211 31.23 -55.83 -46.98
CA ASN O 211 30.75 -56.95 -46.14
C ASN O 211 31.09 -58.30 -46.76
N ASP P 36 55.24 -53.71 -18.51
CA ASP P 36 54.63 -52.62 -19.29
C ASP P 36 55.42 -52.29 -20.56
N ILE P 37 54.75 -51.59 -21.48
CA ILE P 37 55.41 -51.13 -22.68
C ILE P 37 56.35 -49.96 -22.38
N TYR P 38 55.97 -49.11 -21.42
CA TYR P 38 56.87 -48.02 -21.03
C TYR P 38 58.12 -48.59 -20.39
N SER P 39 58.00 -49.72 -19.70
CA SER P 39 59.21 -50.42 -19.30
C SER P 39 60.01 -50.98 -20.52
N ARG P 40 59.38 -51.33 -21.62
CA ARG P 40 60.20 -51.78 -22.76
C ARG P 40 61.01 -50.64 -23.33
N LEU P 41 60.42 -49.47 -23.24
CA LEU P 41 61.14 -48.27 -23.63
C LEU P 41 62.26 -47.90 -22.64
N LEU P 42 62.04 -48.15 -21.36
CA LEU P 42 63.04 -47.82 -20.37
C LEU P 42 64.30 -48.68 -20.52
N LYS P 43 64.16 -49.96 -20.89
CA LYS P 43 65.38 -50.74 -21.07
C LYS P 43 66.19 -50.28 -22.28
N GLU P 44 65.59 -49.60 -23.23
CA GLU P 44 66.37 -48.99 -24.28
C GLU P 44 66.86 -47.58 -23.89
N ARG P 45 66.82 -47.27 -22.58
CA ARG P 45 67.30 -46.01 -22.00
C ARG P 45 66.48 -44.79 -22.46
N ILE P 46 65.18 -44.96 -22.67
CA ILE P 46 64.27 -43.85 -22.95
C ILE P 46 63.46 -43.54 -21.70
N VAL P 47 63.48 -42.26 -21.29
CA VAL P 47 62.71 -41.74 -20.18
C VAL P 47 61.72 -40.73 -20.74
N PHE P 48 60.46 -40.83 -20.33
CA PHE P 48 59.40 -39.96 -20.83
C PHE P 48 59.06 -38.89 -19.80
N LEU P 49 58.79 -37.68 -20.28
CA LEU P 49 58.05 -36.70 -19.50
C LEU P 49 56.86 -36.26 -20.37
N VAL P 50 55.66 -36.71 -19.98
CA VAL P 50 54.43 -36.42 -20.71
C VAL P 50 53.49 -35.68 -19.76
N GLY P 51 53.04 -34.51 -20.16
CA GLY P 51 52.17 -33.74 -19.31
C GLY P 51 52.87 -32.78 -18.37
N PRO P 52 52.13 -32.29 -17.37
CA PRO P 52 52.66 -31.23 -16.50
C PRO P 52 53.86 -31.64 -15.67
N VAL P 53 54.69 -30.64 -15.37
CA VAL P 53 55.83 -30.83 -14.48
C VAL P 53 55.34 -30.57 -13.05
N THR P 54 55.19 -31.65 -12.29
CA THR P 54 54.80 -31.60 -10.89
C THR P 54 55.88 -32.29 -10.09
N ASP P 55 55.80 -32.15 -8.75
CA ASP P 55 56.70 -32.88 -7.88
C ASP P 55 56.69 -34.39 -8.16
N GLU P 56 55.52 -34.99 -8.48
CA GLU P 56 55.58 -36.44 -8.67
C GLU P 56 56.30 -36.74 -9.98
N SER P 57 55.88 -36.07 -11.07
CA SER P 57 56.42 -36.40 -12.38
C SER P 57 57.89 -36.08 -12.44
N ALA P 58 58.33 -35.04 -11.77
CA ALA P 58 59.75 -34.70 -11.75
C ALA P 58 60.56 -35.78 -11.07
N ASN P 59 60.10 -36.27 -9.93
CA ASN P 59 60.93 -37.21 -9.19
C ASN P 59 60.96 -38.57 -9.86
N LEU P 60 59.89 -38.95 -10.56
CA LEU P 60 59.90 -40.19 -11.34
C LEU P 60 60.94 -40.13 -12.46
N VAL P 61 61.07 -38.98 -13.11
CA VAL P 61 62.14 -38.82 -14.10
C VAL P 61 63.50 -38.89 -13.41
N VAL P 62 63.66 -38.22 -12.27
CA VAL P 62 64.94 -38.22 -11.55
C VAL P 62 65.34 -39.65 -11.19
N ALA P 63 64.38 -40.43 -10.69
CA ALA P 63 64.70 -41.80 -10.29
C ALA P 63 65.16 -42.65 -11.47
N GLN P 64 64.48 -42.53 -12.62
CA GLN P 64 64.89 -43.31 -13.80
C GLN P 64 66.26 -42.87 -14.31
N LEU P 65 66.57 -41.58 -14.24
CA LEU P 65 67.90 -41.10 -14.64
C LEU P 65 68.99 -41.71 -13.76
N LEU P 66 68.79 -41.66 -12.43
CA LEU P 66 69.75 -42.27 -11.51
C LEU P 66 69.85 -43.77 -11.76
N PHE P 67 68.70 -44.41 -12.02
CA PHE P 67 68.69 -45.85 -12.30
C PHE P 67 69.45 -46.17 -13.58
N LEU P 68 69.18 -45.43 -14.66
CA LEU P 68 69.83 -45.72 -15.94
C LEU P 68 71.35 -45.53 -15.82
N GLU P 69 71.79 -44.54 -15.04
CA GLU P 69 73.21 -44.34 -14.81
C GLU P 69 73.81 -45.52 -14.07
N SER P 70 73.09 -46.08 -13.11
CA SER P 70 73.58 -47.27 -12.41
C SER P 70 73.79 -48.42 -13.37
N GLU P 71 72.84 -48.62 -14.30
CA GLU P 71 72.93 -49.73 -15.23
C GLU P 71 74.08 -49.54 -16.20
N ASN P 72 74.41 -48.31 -16.52
CA ASN P 72 75.52 -48.05 -17.42
C ASN P 72 75.86 -46.57 -17.38
N PRO P 73 76.93 -46.17 -16.69
CA PRO P 73 77.26 -44.75 -16.61
C PRO P 73 77.86 -44.18 -17.88
N ASP P 74 78.02 -45.00 -18.91
CA ASP P 74 78.75 -44.59 -20.10
C ASP P 74 77.89 -44.51 -21.36
N LYS P 75 76.61 -44.91 -21.30
CA LYS P 75 75.71 -44.80 -22.45
C LYS P 75 74.79 -43.59 -22.36
N ASP P 76 74.54 -42.95 -23.51
CA ASP P 76 73.57 -41.87 -23.58
C ASP P 76 72.23 -42.30 -23.00
N ILE P 77 71.46 -41.32 -22.54
CA ILE P 77 70.06 -41.45 -22.13
C ILE P 77 69.25 -40.57 -23.05
N PHE P 78 68.04 -41.01 -23.36
CA PHE P 78 67.17 -40.30 -24.30
C PHE P 78 65.89 -39.87 -23.58
N PHE P 79 65.75 -38.55 -23.39
CA PHE P 79 64.69 -37.93 -22.60
C PHE P 79 63.65 -37.34 -23.56
N TYR P 80 62.51 -38.02 -23.69
CA TYR P 80 61.41 -37.61 -24.56
C TYR P 80 60.43 -36.72 -23.79
N ILE P 81 60.13 -35.53 -24.33
CA ILE P 81 59.37 -34.51 -23.62
C ILE P 81 58.13 -34.17 -24.43
N ASN P 82 56.96 -34.30 -23.82
CA ASN P 82 55.72 -33.77 -24.39
C ASN P 82 55.01 -33.10 -23.22
N SER P 83 55.30 -31.82 -23.00
CA SER P 83 54.84 -31.26 -21.76
C SER P 83 54.45 -29.80 -21.91
N PRO P 84 53.39 -29.35 -21.23
CA PRO P 84 53.01 -27.94 -21.26
C PRO P 84 53.73 -27.02 -20.26
N GLY P 85 54.59 -27.56 -19.40
CA GLY P 85 55.25 -26.75 -18.40
C GLY P 85 54.87 -27.20 -17.00
N GLY P 86 55.07 -26.35 -16.02
CA GLY P 86 54.67 -26.72 -14.69
C GLY P 86 55.56 -26.07 -13.65
N SER P 87 55.81 -26.83 -12.59
CA SER P 87 56.51 -26.32 -11.43
C SER P 87 57.98 -26.00 -11.76
N VAL P 88 58.41 -24.80 -11.38
CA VAL P 88 59.82 -24.43 -11.58
C VAL P 88 60.74 -25.27 -10.70
N THR P 89 60.38 -25.47 -9.41
CA THR P 89 61.28 -26.23 -8.55
C THR P 89 61.38 -27.67 -9.03
N ALA P 90 60.25 -28.26 -9.43
CA ALA P 90 60.26 -29.64 -9.92
C ALA P 90 61.11 -29.76 -11.18
N GLY P 91 61.02 -28.77 -12.07
CA GLY P 91 61.87 -28.78 -13.25
C GLY P 91 63.35 -28.66 -12.91
N MET P 92 63.68 -27.83 -11.93
CA MET P 92 65.07 -27.68 -11.53
C MET P 92 65.66 -28.97 -10.98
N SER P 93 64.86 -29.82 -10.34
CA SER P 93 65.38 -31.09 -9.85
C SER P 93 65.73 -32.05 -10.99
N ILE P 94 64.92 -32.07 -12.06
CA ILE P 94 65.31 -32.81 -13.26
C ILE P 94 66.56 -32.20 -13.89
N TYR P 95 66.55 -30.87 -14.07
CA TYR P 95 67.68 -30.17 -14.67
C TYR P 95 68.99 -30.49 -13.97
N ASP P 96 69.04 -30.33 -12.65
CA ASP P 96 70.27 -30.61 -11.92
C ASP P 96 70.65 -32.08 -12.03
N THR P 97 69.66 -32.97 -12.08
CA THR P 97 69.99 -34.38 -12.29
C THR P 97 70.60 -34.60 -13.68
N MET P 98 70.05 -33.95 -14.71
CA MET P 98 70.61 -34.11 -16.06
C MET P 98 72.08 -33.70 -16.11
N ASN P 99 72.45 -32.62 -15.42
CA ASN P 99 73.81 -32.10 -15.43
C ASN P 99 74.77 -32.85 -14.51
N PHE P 100 74.26 -33.58 -13.51
CA PHE P 100 75.16 -34.19 -12.54
C PHE P 100 75.67 -35.55 -12.99
N ILE P 101 74.79 -36.36 -13.58
CA ILE P 101 75.13 -37.73 -13.90
C ILE P 101 76.13 -37.79 -15.05
N LYS P 102 76.84 -38.89 -15.14
CA LYS P 102 77.85 -39.07 -16.18
C LYS P 102 77.27 -39.19 -17.59
N PRO P 103 76.19 -39.95 -17.81
CA PRO P 103 75.68 -40.11 -19.17
C PRO P 103 75.23 -38.79 -19.78
N ASP P 104 75.51 -38.63 -21.07
CA ASP P 104 74.83 -37.60 -21.83
C ASP P 104 73.34 -37.85 -21.79
N VAL P 105 72.57 -36.79 -21.56
CA VAL P 105 71.13 -36.86 -21.64
C VAL P 105 70.74 -36.13 -22.93
N SER P 106 70.37 -36.90 -23.94
CA SER P 106 69.74 -36.36 -25.13
C SER P 106 68.28 -36.05 -24.82
N THR P 107 67.77 -34.97 -25.38
CA THR P 107 66.36 -34.62 -25.25
C THR P 107 65.68 -34.62 -26.63
N LEU P 108 64.40 -35.01 -26.63
CA LEU P 108 63.60 -34.97 -27.85
C LEU P 108 62.19 -34.49 -27.55
N CYS P 109 61.74 -33.48 -28.28
CA CYS P 109 60.40 -32.94 -28.13
C CYS P 109 59.49 -33.58 -29.18
N LEU P 110 58.39 -34.19 -28.70
CA LEU P 110 57.30 -34.61 -29.55
C LEU P 110 56.01 -34.01 -29.00
N GLY P 111 55.17 -33.52 -29.89
CA GLY P 111 54.00 -32.78 -29.49
C GLY P 111 54.34 -31.33 -29.19
N GLN P 112 54.70 -31.04 -27.94
CA GLN P 112 55.09 -29.69 -27.57
C GLN P 112 56.03 -29.72 -26.37
N ALA P 113 56.85 -28.68 -26.27
CA ALA P 113 57.71 -28.45 -25.10
C ALA P 113 57.58 -26.97 -24.78
N ALA P 114 56.81 -26.69 -23.74
CA ALA P 114 56.45 -25.34 -23.37
C ALA P 114 56.89 -25.07 -21.94
N SER P 115 57.27 -23.82 -21.69
CA SER P 115 57.68 -23.37 -20.36
C SER P 115 58.76 -24.33 -19.87
N MET P 116 58.61 -24.92 -18.68
CA MET P 116 59.62 -25.78 -18.10
C MET P 116 59.96 -26.94 -19.02
N GLY P 117 59.00 -27.38 -19.82
CA GLY P 117 59.29 -28.41 -20.80
C GLY P 117 60.27 -27.94 -21.87
N ALA P 118 60.09 -26.71 -22.35
CA ALA P 118 61.05 -26.16 -23.30
C ALA P 118 62.40 -25.91 -22.62
N PHE P 119 62.36 -25.46 -21.36
CA PHE P 119 63.59 -25.31 -20.62
C PHE P 119 64.36 -26.63 -20.57
N LEU P 120 63.66 -27.72 -20.24
CA LEU P 120 64.34 -29.01 -20.12
C LEU P 120 64.81 -29.49 -21.47
N LEU P 121 64.01 -29.25 -22.50
CA LEU P 121 64.43 -29.60 -23.85
C LEU P 121 65.74 -28.91 -24.19
N SER P 122 65.82 -27.59 -23.97
CA SER P 122 67.06 -26.87 -24.26
C SER P 122 68.21 -27.31 -23.37
N ALA P 123 67.94 -28.01 -22.28
CA ALA P 123 68.98 -28.45 -21.35
C ALA P 123 69.64 -29.75 -21.75
N GLY P 124 69.21 -30.37 -22.86
CA GLY P 124 69.85 -31.59 -23.29
C GLY P 124 71.30 -31.37 -23.66
N GLU P 125 72.04 -32.48 -23.73
CA GLU P 125 73.43 -32.44 -24.14
C GLU P 125 73.56 -31.76 -25.48
N LYS P 126 74.47 -30.77 -25.56
CA LYS P 126 74.60 -29.98 -26.78
C LYS P 126 75.00 -30.90 -27.92
N GLY P 127 74.26 -30.80 -29.03
CA GLY P 127 74.42 -31.68 -30.15
C GLY P 127 73.41 -32.80 -30.22
N LYS P 128 72.67 -33.04 -29.14
CA LYS P 128 71.75 -34.17 -29.06
C LYS P 128 70.37 -33.71 -28.61
N ARG P 129 70.01 -32.48 -28.95
CA ARG P 129 68.68 -31.95 -28.65
C ARG P 129 67.85 -31.95 -29.94
N PHE P 130 66.78 -32.75 -29.94
CA PHE P 130 66.01 -33.03 -31.14
C PHE P 130 64.54 -32.63 -30.96
N ALA P 131 63.87 -32.47 -32.09
CA ALA P 131 62.44 -32.26 -32.17
C ALA P 131 61.88 -32.92 -33.43
N LEU P 132 60.63 -33.35 -33.36
CA LEU P 132 59.95 -33.92 -34.51
C LEU P 132 59.45 -32.78 -35.40
N PRO P 133 59.19 -33.05 -36.69
CA PRO P 133 58.96 -31.94 -37.63
C PRO P 133 57.84 -30.99 -37.22
N ASN P 134 56.79 -31.52 -36.58
CA ASN P 134 55.67 -30.68 -36.22
C ASN P 134 55.60 -30.43 -34.72
N SER P 135 56.69 -30.68 -34.00
CA SER P 135 56.74 -30.28 -32.60
C SER P 135 56.59 -28.77 -32.48
N ARG P 136 56.13 -28.35 -31.33
CA ARG P 136 55.98 -26.95 -30.99
C ARG P 136 56.75 -26.67 -29.71
N ILE P 137 57.49 -25.56 -29.70
CA ILE P 137 58.24 -25.11 -28.54
C ILE P 137 57.71 -23.76 -28.12
N MET P 138 57.53 -23.55 -26.81
CA MET P 138 57.11 -22.24 -26.33
C MET P 138 57.93 -21.87 -25.10
N ILE P 139 58.36 -20.60 -25.04
CA ILE P 139 59.12 -20.10 -23.90
C ILE P 139 58.46 -18.82 -23.42
N HIS P 140 58.47 -18.59 -22.11
CA HIS P 140 57.91 -17.36 -21.57
C HIS P 140 58.44 -17.14 -20.15
N GLN P 141 58.27 -15.92 -19.67
CA GLN P 141 58.66 -15.60 -18.31
C GLN P 141 57.71 -16.31 -17.31
N PRO P 142 58.09 -16.37 -16.04
CA PRO P 142 57.24 -17.07 -15.06
C PRO P 142 55.87 -16.41 -14.91
N LEU P 143 54.93 -17.24 -14.46
CA LEU P 143 53.52 -16.91 -14.39
C LEU P 143 52.93 -17.51 -13.11
N ILE P 144 52.01 -16.78 -12.47
CA ILE P 144 51.23 -17.28 -11.34
C ILE P 144 49.75 -17.06 -11.65
N SER P 145 48.89 -17.61 -10.79
CA SER P 145 47.44 -17.48 -10.87
C SER P 145 46.83 -16.63 -9.75
N GLY P 146 47.19 -16.90 -8.50
CA GLY P 146 46.64 -16.16 -7.35
C GLY P 146 47.67 -15.78 -6.29
N GLY P 149 48.19 -12.73 -2.94
CA GLY P 149 48.94 -12.66 -1.71
C GLY P 149 48.22 -11.90 -0.59
N GLY P 150 48.85 -11.74 0.56
CA GLY P 150 48.24 -11.14 1.73
C GLY P 150 48.81 -9.72 1.97
N GLN P 151 49.78 -9.61 2.87
CA GLN P 151 50.35 -8.31 3.23
C GLN P 151 51.37 -7.83 2.19
N ALA P 152 51.54 -6.50 2.16
CA ALA P 152 52.49 -5.89 1.22
C ALA P 152 53.90 -6.46 1.39
N SER P 153 54.37 -6.62 2.63
CA SER P 153 55.69 -7.19 2.85
C SER P 153 55.79 -8.60 2.27
N ASP P 154 54.76 -9.40 2.46
CA ASP P 154 54.82 -10.76 1.95
C ASP P 154 54.75 -10.75 0.43
N ILE P 155 54.01 -9.81 -0.15
CA ILE P 155 53.90 -9.76 -1.60
C ILE P 155 55.21 -9.32 -2.23
N GLU P 156 55.90 -8.35 -1.62
CA GLU P 156 57.22 -7.99 -2.15
C GLU P 156 58.15 -9.19 -2.15
N ILE P 157 58.20 -9.89 -1.03
CA ILE P 157 59.07 -11.05 -0.90
C ILE P 157 58.77 -12.09 -1.99
N HIS P 158 57.49 -12.37 -2.23
CA HIS P 158 57.22 -13.39 -3.24
C HIS P 158 57.38 -12.85 -4.65
N ALA P 159 57.03 -11.58 -4.90
CA ALA P 159 57.36 -10.96 -6.18
C ALA P 159 58.86 -10.97 -6.42
N ARG P 160 59.65 -10.61 -5.40
CA ARG P 160 61.10 -10.56 -5.58
C ARG P 160 61.63 -11.96 -5.87
N GLU P 161 61.06 -12.98 -5.22
CA GLU P 161 61.44 -14.35 -5.52
C GLU P 161 61.08 -14.71 -6.95
N LEU P 162 59.92 -14.24 -7.41
CA LEU P 162 59.47 -14.52 -8.76
C LEU P 162 60.40 -13.91 -9.81
N LEU P 163 60.95 -12.71 -9.53
CA LEU P 163 61.89 -12.09 -10.44
C LEU P 163 63.26 -12.78 -10.44
N LYS P 164 63.68 -13.33 -9.30
CA LYS P 164 64.91 -14.13 -9.30
C LYS P 164 64.76 -15.35 -10.20
N ILE P 165 63.62 -16.05 -10.09
CA ILE P 165 63.36 -17.21 -10.94
C ILE P 165 63.32 -16.79 -12.40
N LYS P 166 62.71 -15.64 -12.70
CA LYS P 166 62.68 -15.13 -14.05
C LYS P 166 64.08 -14.90 -14.60
N GLU P 167 64.93 -14.26 -13.78
CA GLU P 167 66.31 -14.01 -14.21
C GLU P 167 67.11 -15.29 -14.35
N LYS P 168 66.98 -16.21 -13.40
CA LYS P 168 67.72 -17.48 -13.49
C LYS P 168 67.39 -18.19 -14.79
N LEU P 169 66.09 -18.28 -15.12
CA LEU P 169 65.65 -19.01 -16.31
C LEU P 169 66.14 -18.32 -17.58
N ASN P 170 66.10 -17.00 -17.62
CA ASN P 170 66.60 -16.31 -18.79
C ASN P 170 68.09 -16.55 -18.96
N ARG P 171 68.86 -16.46 -17.87
CA ARG P 171 70.31 -16.67 -17.96
C ARG P 171 70.63 -18.09 -18.35
N LEU P 172 70.01 -19.06 -17.68
CA LEU P 172 70.27 -20.45 -17.98
C LEU P 172 69.89 -20.79 -19.42
N MET P 173 68.71 -20.33 -19.88
CA MET P 173 68.35 -20.61 -21.26
C MET P 173 69.19 -19.83 -22.26
N ALA P 174 69.65 -18.63 -21.89
CA ALA P 174 70.60 -17.94 -22.75
C ALA P 174 71.89 -18.75 -22.90
N LYS P 175 72.37 -19.39 -21.81
CA LYS P 175 73.52 -20.29 -21.94
C LYS P 175 73.18 -21.46 -22.86
N HIS P 176 72.00 -22.07 -22.66
CA HIS P 176 71.59 -23.24 -23.44
C HIS P 176 71.55 -22.92 -24.94
N CYS P 177 71.18 -21.69 -25.27
CA CYS P 177 71.02 -21.25 -26.65
C CYS P 177 72.26 -20.54 -27.18
N ASP P 178 73.30 -20.40 -26.36
CA ASP P 178 74.50 -19.63 -26.72
C ASP P 178 74.14 -18.24 -27.22
N ARG P 179 73.36 -17.53 -26.41
CA ARG P 179 72.92 -16.17 -26.72
C ARG P 179 73.20 -15.25 -25.55
N ASP P 180 73.02 -13.98 -25.80
CA ASP P 180 73.18 -12.97 -24.78
C ASP P 180 71.94 -13.00 -23.91
N LEU P 181 72.11 -12.67 -22.63
CA LEU P 181 70.96 -12.62 -21.72
C LEU P 181 69.86 -11.71 -22.26
N ALA P 182 70.25 -10.60 -22.90
CA ALA P 182 69.26 -9.66 -23.40
C ALA P 182 68.36 -10.27 -24.45
N ASP P 183 68.86 -11.20 -25.27
CA ASP P 183 67.98 -11.85 -26.24
C ASP P 183 66.81 -12.55 -25.54
N LEU P 184 67.13 -13.37 -24.53
CA LEU P 184 66.11 -14.16 -23.84
C LEU P 184 65.18 -13.27 -23.02
N GLU P 185 65.69 -12.15 -22.51
CA GLU P 185 64.81 -11.21 -21.81
C GLU P 185 63.74 -10.67 -22.75
N ARG P 186 64.16 -10.31 -23.97
CA ARG P 186 63.20 -9.85 -24.96
C ARG P 186 62.23 -10.95 -25.36
N ASP P 187 62.74 -12.16 -25.56
CA ASP P 187 61.97 -13.23 -26.20
C ASP P 187 61.15 -14.07 -25.24
N THR P 188 61.26 -13.87 -23.93
CA THR P 188 60.32 -14.50 -23.02
C THR P 188 59.34 -13.48 -22.45
N ASP P 189 59.40 -12.22 -22.90
CA ASP P 189 58.57 -11.17 -22.31
C ASP P 189 57.09 -11.56 -22.35
N ARG P 190 56.63 -12.11 -23.46
CA ARG P 190 55.30 -12.69 -23.61
C ARG P 190 55.48 -14.06 -24.25
N ASP P 191 54.38 -14.81 -24.38
CA ASP P 191 54.47 -16.16 -24.91
C ASP P 191 55.10 -16.17 -26.29
N ASN P 192 56.13 -17.00 -26.45
CA ASN P 192 56.89 -17.06 -27.71
C ASN P 192 56.73 -18.46 -28.27
N PHE P 193 55.85 -18.62 -29.26
CA PHE P 193 55.63 -19.90 -29.93
C PHE P 193 56.60 -20.02 -31.09
N MET P 194 57.25 -21.17 -31.20
CA MET P 194 58.28 -21.45 -32.22
C MET P 194 58.02 -22.78 -32.91
N SER P 195 58.15 -22.79 -34.23
CA SER P 195 58.18 -24.05 -34.93
C SER P 195 59.45 -24.82 -34.58
N ALA P 196 59.48 -26.10 -34.96
CA ALA P 196 60.68 -26.89 -34.74
C ALA P 196 61.89 -26.27 -35.45
N GLU P 197 61.71 -25.67 -36.65
CA GLU P 197 62.87 -25.04 -37.26
C GLU P 197 63.23 -23.73 -36.57
N GLU P 198 62.25 -22.96 -36.12
CA GLU P 198 62.58 -21.73 -35.41
C GLU P 198 63.29 -22.01 -34.11
N ALA P 199 62.92 -23.11 -33.44
CA ALA P 199 63.61 -23.47 -32.19
C ALA P 199 65.05 -23.87 -32.46
N LYS P 200 65.28 -24.60 -33.56
CA LYS P 200 66.64 -24.93 -33.97
C LYS P 200 67.39 -23.68 -34.40
N GLU P 201 66.73 -22.77 -35.11
CA GLU P 201 67.50 -21.62 -35.51
C GLU P 201 67.84 -20.77 -34.31
N TYR P 202 66.98 -20.79 -33.29
CA TYR P 202 67.18 -20.03 -32.07
C TYR P 202 68.30 -20.59 -31.18
N GLY P 203 68.68 -21.85 -31.36
CA GLY P 203 69.64 -22.49 -30.48
C GLY P 203 69.04 -23.37 -29.41
N LEU P 204 67.74 -23.60 -29.45
CA LEU P 204 67.08 -24.31 -28.38
C LEU P 204 67.13 -25.81 -28.59
N ILE P 205 67.21 -26.24 -29.85
CA ILE P 205 67.47 -27.64 -30.22
C ILE P 205 68.57 -27.65 -31.27
N ASP P 206 69.03 -28.87 -31.59
CA ASP P 206 70.14 -29.09 -32.52
C ASP P 206 69.67 -29.59 -33.89
N GLN P 207 68.94 -30.71 -33.94
CA GLN P 207 68.40 -31.24 -35.19
C GLN P 207 66.91 -31.53 -35.09
N ILE P 208 66.31 -31.59 -36.26
CA ILE P 208 64.93 -32.01 -36.46
C ILE P 208 64.97 -33.36 -37.15
N LEU P 209 64.23 -34.32 -36.61
CA LEU P 209 64.25 -35.66 -37.15
C LEU P 209 63.37 -35.79 -38.39
N GLU P 210 63.92 -36.46 -39.40
CA GLU P 210 63.30 -36.69 -40.70
C GLU P 210 61.91 -37.31 -40.59
N ASP Q 36 60.21 -52.26 -7.67
CA ASP Q 36 60.19 -51.35 -8.80
C ASP Q 36 61.44 -50.45 -8.79
N ILE Q 37 61.21 -49.13 -8.83
CA ILE Q 37 62.30 -48.18 -9.01
C ILE Q 37 62.74 -47.58 -7.68
N TYR Q 38 61.78 -47.21 -6.83
CA TYR Q 38 62.09 -46.66 -5.53
C TYR Q 38 62.68 -47.73 -4.63
N SER Q 39 62.35 -49.00 -4.89
CA SER Q 39 62.99 -50.08 -4.16
C SER Q 39 64.50 -50.18 -4.46
N ARG Q 40 64.98 -50.05 -5.72
CA ARG Q 40 66.44 -50.13 -5.70
C ARG Q 40 67.05 -48.90 -5.08
N LEU Q 41 66.40 -47.75 -5.17
CA LEU Q 41 67.00 -46.63 -4.49
C LEU Q 41 67.02 -46.89 -3.00
N LEU Q 42 65.98 -47.53 -2.49
CA LEU Q 42 66.01 -47.89 -1.07
C LEU Q 42 67.07 -48.94 -0.79
N LYS Q 43 67.36 -49.81 -1.75
CA LYS Q 43 68.37 -50.82 -1.50
C LYS Q 43 69.75 -50.16 -1.42
N GLU Q 44 69.93 -48.98 -2.03
CA GLU Q 44 71.14 -48.20 -1.86
C GLU Q 44 71.05 -47.18 -0.73
N ARG Q 45 70.06 -47.34 0.16
CA ARG Q 45 69.89 -46.51 1.37
C ARG Q 45 69.55 -45.05 1.05
N ILE Q 46 68.77 -44.84 -0.01
CA ILE Q 46 68.19 -43.54 -0.32
C ILE Q 46 66.72 -43.56 0.10
N VAL Q 47 66.34 -42.58 0.91
CA VAL Q 47 64.95 -42.35 1.31
C VAL Q 47 64.52 -41.01 0.73
N PHE Q 48 63.34 -40.98 0.14
CA PHE Q 48 62.80 -39.79 -0.48
C PHE Q 48 61.73 -39.17 0.40
N LEU Q 49 61.65 -37.85 0.41
CA LEU Q 49 60.45 -37.15 0.86
C LEU Q 49 60.09 -36.16 -0.24
N VAL Q 50 59.02 -36.47 -0.98
CA VAL Q 50 58.56 -35.67 -2.10
C VAL Q 50 57.13 -35.20 -1.82
N GLY Q 51 56.91 -33.90 -1.86
CA GLY Q 51 55.62 -33.31 -1.62
C GLY Q 51 55.40 -32.90 -0.18
N PRO Q 52 54.15 -32.61 0.22
CA PRO Q 52 53.90 -32.07 1.56
C PRO Q 52 54.23 -33.07 2.66
N VAL Q 53 54.59 -32.52 3.81
CA VAL Q 53 54.87 -33.30 5.00
C VAL Q 53 53.56 -33.52 5.75
N THR Q 54 53.04 -34.74 5.68
CA THR Q 54 51.82 -35.11 6.37
C THR Q 54 52.15 -36.29 7.27
N ASP Q 55 51.24 -36.59 8.21
CA ASP Q 55 51.39 -37.77 9.05
C ASP Q 55 51.69 -39.02 8.22
N GLU Q 56 51.06 -39.14 7.05
CA GLU Q 56 51.25 -40.34 6.22
C GLU Q 56 52.64 -40.34 5.58
N SER Q 57 53.02 -39.23 4.92
CA SER Q 57 54.35 -39.15 4.34
C SER Q 57 55.41 -39.20 5.42
N ALA Q 58 55.14 -38.61 6.59
CA ALA Q 58 56.13 -38.61 7.65
C ALA Q 58 56.41 -40.02 8.17
N ASN Q 59 55.34 -40.76 8.50
CA ASN Q 59 55.55 -42.07 9.10
C ASN Q 59 56.07 -43.07 8.07
N LEU Q 60 55.77 -42.84 6.79
CA LEU Q 60 56.38 -43.60 5.71
C LEU Q 60 57.90 -43.38 5.65
N VAL Q 61 58.35 -42.13 5.82
CA VAL Q 61 59.80 -41.90 5.92
C VAL Q 61 60.35 -42.53 7.19
N VAL Q 62 59.64 -42.40 8.32
CA VAL Q 62 60.14 -42.91 9.59
C VAL Q 62 60.37 -44.41 9.51
N ALA Q 63 59.43 -45.14 8.92
CA ALA Q 63 59.56 -46.58 8.81
C ALA Q 63 60.79 -46.97 7.99
N GLN Q 64 61.06 -46.26 6.88
CA GLN Q 64 62.21 -46.58 6.04
C GLN Q 64 63.53 -46.30 6.78
N LEU Q 65 63.57 -45.26 7.59
CA LEU Q 65 64.77 -44.99 8.39
C LEU Q 65 65.03 -46.14 9.35
N LEU Q 66 64.00 -46.56 10.07
CA LEU Q 66 64.13 -47.69 11.00
C LEU Q 66 64.52 -48.95 10.25
N PHE Q 67 63.96 -49.15 9.07
CA PHE Q 67 64.28 -50.32 8.24
C PHE Q 67 65.75 -50.29 7.82
N LEU Q 68 66.21 -49.14 7.30
CA LEU Q 68 67.61 -49.06 6.89
C LEU Q 68 68.55 -49.22 8.07
N GLU Q 69 68.17 -48.73 9.25
CA GLU Q 69 69.00 -48.95 10.43
C GLU Q 69 69.07 -50.43 10.80
N SER Q 70 67.92 -51.11 10.76
CA SER Q 70 67.88 -52.53 11.09
C SER Q 70 68.77 -53.32 10.13
N GLU Q 71 68.81 -52.93 8.86
CA GLU Q 71 69.65 -53.64 7.89
C GLU Q 71 71.14 -53.45 8.15
N ASN Q 72 71.54 -52.28 8.64
CA ASN Q 72 72.94 -52.01 8.93
C ASN Q 72 73.06 -50.69 9.70
N PRO Q 73 73.31 -50.74 11.01
CA PRO Q 73 73.32 -49.51 11.81
C PRO Q 73 74.54 -48.65 11.56
N ASP Q 74 75.42 -49.07 10.67
CA ASP Q 74 76.72 -48.46 10.52
C ASP Q 74 76.92 -47.78 9.18
N LYS Q 75 76.02 -47.99 8.22
CA LYS Q 75 76.12 -47.34 6.93
C LYS Q 75 75.22 -46.11 6.88
N ASP Q 76 75.73 -45.04 6.28
CA ASP Q 76 74.99 -43.79 6.12
C ASP Q 76 73.69 -44.02 5.37
N ILE Q 77 72.74 -43.13 5.64
CA ILE Q 77 71.48 -43.07 4.90
C ILE Q 77 71.44 -41.73 4.18
N PHE Q 78 70.88 -41.72 2.99
CA PHE Q 78 70.87 -40.52 2.16
C PHE Q 78 69.42 -40.12 1.94
N PHE Q 79 69.02 -39.00 2.57
CA PHE Q 79 67.64 -38.55 2.65
C PHE Q 79 67.45 -37.46 1.60
N TYR Q 80 66.77 -37.81 0.50
CA TYR Q 80 66.52 -36.87 -0.59
C TYR Q 80 65.21 -36.11 -0.33
N ILE Q 81 65.29 -34.78 -0.41
CA ILE Q 81 64.19 -33.91 0.01
C ILE Q 81 63.78 -33.00 -1.14
N ASN Q 82 62.51 -33.09 -1.54
CA ASN Q 82 61.91 -32.08 -2.42
C ASN Q 82 60.52 -31.82 -1.82
N SER Q 83 60.44 -30.82 -0.93
CA SER Q 83 59.17 -30.63 -0.20
C SER Q 83 58.88 -29.17 0.05
N PRO Q 84 57.61 -28.75 -0.06
CA PRO Q 84 57.24 -27.37 0.24
C PRO Q 84 56.97 -27.13 1.71
N GLY Q 85 57.05 -28.17 2.55
CA GLY Q 85 56.74 -28.05 3.97
C GLY Q 85 55.59 -28.93 4.42
N GLY Q 86 54.96 -28.57 5.53
CA GLY Q 86 53.80 -29.30 5.96
C GLY Q 86 53.67 -29.24 7.47
N SER Q 87 53.20 -30.35 8.04
CA SER Q 87 52.91 -30.45 9.47
C SER Q 87 54.18 -30.39 10.32
N VAL Q 88 54.16 -29.52 11.33
CA VAL Q 88 55.25 -29.44 12.30
C VAL Q 88 55.36 -30.75 13.07
N THR Q 89 54.21 -31.30 13.47
CA THR Q 89 54.16 -32.55 14.22
C THR Q 89 54.71 -33.70 13.39
N ALA Q 90 54.28 -33.79 12.13
CA ALA Q 90 54.76 -34.84 11.24
C ALA Q 90 56.24 -34.65 10.95
N GLY Q 91 56.66 -33.41 10.76
CA GLY Q 91 58.07 -33.14 10.55
C GLY Q 91 58.92 -33.47 11.77
N MET Q 92 58.41 -33.20 12.96
CA MET Q 92 59.15 -33.53 14.18
C MET Q 92 59.37 -35.05 14.34
N SER Q 93 58.44 -35.89 13.89
CA SER Q 93 58.64 -37.34 14.04
C SER Q 93 59.81 -37.85 13.20
N ILE Q 94 59.96 -37.35 11.97
CA ILE Q 94 61.12 -37.65 11.15
C ILE Q 94 62.39 -37.12 11.83
N TYR Q 95 62.34 -35.86 12.27
CA TYR Q 95 63.49 -35.26 12.93
C TYR Q 95 63.98 -36.13 14.08
N ASP Q 96 63.07 -36.48 14.99
CA ASP Q 96 63.46 -37.26 16.15
C ASP Q 96 64.00 -38.62 15.74
N THR Q 97 63.45 -39.21 14.67
CA THR Q 97 63.98 -40.47 14.17
C THR Q 97 65.38 -40.31 13.60
N MET Q 98 65.63 -39.23 12.85
CA MET Q 98 66.96 -39.01 12.28
C MET Q 98 68.00 -38.95 13.39
N ASN Q 99 67.68 -38.30 14.50
CA ASN Q 99 68.64 -38.16 15.58
C ASN Q 99 68.75 -39.42 16.44
N PHE Q 100 67.76 -40.31 16.42
CA PHE Q 100 67.79 -41.46 17.30
C PHE Q 100 68.60 -42.59 16.71
N ILE Q 101 68.44 -42.85 15.41
CA ILE Q 101 69.07 -44.03 14.80
C ILE Q 101 70.59 -43.83 14.78
N LYS Q 102 71.32 -44.96 14.76
CA LYS Q 102 72.78 -44.89 14.78
C LYS Q 102 73.38 -44.33 13.48
N PRO Q 103 72.94 -44.73 12.28
CA PRO Q 103 73.58 -44.20 11.08
C PRO Q 103 73.47 -42.68 11.01
N ASP Q 104 74.52 -42.07 10.50
CA ASP Q 104 74.43 -40.69 10.04
C ASP Q 104 73.36 -40.59 8.97
N VAL Q 105 72.50 -39.59 9.10
CA VAL Q 105 71.48 -39.30 8.09
C VAL Q 105 71.96 -38.08 7.33
N SER Q 106 72.50 -38.32 6.14
CA SER Q 106 72.83 -37.24 5.23
C SER Q 106 71.57 -36.76 4.54
N THR Q 107 71.46 -35.45 4.35
CA THR Q 107 70.33 -34.88 3.64
C THR Q 107 70.81 -34.22 2.36
N LEU Q 108 69.94 -34.26 1.34
CA LEU Q 108 70.15 -33.65 0.04
C LEU Q 108 68.87 -32.97 -0.45
N CYS Q 109 68.98 -31.70 -0.82
CA CYS Q 109 67.86 -30.94 -1.34
C CYS Q 109 67.92 -30.93 -2.86
N LEU Q 110 66.86 -31.38 -3.51
CA LEU Q 110 66.67 -31.22 -4.95
C LEU Q 110 65.32 -30.58 -5.22
N GLY Q 111 65.31 -29.62 -6.12
CA GLY Q 111 64.09 -28.85 -6.32
C GLY Q 111 63.94 -27.78 -5.25
N GLN Q 112 63.33 -28.13 -4.13
CA GLN Q 112 63.20 -27.17 -3.05
C GLN Q 112 63.07 -27.90 -1.72
N ALA Q 113 63.45 -27.19 -0.66
CA ALA Q 113 63.20 -27.61 0.71
C ALA Q 113 62.73 -26.36 1.47
N ALA Q 114 61.42 -26.29 1.73
CA ALA Q 114 60.79 -25.13 2.35
C ALA Q 114 60.05 -25.53 3.61
N SER Q 115 60.01 -24.60 4.57
CA SER Q 115 59.30 -24.75 5.84
C SER Q 115 59.82 -26.01 6.54
N MET Q 116 58.95 -26.93 6.94
CA MET Q 116 59.40 -28.12 7.62
C MET Q 116 60.39 -28.92 6.77
N GLY Q 117 60.31 -28.78 5.45
CA GLY Q 117 61.29 -29.41 4.58
C GLY Q 117 62.69 -28.84 4.75
N ALA Q 118 62.80 -27.51 4.83
CA ALA Q 118 64.11 -26.91 5.10
C ALA Q 118 64.59 -27.26 6.50
N PHE Q 119 63.67 -27.32 7.46
CA PHE Q 119 64.05 -27.75 8.82
C PHE Q 119 64.70 -29.12 8.79
N LEU Q 120 64.08 -30.07 8.07
CA LEU Q 120 64.62 -31.42 8.02
C LEU Q 120 65.94 -31.45 7.26
N LEU Q 121 66.06 -30.63 6.21
CA LEU Q 121 67.31 -30.53 5.46
C LEU Q 121 68.47 -30.12 6.37
N SER Q 122 68.25 -29.06 7.17
CA SER Q 122 69.25 -28.56 8.10
C SER Q 122 69.59 -29.57 9.20
N ALA Q 123 68.75 -30.60 9.38
CA ALA Q 123 68.91 -31.55 10.47
C ALA Q 123 69.83 -32.72 10.14
N GLY Q 124 70.31 -32.83 8.90
CA GLY Q 124 71.19 -33.90 8.52
C GLY Q 124 72.49 -33.84 9.30
N GLU Q 125 73.25 -34.94 9.24
CA GLU Q 125 74.55 -34.99 9.90
C GLU Q 125 75.42 -33.83 9.45
N LYS Q 126 76.02 -33.12 10.41
CA LYS Q 126 76.79 -31.93 10.07
C LYS Q 126 77.95 -32.34 9.19
N GLY Q 127 78.09 -31.71 8.04
CA GLY Q 127 79.06 -32.12 7.06
C GLY Q 127 78.52 -32.97 5.95
N LYS Q 128 77.28 -33.40 6.04
CA LYS Q 128 76.70 -34.29 5.04
C LYS Q 128 75.33 -33.77 4.60
N ARG Q 129 75.15 -32.46 4.64
CA ARG Q 129 73.96 -31.80 4.15
C ARG Q 129 74.29 -31.16 2.81
N PHE Q 130 73.61 -31.60 1.75
CA PHE Q 130 73.96 -31.21 0.39
C PHE Q 130 72.77 -30.55 -0.31
N ALA Q 131 73.08 -29.78 -1.36
CA ALA Q 131 72.08 -29.21 -2.25
C ALA Q 131 72.56 -29.28 -3.69
N LEU Q 132 71.62 -29.45 -4.60
CA LEU Q 132 71.93 -29.40 -6.01
C LEU Q 132 72.02 -27.94 -6.47
N PRO Q 133 72.73 -27.65 -7.56
CA PRO Q 133 73.07 -26.24 -7.83
C PRO Q 133 71.88 -25.28 -7.89
N ASN Q 134 70.73 -25.70 -8.41
CA ASN Q 134 69.62 -24.77 -8.57
C ASN Q 134 68.50 -25.02 -7.58
N SER Q 135 68.79 -25.76 -6.52
CA SER Q 135 67.88 -25.95 -5.41
C SER Q 135 67.53 -24.62 -4.74
N ARG Q 136 66.39 -24.62 -4.09
CA ARG Q 136 65.83 -23.48 -3.37
C ARG Q 136 65.57 -23.88 -1.93
N ILE Q 137 65.90 -23.00 -0.99
CA ILE Q 137 65.61 -23.20 0.44
C ILE Q 137 64.72 -22.07 0.91
N MET Q 138 63.71 -22.40 1.71
CA MET Q 138 62.87 -21.35 2.31
C MET Q 138 62.61 -21.65 3.78
N ILE Q 139 62.77 -20.64 4.63
CA ILE Q 139 62.51 -20.78 6.05
C ILE Q 139 61.60 -19.65 6.50
N HIS Q 140 60.68 -19.96 7.42
CA HIS Q 140 59.72 -18.98 7.91
C HIS Q 140 59.18 -19.47 9.26
N GLN Q 141 58.55 -18.56 10.00
CA GLN Q 141 57.87 -18.89 11.24
C GLN Q 141 56.60 -19.70 10.96
N PRO Q 142 56.03 -20.36 11.97
CA PRO Q 142 54.86 -21.21 11.73
C PRO Q 142 53.67 -20.43 11.17
N LEU Q 143 52.83 -21.15 10.45
CA LEU Q 143 51.69 -20.58 9.75
C LEU Q 143 50.51 -21.55 9.83
N ILE Q 144 49.41 -21.12 10.45
CA ILE Q 144 48.16 -21.85 10.27
C ILE Q 144 47.23 -20.98 9.41
N SER Q 145 46.19 -21.62 8.89
CA SER Q 145 45.17 -20.90 8.12
C SER Q 145 43.74 -21.19 8.62
N LEU Q 148 41.79 -19.76 13.41
CA LEU Q 148 41.00 -20.60 14.32
C LEU Q 148 39.93 -19.78 15.02
N GLY Q 149 38.99 -20.48 15.66
CA GLY Q 149 37.92 -19.85 16.39
C GLY Q 149 37.82 -20.41 17.79
N GLY Q 150 36.85 -19.91 18.52
CA GLY Q 150 36.63 -20.38 19.87
C GLY Q 150 36.58 -19.23 20.83
N GLN Q 151 36.65 -19.57 22.11
CA GLN Q 151 36.63 -18.57 23.15
C GLN Q 151 38.00 -17.94 23.30
N ALA Q 152 38.03 -16.72 23.81
CA ALA Q 152 39.30 -16.02 24.01
C ALA Q 152 40.27 -16.88 24.80
N SER Q 153 39.77 -17.62 25.79
CA SER Q 153 40.63 -18.53 26.55
C SER Q 153 41.29 -19.56 25.64
N ASP Q 154 40.54 -20.14 24.71
CA ASP Q 154 41.08 -21.16 23.81
C ASP Q 154 42.04 -20.57 22.80
N ILE Q 155 41.74 -19.37 22.31
CA ILE Q 155 42.62 -18.72 21.35
C ILE Q 155 43.95 -18.39 22.01
N GLU Q 156 43.90 -17.96 23.28
CA GLU Q 156 45.14 -17.72 24.02
C GLU Q 156 45.97 -18.99 24.11
N ILE Q 157 45.33 -20.11 24.44
CA ILE Q 157 46.03 -21.37 24.58
C ILE Q 157 46.70 -21.73 23.25
N HIS Q 158 45.96 -21.58 22.16
CA HIS Q 158 46.47 -22.01 20.87
C HIS Q 158 47.53 -21.04 20.32
N ALA Q 159 47.39 -19.74 20.57
CA ALA Q 159 48.48 -18.83 20.26
C ALA Q 159 49.74 -19.22 21.03
N ARG Q 160 49.58 -19.51 22.31
CA ARG Q 160 50.73 -19.81 23.17
C ARG Q 160 51.45 -21.07 22.70
N GLU Q 161 50.68 -22.10 22.31
CA GLU Q 161 51.30 -23.30 21.77
C GLU Q 161 51.98 -22.99 20.45
N LEU Q 162 51.36 -22.12 19.66
CA LEU Q 162 51.95 -21.77 18.39
C LEU Q 162 53.25 -21.01 18.59
N LEU Q 163 53.30 -20.16 19.63
CA LEU Q 163 54.53 -19.43 19.89
C LEU Q 163 55.61 -20.37 20.43
N LYS Q 164 55.22 -21.37 21.22
CA LYS Q 164 56.18 -22.37 21.67
C LYS Q 164 56.78 -23.12 20.49
N ILE Q 165 55.93 -23.51 19.54
CA ILE Q 165 56.43 -24.17 18.35
C ILE Q 165 57.39 -23.24 17.62
N LYS Q 166 57.00 -21.97 17.48
CA LYS Q 166 57.83 -20.99 16.80
C LYS Q 166 59.22 -20.89 17.45
N GLU Q 167 59.27 -20.74 18.78
CA GLU Q 167 60.55 -20.59 19.46
C GLU Q 167 61.37 -21.87 19.41
N LYS Q 168 60.71 -23.02 19.54
CA LYS Q 168 61.45 -24.28 19.46
C LYS Q 168 62.16 -24.39 18.12
N LEU Q 169 61.45 -24.08 17.04
CA LEU Q 169 62.00 -24.25 15.70
C LEU Q 169 63.17 -23.30 15.47
N ASN Q 170 63.02 -22.05 15.91
CA ASN Q 170 64.11 -21.09 15.79
C ASN Q 170 65.32 -21.51 16.61
N ARG Q 171 65.08 -22.01 17.83
CA ARG Q 171 66.20 -22.46 18.67
C ARG Q 171 66.91 -23.66 18.04
N LEU Q 172 66.14 -24.66 17.65
CA LEU Q 172 66.71 -25.86 17.06
C LEU Q 172 67.46 -25.55 15.78
N MET Q 173 66.89 -24.68 14.94
CA MET Q 173 67.50 -24.38 13.65
C MET Q 173 68.73 -23.50 13.78
N ALA Q 174 68.77 -22.64 14.81
CA ALA Q 174 70.00 -21.92 15.11
C ALA Q 174 71.11 -22.89 15.44
N LYS Q 175 70.81 -23.94 16.19
CA LYS Q 175 71.80 -24.98 16.47
C LYS Q 175 72.28 -25.64 15.19
N HIS Q 176 71.36 -26.01 14.30
CA HIS Q 176 71.74 -26.66 13.07
C HIS Q 176 72.67 -25.79 12.24
N CYS Q 177 72.46 -24.47 12.27
CA CYS Q 177 73.25 -23.55 11.45
C CYS Q 177 74.44 -23.00 12.18
N ASP Q 178 74.64 -23.36 13.45
CA ASP Q 178 75.64 -22.73 14.30
C ASP Q 178 75.46 -21.21 14.30
N ARG Q 179 74.23 -20.76 14.60
CA ARG Q 179 73.96 -19.33 14.65
C ARG Q 179 73.25 -18.94 15.94
N ASP Q 180 73.14 -17.64 16.17
CA ASP Q 180 72.48 -17.14 17.37
C ASP Q 180 70.98 -17.19 17.20
N LEU Q 181 70.28 -17.46 18.31
CA LEU Q 181 68.83 -17.48 18.28
C LEU Q 181 68.31 -16.18 17.67
N ALA Q 182 69.00 -15.07 17.95
CA ALA Q 182 68.61 -13.78 17.40
C ALA Q 182 68.65 -13.80 15.87
N ASP Q 183 69.61 -14.52 15.28
CA ASP Q 183 69.65 -14.62 13.82
C ASP Q 183 68.38 -15.25 13.28
N LEU Q 184 68.01 -16.42 13.80
CA LEU Q 184 66.85 -17.10 13.25
C LEU Q 184 65.56 -16.36 13.58
N GLU Q 185 65.48 -15.71 14.73
CA GLU Q 185 64.27 -14.95 15.04
C GLU Q 185 64.07 -13.83 14.03
N ARG Q 186 65.14 -13.13 13.68
CA ARG Q 186 65.04 -12.08 12.67
C ARG Q 186 64.69 -12.66 11.30
N ASP Q 187 65.33 -13.75 10.91
CA ASP Q 187 65.32 -14.22 9.53
C ASP Q 187 64.19 -15.21 9.20
N THR Q 188 63.42 -15.67 10.17
CA THR Q 188 62.25 -16.46 9.85
C THR Q 188 60.99 -15.65 10.04
N ASP Q 189 61.12 -14.35 10.32
CA ASP Q 189 59.94 -13.55 10.57
C ASP Q 189 58.99 -13.60 9.38
N ARG Q 190 59.53 -13.51 8.16
CA ARG Q 190 58.73 -13.70 6.95
C ARG Q 190 59.43 -14.71 6.03
N ASP Q 191 58.79 -15.05 4.91
CA ASP Q 191 59.33 -16.05 4.01
C ASP Q 191 60.72 -15.63 3.58
N ASN Q 192 61.69 -16.51 3.81
CA ASN Q 192 63.09 -16.25 3.53
C ASN Q 192 63.55 -17.31 2.52
N PHE Q 193 63.58 -16.91 1.25
CA PHE Q 193 64.02 -17.76 0.16
C PHE Q 193 65.54 -17.67 0.00
N MET Q 194 66.17 -18.82 -0.18
CA MET Q 194 67.62 -18.89 -0.31
C MET Q 194 68.02 -19.75 -1.49
N SER Q 195 69.01 -19.26 -2.24
CA SER Q 195 69.72 -20.09 -3.19
C SER Q 195 70.53 -21.13 -2.43
N ALA Q 196 71.03 -22.14 -3.16
CA ALA Q 196 71.87 -23.10 -2.47
C ALA Q 196 73.07 -22.39 -1.88
N GLU Q 197 73.62 -21.41 -2.57
CA GLU Q 197 74.77 -20.77 -1.94
C GLU Q 197 74.38 -19.89 -0.78
N GLU Q 198 73.22 -19.28 -0.84
CA GLU Q 198 72.78 -18.57 0.34
C GLU Q 198 72.55 -19.54 1.50
N ALA Q 199 72.05 -20.74 1.20
CA ALA Q 199 71.77 -21.70 2.27
C ALA Q 199 73.04 -22.21 2.93
N LYS Q 200 74.09 -22.45 2.13
CA LYS Q 200 75.39 -22.86 2.68
C LYS Q 200 76.03 -21.75 3.51
N GLU Q 201 75.99 -20.52 3.00
CA GLU Q 201 76.52 -19.40 3.76
C GLU Q 201 75.76 -19.21 5.07
N TYR Q 202 74.47 -19.54 5.09
CA TYR Q 202 73.67 -19.40 6.29
C TYR Q 202 73.99 -20.46 7.34
N GLY Q 203 74.61 -21.57 6.93
CA GLY Q 203 74.85 -22.69 7.82
C GLY Q 203 73.85 -23.81 7.69
N LEU Q 204 72.96 -23.73 6.71
CA LEU Q 204 71.83 -24.64 6.60
C LEU Q 204 72.21 -25.92 5.87
N ILE Q 205 73.19 -25.85 4.98
CA ILE Q 205 73.78 -27.02 4.33
C ILE Q 205 75.29 -26.90 4.42
N ASP Q 206 75.99 -27.89 3.85
CA ASP Q 206 77.45 -27.88 3.90
C ASP Q 206 78.12 -27.81 2.53
N GLN Q 207 77.54 -28.46 1.50
CA GLN Q 207 78.09 -28.41 0.15
C GLN Q 207 77.01 -28.29 -0.90
N ILE Q 208 77.36 -27.64 -1.99
CA ILE Q 208 76.62 -27.74 -3.24
C ILE Q 208 77.32 -28.75 -4.15
N LEU Q 209 76.56 -29.69 -4.71
CA LEU Q 209 77.12 -30.75 -5.52
C LEU Q 209 77.31 -30.27 -6.95
N GLU Q 210 78.52 -30.38 -7.47
CA GLU Q 210 78.77 -30.02 -8.86
C GLU Q 210 78.94 -31.25 -9.75
N ASP R 36 55.98 -56.24 2.80
CA ASP R 36 55.80 -54.81 2.89
C ASP R 36 56.57 -54.26 4.10
N ILE R 37 56.85 -52.97 4.10
CA ILE R 37 57.59 -52.38 5.21
C ILE R 37 56.77 -52.40 6.49
N TYR R 38 55.48 -52.06 6.41
CA TYR R 38 54.63 -52.10 7.59
C TYR R 38 54.41 -53.53 8.04
N SER R 39 54.40 -54.45 7.08
CA SER R 39 54.38 -55.87 7.38
C SER R 39 55.65 -56.29 8.10
N ARG R 40 56.79 -55.73 7.70
CA ARG R 40 58.04 -56.09 8.33
C ARG R 40 58.20 -55.45 9.72
N LEU R 41 57.61 -54.28 9.94
CA LEU R 41 57.57 -53.76 11.30
C LEU R 41 56.67 -54.58 12.19
N LEU R 42 55.59 -55.13 11.64
CA LEU R 42 54.73 -55.94 12.48
C LEU R 42 55.45 -57.18 12.95
N LYS R 43 56.32 -57.74 12.13
CA LYS R 43 56.93 -58.97 12.56
C LYS R 43 57.90 -58.71 13.73
N GLU R 44 58.31 -57.44 13.96
CA GLU R 44 59.06 -57.07 15.18
C GLU R 44 58.13 -56.64 16.32
N ARG R 45 56.82 -56.88 16.17
CA ARG R 45 55.79 -56.61 17.19
C ARG R 45 55.59 -55.11 17.44
N ILE R 46 55.69 -54.32 16.38
CA ILE R 46 55.33 -52.91 16.40
C ILE R 46 53.99 -52.74 15.70
N VAL R 47 53.05 -52.09 16.37
CA VAL R 47 51.78 -51.69 15.78
C VAL R 47 51.73 -50.17 15.76
N PHE R 48 51.22 -49.63 14.65
CA PHE R 48 51.14 -48.20 14.41
C PHE R 48 49.71 -47.71 14.58
N LEU R 49 49.55 -46.53 15.17
CA LEU R 49 48.30 -45.77 15.04
C LEU R 49 48.69 -44.39 14.55
N VAL R 50 48.46 -44.13 13.27
CA VAL R 50 48.83 -42.88 12.62
C VAL R 50 47.58 -42.21 12.08
N GLY R 51 47.36 -40.97 12.49
CA GLY R 51 46.20 -40.25 12.04
C GLY R 51 45.03 -40.45 12.97
N PRO R 52 43.84 -40.04 12.53
CA PRO R 52 42.69 -40.02 13.44
C PRO R 52 42.31 -41.42 13.90
N VAL R 53 41.73 -41.47 15.10
CA VAL R 53 41.19 -42.70 15.66
C VAL R 53 39.75 -42.87 15.19
N THR R 54 39.52 -43.86 14.35
CA THR R 54 38.20 -44.21 13.84
C THR R 54 37.90 -45.68 14.16
N ASP R 55 36.63 -46.07 14.02
CA ASP R 55 36.26 -47.48 14.20
C ASP R 55 37.15 -48.34 13.32
N GLU R 56 37.51 -47.76 12.17
CA GLU R 56 38.32 -48.38 11.14
C GLU R 56 39.78 -48.51 11.51
N SER R 57 40.42 -47.41 11.86
CA SER R 57 41.81 -47.51 12.28
C SER R 57 41.91 -48.28 13.59
N ALA R 58 40.91 -48.12 14.48
CA ALA R 58 40.88 -48.84 15.75
C ALA R 58 40.74 -50.35 15.53
N ASN R 59 39.84 -50.77 14.65
CA ASN R 59 39.72 -52.21 14.51
C ASN R 59 40.94 -52.80 13.82
N LEU R 60 41.61 -52.02 12.96
CA LEU R 60 42.89 -52.46 12.43
C LEU R 60 43.93 -52.64 13.53
N VAL R 61 43.99 -51.71 14.48
CA VAL R 61 44.89 -51.85 15.61
C VAL R 61 44.50 -53.05 16.46
N VAL R 62 43.20 -53.21 16.72
CA VAL R 62 42.76 -54.31 17.57
C VAL R 62 43.13 -55.65 16.94
N ALA R 63 42.90 -55.78 15.64
CA ALA R 63 43.22 -57.05 14.98
C ALA R 63 44.71 -57.37 15.07
N GLN R 64 45.58 -56.37 14.87
CA GLN R 64 47.00 -56.65 14.94
C GLN R 64 47.42 -57.03 16.35
N LEU R 65 46.83 -56.41 17.37
CA LEU R 65 47.17 -56.74 18.74
C LEU R 65 46.86 -58.21 19.04
N LEU R 66 45.66 -58.66 18.67
CA LEU R 66 45.31 -60.06 18.89
C LEU R 66 46.25 -60.98 18.13
N PHE R 67 46.59 -60.60 16.90
CA PHE R 67 47.47 -61.42 16.07
C PHE R 67 48.83 -61.59 16.72
N LEU R 68 49.42 -60.49 17.20
CA LEU R 68 50.72 -60.58 17.82
C LEU R 68 50.68 -61.46 19.06
N GLU R 69 49.59 -61.40 19.83
CA GLU R 69 49.46 -62.28 20.99
C GLU R 69 49.35 -63.75 20.59
N SER R 70 48.54 -64.05 19.58
CA SER R 70 48.45 -65.45 19.12
C SER R 70 49.82 -65.92 18.63
N GLU R 71 50.61 -65.02 18.01
CA GLU R 71 51.94 -65.40 17.57
C GLU R 71 52.88 -65.64 18.75
N ASN R 72 52.69 -64.92 19.86
CA ASN R 72 53.46 -65.12 21.06
C ASN R 72 52.86 -64.31 22.21
N PRO R 73 52.14 -64.93 23.15
CA PRO R 73 51.54 -64.15 24.23
C PRO R 73 52.53 -63.66 25.27
N ASP R 74 53.82 -63.94 25.11
CA ASP R 74 54.79 -63.67 26.16
C ASP R 74 55.85 -62.64 25.82
N LYS R 75 55.90 -62.14 24.58
CA LYS R 75 56.79 -61.04 24.19
C LYS R 75 56.00 -59.75 24.12
N ASP R 76 56.64 -58.65 24.53
CA ASP R 76 56.04 -57.32 24.49
C ASP R 76 55.56 -56.93 23.10
N ILE R 77 54.62 -56.00 23.07
CA ILE R 77 54.15 -55.35 21.85
C ILE R 77 54.44 -53.86 21.97
N PHE R 78 54.79 -53.22 20.85
CA PHE R 78 55.19 -51.81 20.89
C PHE R 78 54.22 -51.01 20.05
N PHE R 79 53.48 -50.13 20.71
CA PHE R 79 52.37 -49.39 20.11
C PHE R 79 52.86 -47.98 19.82
N TYR R 80 53.14 -47.71 18.54
CA TYR R 80 53.61 -46.41 18.09
C TYR R 80 52.43 -45.52 17.73
N ILE R 81 52.37 -44.34 18.34
CA ILE R 81 51.19 -43.46 18.25
C ILE R 81 51.62 -42.08 17.73
N ASN R 82 51.01 -41.67 16.63
CA ASN R 82 51.07 -40.29 16.14
C ASN R 82 49.65 -39.95 15.71
N SER R 83 48.88 -39.37 16.63
CA SER R 83 47.46 -39.23 16.37
C SER R 83 46.87 -37.95 16.95
N PRO R 84 45.97 -37.31 16.21
CA PRO R 84 45.27 -36.13 16.73
C PRO R 84 44.04 -36.44 17.56
N GLY R 85 43.63 -37.70 17.63
CA GLY R 85 42.43 -38.07 18.36
C GLY R 85 41.34 -38.65 17.47
N GLY R 86 40.11 -38.65 17.97
CA GLY R 86 39.00 -39.17 17.20
C GLY R 86 37.93 -39.76 18.11
N SER R 87 37.33 -40.86 17.63
CA SER R 87 36.18 -41.46 18.29
C SER R 87 36.55 -42.02 19.68
N VAL R 88 35.75 -41.67 20.68
CA VAL R 88 35.95 -42.20 22.02
C VAL R 88 35.69 -43.71 22.07
N THR R 89 34.60 -44.16 21.45
CA THR R 89 34.29 -45.58 21.51
C THR R 89 35.34 -46.39 20.77
N ALA R 90 35.82 -45.89 19.63
CA ALA R 90 36.85 -46.59 18.88
C ALA R 90 38.15 -46.66 19.67
N GLY R 91 38.52 -45.56 20.33
CA GLY R 91 39.69 -45.61 21.19
C GLY R 91 39.51 -46.58 22.34
N MET R 92 38.29 -46.62 22.93
CA MET R 92 38.02 -47.55 24.02
C MET R 92 38.18 -49.00 23.58
N SER R 93 37.93 -49.30 22.31
CA SER R 93 38.09 -50.65 21.82
C SER R 93 39.56 -51.06 21.82
N ILE R 94 40.45 -50.13 21.49
CA ILE R 94 41.90 -50.36 21.59
C ILE R 94 42.28 -50.54 23.05
N TYR R 95 41.83 -49.61 23.90
CA TYR R 95 42.18 -49.60 25.32
C TYR R 95 41.86 -50.92 25.99
N ASP R 96 40.62 -51.39 25.81
CA ASP R 96 40.22 -52.63 26.46
C ASP R 96 41.02 -53.81 25.92
N THR R 97 41.36 -53.79 24.62
CA THR R 97 42.20 -54.85 24.06
C THR R 97 43.60 -54.84 24.66
N MET R 98 44.20 -53.65 24.79
CA MET R 98 45.54 -53.55 25.39
C MET R 98 45.54 -54.13 26.79
N ASN R 99 44.46 -53.88 27.57
CA ASN R 99 44.34 -54.35 28.94
C ASN R 99 43.99 -55.83 29.03
N PHE R 100 43.41 -56.42 27.99
CA PHE R 100 42.96 -57.81 28.07
C PHE R 100 44.06 -58.80 27.73
N ILE R 101 44.87 -58.49 26.72
CA ILE R 101 45.84 -59.44 26.22
C ILE R 101 46.97 -59.61 27.24
N LYS R 102 47.63 -60.78 27.18
CA LYS R 102 48.72 -61.06 28.11
C LYS R 102 49.93 -60.16 27.89
N PRO R 103 50.44 -59.97 26.68
CA PRO R 103 51.65 -59.16 26.52
C PRO R 103 51.44 -57.75 27.04
N ASP R 104 52.51 -57.22 27.63
CA ASP R 104 52.55 -55.81 27.91
C ASP R 104 52.51 -55.00 26.62
N VAL R 105 51.68 -53.96 26.62
CA VAL R 105 51.58 -53.06 25.48
C VAL R 105 52.34 -51.80 25.86
N SER R 106 53.54 -51.68 25.33
CA SER R 106 54.33 -50.47 25.45
C SER R 106 53.77 -49.43 24.49
N THR R 107 53.77 -48.17 24.92
CA THR R 107 53.37 -47.06 24.07
C THR R 107 54.55 -46.13 23.84
N LEU R 108 54.60 -45.56 22.63
CA LEU R 108 55.59 -44.57 22.26
C LEU R 108 54.92 -43.50 21.42
N CYS R 109 55.12 -42.25 21.80
CA CYS R 109 54.60 -41.12 21.05
C CYS R 109 55.69 -40.57 20.14
N LEU R 110 55.41 -40.53 18.83
CA LEU R 110 56.25 -39.83 17.87
C LEU R 110 55.36 -38.84 17.14
N GLY R 111 55.83 -37.61 16.99
CA GLY R 111 54.99 -36.56 16.47
C GLY R 111 54.09 -36.00 17.55
N GLN R 112 52.91 -36.60 17.72
CA GLN R 112 52.01 -36.11 18.76
C GLN R 112 51.08 -37.22 19.18
N ALA R 113 50.58 -37.10 20.39
CA ALA R 113 49.52 -37.96 20.88
C ALA R 113 48.58 -37.00 21.60
N ALA R 114 47.45 -36.71 20.96
CA ALA R 114 46.52 -35.69 21.42
C ALA R 114 45.15 -36.30 21.63
N SER R 115 44.46 -35.83 22.67
CA SER R 115 43.10 -36.24 22.99
C SER R 115 43.09 -37.77 23.12
N MET R 116 42.21 -38.49 22.42
CA MET R 116 42.14 -39.94 22.56
C MET R 116 43.46 -40.61 22.26
N GLY R 117 44.30 -39.99 21.42
CA GLY R 117 45.63 -40.51 21.20
C GLY R 117 46.53 -40.43 22.44
N ALA R 118 46.46 -39.30 23.16
CA ALA R 118 47.19 -39.23 24.42
C ALA R 118 46.60 -40.21 25.45
N PHE R 119 45.29 -40.41 25.42
CA PHE R 119 44.68 -41.38 26.31
C PHE R 119 45.31 -42.75 26.09
N LEU R 120 45.48 -43.16 24.83
CA LEU R 120 46.02 -44.47 24.56
C LEU R 120 47.50 -44.55 24.95
N LEU R 121 48.24 -43.47 24.71
CA LEU R 121 49.63 -43.40 25.12
C LEU R 121 49.76 -43.60 26.63
N SER R 122 48.96 -42.88 27.41
CA SER R 122 49.03 -43.02 28.85
C SER R 122 48.58 -44.41 29.31
N ALA R 123 47.88 -45.15 28.45
CA ALA R 123 47.34 -46.46 28.82
C ALA R 123 48.35 -47.59 28.65
N GLY R 124 49.53 -47.31 28.12
CA GLY R 124 50.54 -48.34 28.01
C GLY R 124 50.98 -48.85 29.37
N GLU R 125 51.65 -50.00 29.35
CA GLU R 125 52.14 -50.62 30.57
C GLU R 125 53.00 -49.66 31.37
N LYS R 126 52.76 -49.59 32.68
CA LYS R 126 53.52 -48.65 33.51
C LYS R 126 54.99 -49.05 33.50
N GLY R 127 55.85 -48.07 33.20
CA GLY R 127 57.25 -48.34 32.97
C GLY R 127 57.64 -48.45 31.52
N LYS R 128 56.69 -48.57 30.61
CA LYS R 128 57.00 -48.80 29.21
C LYS R 128 56.25 -47.84 28.30
N ARG R 129 55.96 -46.64 28.80
CA ARG R 129 55.34 -45.57 28.04
C ARG R 129 56.41 -44.52 27.72
N PHE R 130 56.66 -44.29 26.43
CA PHE R 130 57.80 -43.50 25.97
C PHE R 130 57.34 -42.35 25.07
N ALA R 131 58.21 -41.35 24.96
CA ALA R 131 58.02 -40.27 24.00
C ALA R 131 59.36 -39.85 23.41
N LEU R 132 59.32 -39.37 22.18
CA LEU R 132 60.49 -38.83 21.52
C LEU R 132 60.74 -37.38 21.99
N PRO R 133 61.97 -36.89 21.86
CA PRO R 133 62.32 -35.61 22.52
C PRO R 133 61.42 -34.44 22.13
N ASN R 134 60.95 -34.41 20.88
CA ASN R 134 60.12 -33.31 20.38
C ASN R 134 58.70 -33.73 20.07
N SER R 135 58.28 -34.90 20.53
CA SER R 135 56.88 -35.26 20.50
C SER R 135 56.08 -34.33 21.41
N ARG R 136 54.79 -34.16 21.13
CA ARG R 136 53.92 -33.34 21.94
C ARG R 136 52.69 -34.13 22.33
N ILE R 137 52.23 -33.93 23.57
CA ILE R 137 51.06 -34.59 24.11
C ILE R 137 50.02 -33.52 24.40
N MET R 138 48.74 -33.80 24.09
CA MET R 138 47.65 -32.90 24.44
C MET R 138 46.45 -33.67 25.01
N ILE R 139 45.87 -33.14 26.08
CA ILE R 139 44.71 -33.76 26.72
C ILE R 139 43.63 -32.70 26.87
N HIS R 140 42.37 -33.13 26.75
CA HIS R 140 41.26 -32.18 26.91
C HIS R 140 39.99 -32.94 27.24
N GLN R 141 39.00 -32.20 27.74
CA GLN R 141 37.68 -32.76 27.99
C GLN R 141 37.01 -33.07 26.66
N PRO R 142 35.95 -33.88 26.66
CA PRO R 142 35.34 -34.30 25.39
C PRO R 142 34.79 -33.13 24.59
N LEU R 143 34.64 -33.40 23.29
CA LEU R 143 34.29 -32.44 22.26
C LEU R 143 33.21 -33.01 21.35
N ILE R 144 32.33 -32.13 20.89
CA ILE R 144 31.48 -32.41 19.73
C ILE R 144 31.37 -31.14 18.90
N SER R 145 31.36 -31.31 17.59
CA SER R 145 30.81 -30.31 16.68
C SER R 145 29.45 -30.81 16.21
N GLY R 146 28.46 -29.93 16.20
CA GLY R 146 27.10 -30.30 15.81
C GLY R 146 26.43 -31.28 16.75
N LEU R 148 24.45 -29.74 18.87
CA LEU R 148 23.44 -30.79 19.04
C LEU R 148 22.09 -30.35 18.50
N GLY R 149 21.19 -31.30 18.31
CA GLY R 149 19.88 -31.02 17.78
C GLY R 149 18.81 -31.86 18.45
N GLY R 150 17.62 -31.26 18.61
CA GLY R 150 16.47 -32.00 19.03
C GLY R 150 15.70 -31.34 20.17
N GLN R 151 14.94 -32.16 20.88
CA GLN R 151 14.10 -31.72 21.98
C GLN R 151 14.93 -31.57 23.24
N ALA R 152 14.43 -30.76 24.19
CA ALA R 152 15.12 -30.60 25.45
C ALA R 152 15.35 -31.95 26.13
N SER R 153 14.39 -32.86 26.01
CA SER R 153 14.60 -34.17 26.59
C SER R 153 15.82 -34.85 25.96
N ASP R 154 15.95 -34.77 24.63
CA ASP R 154 17.03 -35.46 23.94
C ASP R 154 18.37 -34.81 24.26
N ILE R 155 18.38 -33.48 24.36
CA ILE R 155 19.60 -32.74 24.63
C ILE R 155 20.11 -33.01 26.03
N GLU R 156 19.21 -33.15 27.01
CA GLU R 156 19.65 -33.58 28.33
C GLU R 156 20.32 -34.94 28.28
N ILE R 157 19.71 -35.89 27.57
CA ILE R 157 20.23 -37.25 27.53
C ILE R 157 21.64 -37.26 26.99
N HIS R 158 21.88 -36.51 25.90
CA HIS R 158 23.18 -36.49 25.24
C HIS R 158 24.19 -35.62 26.00
N ALA R 159 23.74 -34.56 26.67
CA ALA R 159 24.59 -33.85 27.61
C ALA R 159 25.07 -34.76 28.74
N ARG R 160 24.17 -35.58 29.29
CA ARG R 160 24.54 -36.45 30.41
C ARG R 160 25.54 -37.52 29.98
N GLU R 161 25.32 -38.12 28.81
CA GLU R 161 26.24 -39.12 28.29
C GLU R 161 27.62 -38.52 28.03
N LEU R 162 27.64 -37.28 27.59
CA LEU R 162 28.89 -36.57 27.35
C LEU R 162 29.62 -36.31 28.66
N LEU R 163 28.89 -35.98 29.73
CA LEU R 163 29.54 -35.77 31.02
C LEU R 163 30.00 -37.09 31.64
N LYS R 164 29.22 -38.16 31.43
CA LYS R 164 29.70 -39.46 31.88
C LYS R 164 30.99 -39.83 31.16
N ILE R 165 31.03 -39.59 29.85
CA ILE R 165 32.24 -39.83 29.08
C ILE R 165 33.36 -38.94 29.61
N LYS R 166 33.04 -37.68 29.90
CA LYS R 166 34.02 -36.75 30.45
C LYS R 166 34.61 -37.26 31.76
N GLU R 167 33.74 -37.66 32.69
CA GLU R 167 34.22 -38.11 33.98
C GLU R 167 34.99 -39.43 33.86
N LYS R 168 34.50 -40.35 33.03
CA LYS R 168 35.20 -41.63 32.87
C LYS R 168 36.61 -41.41 32.34
N LEU R 169 36.77 -40.52 31.35
CA LEU R 169 38.10 -40.26 30.82
C LEU R 169 39.00 -39.60 31.87
N ASN R 170 38.45 -38.65 32.62
CA ASN R 170 39.22 -38.00 33.67
C ASN R 170 39.64 -38.98 34.75
N ARG R 171 38.73 -39.86 35.17
CA ARG R 171 39.07 -40.83 36.22
C ARG R 171 40.12 -41.82 35.72
N LEU R 172 39.92 -42.39 34.53
CA LEU R 172 40.89 -43.33 33.99
C LEU R 172 42.25 -42.69 33.79
N MET R 173 42.28 -41.47 33.29
CA MET R 173 43.58 -40.86 33.09
C MET R 173 44.21 -40.45 34.43
N ALA R 174 43.40 -40.16 35.45
CA ALA R 174 43.93 -39.98 36.80
C ALA R 174 44.59 -41.27 37.28
N LYS R 175 43.98 -42.41 36.99
CA LYS R 175 44.57 -43.71 37.29
C LYS R 175 45.89 -43.90 36.53
N HIS R 176 45.91 -43.55 35.24
CA HIS R 176 47.11 -43.75 34.41
C HIS R 176 48.30 -42.95 34.91
N CYS R 177 48.05 -41.74 35.40
CA CYS R 177 49.09 -40.81 35.80
C CYS R 177 49.42 -40.87 37.28
N ASP R 178 48.72 -41.69 38.06
CA ASP R 178 48.83 -41.68 39.51
C ASP R 178 48.62 -40.27 40.09
N ARG R 179 47.50 -39.65 39.72
CA ARG R 179 47.18 -38.32 40.22
C ARG R 179 45.77 -38.32 40.77
N ASP R 180 45.44 -37.22 41.43
CA ASP R 180 44.10 -37.10 42.00
C ASP R 180 43.13 -36.74 40.88
N LEU R 181 41.93 -37.28 40.99
CA LEU R 181 40.91 -37.04 39.98
C LEU R 181 40.70 -35.55 39.81
N ALA R 182 40.86 -34.78 40.89
CA ALA R 182 40.70 -33.34 40.81
C ALA R 182 41.73 -32.71 39.89
N ASP R 183 42.95 -33.28 39.84
CA ASP R 183 43.99 -32.74 38.96
C ASP R 183 43.55 -32.78 37.51
N LEU R 184 43.04 -33.93 37.06
CA LEU R 184 42.64 -34.09 35.67
C LEU R 184 41.40 -33.26 35.35
N GLU R 185 40.49 -33.08 36.30
CA GLU R 185 39.34 -32.24 36.04
C GLU R 185 39.75 -30.80 35.75
N ARG R 186 40.68 -30.27 36.55
CA ARG R 186 41.18 -28.92 36.36
C ARG R 186 42.06 -28.83 35.08
N ASP R 187 42.89 -29.86 34.82
CA ASP R 187 43.92 -29.78 33.77
C ASP R 187 43.42 -30.19 32.40
N THR R 188 42.22 -30.75 32.30
CA THR R 188 41.64 -31.03 31.00
C THR R 188 40.50 -30.11 30.64
N ASP R 189 40.20 -29.11 31.46
CA ASP R 189 39.07 -28.24 31.18
C ASP R 189 39.18 -27.60 29.80
N ARG R 190 40.38 -27.17 29.42
CA ARG R 190 40.64 -26.69 28.08
C ARG R 190 41.87 -27.41 27.54
N ASP R 191 42.22 -27.16 26.27
CA ASP R 191 43.32 -27.88 25.65
C ASP R 191 44.60 -27.68 26.42
N ASN R 192 45.22 -28.79 26.78
CA ASN R 192 46.41 -28.79 27.62
C ASN R 192 47.53 -29.42 26.81
N PHE R 193 48.39 -28.59 26.25
CA PHE R 193 49.54 -29.02 25.48
C PHE R 193 50.72 -29.25 26.42
N MET R 194 51.42 -30.37 26.21
CA MET R 194 52.56 -30.73 27.03
C MET R 194 53.73 -31.12 26.13
N SER R 195 54.92 -30.60 26.48
CA SER R 195 56.17 -31.12 25.93
C SER R 195 56.38 -32.54 26.44
N ALA R 196 57.36 -33.23 25.85
CA ALA R 196 57.66 -34.59 26.34
C ALA R 196 58.06 -34.54 27.81
N GLU R 197 58.79 -33.51 28.23
CA GLU R 197 59.19 -33.40 29.62
C GLU R 197 58.02 -33.07 30.53
N GLU R 198 57.10 -32.21 30.07
CA GLU R 198 55.92 -31.95 30.88
C GLU R 198 55.03 -33.18 30.96
N ALA R 199 55.00 -33.98 29.90
CA ALA R 199 54.18 -35.19 29.91
C ALA R 199 54.72 -36.22 30.89
N LYS R 200 56.05 -36.33 30.97
CA LYS R 200 56.66 -37.28 31.89
C LYS R 200 56.44 -36.88 33.35
N GLU R 201 56.61 -35.59 33.67
CA GLU R 201 56.36 -35.16 35.05
C GLU R 201 54.92 -35.39 35.45
N TYR R 202 53.99 -35.23 34.51
CA TYR R 202 52.57 -35.36 34.82
C TYR R 202 52.19 -36.80 35.09
N GLY R 203 52.98 -37.74 34.61
CA GLY R 203 52.65 -39.13 34.73
C GLY R 203 52.09 -39.80 33.50
N LEU R 204 52.02 -39.13 32.35
CA LEU R 204 51.40 -39.78 31.20
C LEU R 204 52.38 -40.68 30.47
N ILE R 205 53.67 -40.40 30.57
CA ILE R 205 54.71 -41.28 30.07
C ILE R 205 55.73 -41.48 31.18
N ASP R 206 56.68 -42.39 30.94
CA ASP R 206 57.69 -42.77 31.91
C ASP R 206 59.10 -42.28 31.56
N GLN R 207 59.47 -42.30 30.28
CA GLN R 207 60.81 -42.19 29.69
C GLN R 207 60.74 -41.24 28.51
N ILE R 208 61.68 -40.30 28.39
CA ILE R 208 61.95 -39.64 27.11
C ILE R 208 63.12 -40.38 26.44
N LEU R 209 62.90 -40.98 25.27
CA LEU R 209 64.02 -41.63 24.58
C LEU R 209 65.01 -40.60 24.03
N GLU R 210 66.29 -40.76 24.37
CA GLU R 210 67.32 -39.85 23.84
C GLU R 210 68.10 -40.50 22.70
N ASN R 211 69.42 -40.63 22.85
CA ASN R 211 70.26 -41.18 21.77
C ASN R 211 71.05 -42.40 22.24
N ASP S 36 44.74 -62.35 4.22
CA ASP S 36 45.17 -61.25 5.07
C ASP S 36 44.98 -61.60 6.54
N ILE S 37 45.04 -60.59 7.39
CA ILE S 37 44.96 -60.81 8.83
C ILE S 37 43.53 -61.12 9.25
N TYR S 38 42.55 -60.43 8.65
CA TYR S 38 41.16 -60.71 8.97
C TYR S 38 40.79 -62.13 8.55
N SER S 39 41.46 -62.68 7.53
CA SER S 39 41.28 -64.09 7.25
C SER S 39 41.76 -64.93 8.43
N ARG S 40 42.79 -64.53 9.18
CA ARG S 40 42.97 -65.39 10.36
C ARG S 40 41.90 -65.28 11.38
N LEU S 41 41.31 -64.11 11.51
CA LEU S 41 40.29 -64.05 12.52
C LEU S 41 39.18 -65.03 12.16
N LEU S 42 38.93 -65.18 10.87
CA LEU S 42 37.93 -66.10 10.40
C LEU S 42 38.33 -67.56 10.61
N LYS S 43 39.62 -67.90 10.56
CA LYS S 43 39.96 -69.31 10.75
C LYS S 43 39.66 -69.77 12.17
N GLU S 44 39.71 -68.87 13.14
CA GLU S 44 39.31 -69.18 14.51
C GLU S 44 37.83 -68.93 14.76
N ARG S 45 37.04 -68.82 13.70
CA ARG S 45 35.58 -68.68 13.80
C ARG S 45 35.16 -67.36 14.44
N ILE S 46 35.92 -66.29 14.16
CA ILE S 46 35.58 -64.92 14.54
C ILE S 46 35.15 -64.15 13.30
N VAL S 47 33.95 -63.58 13.34
CA VAL S 47 33.44 -62.69 12.31
C VAL S 47 33.19 -61.33 12.95
N PHE S 48 33.49 -60.27 12.22
CA PHE S 48 33.40 -58.89 12.65
C PHE S 48 32.19 -58.20 12.04
N LEU S 49 31.61 -57.28 12.80
CA LEU S 49 30.74 -56.24 12.25
C LEU S 49 31.32 -54.91 12.76
N VAL S 50 32.00 -54.16 11.90
CA VAL S 50 32.59 -52.88 12.27
C VAL S 50 31.96 -51.80 11.42
N GLY S 51 31.36 -50.80 12.06
CA GLY S 51 30.69 -49.72 11.37
C GLY S 51 29.22 -49.96 11.11
N PRO S 52 28.63 -49.15 10.23
CA PRO S 52 27.16 -49.20 10.06
C PRO S 52 26.66 -50.54 9.53
N VAL S 53 25.45 -50.89 9.97
CA VAL S 53 24.78 -52.11 9.55
C VAL S 53 24.06 -51.80 8.24
N THR S 54 24.60 -52.31 7.14
CA THR S 54 24.06 -52.08 5.80
C THR S 54 23.86 -53.40 5.04
N ASP S 55 23.19 -53.32 3.89
CA ASP S 55 23.02 -54.50 3.05
C ASP S 55 24.36 -55.19 2.70
N GLU S 56 25.45 -54.44 2.49
CA GLU S 56 26.72 -55.07 2.11
C GLU S 56 27.19 -55.93 3.26
N SER S 57 27.30 -55.24 4.40
CA SER S 57 27.97 -55.77 5.56
C SER S 57 27.14 -56.89 6.16
N ALA S 58 25.82 -56.74 6.10
CA ALA S 58 24.94 -57.75 6.67
C ALA S 58 25.12 -59.07 5.96
N ASN S 59 25.05 -59.06 4.63
CA ASN S 59 25.18 -60.32 3.91
C ASN S 59 26.62 -60.81 3.86
N LEU S 60 27.61 -59.93 4.06
CA LEU S 60 28.97 -60.42 4.25
C LEU S 60 29.04 -61.27 5.52
N VAL S 61 28.42 -60.78 6.58
CA VAL S 61 28.36 -61.53 7.83
C VAL S 61 27.55 -62.79 7.63
N VAL S 62 26.42 -62.67 6.92
CA VAL S 62 25.57 -63.84 6.69
C VAL S 62 26.34 -64.93 5.98
N ALA S 63 27.13 -64.56 4.97
CA ALA S 63 27.92 -65.54 4.25
C ALA S 63 28.97 -66.18 5.16
N GLN S 64 29.65 -65.38 5.99
CA GLN S 64 30.66 -65.97 6.86
C GLN S 64 30.04 -66.90 7.90
N LEU S 65 28.85 -66.54 8.40
CA LEU S 65 28.17 -67.42 9.34
C LEU S 65 27.84 -68.75 8.68
N LEU S 66 27.27 -68.69 7.47
CA LEU S 66 26.96 -69.90 6.73
C LEU S 66 28.22 -70.68 6.41
N PHE S 67 29.30 -69.97 6.07
CA PHE S 67 30.56 -70.63 5.76
C PHE S 67 31.10 -71.35 6.99
N LEU S 68 31.13 -70.67 8.13
CA LEU S 68 31.67 -71.28 9.33
C LEU S 68 30.87 -72.50 9.75
N GLU S 69 29.56 -72.47 9.54
CA GLU S 69 28.74 -73.65 9.82
C GLU S 69 29.12 -74.83 8.93
N SER S 70 29.28 -74.59 7.63
CA SER S 70 29.67 -75.69 6.76
C SER S 70 31.03 -76.24 7.14
N GLU S 71 31.93 -75.39 7.63
CA GLU S 71 33.26 -75.85 8.01
C GLU S 71 33.24 -76.75 9.25
N ASN S 72 32.33 -76.49 10.19
CA ASN S 72 32.13 -77.32 11.38
C ASN S 72 30.87 -76.85 12.06
N PRO S 73 29.76 -77.57 11.94
CA PRO S 73 28.50 -77.11 12.55
C PRO S 73 28.44 -77.28 14.06
N ASP S 74 29.51 -77.76 14.69
CA ASP S 74 29.45 -78.09 16.11
C ASP S 74 30.35 -77.22 16.99
N LYS S 75 31.11 -76.29 16.41
CA LYS S 75 31.91 -75.35 17.19
C LYS S 75 31.22 -73.99 17.23
N ASP S 76 31.32 -73.31 18.38
CA ASP S 76 30.80 -71.95 18.53
C ASP S 76 31.41 -71.00 17.48
N ILE S 77 30.66 -69.93 17.19
CA ILE S 77 31.11 -68.84 16.34
C ILE S 77 31.16 -67.58 17.20
N PHE S 78 32.12 -66.71 16.91
CA PHE S 78 32.31 -65.52 17.72
C PHE S 78 32.12 -64.27 16.86
N PHE S 79 31.06 -63.54 17.16
CA PHE S 79 30.62 -62.38 16.40
C PHE S 79 31.05 -61.14 17.18
N TYR S 80 32.10 -60.47 16.70
CA TYR S 80 32.60 -59.26 17.34
C TYR S 80 31.93 -58.04 16.72
N ILE S 81 31.30 -57.20 17.56
CA ILE S 81 30.47 -56.09 17.11
C ILE S 81 31.02 -54.78 17.67
N ASN S 82 31.33 -53.85 16.76
CA ASN S 82 31.59 -52.43 17.06
C ASN S 82 30.86 -51.67 15.97
N SER S 83 29.63 -51.27 16.27
CA SER S 83 28.74 -50.70 15.29
C SER S 83 27.81 -49.64 15.85
N PRO S 84 27.58 -48.54 15.11
CA PRO S 84 26.59 -47.55 15.54
C PRO S 84 25.16 -47.88 15.10
N GLY S 85 24.96 -48.95 14.34
CA GLY S 85 23.63 -49.32 13.87
C GLY S 85 23.48 -49.27 12.37
N GLY S 86 22.26 -49.19 11.87
CA GLY S 86 22.01 -49.11 10.44
C GLY S 86 20.65 -49.68 10.09
N SER S 87 20.60 -50.36 8.94
CA SER S 87 19.36 -50.84 8.36
C SER S 87 18.73 -51.94 9.22
N VAL S 88 17.44 -51.77 9.53
CA VAL S 88 16.72 -52.81 10.26
C VAL S 88 16.64 -54.10 9.44
N THR S 89 16.32 -54.01 8.14
CA THR S 89 16.19 -55.25 7.35
C THR S 89 17.53 -55.95 7.24
N ALA S 90 18.61 -55.19 7.02
CA ALA S 90 19.93 -55.81 6.93
C ALA S 90 20.29 -56.48 8.25
N GLY S 91 19.98 -55.83 9.38
CA GLY S 91 20.20 -56.46 10.67
C GLY S 91 19.34 -57.70 10.87
N MET S 92 18.08 -57.63 10.45
CA MET S 92 17.21 -58.78 10.57
C MET S 92 17.76 -59.98 9.79
N SER S 93 18.43 -59.75 8.66
CA SER S 93 18.99 -60.88 7.93
C SER S 93 20.10 -61.56 8.73
N ILE S 94 20.94 -60.78 9.43
CA ILE S 94 21.95 -61.36 10.30
C ILE S 94 21.29 -62.12 11.45
N TYR S 95 20.34 -61.47 12.11
CA TYR S 95 19.66 -62.05 13.26
C TYR S 95 19.09 -63.43 12.94
N ASP S 96 18.33 -63.53 11.86
CA ASP S 96 17.74 -64.81 11.48
C ASP S 96 18.81 -65.85 11.13
N THR S 97 19.92 -65.42 10.52
CA THR S 97 21.01 -66.34 10.24
C THR S 97 21.66 -66.83 11.54
N MET S 98 21.83 -65.93 12.51
CA MET S 98 22.37 -66.36 13.81
C MET S 98 21.48 -67.41 14.45
N ASN S 99 20.17 -67.22 14.40
CA ASN S 99 19.21 -68.13 15.02
C ASN S 99 18.99 -69.41 14.22
N PHE S 100 19.34 -69.42 12.93
CA PHE S 100 19.04 -70.58 12.09
C PHE S 100 20.13 -71.63 12.17
N ILE S 101 21.39 -71.21 12.15
CA ILE S 101 22.48 -72.16 12.06
C ILE S 101 22.63 -72.94 13.37
N LYS S 102 23.17 -74.15 13.25
CA LYS S 102 23.36 -75.01 14.42
C LYS S 102 24.34 -74.40 15.42
N PRO S 103 25.50 -73.87 15.01
CA PRO S 103 26.43 -73.35 16.00
C PRO S 103 25.83 -72.24 16.85
N ASP S 104 26.18 -72.26 18.14
CA ASP S 104 25.95 -71.10 18.98
C ASP S 104 26.73 -69.94 18.41
N VAL S 105 26.09 -68.77 18.33
CA VAL S 105 26.79 -67.56 17.93
C VAL S 105 27.00 -66.74 19.20
N SER S 106 28.22 -66.80 19.72
CA SER S 106 28.62 -65.92 20.81
C SER S 106 28.84 -64.53 20.25
N THR S 107 28.40 -63.52 21.00
CA THR S 107 28.58 -62.12 20.62
C THR S 107 29.45 -61.41 21.64
N LEU S 108 30.25 -60.47 21.14
CA LEU S 108 31.10 -59.64 21.98
C LEU S 108 31.07 -58.22 21.45
N CYS S 109 30.80 -57.28 22.33
CA CYS S 109 30.79 -55.86 22.02
C CYS S 109 32.13 -55.24 22.42
N LEU S 110 32.82 -54.62 21.47
CA LEU S 110 33.98 -53.79 21.76
C LEU S 110 33.75 -52.41 21.15
N GLY S 111 34.09 -51.37 21.90
CA GLY S 111 33.77 -50.01 21.52
C GLY S 111 32.34 -49.64 21.85
N GLN S 112 31.44 -49.95 20.93
CA GLN S 112 30.03 -49.69 21.16
C GLN S 112 29.19 -50.63 20.32
N ALA S 113 27.95 -50.82 20.77
CA ALA S 113 26.90 -51.49 20.03
C ALA S 113 25.63 -50.66 20.22
N ALA S 114 25.23 -49.94 19.18
CA ALA S 114 24.09 -49.03 19.26
C ALA S 114 23.03 -49.43 18.24
N SER S 115 21.76 -49.24 18.61
CA SER S 115 20.64 -49.60 17.73
C SER S 115 20.77 -51.03 17.24
N MET S 116 20.75 -51.20 15.92
CA MET S 116 20.85 -52.52 15.31
C MET S 116 22.09 -53.26 15.78
N GLY S 117 23.16 -52.52 16.11
CA GLY S 117 24.32 -53.16 16.73
C GLY S 117 24.02 -53.69 18.12
N ALA S 118 23.27 -52.94 18.93
CA ALA S 118 22.86 -53.47 20.21
C ALA S 118 21.90 -54.63 20.02
N PHE S 119 21.03 -54.54 19.01
CA PHE S 119 20.10 -55.63 18.78
C PHE S 119 20.84 -56.94 18.54
N LEU S 120 21.85 -56.92 17.67
CA LEU S 120 22.51 -58.17 17.33
C LEU S 120 23.33 -58.69 18.50
N LEU S 121 23.95 -57.79 19.25
CA LEU S 121 24.68 -58.17 20.45
C LEU S 121 23.81 -58.95 21.43
N SER S 122 22.61 -58.41 21.74
CA SER S 122 21.71 -59.07 22.67
C SER S 122 21.18 -60.37 22.12
N ALA S 123 21.30 -60.58 20.81
CA ALA S 123 20.76 -61.74 20.14
C ALA S 123 21.71 -62.94 20.16
N GLY S 124 22.92 -62.77 20.67
CA GLY S 124 23.85 -63.87 20.76
C GLY S 124 23.36 -64.95 21.70
N GLU S 125 24.01 -66.11 21.59
CA GLU S 125 23.66 -67.24 22.42
C GLU S 125 23.75 -66.84 23.88
N LYS S 126 22.65 -67.10 24.60
CA LYS S 126 22.51 -66.72 26.00
C LYS S 126 23.50 -67.49 26.86
N GLY S 127 24.27 -66.76 27.64
CA GLY S 127 25.43 -67.30 28.31
C GLY S 127 26.73 -66.99 27.60
N LYS S 128 26.65 -66.54 26.36
CA LYS S 128 27.83 -66.30 25.55
C LYS S 128 27.80 -64.92 24.91
N ARG S 129 27.15 -63.95 25.55
CA ARG S 129 27.16 -62.57 25.09
C ARG S 129 28.05 -61.75 26.02
N PHE S 130 29.11 -61.15 25.46
CA PHE S 130 30.12 -60.46 26.26
C PHE S 130 30.31 -59.01 25.83
N ALA S 131 30.86 -58.22 26.73
CA ALA S 131 31.28 -56.86 26.43
C ALA S 131 32.58 -56.58 27.15
N LEU S 132 33.36 -55.70 26.57
CA LEU S 132 34.60 -55.26 27.18
C LEU S 132 34.28 -54.17 28.21
N PRO S 133 35.18 -53.94 29.19
CA PRO S 133 34.81 -53.10 30.34
C PRO S 133 34.31 -51.72 29.97
N ASN S 134 34.81 -51.11 28.91
CA ASN S 134 34.42 -49.77 28.55
C ASN S 134 33.58 -49.71 27.29
N SER S 135 33.02 -50.86 26.89
CA SER S 135 32.03 -50.87 25.83
C SER S 135 30.83 -50.02 26.23
N ARG S 136 30.14 -49.51 25.23
CA ARG S 136 28.96 -48.71 25.41
C ARG S 136 27.84 -49.36 24.59
N ILE S 137 26.66 -49.45 25.18
CA ILE S 137 25.50 -49.99 24.51
C ILE S 137 24.46 -48.89 24.46
N MET S 138 23.78 -48.77 23.33
CA MET S 138 22.70 -47.80 23.21
C MET S 138 21.54 -48.42 22.45
N ILE S 139 20.33 -48.19 22.96
CA ILE S 139 19.11 -48.67 22.33
C ILE S 139 18.16 -47.50 22.23
N HIS S 140 17.33 -47.50 21.18
CA HIS S 140 16.35 -46.45 20.98
C HIS S 140 15.27 -46.93 20.01
N GLN S 141 14.14 -46.21 20.02
CA GLN S 141 13.08 -46.51 19.07
C GLN S 141 13.53 -46.13 17.67
N PRO S 142 12.86 -46.65 16.62
CA PRO S 142 13.33 -46.40 15.26
C PRO S 142 13.30 -44.91 14.97
N LEU S 143 14.17 -44.51 14.05
CA LEU S 143 14.43 -43.11 13.77
C LEU S 143 14.56 -42.95 12.26
N ILE S 144 13.78 -42.04 11.68
CA ILE S 144 13.71 -41.86 10.23
C ILE S 144 14.39 -40.56 9.85
N SER S 145 15.21 -40.61 8.81
CA SER S 145 15.83 -39.45 8.16
C SER S 145 14.80 -38.40 7.71
N GLY S 146 14.05 -38.72 6.65
CA GLY S 146 13.14 -37.78 6.00
C GLY S 146 12.16 -37.05 6.89
N GLY S 150 4.69 -38.24 1.14
CA GLY S 150 3.72 -38.27 0.06
C GLY S 150 2.31 -37.83 0.44
N GLN S 151 1.31 -38.60 -0.03
CA GLN S 151 -0.08 -38.34 0.33
C GLN S 151 -0.41 -38.84 1.72
N ALA S 152 -1.49 -38.29 2.29
CA ALA S 152 -1.91 -38.69 3.64
C ALA S 152 -2.12 -40.21 3.74
N SER S 153 -2.66 -40.84 2.70
CA SER S 153 -2.77 -42.31 2.71
C SER S 153 -1.40 -42.97 2.81
N ASP S 154 -0.41 -42.46 2.05
CA ASP S 154 0.91 -43.06 2.01
C ASP S 154 1.65 -42.87 3.33
N ILE S 155 1.53 -41.69 3.96
CA ILE S 155 2.23 -41.44 5.21
C ILE S 155 1.70 -42.35 6.33
N GLU S 156 0.39 -42.56 6.35
CA GLU S 156 -0.23 -43.47 7.29
C GLU S 156 0.29 -44.89 7.10
N ILE S 157 0.35 -45.37 5.85
CA ILE S 157 0.84 -46.71 5.60
C ILE S 157 2.25 -46.87 6.13
N HIS S 158 3.09 -45.86 5.91
CA HIS S 158 4.49 -45.97 6.31
C HIS S 158 4.70 -45.73 7.80
N ALA S 159 3.92 -44.84 8.41
CA ALA S 159 3.99 -44.69 9.87
C ALA S 159 3.68 -46.01 10.58
N ARG S 160 2.65 -46.74 10.13
CA ARG S 160 2.27 -47.95 10.83
C ARG S 160 3.29 -49.05 10.64
N GLU S 161 3.91 -49.10 9.47
CA GLU S 161 5.01 -50.04 9.27
C GLU S 161 6.17 -49.67 10.20
N LEU S 162 6.39 -48.37 10.42
CA LEU S 162 7.42 -47.97 11.34
C LEU S 162 7.07 -48.41 12.77
N LEU S 163 5.79 -48.31 13.14
CA LEU S 163 5.34 -48.73 14.47
C LEU S 163 5.35 -50.26 14.63
N LYS S 164 5.05 -51.02 13.58
CA LYS S 164 5.21 -52.45 13.67
C LYS S 164 6.68 -52.79 13.93
N ILE S 165 7.57 -52.13 13.20
CA ILE S 165 9.01 -52.33 13.38
C ILE S 165 9.42 -51.97 14.79
N LYS S 166 8.93 -50.83 15.30
CA LYS S 166 9.23 -50.45 16.67
C LYS S 166 8.79 -51.53 17.66
N GLU S 167 7.56 -52.00 17.53
CA GLU S 167 7.04 -53.03 18.43
C GLU S 167 7.78 -54.36 18.25
N LYS S 168 8.07 -54.73 17.00
CA LYS S 168 8.79 -55.97 16.75
C LYS S 168 10.19 -55.92 17.38
N LEU S 169 10.88 -54.80 17.21
CA LEU S 169 12.21 -54.68 17.80
C LEU S 169 12.14 -54.73 19.31
N ASN S 170 11.15 -54.04 19.87
CA ASN S 170 10.96 -54.04 21.32
C ASN S 170 10.59 -55.43 21.84
N ARG S 171 9.69 -56.16 21.15
CA ARG S 171 9.32 -57.48 21.66
C ARG S 171 10.48 -58.46 21.57
N LEU S 172 11.15 -58.51 20.42
CA LEU S 172 12.25 -59.44 20.24
C LEU S 172 13.38 -59.15 21.23
N MET S 173 13.70 -57.87 21.43
CA MET S 173 14.79 -57.57 22.35
C MET S 173 14.36 -57.79 23.80
N ALA S 174 13.07 -57.64 24.11
CA ALA S 174 12.56 -58.00 25.43
C ALA S 174 12.77 -59.48 25.74
N LYS S 175 12.51 -60.37 24.77
CA LYS S 175 12.80 -61.78 25.00
C LYS S 175 14.29 -61.99 25.19
N HIS S 176 15.10 -61.30 24.39
CA HIS S 176 16.55 -61.39 24.57
C HIS S 176 16.95 -61.00 26.01
N CYS S 177 16.26 -60.04 26.61
CA CYS S 177 16.60 -59.55 27.95
C CYS S 177 15.80 -60.23 29.06
N ASP S 178 14.91 -61.17 28.70
CA ASP S 178 13.96 -61.75 29.64
C ASP S 178 13.22 -60.65 30.40
N ARG S 179 12.71 -59.68 29.65
CA ARG S 179 11.89 -58.58 30.16
C ARG S 179 10.64 -58.48 29.30
N ASP S 180 9.75 -57.57 29.66
CA ASP S 180 8.57 -57.40 28.84
C ASP S 180 8.74 -56.36 27.72
N LEU S 181 7.90 -56.51 26.69
CA LEU S 181 7.78 -55.50 25.64
C LEU S 181 7.54 -54.10 26.21
N ALA S 182 6.75 -53.98 27.26
CA ALA S 182 6.50 -52.67 27.84
C ALA S 182 7.77 -52.07 28.43
N ASP S 183 8.64 -52.91 28.96
CA ASP S 183 9.91 -52.45 29.52
C ASP S 183 10.76 -51.82 28.43
N LEU S 184 10.90 -52.50 27.29
CA LEU S 184 11.70 -51.98 26.19
C LEU S 184 11.04 -50.76 25.55
N GLU S 185 9.71 -50.72 25.52
CA GLU S 185 9.04 -49.54 24.97
C GLU S 185 9.33 -48.32 25.82
N ARG S 186 9.30 -48.50 27.15
CA ARG S 186 9.63 -47.43 28.07
C ARG S 186 11.10 -47.01 27.89
N ASP S 187 11.99 -47.98 27.75
CA ASP S 187 13.42 -47.77 27.84
C ASP S 187 14.07 -47.44 26.50
N THR S 188 13.33 -47.52 25.40
CA THR S 188 13.83 -47.03 24.11
C THR S 188 13.15 -45.75 23.66
N ASP S 189 12.27 -45.16 24.50
CA ASP S 189 11.53 -44.00 24.03
C ASP S 189 12.47 -42.92 23.56
N ARG S 190 13.56 -42.70 24.27
CA ARG S 190 14.62 -41.82 23.83
C ARG S 190 15.94 -42.57 23.94
N ASP S 191 17.02 -41.91 23.50
CA ASP S 191 18.33 -42.58 23.44
C ASP S 191 18.72 -43.09 24.82
N ASN S 192 19.03 -44.38 24.90
CA ASN S 192 19.33 -45.03 26.16
C ASN S 192 20.76 -45.58 26.12
N PHE S 193 21.67 -44.83 26.72
CA PHE S 193 23.09 -45.21 26.82
C PHE S 193 23.31 -46.05 28.07
N MET S 194 24.01 -47.17 27.92
CA MET S 194 24.28 -48.10 29.00
C MET S 194 25.76 -48.47 29.01
N SER S 195 26.36 -48.44 30.20
CA SER S 195 27.66 -49.08 30.41
C SER S 195 27.49 -50.58 30.30
N ALA S 196 28.62 -51.27 30.21
CA ALA S 196 28.56 -52.72 30.22
C ALA S 196 27.89 -53.22 31.49
N GLU S 197 28.00 -52.46 32.56
CA GLU S 197 27.52 -52.93 33.85
C GLU S 197 26.00 -52.83 33.86
N GLU S 198 25.48 -51.74 33.28
CA GLU S 198 24.06 -51.54 33.12
C GLU S 198 23.48 -52.52 32.12
N ALA S 199 24.24 -52.87 31.08
CA ALA S 199 23.74 -53.80 30.06
C ALA S 199 23.61 -55.22 30.58
N LYS S 200 24.57 -55.65 31.42
CA LYS S 200 24.47 -56.97 32.04
C LYS S 200 23.31 -57.01 33.02
N GLU S 201 23.12 -55.94 33.79
CA GLU S 201 21.93 -55.83 34.60
C GLU S 201 20.65 -55.84 33.78
N TYR S 202 20.68 -55.20 32.60
CA TYR S 202 19.47 -55.12 31.82
C TYR S 202 19.11 -56.44 31.17
N GLY S 203 20.08 -57.33 30.99
CA GLY S 203 19.85 -58.55 30.28
C GLY S 203 20.36 -58.57 28.85
N LEU S 204 21.08 -57.52 28.41
CA LEU S 204 21.52 -57.46 27.02
C LEU S 204 22.79 -58.26 26.79
N ILE S 205 23.63 -58.36 27.82
CA ILE S 205 24.82 -59.18 27.80
C ILE S 205 24.86 -60.01 29.07
N ASP S 206 25.76 -61.01 29.07
CA ASP S 206 25.92 -61.94 30.18
C ASP S 206 27.13 -61.61 31.04
N GLN S 207 28.34 -61.64 30.48
CA GLN S 207 29.57 -61.32 31.19
C GLN S 207 30.26 -60.09 30.64
N ILE S 208 31.10 -59.51 31.48
CA ILE S 208 32.09 -58.53 31.08
C ILE S 208 33.46 -59.16 31.26
N LEU S 209 34.35 -58.95 30.30
CA LEU S 209 35.70 -59.50 30.31
C LEU S 209 36.68 -58.58 31.05
N GLU S 210 37.78 -59.17 31.54
CA GLU S 210 38.93 -58.42 32.06
C GLU S 210 40.14 -59.36 32.07
N ASN S 211 41.32 -58.77 32.28
CA ASN S 211 42.60 -59.50 32.40
C ASN S 211 42.64 -60.39 33.66
N ILE T 37 34.61 -66.28 -0.95
CA ILE T 37 33.66 -66.81 0.02
C ILE T 37 32.31 -66.98 -0.68
N TYR T 38 31.97 -65.98 -1.49
CA TYR T 38 30.78 -66.06 -2.32
C TYR T 38 30.96 -67.11 -3.42
N SER T 39 32.20 -67.33 -3.86
CA SER T 39 32.46 -68.38 -4.85
C SER T 39 32.04 -69.75 -4.32
N ARG T 40 32.19 -69.98 -3.00
CA ARG T 40 31.74 -71.24 -2.43
C ARG T 40 30.22 -71.32 -2.33
N LEU T 41 29.53 -70.19 -2.11
CA LEU T 41 28.07 -70.23 -2.11
C LEU T 41 27.57 -70.58 -3.51
N LEU T 42 28.24 -70.06 -4.54
CA LEU T 42 27.92 -70.42 -5.92
C LEU T 42 28.29 -71.86 -6.20
N LYS T 43 29.36 -72.36 -5.55
CA LYS T 43 29.76 -73.75 -5.68
C LYS T 43 28.67 -74.69 -5.19
N GLU T 44 27.85 -74.26 -4.23
CA GLU T 44 26.70 -75.00 -3.75
C GLU T 44 25.40 -74.61 -4.45
N ARG T 45 25.49 -73.91 -5.59
CA ARG T 45 24.32 -73.52 -6.38
C ARG T 45 23.43 -72.50 -5.66
N ILE T 46 24.06 -71.61 -4.89
CA ILE T 46 23.40 -70.48 -4.25
C ILE T 46 23.75 -69.21 -5.02
N VAL T 47 22.74 -68.46 -5.42
CA VAL T 47 22.93 -67.15 -6.03
C VAL T 47 22.27 -66.09 -5.16
N PHE T 48 22.98 -64.98 -4.95
CA PHE T 48 22.54 -63.87 -4.14
C PHE T 48 22.08 -62.73 -5.04
N LEU T 49 21.02 -62.03 -4.62
CA LEU T 49 20.70 -60.70 -5.13
C LEU T 49 20.59 -59.80 -3.90
N VAL T 50 21.59 -58.97 -3.66
CA VAL T 50 21.66 -58.13 -2.47
C VAL T 50 21.68 -56.67 -2.91
N GLY T 51 20.72 -55.89 -2.43
CA GLY T 51 20.63 -54.49 -2.80
C GLY T 51 19.73 -54.27 -4.00
N PRO T 52 19.83 -53.10 -4.62
CA PRO T 52 18.90 -52.75 -5.71
C PRO T 52 19.06 -53.62 -6.95
N VAL T 53 17.94 -53.80 -7.65
CA VAL T 53 17.91 -54.51 -8.92
C VAL T 53 18.29 -53.51 -10.00
N THR T 54 19.48 -53.66 -10.56
CA THR T 54 20.00 -52.82 -11.62
C THR T 54 20.35 -53.69 -12.80
N ASP T 55 20.61 -53.05 -13.94
CA ASP T 55 21.09 -53.78 -15.11
C ASP T 55 22.31 -54.61 -14.79
N GLU T 56 23.22 -54.04 -13.98
CA GLU T 56 24.48 -54.73 -13.69
C GLU T 56 24.27 -55.89 -12.73
N SER T 57 23.60 -55.64 -11.60
CA SER T 57 23.40 -56.74 -10.65
C SER T 57 22.51 -57.83 -11.23
N ALA T 58 21.51 -57.45 -12.02
CA ALA T 58 20.60 -58.43 -12.62
C ALA T 58 21.35 -59.37 -13.57
N ASN T 59 22.13 -58.82 -14.49
CA ASN T 59 22.72 -59.73 -15.47
C ASN T 59 23.78 -60.61 -14.84
N LEU T 60 24.39 -60.15 -13.76
CA LEU T 60 25.29 -61.00 -12.99
C LEU T 60 24.55 -62.22 -12.47
N VAL T 61 23.32 -62.03 -12.00
CA VAL T 61 22.48 -63.14 -11.58
C VAL T 61 22.13 -64.03 -12.77
N VAL T 62 21.81 -63.41 -13.91
CA VAL T 62 21.48 -64.15 -15.13
C VAL T 62 22.66 -65.02 -15.55
N ALA T 63 23.87 -64.45 -15.52
CA ALA T 63 25.06 -65.20 -15.89
C ALA T 63 25.26 -66.40 -14.98
N GLN T 64 25.07 -66.20 -13.67
CA GLN T 64 25.24 -67.30 -12.73
C GLN T 64 24.19 -68.38 -12.96
N LEU T 65 22.95 -67.99 -13.30
CA LEU T 65 21.89 -68.95 -13.58
C LEU T 65 22.25 -69.83 -14.78
N LEU T 66 22.72 -69.21 -15.86
CA LEU T 66 23.12 -69.98 -17.04
C LEU T 66 24.27 -70.91 -16.70
N PHE T 67 25.24 -70.42 -15.92
CA PHE T 67 26.42 -71.20 -15.56
C PHE T 67 26.05 -72.43 -14.74
N LEU T 68 25.22 -72.24 -13.71
CA LEU T 68 24.84 -73.36 -12.86
C LEU T 68 24.07 -74.42 -13.65
N GLU T 69 23.26 -74.00 -14.61
CA GLU T 69 22.54 -74.97 -15.41
C GLU T 69 23.49 -75.84 -16.23
N SER T 70 24.48 -75.23 -16.89
CA SER T 70 25.45 -76.04 -17.63
C SER T 70 26.28 -76.94 -16.72
N GLU T 71 26.60 -76.48 -15.49
CA GLU T 71 27.37 -77.32 -14.57
C GLU T 71 26.60 -78.58 -14.18
N ASN T 72 25.27 -78.48 -14.11
CA ASN T 72 24.37 -79.59 -13.82
C ASN T 72 22.95 -79.10 -14.09
N PRO T 73 22.37 -79.49 -15.23
CA PRO T 73 21.03 -79.00 -15.59
C PRO T 73 19.90 -79.64 -14.81
N ASP T 74 20.20 -80.52 -13.86
CA ASP T 74 19.18 -81.30 -13.18
C ASP T 74 19.09 -81.06 -11.67
N LYS T 75 19.96 -80.22 -11.11
CA LYS T 75 19.92 -79.89 -9.69
C LYS T 75 19.27 -78.52 -9.49
N ASP T 76 18.47 -78.39 -8.42
CA ASP T 76 17.88 -77.11 -8.06
C ASP T 76 18.92 -75.99 -7.89
N ILE T 77 18.50 -74.74 -8.08
CA ILE T 77 19.30 -73.54 -7.82
C ILE T 77 18.60 -72.75 -6.70
N PHE T 78 19.38 -72.08 -5.86
CA PHE T 78 18.84 -71.37 -4.72
C PHE T 78 19.17 -69.89 -4.80
N PHE T 79 18.14 -69.06 -4.95
CA PHE T 79 18.24 -67.63 -5.19
C PHE T 79 17.92 -66.89 -3.88
N TYR T 80 18.95 -66.37 -3.21
CA TYR T 80 18.77 -65.62 -1.97
C TYR T 80 18.60 -64.14 -2.29
N ILE T 81 17.51 -63.56 -1.79
CA ILE T 81 17.09 -62.20 -2.16
C ILE T 81 16.99 -61.34 -0.91
N ASN T 82 17.72 -60.22 -0.90
CA ASN T 82 17.58 -59.14 0.09
C ASN T 82 17.67 -57.86 -0.73
N SER T 83 16.52 -57.37 -1.17
CA SER T 83 16.54 -56.28 -2.14
C SER T 83 15.37 -55.33 -1.94
N PRO T 84 15.59 -54.03 -2.05
CA PRO T 84 14.48 -53.09 -1.94
C PRO T 84 13.69 -52.91 -3.23
N GLY T 85 14.13 -53.53 -4.32
CA GLY T 85 13.52 -53.34 -5.63
C GLY T 85 14.48 -52.74 -6.62
N GLY T 86 13.96 -52.15 -7.67
CA GLY T 86 14.82 -51.53 -8.64
C GLY T 86 14.17 -51.53 -10.01
N SER T 87 15.01 -51.67 -11.03
CA SER T 87 14.55 -51.56 -12.40
C SER T 87 13.63 -52.73 -12.76
N VAL T 88 12.45 -52.40 -13.28
CA VAL T 88 11.53 -53.46 -13.70
C VAL T 88 12.14 -54.23 -14.87
N THR T 89 12.79 -53.53 -15.80
CA THR T 89 13.38 -54.18 -16.97
C THR T 89 14.47 -55.15 -16.55
N ALA T 90 15.33 -54.73 -15.63
CA ALA T 90 16.43 -55.57 -15.20
C ALA T 90 15.91 -56.81 -14.49
N GLY T 91 14.87 -56.62 -13.66
CA GLY T 91 14.23 -57.74 -12.96
C GLY T 91 13.54 -58.72 -13.88
N MET T 92 12.90 -58.22 -14.95
CA MET T 92 12.29 -59.10 -15.94
C MET T 92 13.32 -60.01 -16.60
N SER T 93 14.55 -59.53 -16.74
CA SER T 93 15.59 -60.37 -17.30
C SER T 93 15.90 -61.56 -16.40
N ILE T 94 15.92 -61.34 -15.08
CA ILE T 94 16.08 -62.46 -14.15
C ILE T 94 14.87 -63.39 -14.23
N TYR T 95 13.67 -62.83 -14.18
CA TYR T 95 12.45 -63.61 -14.23
C TYR T 95 12.43 -64.54 -15.42
N ASP T 96 12.68 -64.00 -16.61
CA ASP T 96 12.65 -64.82 -17.82
C ASP T 96 13.72 -65.90 -17.80
N THR T 97 14.90 -65.60 -17.24
CA THR T 97 15.94 -66.63 -17.14
C THR T 97 15.51 -67.74 -16.19
N MET T 98 14.89 -67.37 -15.05
CA MET T 98 14.43 -68.37 -14.08
C MET T 98 13.42 -69.33 -14.71
N ASN T 99 12.52 -68.81 -15.54
CA ASN T 99 11.50 -69.65 -16.15
C ASN T 99 12.04 -70.45 -17.34
N PHE T 100 13.14 -70.02 -17.94
CA PHE T 100 13.66 -70.64 -19.16
C PHE T 100 14.50 -71.88 -18.87
N ILE T 101 15.39 -71.80 -17.86
CA ILE T 101 16.35 -72.88 -17.59
C ILE T 101 15.61 -74.11 -17.03
N LYS T 102 16.24 -75.26 -17.21
CA LYS T 102 15.64 -76.51 -16.72
C LYS T 102 15.56 -76.59 -15.20
N PRO T 103 16.63 -76.31 -14.43
CA PRO T 103 16.55 -76.48 -12.98
C PRO T 103 15.46 -75.61 -12.38
N ASP T 104 14.78 -76.15 -11.37
CA ASP T 104 13.92 -75.34 -10.51
C ASP T 104 14.76 -74.28 -9.80
N VAL T 105 14.27 -73.04 -9.78
CA VAL T 105 14.92 -71.97 -9.05
C VAL T 105 14.10 -71.74 -7.78
N SER T 106 14.62 -72.23 -6.66
CA SER T 106 14.04 -71.93 -5.36
C SER T 106 14.43 -70.53 -4.93
N THR T 107 13.50 -69.81 -4.31
CA THR T 107 13.74 -68.46 -3.83
C THR T 107 13.69 -68.42 -2.30
N LEU T 108 14.54 -67.58 -1.73
CA LEU T 108 14.57 -67.36 -0.28
C LEU T 108 14.77 -65.88 -0.01
N CYS T 109 13.90 -65.33 0.80
CA CYS T 109 13.98 -63.93 1.22
C CYS T 109 14.62 -63.86 2.60
N LEU T 110 15.71 -63.10 2.68
CA LEU T 110 16.30 -62.71 3.96
C LEU T 110 16.41 -61.20 4.00
N GLY T 111 16.05 -60.62 5.13
CA GLY T 111 15.98 -59.18 5.25
C GLY T 111 14.68 -58.69 4.66
N GLN T 112 14.69 -58.41 3.37
CA GLN T 112 13.47 -57.94 2.73
C GLN T 112 13.50 -58.27 1.26
N ALA T 113 12.30 -58.32 0.70
CA ALA T 113 12.06 -58.40 -0.74
C ALA T 113 10.90 -57.46 -1.00
N ALA T 114 11.20 -56.30 -1.60
CA ALA T 114 10.22 -55.24 -1.79
C ALA T 114 10.09 -54.91 -3.27
N SER T 115 8.87 -54.60 -3.68
CA SER T 115 8.60 -54.21 -5.05
C SER T 115 9.22 -55.29 -5.96
N MET T 116 10.08 -54.88 -6.89
CA MET T 116 10.67 -55.80 -7.86
C MET T 116 11.38 -56.99 -7.21
N GLY T 117 11.95 -56.81 -6.01
CA GLY T 117 12.53 -57.93 -5.27
C GLY T 117 11.47 -58.95 -4.83
N ALA T 118 10.31 -58.48 -4.39
CA ALA T 118 9.22 -59.37 -4.03
C ALA T 118 8.69 -60.11 -5.25
N PHE T 119 8.66 -59.44 -6.40
CA PHE T 119 8.22 -60.10 -7.63
C PHE T 119 9.04 -61.36 -7.91
N LEU T 120 10.37 -61.26 -7.81
CA LEU T 120 11.23 -62.41 -8.08
C LEU T 120 11.06 -63.48 -7.02
N LEU T 121 10.86 -63.07 -5.76
CA LEU T 121 10.60 -64.01 -4.68
C LEU T 121 9.40 -64.89 -4.99
N SER T 122 8.29 -64.26 -5.40
CA SER T 122 7.06 -64.97 -5.75
C SER T 122 7.20 -65.79 -7.02
N ALA T 123 8.25 -65.55 -7.80
CA ALA T 123 8.44 -66.21 -9.08
C ALA T 123 9.18 -67.53 -9.00
N GLY T 124 9.69 -67.90 -7.82
CA GLY T 124 10.39 -69.17 -7.67
C GLY T 124 9.49 -70.34 -7.94
N GLU T 125 10.12 -71.51 -8.08
CA GLU T 125 9.34 -72.74 -8.28
C GLU T 125 8.35 -72.92 -7.15
N LYS T 126 7.08 -73.08 -7.49
CA LYS T 126 6.06 -73.18 -6.47
C LYS T 126 6.27 -74.45 -5.65
N GLY T 127 6.26 -74.29 -4.33
CA GLY T 127 6.71 -75.28 -3.39
C GLY T 127 8.09 -75.02 -2.82
N LYS T 128 8.85 -74.09 -3.42
CA LYS T 128 10.23 -73.83 -3.03
C LYS T 128 10.50 -72.34 -2.84
N ARG T 129 9.47 -71.58 -2.46
CA ARG T 129 9.63 -70.16 -2.13
C ARG T 129 9.56 -70.00 -0.62
N PHE T 130 10.66 -69.52 -0.04
CA PHE T 130 10.82 -69.49 1.41
C PHE T 130 11.12 -68.08 1.90
N ALA T 131 10.89 -67.87 3.20
CA ALA T 131 11.31 -66.64 3.87
C ALA T 131 11.83 -66.97 5.26
N LEU T 132 12.77 -66.15 5.72
CA LEU T 132 13.27 -66.28 7.08
C LEU T 132 12.28 -65.61 8.03
N PRO T 133 12.28 -65.99 9.31
CA PRO T 133 11.16 -65.59 10.18
C PRO T 133 10.92 -64.08 10.27
N ASN T 134 11.96 -63.25 10.19
CA ASN T 134 11.76 -61.82 10.36
C ASN T 134 11.95 -61.05 9.06
N SER T 135 11.93 -61.76 7.94
CA SER T 135 11.94 -61.16 6.62
C SER T 135 10.70 -60.28 6.43
N ARG T 136 10.83 -59.32 5.52
CA ARG T 136 9.76 -58.41 5.17
C ARG T 136 9.51 -58.44 3.67
N ILE T 137 8.22 -58.46 3.27
CA ILE T 137 7.81 -58.42 1.87
C ILE T 137 6.98 -57.17 1.65
N MET T 138 7.22 -56.48 0.52
CA MET T 138 6.40 -55.32 0.17
C MET T 138 6.11 -55.30 -1.33
N ILE T 139 4.85 -55.02 -1.68
CA ILE T 139 4.39 -54.96 -3.06
C ILE T 139 3.64 -53.66 -3.27
N HIS T 140 3.76 -53.10 -4.49
CA HIS T 140 3.09 -51.85 -4.83
C HIS T 140 3.04 -51.68 -6.35
N GLN T 141 2.18 -50.77 -6.82
CA GLN T 141 2.15 -50.45 -8.24
C GLN T 141 3.41 -49.69 -8.65
N PRO T 142 3.70 -49.59 -9.96
CA PRO T 142 4.92 -48.90 -10.36
C PRO T 142 4.89 -47.44 -9.95
N LEU T 143 6.06 -46.86 -9.78
CA LEU T 143 6.16 -45.46 -9.42
C LEU T 143 7.35 -44.87 -10.13
N ILE T 144 7.33 -43.57 -10.25
CA ILE T 144 8.37 -42.89 -10.87
C ILE T 144 8.71 -41.66 -10.09
N SER T 145 9.95 -41.22 -10.17
CA SER T 145 10.41 -40.03 -9.50
C SER T 145 11.11 -39.16 -10.53
N GLY T 150 8.19 -33.78 -20.77
CA GLY T 150 7.97 -33.60 -22.20
C GLY T 150 6.66 -32.97 -22.71
N GLN T 151 6.30 -33.26 -23.96
CA GLN T 151 5.04 -32.83 -24.55
C GLN T 151 3.89 -33.73 -24.09
N ALA T 152 2.67 -33.23 -24.25
CA ALA T 152 1.49 -34.01 -23.85
C ALA T 152 1.43 -35.38 -24.53
N SER T 153 1.74 -35.46 -25.83
CA SER T 153 1.79 -36.75 -26.51
C SER T 153 2.82 -37.67 -25.86
N ASP T 154 3.98 -37.12 -25.51
CA ASP T 154 5.05 -37.93 -24.94
C ASP T 154 4.67 -38.40 -23.55
N ILE T 155 4.02 -37.54 -22.78
CA ILE T 155 3.61 -37.91 -21.43
C ILE T 155 2.53 -38.98 -21.47
N GLU T 156 1.60 -38.89 -22.42
CA GLU T 156 0.62 -39.95 -22.61
C GLU T 156 1.28 -41.28 -22.94
N ILE T 157 2.27 -41.24 -23.82
CA ILE T 157 2.98 -42.46 -24.23
C ILE T 157 3.58 -43.15 -23.02
N HIS T 158 4.23 -42.37 -22.15
CA HIS T 158 4.91 -42.94 -21.00
C HIS T 158 3.89 -43.33 -19.94
N ALA T 159 2.82 -42.55 -19.80
CA ALA T 159 1.70 -42.97 -18.98
C ALA T 159 1.13 -44.32 -19.47
N ARG T 160 0.98 -44.51 -20.76
CA ARG T 160 0.41 -45.77 -21.24
C ARG T 160 1.37 -46.91 -20.92
N GLU T 161 2.67 -46.66 -21.14
CA GLU T 161 3.68 -47.68 -20.89
C GLU T 161 3.74 -48.03 -19.42
N LEU T 162 3.59 -47.03 -18.55
CA LEU T 162 3.61 -47.32 -17.13
C LEU T 162 2.40 -48.16 -16.74
N LEU T 163 1.24 -47.88 -17.36
CA LEU T 163 0.03 -48.66 -17.08
C LEU T 163 0.11 -50.05 -17.67
N LYS T 164 0.74 -50.21 -18.83
CA LYS T 164 0.99 -51.55 -19.33
C LYS T 164 1.84 -52.35 -18.35
N ILE T 165 2.88 -51.72 -17.81
CA ILE T 165 3.71 -52.41 -16.82
C ILE T 165 2.89 -52.79 -15.59
N LYS T 166 2.10 -51.84 -15.09
CA LYS T 166 1.26 -52.08 -13.92
C LYS T 166 0.33 -53.26 -14.15
N GLU T 167 -0.36 -53.31 -15.28
CA GLU T 167 -1.27 -54.42 -15.52
C GLU T 167 -0.50 -55.73 -15.65
N LYS T 168 0.66 -55.71 -16.31
CA LYS T 168 1.46 -56.93 -16.42
C LYS T 168 1.91 -57.44 -15.06
N LEU T 169 2.43 -56.54 -14.21
CA LEU T 169 2.95 -56.97 -12.91
C LEU T 169 1.84 -57.53 -12.03
N ASN T 170 0.66 -56.89 -12.05
CA ASN T 170 -0.48 -57.38 -11.29
C ASN T 170 -0.92 -58.77 -11.76
N ARG T 171 -0.96 -58.99 -13.08
CA ARG T 171 -1.39 -60.28 -13.62
C ARG T 171 -0.40 -61.39 -13.29
N LEU T 172 0.88 -61.16 -13.54
CA LEU T 172 1.87 -62.20 -13.26
C LEU T 172 1.86 -62.59 -11.79
N MET T 173 1.75 -61.62 -10.88
CA MET T 173 1.78 -61.99 -9.47
C MET T 173 0.49 -62.68 -9.05
N ALA T 174 -0.64 -62.37 -9.70
CA ALA T 174 -1.86 -63.12 -9.44
C ALA T 174 -1.67 -64.60 -9.76
N LYS T 175 -0.98 -64.91 -10.87
CA LYS T 175 -0.63 -66.29 -11.13
C LYS T 175 0.33 -66.84 -10.07
N HIS T 176 1.33 -66.04 -9.68
CA HIS T 176 2.28 -66.49 -8.66
C HIS T 176 1.59 -66.81 -7.35
N CYS T 177 0.60 -66.03 -6.99
CA CYS T 177 -0.07 -66.18 -5.71
C CYS T 177 -1.34 -67.00 -5.82
N ASP T 178 -1.70 -67.43 -7.03
CA ASP T 178 -2.94 -68.15 -7.29
C ASP T 178 -4.16 -67.40 -6.74
N ARG T 179 -4.27 -66.13 -7.13
CA ARG T 179 -5.38 -65.31 -6.67
C ARG T 179 -6.03 -64.61 -7.85
N ASP T 180 -7.14 -63.93 -7.57
CA ASP T 180 -7.84 -63.20 -8.61
C ASP T 180 -7.08 -61.93 -8.94
N LEU T 181 -7.08 -61.57 -10.22
CA LEU T 181 -6.40 -60.36 -10.64
C LEU T 181 -6.91 -59.14 -9.87
N ALA T 182 -8.20 -59.12 -9.54
CA ALA T 182 -8.73 -58.00 -8.77
C ALA T 182 -8.06 -57.88 -7.40
N ASP T 183 -7.65 -59.03 -6.82
CA ASP T 183 -6.95 -59.00 -5.53
C ASP T 183 -5.65 -58.21 -5.63
N LEU T 184 -4.82 -58.55 -6.63
CA LEU T 184 -3.55 -57.84 -6.78
C LEU T 184 -3.79 -56.41 -7.21
N GLU T 185 -4.87 -56.16 -7.95
CA GLU T 185 -5.24 -54.79 -8.29
C GLU T 185 -5.60 -53.97 -7.05
N ARG T 186 -6.49 -54.46 -6.18
CA ARG T 186 -6.71 -53.66 -4.96
C ARG T 186 -5.49 -53.69 -4.00
N ASP T 187 -4.72 -54.80 -3.96
CA ASP T 187 -3.70 -54.92 -2.91
C ASP T 187 -2.37 -54.26 -3.25
N THR T 188 -2.17 -53.80 -4.48
CA THR T 188 -0.95 -53.06 -4.80
C THR T 188 -1.19 -51.57 -4.98
N ASP T 189 -2.41 -51.08 -4.72
CA ASP T 189 -2.74 -49.67 -5.00
C ASP T 189 -1.80 -48.71 -4.28
N ARG T 190 -1.45 -49.01 -3.03
CA ARG T 190 -0.44 -48.27 -2.28
C ARG T 190 0.56 -49.27 -1.69
N ASP T 191 1.58 -48.76 -0.98
CA ASP T 191 2.59 -49.67 -0.43
C ASP T 191 1.95 -50.67 0.51
N ASN T 192 2.18 -51.95 0.26
CA ASN T 192 1.56 -53.04 1.01
C ASN T 192 2.64 -53.87 1.68
N PHE T 193 2.89 -53.60 2.96
CA PHE T 193 3.92 -54.30 3.73
C PHE T 193 3.36 -55.58 4.32
N MET T 194 4.12 -56.66 4.20
CA MET T 194 3.70 -57.95 4.69
C MET T 194 4.80 -58.60 5.51
N SER T 195 4.42 -59.14 6.67
CA SER T 195 5.31 -60.05 7.37
C SER T 195 5.44 -61.34 6.57
N ALA T 196 6.42 -62.17 6.95
CA ALA T 196 6.60 -63.47 6.32
C ALA T 196 5.35 -64.30 6.46
N GLU T 197 4.67 -64.08 7.58
CA GLU T 197 3.50 -64.85 7.99
C GLU T 197 2.32 -64.48 7.10
N GLU T 198 2.18 -63.15 6.87
CA GLU T 198 1.17 -62.61 5.96
C GLU T 198 1.49 -62.93 4.50
N ALA T 199 2.78 -62.95 4.12
CA ALA T 199 3.14 -63.24 2.75
C ALA T 199 2.86 -64.69 2.40
N LYS T 200 3.07 -65.60 3.35
CA LYS T 200 2.74 -67.01 3.12
C LYS T 200 1.24 -67.18 2.96
N GLU T 201 0.45 -66.49 3.79
CA GLU T 201 -0.99 -66.52 3.65
C GLU T 201 -1.43 -65.93 2.31
N TYR T 202 -0.68 -64.95 1.80
CA TYR T 202 -1.03 -64.29 0.55
C TYR T 202 -0.82 -65.17 -0.67
N GLY T 203 0.01 -66.20 -0.57
CA GLY T 203 0.35 -67.01 -1.71
C GLY T 203 1.64 -66.65 -2.37
N LEU T 204 2.40 -65.72 -1.78
CA LEU T 204 3.62 -65.15 -2.38
C LEU T 204 4.88 -65.95 -2.06
N ILE T 205 4.89 -66.62 -0.90
CA ILE T 205 5.94 -67.58 -0.54
C ILE T 205 5.24 -68.86 -0.12
N ASP T 206 6.03 -69.92 0.00
CA ASP T 206 5.47 -71.23 0.32
C ASP T 206 5.64 -71.59 1.79
N GLN T 207 6.79 -71.31 2.39
CA GLN T 207 7.02 -71.74 3.75
C GLN T 207 8.00 -70.78 4.42
N ILE T 208 7.89 -70.68 5.75
CA ILE T 208 8.83 -69.92 6.57
C ILE T 208 9.80 -70.88 7.24
N LEU T 209 11.10 -70.59 7.15
CA LEU T 209 12.16 -71.42 7.71
C LEU T 209 12.38 -71.06 9.18
N GLU T 210 11.99 -71.95 10.09
CA GLU T 210 12.03 -71.65 11.51
C GLU T 210 13.38 -72.07 12.11
N ASN T 211 13.53 -71.82 13.41
CA ASN T 211 14.77 -72.12 14.15
C ASN T 211 14.99 -73.60 14.37
N ASP U 36 36.20 -65.34 -13.17
CA ASP U 36 35.43 -64.44 -14.03
C ASP U 36 34.37 -65.20 -14.84
N ILE U 37 33.11 -65.07 -14.41
CA ILE U 37 31.97 -65.78 -15.03
C ILE U 37 31.75 -65.32 -16.47
N TYR U 38 31.93 -64.03 -16.73
CA TYR U 38 31.75 -63.48 -18.07
C TYR U 38 32.78 -64.01 -19.06
N SER U 39 33.99 -64.35 -18.59
CA SER U 39 35.00 -64.95 -19.45
C SER U 39 34.57 -66.31 -19.98
N ARG U 40 33.89 -67.09 -19.15
CA ARG U 40 33.50 -68.44 -19.55
C ARG U 40 32.41 -68.41 -20.61
N LEU U 41 31.50 -67.44 -20.49
CA LEU U 41 30.44 -67.29 -21.47
C LEU U 41 31.02 -66.93 -22.82
N LEU U 42 32.13 -66.20 -22.82
CA LEU U 42 32.77 -65.87 -24.08
C LEU U 42 33.35 -67.09 -24.77
N LYS U 43 33.81 -68.09 -24.01
CA LYS U 43 34.25 -69.32 -24.64
C LYS U 43 33.11 -70.04 -25.35
N GLU U 44 31.86 -69.78 -24.97
CA GLU U 44 30.74 -70.30 -25.75
C GLU U 44 30.28 -69.33 -26.84
N ARG U 45 31.11 -68.32 -27.16
CA ARG U 45 30.85 -67.36 -28.24
C ARG U 45 29.66 -66.46 -27.93
N ILE U 46 29.47 -66.13 -26.65
CA ILE U 46 28.45 -65.19 -26.22
C ILE U 46 29.12 -63.87 -25.87
N VAL U 47 28.64 -62.79 -26.46
CA VAL U 47 29.09 -61.44 -26.14
C VAL U 47 27.90 -60.67 -25.55
N PHE U 48 28.19 -59.90 -24.49
CA PHE U 48 27.20 -59.12 -23.76
C PHE U 48 27.30 -57.65 -24.11
N LEU U 49 26.15 -56.97 -24.17
CA LEU U 49 26.09 -55.51 -24.09
C LEU U 49 25.08 -55.15 -23.01
N VAL U 50 25.58 -54.74 -21.85
CA VAL U 50 24.76 -54.41 -20.68
C VAL U 50 24.92 -52.92 -20.39
N GLY U 51 23.82 -52.19 -20.37
CA GLY U 51 23.87 -50.78 -20.07
C GLY U 51 24.04 -49.91 -21.29
N PRO U 52 24.48 -48.66 -21.07
CA PRO U 52 24.56 -47.71 -22.19
C PRO U 52 25.59 -48.11 -23.24
N VAL U 53 25.29 -47.74 -24.49
CA VAL U 53 26.26 -47.89 -25.57
C VAL U 53 27.15 -46.67 -25.52
N THR U 54 28.38 -46.90 -25.12
CA THR U 54 29.43 -45.92 -25.07
C THR U 54 30.62 -46.39 -25.87
N ASP U 55 31.52 -45.45 -26.13
CA ASP U 55 32.78 -45.81 -26.73
C ASP U 55 33.44 -46.93 -25.94
N GLU U 56 33.24 -46.99 -24.57
CA GLU U 56 33.96 -48.03 -23.85
C GLU U 56 33.39 -49.35 -24.30
N SER U 57 32.06 -49.42 -24.17
CA SER U 57 31.31 -50.65 -24.32
C SER U 57 31.37 -51.13 -25.75
N ALA U 58 31.29 -50.21 -26.70
CA ALA U 58 31.36 -50.62 -28.09
C ALA U 58 32.70 -51.26 -28.37
N ASN U 59 33.77 -50.62 -27.95
CA ASN U 59 35.09 -51.13 -28.25
C ASN U 59 35.35 -52.43 -27.50
N LEU U 60 34.69 -52.63 -26.37
CA LEU U 60 34.76 -53.92 -25.70
C LEU U 60 34.08 -55.02 -26.53
N VAL U 61 32.89 -54.73 -27.07
CA VAL U 61 32.18 -55.70 -27.90
C VAL U 61 32.96 -55.98 -29.18
N VAL U 62 33.45 -54.92 -29.84
CA VAL U 62 34.16 -55.05 -31.10
C VAL U 62 35.36 -55.98 -30.93
N ALA U 63 36.12 -55.78 -29.86
CA ALA U 63 37.28 -56.61 -29.60
C ALA U 63 36.87 -58.08 -29.42
N GLN U 64 35.77 -58.32 -28.69
CA GLN U 64 35.29 -59.68 -28.53
C GLN U 64 34.79 -60.24 -29.86
N LEU U 65 34.13 -59.42 -30.68
CA LEU U 65 33.68 -59.93 -31.96
C LEU U 65 34.88 -60.35 -32.82
N LEU U 66 35.89 -59.48 -32.92
CA LEU U 66 37.09 -59.84 -33.69
C LEU U 66 37.78 -61.06 -33.10
N PHE U 67 37.82 -61.17 -31.77
CA PHE U 67 38.46 -62.34 -31.18
C PHE U 67 37.67 -63.62 -31.53
N LEU U 68 36.34 -63.58 -31.37
CA LEU U 68 35.56 -64.78 -31.62
C LEU U 68 35.67 -65.22 -33.07
N GLU U 69 35.76 -64.28 -34.01
CA GLU U 69 35.94 -64.66 -35.40
C GLU U 69 37.26 -65.37 -35.61
N SER U 70 38.35 -64.85 -35.03
CA SER U 70 39.65 -65.48 -35.21
C SER U 70 39.67 -66.91 -34.67
N GLU U 71 38.97 -67.16 -33.55
CA GLU U 71 38.95 -68.52 -32.98
C GLU U 71 38.20 -69.50 -33.86
N ASN U 72 37.17 -69.06 -34.58
CA ASN U 72 36.48 -69.91 -35.54
C ASN U 72 35.52 -69.06 -36.37
N PRO U 73 35.90 -68.73 -37.62
CA PRO U 73 35.05 -67.85 -38.44
C PRO U 73 33.80 -68.51 -38.99
N ASP U 74 33.52 -69.78 -38.67
CA ASP U 74 32.41 -70.49 -39.29
C ASP U 74 31.30 -70.83 -38.31
N LYS U 75 31.51 -70.60 -37.01
CA LYS U 75 30.51 -70.88 -35.99
C LYS U 75 29.82 -69.58 -35.62
N ASP U 76 28.50 -69.65 -35.40
CA ASP U 76 27.71 -68.48 -35.03
C ASP U 76 28.26 -67.80 -33.76
N ILE U 77 27.93 -66.52 -33.62
CA ILE U 77 28.18 -65.75 -32.39
C ILE U 77 26.83 -65.33 -31.82
N PHE U 78 26.75 -65.27 -30.48
CA PHE U 78 25.50 -64.94 -29.79
C PHE U 78 25.67 -63.68 -28.95
N PHE U 79 25.01 -62.60 -29.37
CA PHE U 79 25.13 -61.27 -28.79
C PHE U 79 23.92 -60.97 -27.90
N TYR U 80 24.12 -61.01 -26.58
CA TYR U 80 23.06 -60.77 -25.61
C TYR U 80 23.01 -59.29 -25.25
N ILE U 81 21.82 -58.69 -25.36
CA ILE U 81 21.65 -57.24 -25.23
C ILE U 81 20.62 -56.92 -24.15
N ASN U 82 21.03 -56.12 -23.16
CA ASN U 82 20.12 -55.46 -22.21
C ASN U 82 20.64 -54.04 -22.08
N SER U 83 20.10 -53.13 -22.87
CA SER U 83 20.66 -51.81 -22.98
C SER U 83 19.58 -50.76 -23.17
N PRO U 84 19.74 -49.58 -22.56
CA PRO U 84 18.78 -48.49 -22.77
C PRO U 84 19.07 -47.62 -23.99
N GLY U 85 20.20 -47.86 -24.67
CA GLY U 85 20.65 -47.05 -25.78
C GLY U 85 22.01 -46.41 -25.51
N GLY U 86 22.33 -45.36 -26.22
CA GLY U 86 23.58 -44.66 -26.01
C GLY U 86 24.04 -43.99 -27.29
N SER U 87 25.35 -43.95 -27.45
CA SER U 87 25.96 -43.22 -28.56
C SER U 87 25.66 -43.85 -29.91
N VAL U 88 25.23 -43.03 -30.87
CA VAL U 88 25.02 -43.55 -32.21
C VAL U 88 26.34 -43.98 -32.85
N THR U 89 27.40 -43.17 -32.72
CA THR U 89 28.67 -43.53 -33.36
C THR U 89 29.27 -44.77 -32.71
N ALA U 90 29.22 -44.88 -31.38
CA ALA U 90 29.74 -46.08 -30.76
C ALA U 90 28.94 -47.30 -31.20
N GLY U 91 27.62 -47.16 -31.26
CA GLY U 91 26.77 -48.24 -31.72
C GLY U 91 27.05 -48.62 -33.16
N MET U 92 27.34 -47.61 -33.99
CA MET U 92 27.64 -47.88 -35.39
C MET U 92 28.89 -48.72 -35.56
N SER U 93 29.85 -48.58 -34.64
CA SER U 93 31.05 -49.40 -34.70
C SER U 93 30.73 -50.86 -34.42
N ILE U 94 29.85 -51.13 -33.45
CA ILE U 94 29.40 -52.49 -33.22
C ILE U 94 28.64 -53.01 -34.44
N TYR U 95 27.74 -52.20 -34.98
CA TYR U 95 26.94 -52.60 -36.14
C TYR U 95 27.81 -53.05 -37.30
N ASP U 96 28.75 -52.19 -37.72
CA ASP U 96 29.59 -52.50 -38.86
C ASP U 96 30.44 -53.73 -38.62
N THR U 97 30.86 -53.96 -37.37
CA THR U 97 31.62 -55.15 -37.04
C THR U 97 30.77 -56.41 -37.14
N MET U 98 29.50 -56.38 -36.68
CA MET U 98 28.63 -57.56 -36.81
C MET U 98 28.49 -57.97 -38.28
N ASN U 99 28.35 -56.98 -39.19
CA ASN U 99 28.18 -57.24 -40.61
C ASN U 99 29.46 -57.63 -41.33
N PHE U 100 30.63 -57.26 -40.79
CA PHE U 100 31.89 -57.47 -41.48
C PHE U 100 32.44 -58.87 -41.26
N ILE U 101 32.32 -59.38 -40.03
CA ILE U 101 32.92 -60.67 -39.70
C ILE U 101 32.17 -61.80 -40.41
N LYS U 102 32.88 -62.91 -40.59
CA LYS U 102 32.26 -64.06 -41.25
C LYS U 102 31.14 -64.66 -40.41
N PRO U 103 31.31 -64.89 -39.09
CA PRO U 103 30.24 -65.52 -38.33
C PRO U 103 28.97 -64.69 -38.34
N ASP U 104 27.83 -65.39 -38.43
CA ASP U 104 26.53 -64.81 -38.13
C ASP U 104 26.51 -64.31 -36.70
N VAL U 105 25.99 -63.11 -36.50
CA VAL U 105 25.81 -62.58 -35.17
C VAL U 105 24.33 -62.67 -34.85
N SER U 106 23.97 -63.65 -34.04
CA SER U 106 22.64 -63.75 -33.48
C SER U 106 22.50 -62.73 -32.36
N THR U 107 21.34 -62.11 -32.25
CA THR U 107 21.07 -61.19 -31.16
C THR U 107 19.93 -61.72 -30.30
N LEU U 108 20.01 -61.44 -29.00
CA LEU U 108 18.95 -61.82 -28.10
C LEU U 108 18.72 -60.67 -27.13
N CYS U 109 17.46 -60.25 -27.00
CA CYS U 109 17.09 -59.19 -26.07
C CYS U 109 16.60 -59.82 -24.78
N LEU U 110 17.25 -59.46 -23.67
CA LEU U 110 16.75 -59.77 -22.34
C LEU U 110 16.67 -58.47 -21.57
N GLY U 111 15.57 -58.32 -20.82
CA GLY U 111 15.27 -57.09 -20.14
C GLY U 111 14.65 -56.10 -21.09
N GLN U 112 15.49 -55.28 -21.73
CA GLN U 112 15.00 -54.31 -22.69
C GLN U 112 16.10 -54.03 -23.70
N ALA U 113 15.70 -53.56 -24.88
CA ALA U 113 16.64 -53.06 -25.88
C ALA U 113 16.02 -51.82 -26.50
N ALA U 114 16.58 -50.65 -26.17
CA ALA U 114 16.05 -49.33 -26.56
C ALA U 114 17.09 -48.56 -27.35
N SER U 115 16.60 -47.76 -28.32
CA SER U 115 17.47 -46.88 -29.15
C SER U 115 18.56 -47.73 -29.80
N MET U 116 19.82 -47.35 -29.65
CA MET U 116 20.92 -48.09 -30.26
C MET U 116 20.91 -49.54 -29.86
N GLY U 117 20.40 -49.85 -28.66
CA GLY U 117 20.24 -51.25 -28.28
C GLY U 117 19.18 -51.97 -29.12
N ALA U 118 18.05 -51.31 -29.36
CA ALA U 118 17.05 -51.90 -30.24
C ALA U 118 17.59 -51.98 -31.66
N PHE U 119 18.33 -50.97 -32.09
CA PHE U 119 18.95 -51.00 -33.39
C PHE U 119 19.86 -52.22 -33.53
N LEU U 120 20.73 -52.44 -32.54
CA LEU U 120 21.66 -53.57 -32.64
C LEU U 120 20.95 -54.91 -32.58
N LEU U 121 19.88 -55.00 -31.78
CA LEU U 121 19.09 -56.22 -31.72
C LEU U 121 18.55 -56.57 -33.10
N SER U 122 17.91 -55.61 -33.75
CA SER U 122 17.36 -55.82 -35.09
C SER U 122 18.46 -56.05 -36.13
N ALA U 123 19.71 -55.72 -35.81
CA ALA U 123 20.80 -55.83 -36.76
C ALA U 123 21.37 -57.24 -36.84
N GLY U 124 20.93 -58.14 -35.97
CA GLY U 124 21.37 -59.51 -36.03
C GLY U 124 20.91 -60.24 -37.27
N GLU U 125 21.56 -61.37 -37.49
CA GLU U 125 21.26 -62.27 -38.59
C GLU U 125 19.82 -62.74 -38.57
N LYS U 126 19.10 -62.48 -39.67
CA LYS U 126 17.82 -63.11 -39.93
C LYS U 126 18.04 -64.58 -40.25
N GLY U 127 17.30 -65.48 -39.60
CA GLY U 127 16.37 -65.19 -38.54
C GLY U 127 16.88 -65.78 -37.24
N LYS U 128 17.84 -65.08 -36.65
CA LYS U 128 18.52 -65.46 -35.42
C LYS U 128 18.48 -64.29 -34.45
N ARG U 129 17.41 -63.50 -34.52
CA ARG U 129 17.16 -62.38 -33.62
C ARG U 129 16.07 -62.76 -32.66
N PHE U 130 16.38 -62.78 -31.37
CA PHE U 130 15.49 -63.33 -30.37
C PHE U 130 15.20 -62.33 -29.27
N ALA U 131 14.11 -62.59 -28.56
CA ALA U 131 13.79 -61.89 -27.33
C ALA U 131 13.19 -62.88 -26.34
N LEU U 132 13.39 -62.61 -25.07
CA LEU U 132 12.75 -63.40 -24.02
C LEU U 132 11.32 -62.87 -23.83
N PRO U 133 10.42 -63.66 -23.23
CA PRO U 133 8.99 -63.28 -23.25
C PRO U 133 8.68 -61.89 -22.68
N ASN U 134 9.40 -61.43 -21.65
CA ASN U 134 9.05 -60.16 -21.04
C ASN U 134 10.05 -59.06 -21.37
N SER U 135 10.85 -59.27 -22.40
CA SER U 135 11.71 -58.24 -22.94
C SER U 135 10.90 -57.05 -23.47
N ARG U 136 11.56 -55.91 -23.53
CA ARG U 136 10.97 -54.66 -23.98
C ARG U 136 11.80 -54.13 -25.14
N ILE U 137 11.13 -53.68 -26.19
CA ILE U 137 11.81 -53.05 -27.32
C ILE U 137 11.25 -51.65 -27.44
N MET U 138 12.15 -50.66 -27.59
CA MET U 138 11.73 -49.29 -27.81
C MET U 138 12.61 -48.66 -28.88
N ILE U 139 11.98 -47.95 -29.82
CA ILE U 139 12.66 -47.26 -30.90
C ILE U 139 12.15 -45.83 -30.93
N HIS U 140 13.03 -44.88 -31.28
CA HIS U 140 12.62 -43.48 -31.36
C HIS U 140 13.62 -42.71 -32.22
N GLN U 141 13.18 -41.54 -32.69
CA GLN U 141 14.09 -40.69 -33.43
C GLN U 141 15.17 -40.14 -32.49
N PRO U 142 16.27 -39.64 -33.03
CA PRO U 142 17.35 -39.19 -32.16
C PRO U 142 16.94 -38.00 -31.28
N LEU U 143 17.65 -37.90 -30.18
CA LEU U 143 17.44 -36.99 -29.06
C LEU U 143 18.83 -36.61 -28.58
N ILE U 144 19.10 -35.33 -28.35
CA ILE U 144 20.47 -35.03 -27.96
C ILE U 144 20.51 -34.42 -26.56
N SER U 145 21.71 -34.44 -25.97
CA SER U 145 22.06 -33.77 -24.72
C SER U 145 21.25 -32.49 -24.51
N GLY U 146 21.68 -31.40 -25.14
CA GLY U 146 20.85 -30.20 -25.15
C GLY U 146 21.60 -28.94 -25.47
N GLY U 147 22.78 -29.06 -26.07
CA GLY U 147 23.60 -27.89 -26.30
C GLY U 147 23.82 -27.50 -27.75
N LEU U 148 22.79 -26.93 -28.39
CA LEU U 148 22.94 -26.39 -29.75
C LEU U 148 23.06 -24.86 -29.66
N GLY U 149 24.25 -24.37 -30.02
CA GLY U 149 24.54 -22.96 -30.25
C GLY U 149 25.81 -22.96 -31.08
N GLY U 150 26.23 -21.77 -31.49
CA GLY U 150 25.45 -20.57 -31.34
C GLY U 150 25.10 -19.92 -32.67
N GLN U 151 26.03 -19.84 -33.61
CA GLN U 151 25.74 -19.14 -34.85
C GLN U 151 24.77 -19.94 -35.69
N ALA U 152 23.89 -19.23 -36.41
CA ALA U 152 22.82 -19.88 -37.17
C ALA U 152 23.38 -20.88 -38.19
N SER U 153 24.46 -20.52 -38.88
CA SER U 153 25.08 -21.42 -39.85
C SER U 153 25.50 -22.72 -39.19
N ASP U 154 26.07 -22.64 -37.97
CA ASP U 154 26.52 -23.84 -37.28
C ASP U 154 25.35 -24.66 -36.79
N ILE U 155 24.29 -23.99 -36.35
CA ILE U 155 23.11 -24.72 -35.90
C ILE U 155 22.45 -25.45 -37.05
N GLU U 156 22.41 -24.81 -38.22
CA GLU U 156 21.91 -25.48 -39.42
C GLU U 156 22.74 -26.72 -39.72
N ILE U 157 24.07 -26.59 -39.65
CA ILE U 157 24.94 -27.72 -39.96
C ILE U 157 24.64 -28.90 -39.04
N HIS U 158 24.50 -28.64 -37.73
CA HIS U 158 24.30 -29.73 -36.79
C HIS U 158 22.87 -30.26 -36.81
N ALA U 159 21.87 -29.39 -36.99
CA ALA U 159 20.52 -29.91 -37.24
C ALA U 159 20.51 -30.83 -38.46
N ARG U 160 21.14 -30.39 -39.57
CA ARG U 160 21.15 -31.21 -40.78
C ARG U 160 21.88 -32.53 -40.54
N GLU U 161 22.96 -32.50 -39.78
CA GLU U 161 23.67 -33.74 -39.48
C GLU U 161 22.79 -34.68 -38.63
N LEU U 162 22.01 -34.11 -37.70
CA LEU U 162 21.13 -34.90 -36.86
C LEU U 162 20.00 -35.53 -37.66
N LEU U 163 19.49 -34.83 -38.67
CA LEU U 163 18.46 -35.41 -39.54
C LEU U 163 19.03 -36.49 -40.43
N LYS U 164 20.27 -36.32 -40.92
CA LYS U 164 20.95 -37.40 -41.63
C LYS U 164 21.12 -38.62 -40.76
N ILE U 165 21.50 -38.42 -39.49
CA ILE U 165 21.59 -39.53 -38.54
C ILE U 165 20.21 -40.16 -38.33
N LYS U 166 19.20 -39.31 -38.11
CA LYS U 166 17.83 -39.81 -38.00
C LYS U 166 17.45 -40.60 -39.25
N GLU U 167 17.73 -40.06 -40.43
CA GLU U 167 17.33 -40.77 -41.65
C GLU U 167 18.12 -42.06 -41.86
N LYS U 168 19.44 -42.03 -41.60
CA LYS U 168 20.25 -43.24 -41.70
C LYS U 168 19.73 -44.35 -40.81
N LEU U 169 19.38 -44.00 -39.56
CA LEU U 169 18.92 -45.01 -38.62
C LEU U 169 17.60 -45.60 -39.04
N ASN U 170 16.68 -44.76 -39.49
CA ASN U 170 15.38 -45.23 -39.96
C ASN U 170 15.51 -46.08 -41.21
N ARG U 171 16.40 -45.70 -42.14
CA ARG U 171 16.61 -46.48 -43.35
C ARG U 171 17.15 -47.87 -43.01
N LEU U 172 18.17 -47.92 -42.17
CA LEU U 172 18.79 -49.19 -41.80
C LEU U 172 17.80 -50.10 -41.07
N MET U 173 17.00 -49.56 -40.15
CA MET U 173 16.06 -50.42 -39.46
C MET U 173 14.92 -50.85 -40.37
N ALA U 174 14.59 -50.02 -41.38
CA ALA U 174 13.63 -50.43 -42.39
C ALA U 174 14.11 -51.66 -43.14
N LYS U 175 15.40 -51.69 -43.51
CA LYS U 175 15.99 -52.88 -44.13
C LYS U 175 15.99 -54.06 -43.16
N HIS U 176 16.31 -53.81 -41.90
CA HIS U 176 16.33 -54.88 -40.90
C HIS U 176 14.96 -55.54 -40.76
N CYS U 177 13.89 -54.74 -40.85
CA CYS U 177 12.51 -55.17 -40.62
C CYS U 177 11.75 -55.51 -41.88
N ASP U 178 12.35 -55.32 -43.06
CA ASP U 178 11.60 -55.36 -44.33
C ASP U 178 10.42 -54.40 -44.35
N ARG U 179 10.69 -53.14 -44.00
CA ARG U 179 9.66 -52.12 -44.09
C ARG U 179 10.23 -50.92 -44.84
N ASP U 180 9.35 -49.99 -45.14
CA ASP U 180 9.70 -48.77 -45.86
C ASP U 180 10.15 -47.70 -44.88
N LEU U 181 11.04 -46.81 -45.35
CA LEU U 181 11.50 -45.68 -44.55
C LEU U 181 10.35 -44.86 -43.97
N ALA U 182 9.26 -44.68 -44.72
CA ALA U 182 8.12 -43.93 -44.18
C ALA U 182 7.53 -44.61 -42.97
N ASP U 183 7.55 -45.94 -42.94
CA ASP U 183 7.06 -46.66 -41.78
C ASP U 183 7.86 -46.30 -40.54
N LEU U 184 9.19 -46.38 -40.65
CA LEU U 184 10.05 -46.10 -39.50
C LEU U 184 10.02 -44.64 -39.14
N GLU U 185 9.85 -43.76 -40.11
CA GLU U 185 9.73 -42.34 -39.78
C GLU U 185 8.46 -42.05 -38.98
N ARG U 186 7.32 -42.61 -39.37
CA ARG U 186 6.12 -42.40 -38.54
C ARG U 186 6.27 -43.08 -37.19
N ASP U 187 6.89 -44.27 -37.15
CA ASP U 187 6.89 -45.12 -35.96
C ASP U 187 8.05 -44.83 -35.01
N THR U 188 8.99 -43.95 -35.36
CA THR U 188 9.96 -43.45 -34.40
C THR U 188 9.70 -42.00 -34.04
N ASP U 189 8.61 -41.41 -34.53
CA ASP U 189 8.38 -39.99 -34.30
C ASP U 189 8.40 -39.68 -32.80
N ARG U 190 7.78 -40.53 -32.00
CA ARG U 190 7.88 -40.45 -30.57
C ARG U 190 8.22 -41.84 -30.04
N ASP U 191 8.48 -41.91 -28.74
CA ASP U 191 8.89 -43.16 -28.15
C ASP U 191 7.87 -44.25 -28.46
N ASN U 192 8.36 -45.35 -29.00
CA ASN U 192 7.54 -46.46 -29.46
C ASN U 192 7.93 -47.67 -28.63
N PHE U 193 7.14 -47.95 -27.59
CA PHE U 193 7.38 -49.11 -26.74
C PHE U 193 6.71 -50.35 -27.33
N MET U 194 7.44 -51.46 -27.38
CA MET U 194 6.93 -52.69 -27.98
C MET U 194 7.12 -53.89 -27.06
N SER U 195 6.07 -54.69 -26.91
CA SER U 195 6.26 -56.00 -26.31
C SER U 195 7.06 -56.89 -27.26
N ALA U 196 7.54 -58.00 -26.73
CA ALA U 196 8.27 -58.94 -27.58
C ALA U 196 7.37 -59.46 -28.72
N GLU U 197 6.05 -59.67 -28.46
CA GLU U 197 5.21 -60.18 -29.56
C GLU U 197 5.08 -59.07 -30.62
N GLU U 198 4.90 -57.83 -30.16
CA GLU U 198 4.74 -56.70 -31.09
C GLU U 198 6.00 -56.43 -31.92
N ALA U 199 7.18 -56.63 -31.32
CA ALA U 199 8.43 -56.43 -32.04
C ALA U 199 8.67 -57.54 -33.07
N LYS U 200 8.28 -58.77 -32.75
CA LYS U 200 8.38 -59.86 -33.71
C LYS U 200 7.48 -59.59 -34.89
N GLU U 201 6.29 -59.11 -34.59
CA GLU U 201 5.32 -58.74 -35.58
C GLU U 201 5.80 -57.53 -36.41
N TYR U 202 6.58 -56.61 -35.80
CA TYR U 202 7.12 -55.47 -36.54
C TYR U 202 8.26 -55.88 -37.46
N GLY U 203 8.91 -57.01 -37.21
CA GLY U 203 10.07 -57.40 -37.98
C GLY U 203 11.43 -57.18 -37.32
N LEU U 204 11.46 -56.79 -36.04
CA LEU U 204 12.71 -56.43 -35.36
C LEU U 204 13.43 -57.64 -34.77
N ILE U 205 12.70 -58.70 -34.43
CA ILE U 205 13.25 -59.98 -34.00
C ILE U 205 12.57 -61.08 -34.80
N ASP U 206 12.92 -62.33 -34.50
CA ASP U 206 12.42 -63.45 -35.30
C ASP U 206 11.67 -64.49 -34.47
N GLN U 207 12.19 -64.91 -33.34
CA GLN U 207 11.67 -65.95 -32.46
C GLN U 207 11.41 -65.32 -31.09
N ILE U 208 10.50 -65.90 -30.29
CA ILE U 208 10.41 -65.60 -28.86
C ILE U 208 10.70 -66.90 -28.14
N LEU U 209 11.58 -66.85 -27.14
CA LEU U 209 11.98 -68.08 -26.46
C LEU U 209 11.16 -68.32 -25.19
N ASP V 36 -33.95 3.26 -26.12
CA ASP V 36 -33.46 4.61 -25.86
C ASP V 36 -33.47 4.88 -24.34
N ILE V 37 -33.19 6.13 -23.95
CA ILE V 37 -32.94 6.44 -22.54
C ILE V 37 -34.16 6.13 -21.68
N TYR V 38 -35.35 6.46 -22.18
CA TYR V 38 -36.56 6.18 -21.42
C TYR V 38 -36.81 4.68 -21.35
N SER V 39 -36.40 3.95 -22.38
CA SER V 39 -36.46 2.49 -22.33
C SER V 39 -35.54 1.92 -21.25
N ARG V 40 -34.36 2.52 -21.07
CA ARG V 40 -33.48 2.00 -20.04
C ARG V 40 -34.00 2.29 -18.65
N LEU V 41 -34.70 3.40 -18.48
CA LEU V 41 -35.33 3.71 -17.20
C LEU V 41 -36.47 2.75 -16.88
N LEU V 42 -37.23 2.33 -17.90
CA LEU V 42 -38.30 1.37 -17.66
C LEU V 42 -37.75 0.01 -17.23
N LYS V 43 -36.56 -0.36 -17.72
CA LYS V 43 -35.93 -1.61 -17.31
C LYS V 43 -35.69 -1.65 -15.80
N GLU V 44 -35.50 -0.48 -15.19
CA GLU V 44 -35.32 -0.41 -13.76
C GLU V 44 -36.64 -0.21 -13.02
N ARG V 45 -37.78 -0.39 -13.69
CA ARG V 45 -39.11 -0.27 -13.10
C ARG V 45 -39.45 1.17 -12.73
N ILE V 46 -38.97 2.10 -13.55
CA ILE V 46 -39.29 3.52 -13.45
C ILE V 46 -40.22 3.90 -14.59
N VAL V 47 -41.37 4.47 -14.25
CA VAL V 47 -42.29 5.04 -15.22
C VAL V 47 -42.37 6.53 -14.96
N PHE V 48 -42.36 7.32 -16.04
CA PHE V 48 -42.43 8.77 -15.97
C PHE V 48 -43.84 9.25 -16.31
N LEU V 49 -44.29 10.29 -15.62
CA LEU V 49 -45.44 11.06 -16.08
C LEU V 49 -45.01 12.52 -16.11
N VAL V 50 -44.76 13.05 -17.30
CA VAL V 50 -44.26 14.41 -17.48
C VAL V 50 -45.27 15.22 -18.29
N GLY V 51 -45.71 16.35 -17.73
CA GLY V 51 -46.64 17.21 -18.43
C GLY V 51 -48.08 16.85 -18.13
N PRO V 52 -49.00 17.34 -18.96
CA PRO V 52 -50.42 17.21 -18.66
C PRO V 52 -50.88 15.77 -18.60
N VAL V 53 -51.88 15.54 -17.75
CA VAL V 53 -52.54 14.24 -17.64
C VAL V 53 -53.61 14.25 -18.72
N THR V 54 -53.41 13.47 -19.77
CA THR V 54 -54.42 13.33 -20.80
C THR V 54 -54.76 11.85 -20.93
N ASP V 55 -55.84 11.57 -21.67
CA ASP V 55 -56.18 10.19 -22.00
C ASP V 55 -54.99 9.45 -22.61
N GLU V 56 -54.18 10.15 -23.42
CA GLU V 56 -53.06 9.50 -24.11
C GLU V 56 -51.92 9.21 -23.14
N SER V 57 -51.47 10.21 -22.38
CA SER V 57 -50.40 9.96 -21.43
C SER V 57 -50.84 9.01 -20.32
N ALA V 58 -52.08 9.15 -19.86
CA ALA V 58 -52.56 8.26 -18.80
C ALA V 58 -52.48 6.80 -19.22
N ASN V 59 -52.92 6.50 -20.45
CA ASN V 59 -52.92 5.10 -20.82
C ASN V 59 -51.50 4.56 -21.02
N LEU V 60 -50.55 5.41 -21.42
CA LEU V 60 -49.15 4.99 -21.48
C LEU V 60 -48.63 4.58 -20.12
N VAL V 61 -48.95 5.33 -19.08
CA VAL V 61 -48.51 4.95 -17.76
C VAL V 61 -49.20 3.65 -17.34
N VAL V 62 -50.50 3.52 -17.62
CA VAL V 62 -51.22 2.32 -17.24
C VAL V 62 -50.59 1.10 -17.89
N ALA V 63 -50.24 1.21 -19.16
CA ALA V 63 -49.65 0.09 -19.88
C ALA V 63 -48.32 -0.30 -19.26
N GLN V 64 -47.49 0.68 -18.92
CA GLN V 64 -46.20 0.39 -18.33
C GLN V 64 -46.37 -0.25 -16.95
N LEU V 65 -47.40 0.16 -16.21
CA LEU V 65 -47.66 -0.48 -14.93
C LEU V 65 -48.02 -1.93 -15.12
N LEU V 66 -48.89 -2.22 -16.09
CA LEU V 66 -49.26 -3.61 -16.35
C LEU V 66 -48.06 -4.42 -16.83
N PHE V 67 -47.23 -3.82 -17.67
CA PHE V 67 -46.04 -4.51 -18.16
C PHE V 67 -45.07 -4.83 -17.05
N LEU V 68 -44.78 -3.86 -16.18
CA LEU V 68 -43.80 -4.08 -15.13
C LEU V 68 -44.24 -5.17 -14.17
N GLU V 69 -45.54 -5.22 -13.84
CA GLU V 69 -46.03 -6.28 -12.96
C GLU V 69 -45.88 -7.65 -13.60
N SER V 70 -46.27 -7.79 -14.88
CA SER V 70 -46.11 -9.07 -15.55
C SER V 70 -44.65 -9.47 -15.62
N GLU V 71 -43.74 -8.50 -15.78
CA GLU V 71 -42.32 -8.84 -15.78
C GLU V 71 -41.86 -9.35 -14.42
N ASN V 72 -42.47 -8.86 -13.34
CA ASN V 72 -42.15 -9.29 -11.99
C ASN V 72 -43.17 -8.72 -11.03
N PRO V 73 -44.10 -9.53 -10.53
CA PRO V 73 -45.14 -9.00 -9.64
C PRO V 73 -44.66 -8.73 -8.22
N ASP V 74 -43.39 -8.94 -7.91
CA ASP V 74 -42.94 -8.90 -6.54
C ASP V 74 -41.93 -7.79 -6.25
N LYS V 75 -41.47 -7.06 -7.28
CA LYS V 75 -40.60 -5.90 -7.13
C LYS V 75 -41.38 -4.59 -7.24
N ASP V 76 -41.02 -3.62 -6.41
CA ASP V 76 -41.63 -2.29 -6.44
C ASP V 76 -41.52 -1.62 -7.81
N ILE V 77 -42.45 -0.69 -8.06
CA ILE V 77 -42.46 0.18 -9.22
C ILE V 77 -42.28 1.62 -8.73
N PHE V 78 -41.56 2.41 -9.51
CA PHE V 78 -41.22 3.78 -9.13
C PHE V 78 -41.80 4.75 -10.15
N PHE V 79 -42.77 5.56 -9.70
CA PHE V 79 -43.56 6.46 -10.54
C PHE V 79 -43.09 7.89 -10.33
N TYR V 80 -42.34 8.41 -11.30
CA TYR V 80 -41.82 9.77 -11.23
C TYR V 80 -42.81 10.73 -11.86
N ILE V 81 -43.17 11.78 -11.13
CA ILE V 81 -44.25 12.67 -11.54
C ILE V 81 -43.70 14.08 -11.64
N ASN V 82 -43.85 14.69 -12.82
CA ASN V 82 -43.67 16.12 -13.02
C ASN V 82 -44.80 16.60 -13.91
N SER V 83 -45.93 16.98 -13.27
CA SER V 83 -47.15 17.25 -13.99
C SER V 83 -47.95 18.40 -13.39
N PRO V 84 -48.56 19.24 -14.24
CA PRO V 84 -49.45 20.31 -13.76
C PRO V 84 -50.89 19.88 -13.54
N GLY V 85 -51.22 18.62 -13.87
CA GLY V 85 -52.58 18.12 -13.76
C GLY V 85 -53.16 17.72 -15.10
N GLY V 86 -54.47 17.69 -15.18
CA GLY V 86 -55.14 17.34 -16.40
C GLY V 86 -56.48 16.67 -16.11
N SER V 87 -56.80 15.68 -16.94
CA SER V 87 -58.10 15.02 -16.93
C SER V 87 -58.28 14.20 -15.65
N VAL V 88 -59.40 14.41 -14.97
CA VAL V 88 -59.68 13.63 -13.77
C VAL V 88 -59.92 12.17 -14.11
N THR V 89 -60.72 11.89 -15.16
CA THR V 89 -60.99 10.48 -15.46
C THR V 89 -59.71 9.78 -15.90
N ALA V 90 -58.88 10.47 -16.70
CA ALA V 90 -57.62 9.89 -17.15
C ALA V 90 -56.67 9.63 -15.98
N GLY V 91 -56.62 10.55 -15.01
CA GLY V 91 -55.82 10.28 -13.81
C GLY V 91 -56.36 9.11 -13.00
N MET V 92 -57.69 9.02 -12.88
CA MET V 92 -58.33 7.91 -12.17
C MET V 92 -57.96 6.58 -12.80
N SER V 93 -57.72 6.60 -14.11
CA SER V 93 -57.31 5.38 -14.80
C SER V 93 -55.95 4.89 -14.27
N ILE V 94 -55.00 5.81 -14.10
CA ILE V 94 -53.71 5.45 -13.51
C ILE V 94 -53.90 5.02 -12.07
N TYR V 95 -54.65 5.81 -11.31
CA TYR V 95 -54.88 5.54 -9.90
C TYR V 95 -55.41 4.13 -9.68
N ASP V 96 -56.47 3.76 -10.39
CA ASP V 96 -57.03 2.43 -10.19
C ASP V 96 -56.02 1.34 -10.56
N THR V 97 -55.17 1.59 -11.56
CA THR V 97 -54.12 0.63 -11.87
C THR V 97 -53.09 0.54 -10.75
N MET V 98 -52.69 1.68 -10.17
CA MET V 98 -51.73 1.67 -9.07
C MET V 98 -52.22 0.80 -7.94
N ASN V 99 -53.51 0.90 -7.62
CA ASN V 99 -54.11 0.13 -6.53
C ASN V 99 -54.42 -1.31 -6.92
N PHE V 100 -54.53 -1.62 -8.22
CA PHE V 100 -54.93 -2.97 -8.60
C PHE V 100 -53.73 -3.91 -8.65
N ILE V 101 -52.59 -3.44 -9.17
CA ILE V 101 -51.47 -4.34 -9.40
C ILE V 101 -50.84 -4.72 -8.07
N LYS V 102 -50.16 -5.87 -8.08
CA LYS V 102 -49.54 -6.38 -6.86
C LYS V 102 -48.36 -5.52 -6.38
N PRO V 103 -47.41 -5.14 -7.23
CA PRO V 103 -46.25 -4.38 -6.72
C PRO V 103 -46.65 -3.06 -6.06
N ASP V 104 -45.93 -2.70 -5.00
CA ASP V 104 -46.03 -1.35 -4.45
C ASP V 104 -45.64 -0.34 -5.50
N VAL V 105 -46.43 0.72 -5.64
CA VAL V 105 -46.08 1.78 -6.57
C VAL V 105 -45.57 2.94 -5.73
N SER V 106 -44.27 3.12 -5.76
CA SER V 106 -43.65 4.27 -5.14
C SER V 106 -43.86 5.47 -6.05
N THR V 107 -44.13 6.63 -5.47
CA THR V 107 -44.27 7.88 -6.22
C THR V 107 -43.18 8.87 -5.79
N LEU V 108 -42.72 9.66 -6.75
CA LEU V 108 -41.72 10.69 -6.48
C LEU V 108 -42.06 11.93 -7.29
N CYS V 109 -42.07 13.08 -6.63
CA CYS V 109 -42.31 14.35 -7.31
C CYS V 109 -40.97 15.01 -7.60
N LEU V 110 -40.73 15.33 -8.87
CA LEU V 110 -39.63 16.19 -9.27
C LEU V 110 -40.19 17.31 -10.13
N GLY V 111 -39.78 18.55 -9.84
CA GLY V 111 -40.38 19.70 -10.47
C GLY V 111 -41.67 20.07 -9.75
N GLN V 112 -42.79 19.47 -10.15
CA GLN V 112 -44.07 19.76 -9.52
C GLN V 112 -45.01 18.58 -9.66
N ALA V 113 -45.99 18.54 -8.75
CA ALA V 113 -47.15 17.66 -8.80
C ALA V 113 -48.34 18.52 -8.42
N ALA V 114 -49.14 18.90 -9.42
CA ALA V 114 -50.27 19.80 -9.22
C ALA V 114 -51.57 19.14 -9.69
N SER V 115 -52.68 19.42 -9.00
CA SER V 115 -54.03 18.93 -9.35
C SER V 115 -53.97 17.39 -9.43
N MET V 116 -54.43 16.76 -10.52
CA MET V 116 -54.42 15.30 -10.59
C MET V 116 -53.02 14.73 -10.44
N GLY V 117 -51.98 15.50 -10.80
CA GLY V 117 -50.64 15.04 -10.53
C GLY V 117 -50.37 14.89 -9.04
N ALA V 118 -50.83 15.86 -8.25
CA ALA V 118 -50.70 15.78 -6.80
C ALA V 118 -51.53 14.63 -6.24
N PHE V 119 -52.72 14.40 -6.81
CA PHE V 119 -53.52 13.27 -6.38
C PHE V 119 -52.75 11.96 -6.55
N LEU V 120 -52.14 11.77 -7.72
CA LEU V 120 -51.40 10.53 -7.99
C LEU V 120 -50.15 10.45 -7.11
N LEU V 121 -49.48 11.57 -6.86
CA LEU V 121 -48.35 11.57 -5.96
C LEU V 121 -48.76 11.07 -4.58
N SER V 122 -49.84 11.63 -4.03
CA SER V 122 -50.32 11.26 -2.70
C SER V 122 -50.80 9.83 -2.67
N ALA V 123 -51.04 9.24 -3.84
CA ALA V 123 -51.56 7.89 -3.98
C ALA V 123 -50.48 6.83 -3.95
N GLY V 124 -49.21 7.19 -3.82
CA GLY V 124 -48.18 6.18 -3.77
C GLY V 124 -48.31 5.29 -2.55
N GLU V 125 -47.63 4.13 -2.61
CA GLU V 125 -47.62 3.23 -1.47
C GLU V 125 -47.11 3.98 -0.25
N LYS V 126 -47.87 3.90 0.84
CA LYS V 126 -47.53 4.65 2.03
C LYS V 126 -46.25 4.19 2.66
N GLY V 127 -45.39 5.18 2.97
CA GLY V 127 -44.03 4.94 3.36
C GLY V 127 -43.06 5.08 2.23
N LYS V 128 -43.57 5.17 0.98
CA LYS V 128 -42.80 5.20 -0.25
C LYS V 128 -43.23 6.32 -1.18
N ARG V 129 -43.72 7.43 -0.63
CA ARG V 129 -44.06 8.61 -1.40
C ARG V 129 -43.00 9.69 -1.14
N PHE V 130 -42.31 10.11 -2.20
CA PHE V 130 -41.13 10.95 -2.05
C PHE V 130 -41.25 12.26 -2.84
N ALA V 131 -40.45 13.25 -2.41
CA ALA V 131 -40.31 14.48 -3.17
C ALA V 131 -38.87 15.00 -3.11
N LEU V 132 -38.47 15.67 -4.18
CA LEU V 132 -37.18 16.33 -4.20
C LEU V 132 -37.27 17.66 -3.47
N PRO V 133 -36.13 18.19 -3.00
CA PRO V 133 -36.18 19.33 -2.06
C PRO V 133 -36.91 20.56 -2.58
N ASN V 134 -36.82 20.84 -3.88
CA ASN V 134 -37.41 22.06 -4.40
C ASN V 134 -38.62 21.79 -5.27
N SER V 135 -39.21 20.60 -5.16
CA SER V 135 -40.50 20.33 -5.79
C SER V 135 -41.60 21.20 -5.20
N ARG V 136 -42.66 21.34 -5.96
CA ARG V 136 -43.81 22.11 -5.56
C ARG V 136 -45.03 21.22 -5.67
N ILE V 137 -45.90 21.28 -4.67
CA ILE V 137 -47.11 20.51 -4.69
C ILE V 137 -48.25 21.51 -4.70
N MET V 138 -49.28 21.25 -5.51
CA MET V 138 -50.47 22.10 -5.46
C MET V 138 -51.71 21.21 -5.51
N ILE V 139 -52.68 21.51 -4.64
CA ILE V 139 -53.96 20.79 -4.59
C ILE V 139 -55.10 21.81 -4.66
N HIS V 140 -56.18 21.45 -5.36
CA HIS V 140 -57.32 22.35 -5.47
C HIS V 140 -58.56 21.59 -5.92
N GLN V 141 -59.72 22.25 -5.77
CA GLN V 141 -60.98 21.71 -6.25
C GLN V 141 -61.02 21.63 -7.79
N PRO V 142 -61.98 20.89 -8.36
CA PRO V 142 -61.82 20.38 -9.75
C PRO V 142 -61.57 21.38 -10.88
N LEU V 143 -62.29 22.52 -10.96
CA LEU V 143 -62.08 23.51 -12.03
C LEU V 143 -62.53 23.07 -13.44
N ILE V 144 -63.29 23.90 -14.13
CA ILE V 144 -63.65 23.65 -15.54
C ILE V 144 -63.15 24.83 -16.36
N GLY V 150 -75.49 24.90 -22.06
CA GLY V 150 -76.75 24.32 -22.50
C GLY V 150 -78.00 24.79 -21.76
N GLN V 151 -79.00 23.94 -21.64
CA GLN V 151 -80.21 24.22 -20.87
C GLN V 151 -79.94 24.08 -19.37
N ALA V 152 -80.78 24.75 -18.57
CA ALA V 152 -80.62 24.72 -17.12
C ALA V 152 -80.63 23.27 -16.57
N SER V 153 -81.49 22.42 -17.12
CA SER V 153 -81.49 21.01 -16.72
C SER V 153 -80.14 20.37 -16.95
N ASP V 154 -79.56 20.62 -18.13
CA ASP V 154 -78.27 20.03 -18.49
C ASP V 154 -77.17 20.59 -17.60
N ILE V 155 -77.21 21.89 -17.31
CA ILE V 155 -76.21 22.54 -16.48
C ILE V 155 -76.30 22.05 -15.04
N GLU V 156 -77.52 21.84 -14.54
CA GLU V 156 -77.68 21.22 -13.22
C GLU V 156 -77.00 19.84 -13.18
N ILE V 157 -77.24 19.02 -14.21
CA ILE V 157 -76.66 17.68 -14.25
C ILE V 157 -75.14 17.74 -14.13
N HIS V 158 -74.50 18.63 -14.89
CA HIS V 158 -73.05 18.70 -14.93
C HIS V 158 -72.48 19.36 -13.68
N ALA V 159 -73.17 20.36 -13.15
CA ALA V 159 -72.82 20.89 -11.83
C ALA V 159 -72.86 19.79 -10.78
N ARG V 160 -73.90 18.96 -10.80
CA ARG V 160 -74.01 17.86 -9.84
C ARG V 160 -72.88 16.86 -10.03
N GLU V 161 -72.56 16.56 -11.29
CA GLU V 161 -71.46 15.63 -11.59
C GLU V 161 -70.11 16.20 -11.16
N LEU V 162 -69.91 17.50 -11.38
CA LEU V 162 -68.68 18.13 -10.94
C LEU V 162 -68.55 18.12 -9.42
N LEU V 163 -69.68 18.31 -8.72
CA LEU V 163 -69.63 18.31 -7.25
C LEU V 163 -69.32 16.91 -6.72
N LYS V 164 -69.82 15.86 -7.37
CA LYS V 164 -69.44 14.52 -6.96
C LYS V 164 -67.95 14.32 -7.10
N ILE V 165 -67.39 14.76 -8.23
CA ILE V 165 -65.95 14.65 -8.43
C ILE V 165 -65.22 15.41 -7.33
N LYS V 166 -65.67 16.63 -7.01
CA LYS V 166 -65.05 17.38 -5.92
C LYS V 166 -65.10 16.62 -4.60
N GLU V 167 -66.26 16.08 -4.25
CA GLU V 167 -66.34 15.36 -2.97
C GLU V 167 -65.50 14.07 -2.99
N LYS V 168 -65.54 13.31 -4.09
CA LYS V 168 -64.69 12.13 -4.13
C LYS V 168 -63.23 12.50 -3.99
N LEU V 169 -62.80 13.55 -4.69
CA LEU V 169 -61.38 13.89 -4.66
C LEU V 169 -60.95 14.29 -3.26
N ASN V 170 -61.78 15.07 -2.56
CA ASN V 170 -61.46 15.46 -1.19
C ASN V 170 -61.40 14.26 -0.25
N ARG V 171 -62.40 13.35 -0.36
CA ARG V 171 -62.45 12.18 0.51
C ARG V 171 -61.23 11.29 0.28
N LEU V 172 -60.93 10.97 -0.98
CA LEU V 172 -59.78 10.12 -1.29
C LEU V 172 -58.47 10.76 -0.83
N MET V 173 -58.29 12.05 -1.08
CA MET V 173 -57.04 12.66 -0.67
C MET V 173 -56.96 12.81 0.84
N ALA V 174 -58.10 12.98 1.53
CA ALA V 174 -58.05 12.95 2.99
C ALA V 174 -57.58 11.59 3.49
N LYS V 175 -58.07 10.51 2.87
CA LYS V 175 -57.57 9.19 3.22
C LYS V 175 -56.09 9.06 2.90
N HIS V 176 -55.67 9.53 1.71
CA HIS V 176 -54.25 9.44 1.36
C HIS V 176 -53.39 10.18 2.36
N CYS V 177 -53.87 11.31 2.88
CA CYS V 177 -53.09 12.15 3.79
C CYS V 177 -53.30 11.84 5.27
N ASP V 178 -54.18 10.88 5.60
CA ASP V 178 -54.54 10.58 6.99
C ASP V 178 -54.96 11.85 7.70
N ARG V 179 -55.88 12.57 7.08
CA ARG V 179 -56.39 13.79 7.67
C ARG V 179 -57.91 13.75 7.67
N ASP V 180 -58.49 14.68 8.39
CA ASP V 180 -59.92 14.78 8.48
C ASP V 180 -60.44 15.46 7.21
N LEU V 181 -61.59 14.98 6.74
CA LEU V 181 -62.17 15.50 5.51
C LEU V 181 -62.35 17.03 5.56
N ALA V 182 -62.67 17.60 6.72
CA ALA V 182 -62.88 19.04 6.79
C ALA V 182 -61.61 19.80 6.42
N ASP V 183 -60.44 19.27 6.76
CA ASP V 183 -59.18 19.91 6.35
C ASP V 183 -59.13 20.06 4.84
N LEU V 184 -59.41 18.96 4.12
CA LEU V 184 -59.30 18.97 2.66
C LEU V 184 -60.36 19.86 2.03
N GLU V 185 -61.56 19.92 2.61
CA GLU V 185 -62.57 20.84 2.11
C GLU V 185 -62.12 22.29 2.26
N ARG V 186 -61.50 22.61 3.40
CA ARG V 186 -60.91 23.92 3.63
C ARG V 186 -59.71 24.18 2.71
N ASP V 187 -58.80 23.21 2.60
CA ASP V 187 -57.50 23.48 2.02
C ASP V 187 -57.44 23.31 0.49
N THR V 188 -58.48 22.75 -0.14
CA THR V 188 -58.53 22.74 -1.59
C THR V 188 -59.52 23.75 -2.13
N ASP V 189 -60.07 24.60 -1.25
CA ASP V 189 -61.06 25.57 -1.68
C ASP V 189 -60.51 26.46 -2.79
N ARG V 190 -59.27 26.92 -2.63
CA ARG V 190 -58.56 27.62 -3.70
C ARG V 190 -57.19 26.96 -3.86
N ASP V 191 -56.41 27.42 -4.85
CA ASP V 191 -55.11 26.81 -5.15
C ASP V 191 -54.21 26.86 -3.92
N ASN V 192 -53.72 25.70 -3.52
CA ASN V 192 -52.93 25.52 -2.30
C ASN V 192 -51.53 25.03 -2.70
N PHE V 193 -50.58 25.96 -2.79
CA PHE V 193 -49.21 25.66 -3.13
C PHE V 193 -48.44 25.24 -1.89
N MET V 194 -47.72 24.11 -1.97
CA MET V 194 -47.02 23.54 -0.83
C MET V 194 -45.60 23.19 -1.22
N SER V 195 -44.65 23.55 -0.35
CA SER V 195 -43.29 23.05 -0.49
C SER V 195 -43.25 21.57 -0.21
N ALA V 196 -42.10 20.97 -0.49
CA ALA V 196 -41.92 19.56 -0.15
C ALA V 196 -42.15 19.33 1.34
N GLU V 197 -41.66 20.23 2.19
CA GLU V 197 -41.81 20.08 3.64
C GLU V 197 -43.24 20.31 4.09
N GLU V 198 -43.94 21.28 3.50
CA GLU V 198 -45.36 21.43 3.84
C GLU V 198 -46.15 20.21 3.38
N ALA V 199 -45.75 19.60 2.26
CA ALA V 199 -46.41 18.40 1.78
C ALA V 199 -46.14 17.22 2.71
N LYS V 200 -44.92 17.13 3.26
CA LYS V 200 -44.64 16.03 4.20
C LYS V 200 -45.47 16.19 5.48
N GLU V 201 -45.55 17.41 6.02
CA GLU V 201 -46.43 17.64 7.16
C GLU V 201 -47.89 17.40 6.82
N TYR V 202 -48.28 17.67 5.59
CA TYR V 202 -49.68 17.53 5.28
C TYR V 202 -50.11 16.06 5.25
N GLY V 203 -49.18 15.12 5.10
CA GLY V 203 -49.53 13.73 4.96
C GLY V 203 -49.56 13.28 3.52
N LEU V 204 -49.13 14.14 2.60
CA LEU V 204 -49.23 13.93 1.18
C LEU V 204 -48.02 13.19 0.59
N ILE V 205 -46.85 13.33 1.21
CA ILE V 205 -45.66 12.55 0.91
C ILE V 205 -45.06 12.07 2.22
N ASP V 206 -44.21 11.06 2.12
CA ASP V 206 -43.58 10.49 3.30
C ASP V 206 -42.18 11.01 3.58
N GLN V 207 -41.31 11.10 2.58
CA GLN V 207 -39.91 11.51 2.72
C GLN V 207 -39.58 12.59 1.71
N ILE V 208 -38.75 13.56 2.11
CA ILE V 208 -38.04 14.39 1.14
C ILE V 208 -36.64 13.84 0.95
N LEU V 209 -36.27 13.54 -0.30
CA LEU V 209 -34.97 12.96 -0.61
C LEU V 209 -33.86 13.98 -0.46
N GLU V 210 -32.90 13.71 0.44
CA GLU V 210 -31.87 14.68 0.75
C GLU V 210 -30.70 14.61 -0.24
N ASN V 211 -29.65 15.39 0.05
CA ASN V 211 -28.54 15.59 -0.89
C ASN V 211 -27.24 14.98 -0.38
N ASP W 36 -42.88 -2.68 -29.17
CA ASP W 36 -43.25 -1.69 -28.17
C ASP W 36 -44.37 -2.20 -27.23
N ILE W 37 -44.96 -1.29 -26.48
CA ILE W 37 -45.70 -1.68 -25.28
C ILE W 37 -47.14 -2.04 -25.61
N TYR W 38 -47.78 -1.25 -26.48
CA TYR W 38 -49.15 -1.55 -26.87
C TYR W 38 -49.19 -2.81 -27.73
N SER W 39 -48.15 -3.02 -28.53
CA SER W 39 -48.00 -4.29 -29.24
C SER W 39 -47.79 -5.43 -28.25
N ARG W 40 -47.18 -5.17 -27.09
CA ARG W 40 -47.01 -6.24 -26.11
C ARG W 40 -48.32 -6.58 -25.40
N LEU W 41 -49.20 -5.61 -25.24
CA LEU W 41 -50.49 -5.94 -24.68
C LEU W 41 -51.31 -6.77 -25.67
N LEU W 42 -51.13 -6.53 -26.95
CA LEU W 42 -51.91 -7.28 -27.93
C LEU W 42 -51.58 -8.78 -27.93
N LYS W 43 -50.32 -9.16 -27.62
CA LYS W 43 -49.99 -10.59 -27.56
C LYS W 43 -50.78 -11.28 -26.46
N GLU W 44 -51.17 -10.57 -25.42
CA GLU W 44 -52.01 -11.15 -24.38
C GLU W 44 -53.48 -10.96 -24.68
N ARG W 45 -53.81 -10.60 -25.92
CA ARG W 45 -55.18 -10.46 -26.41
C ARG W 45 -55.88 -9.27 -25.75
N ILE W 46 -55.11 -8.20 -25.52
CA ILE W 46 -55.65 -6.95 -25.01
C ILE W 46 -55.77 -5.99 -26.19
N VAL W 47 -56.96 -5.45 -26.41
CA VAL W 47 -57.20 -4.40 -27.38
C VAL W 47 -57.69 -3.17 -26.65
N PHE W 48 -57.13 -2.01 -27.02
CA PHE W 48 -57.44 -0.72 -26.44
C PHE W 48 -58.33 0.08 -27.38
N LEU W 49 -59.27 0.82 -26.81
CA LEU W 49 -59.95 1.95 -27.44
C LEU W 49 -59.71 3.12 -26.50
N VAL W 50 -58.80 4.01 -26.87
CA VAL W 50 -58.42 5.15 -26.04
C VAL W 50 -58.78 6.41 -26.80
N GLY W 51 -59.62 7.25 -26.21
CA GLY W 51 -60.03 8.47 -26.87
C GLY W 51 -61.30 8.31 -27.68
N PRO W 52 -61.54 9.27 -28.57
CA PRO W 52 -62.81 9.31 -29.31
C PRO W 52 -62.98 8.13 -30.26
N VAL W 53 -64.24 7.77 -30.52
CA VAL W 53 -64.57 6.75 -31.51
C VAL W 53 -64.70 7.42 -32.87
N THR W 54 -63.72 7.19 -33.73
CA THR W 54 -63.70 7.70 -35.08
C THR W 54 -63.51 6.54 -36.06
N ASP W 55 -63.72 6.82 -37.35
CA ASP W 55 -63.45 5.79 -38.34
C ASP W 55 -62.02 5.24 -38.20
N GLU W 56 -61.02 6.05 -37.84
CA GLU W 56 -59.69 5.44 -37.73
C GLU W 56 -59.58 4.51 -36.56
N SER W 57 -59.93 5.00 -35.37
CA SER W 57 -59.74 4.15 -34.20
C SER W 57 -60.62 2.93 -34.28
N ALA W 58 -61.83 3.09 -34.84
CA ALA W 58 -62.77 1.98 -34.91
C ALA W 58 -62.22 0.83 -35.73
N ASN W 59 -61.76 1.10 -36.96
CA ASN W 59 -61.33 -0.05 -37.75
C ASN W 59 -59.97 -0.58 -37.31
N LEU W 60 -59.14 0.24 -36.67
CA LEU W 60 -57.96 -0.32 -36.01
C LEU W 60 -58.38 -1.32 -34.94
N VAL W 61 -59.43 -1.00 -34.18
CA VAL W 61 -59.95 -1.94 -33.21
C VAL W 61 -60.51 -3.17 -33.93
N VAL W 62 -61.26 -2.93 -35.01
CA VAL W 62 -61.81 -4.03 -35.81
C VAL W 62 -60.69 -4.91 -36.35
N ALA W 63 -59.63 -4.28 -36.87
CA ALA W 63 -58.53 -5.04 -37.42
C ALA W 63 -57.87 -5.92 -36.36
N GLN W 64 -57.67 -5.39 -35.16
CA GLN W 64 -57.06 -6.18 -34.09
C GLN W 64 -57.99 -7.32 -33.65
N LEU W 65 -59.30 -7.06 -33.63
CA LEU W 65 -60.25 -8.11 -33.28
C LEU W 65 -60.20 -9.25 -34.31
N LEU W 66 -60.20 -8.91 -35.60
CA LEU W 66 -60.08 -9.95 -36.62
C LEU W 66 -58.74 -10.67 -36.52
N PHE W 67 -57.68 -9.91 -36.24
CA PHE W 67 -56.37 -10.50 -36.10
C PHE W 67 -56.27 -11.49 -34.94
N LEU W 68 -56.75 -11.09 -33.76
CA LEU W 68 -56.67 -11.97 -32.60
C LEU W 68 -57.52 -13.22 -32.79
N GLU W 69 -58.67 -13.09 -33.46
CA GLU W 69 -59.48 -14.27 -33.74
C GLU W 69 -58.75 -15.25 -34.64
N SER W 70 -58.07 -14.75 -35.67
CA SER W 70 -57.36 -15.66 -36.57
C SER W 70 -56.28 -16.45 -35.83
N GLU W 71 -55.55 -15.78 -34.95
CA GLU W 71 -54.47 -16.38 -34.18
C GLU W 71 -54.96 -17.44 -33.20
N ASN W 72 -56.14 -17.25 -32.65
CA ASN W 72 -56.70 -18.21 -31.72
C ASN W 72 -58.16 -17.86 -31.54
N PRO W 73 -59.06 -18.52 -32.26
CA PRO W 73 -60.49 -18.20 -32.20
C PRO W 73 -61.17 -18.69 -30.95
N ASP W 74 -60.42 -19.27 -30.00
CA ASP W 74 -61.02 -19.92 -28.85
C ASP W 74 -60.70 -19.23 -27.52
N LYS W 75 -59.79 -18.27 -27.50
CA LYS W 75 -59.48 -17.53 -26.30
C LYS W 75 -60.24 -16.22 -26.27
N ASP W 76 -60.73 -15.87 -25.09
CA ASP W 76 -61.42 -14.61 -24.92
C ASP W 76 -60.53 -13.45 -25.38
N ILE W 77 -61.17 -12.34 -25.75
CA ILE W 77 -60.48 -11.11 -26.06
C ILE W 77 -60.89 -10.07 -25.01
N PHE W 78 -59.95 -9.20 -24.64
CA PHE W 78 -60.19 -8.23 -23.59
C PHE W 78 -60.06 -6.82 -24.17
N PHE W 79 -61.20 -6.15 -24.23
CA PHE W 79 -61.35 -4.85 -24.88
C PHE W 79 -61.38 -3.78 -23.78
N TYR W 80 -60.26 -3.06 -23.63
CA TYR W 80 -60.14 -2.02 -22.62
C TYR W 80 -60.56 -0.66 -23.19
N ILE W 81 -61.52 0.00 -22.52
CA ILE W 81 -62.17 1.18 -23.05
C ILE W 81 -61.94 2.35 -22.11
N ASN W 82 -61.36 3.43 -22.64
CA ASN W 82 -61.25 4.74 -21.97
C ASN W 82 -61.60 5.76 -23.05
N SER W 83 -62.90 6.08 -23.16
CA SER W 83 -63.36 6.85 -24.30
C SER W 83 -64.51 7.80 -23.97
N PRO W 84 -64.52 9.00 -24.54
CA PRO W 84 -65.62 9.95 -24.34
C PRO W 84 -66.81 9.78 -25.27
N GLY W 85 -66.76 8.83 -26.21
CA GLY W 85 -67.84 8.67 -27.18
C GLY W 85 -67.31 8.96 -28.58
N GLY W 86 -68.19 9.25 -29.52
CA GLY W 86 -67.73 9.58 -30.82
C GLY W 86 -68.76 9.19 -31.88
N SER W 87 -68.24 8.74 -33.03
CA SER W 87 -69.05 8.45 -34.20
C SER W 87 -69.92 7.22 -33.97
N VAL W 88 -71.23 7.35 -34.23
CA VAL W 88 -72.13 6.20 -34.05
C VAL W 88 -71.84 5.09 -35.08
N THR W 89 -71.64 5.45 -36.36
CA THR W 89 -71.43 4.39 -37.35
C THR W 89 -70.10 3.69 -37.11
N ALA W 90 -69.08 4.46 -36.73
CA ALA W 90 -67.78 3.86 -36.45
C ALA W 90 -67.85 2.93 -35.25
N GLY W 91 -68.56 3.34 -34.20
CA GLY W 91 -68.74 2.45 -33.07
C GLY W 91 -69.52 1.20 -33.45
N MET W 92 -70.52 1.34 -34.32
CA MET W 92 -71.30 0.20 -34.78
C MET W 92 -70.45 -0.84 -35.52
N SER W 93 -69.41 -0.41 -36.25
CA SER W 93 -68.60 -1.42 -36.91
C SER W 93 -67.83 -2.25 -35.88
N ILE W 94 -67.34 -1.60 -34.82
CA ILE W 94 -66.71 -2.33 -33.73
C ILE W 94 -67.69 -3.30 -33.10
N TYR W 95 -68.87 -2.79 -32.75
CA TYR W 95 -69.92 -3.59 -32.13
C TYR W 95 -70.24 -4.84 -32.94
N ASP W 96 -70.55 -4.68 -34.23
CA ASP W 96 -70.89 -5.82 -35.05
C ASP W 96 -69.72 -6.78 -35.17
N THR W 97 -68.49 -6.26 -35.22
CA THR W 97 -67.33 -7.14 -35.20
C THR W 97 -67.27 -7.92 -33.88
N MET W 98 -67.57 -7.25 -32.76
CA MET W 98 -67.58 -7.94 -31.46
C MET W 98 -68.58 -9.08 -31.46
N ASN W 99 -69.75 -8.88 -32.04
CA ASN W 99 -70.78 -9.91 -32.05
C ASN W 99 -70.49 -10.99 -33.07
N PHE W 100 -69.68 -10.71 -34.08
CA PHE W 100 -69.51 -11.68 -35.14
C PHE W 100 -68.43 -12.70 -34.83
N ILE W 101 -67.32 -12.26 -34.27
CA ILE W 101 -66.18 -13.15 -34.13
C ILE W 101 -66.49 -14.22 -33.09
N LYS W 102 -65.78 -15.35 -33.22
CA LYS W 102 -66.00 -16.46 -32.30
C LYS W 102 -65.62 -16.13 -30.86
N PRO W 103 -64.48 -15.49 -30.58
CA PRO W 103 -64.12 -15.25 -29.18
C PRO W 103 -65.14 -14.41 -28.45
N ASP W 104 -65.38 -14.76 -27.19
CA ASP W 104 -66.04 -13.83 -26.29
C ASP W 104 -65.21 -12.57 -26.21
N VAL W 105 -65.87 -11.42 -26.27
CA VAL W 105 -65.18 -10.15 -26.06
C VAL W 105 -65.59 -9.61 -24.70
N SER W 106 -64.66 -9.69 -23.75
CA SER W 106 -64.82 -9.05 -22.46
C SER W 106 -64.58 -7.55 -22.63
N THR W 107 -65.34 -6.73 -21.94
CA THR W 107 -65.07 -5.29 -21.93
C THR W 107 -64.71 -4.85 -20.52
N LEU W 108 -63.81 -3.88 -20.43
CA LEU W 108 -63.42 -3.35 -19.13
C LEU W 108 -63.24 -1.85 -19.27
N CYS W 109 -63.84 -1.10 -18.35
CA CYS W 109 -63.75 0.36 -18.36
C CYS W 109 -62.65 0.83 -17.40
N LEU W 110 -61.70 1.59 -17.94
CA LEU W 110 -60.74 2.31 -17.12
C LEU W 110 -60.80 3.77 -17.52
N GLY W 111 -60.75 4.65 -16.53
CA GLY W 111 -60.92 6.04 -16.80
C GLY W 111 -62.39 6.37 -16.97
N GLN W 112 -62.88 6.23 -18.19
CA GLN W 112 -64.27 6.58 -18.40
C GLN W 112 -64.81 5.86 -19.63
N ALA W 113 -66.12 5.65 -19.66
CA ALA W 113 -66.80 5.15 -20.85
C ALA W 113 -68.08 5.95 -21.02
N ALA W 114 -68.08 6.86 -21.98
CA ALA W 114 -69.19 7.79 -22.19
C ALA W 114 -69.72 7.66 -23.61
N SER W 115 -71.04 7.83 -23.75
CA SER W 115 -71.74 7.80 -25.04
C SER W 115 -71.33 6.51 -25.75
N MET W 116 -70.86 6.55 -27.00
CA MET W 116 -70.55 5.32 -27.72
C MET W 116 -69.55 4.45 -26.96
N GLY W 117 -68.69 5.05 -26.12
CA GLY W 117 -67.80 4.26 -25.32
C GLY W 117 -68.54 3.40 -24.31
N ALA W 118 -69.58 3.98 -23.69
CA ALA W 118 -70.43 3.19 -22.81
C ALA W 118 -71.19 2.13 -23.59
N PHE W 119 -71.66 2.47 -24.79
CA PHE W 119 -72.34 1.48 -25.61
C PHE W 119 -71.46 0.27 -25.85
N LEU W 120 -70.21 0.49 -26.26
CA LEU W 120 -69.34 -0.65 -26.54
C LEU W 120 -69.02 -1.41 -25.25
N LEU W 121 -68.84 -0.70 -24.14
CA LEU W 121 -68.60 -1.38 -22.87
C LEU W 121 -69.73 -2.33 -22.53
N SER W 122 -70.98 -1.84 -22.58
CA SER W 122 -72.12 -2.68 -22.27
C SER W 122 -72.32 -3.80 -23.26
N ALA W 123 -71.69 -3.72 -24.42
CA ALA W 123 -71.84 -4.71 -25.47
C ALA W 123 -70.94 -5.91 -25.28
N GLY W 124 -70.12 -5.91 -24.23
CA GLY W 124 -69.26 -7.05 -23.97
C GLY W 124 -70.05 -8.30 -23.64
N GLU W 125 -69.36 -9.44 -23.70
CA GLU W 125 -69.96 -10.72 -23.36
C GLU W 125 -70.57 -10.67 -21.96
N LYS W 126 -71.84 -11.08 -21.85
CA LYS W 126 -72.52 -11.02 -20.57
C LYS W 126 -71.79 -11.91 -19.57
N GLY W 127 -71.48 -11.35 -18.41
CA GLY W 127 -70.65 -12.01 -17.43
C GLY W 127 -69.20 -11.57 -17.41
N LYS W 128 -68.74 -10.85 -18.44
CA LYS W 128 -67.33 -10.47 -18.56
C LYS W 128 -67.19 -8.99 -18.87
N ARG W 129 -68.13 -8.18 -18.42
CA ARG W 129 -68.06 -6.73 -18.55
C ARG W 129 -67.66 -6.12 -17.21
N PHE W 130 -66.52 -5.43 -17.21
CA PHE W 130 -65.88 -4.96 -15.99
C PHE W 130 -65.67 -3.45 -16.01
N ALA W 131 -65.45 -2.89 -14.82
CA ALA W 131 -65.00 -1.51 -14.64
C ALA W 131 -64.05 -1.44 -13.45
N LEU W 132 -63.14 -0.49 -13.50
CA LEU W 132 -62.27 -0.24 -12.34
C LEU W 132 -63.02 0.58 -11.29
N PRO W 133 -62.60 0.51 -10.02
CA PRO W 133 -63.41 1.08 -8.94
C PRO W 133 -63.78 2.53 -9.14
N ASN W 134 -62.93 3.36 -9.73
CA ASN W 134 -63.25 4.77 -9.87
C ASN W 134 -63.58 5.13 -11.31
N SER W 135 -63.88 4.13 -12.15
CA SER W 135 -64.37 4.37 -13.49
C SER W 135 -65.70 5.12 -13.47
N ARG W 136 -65.97 5.80 -14.55
CA ARG W 136 -67.20 6.55 -14.76
C ARG W 136 -67.84 6.11 -16.07
N ILE W 137 -69.17 5.92 -16.03
CA ILE W 137 -69.97 5.57 -17.21
C ILE W 137 -71.01 6.67 -17.41
N MET W 138 -71.23 7.05 -18.67
CA MET W 138 -72.28 8.00 -19.04
C MET W 138 -72.97 7.55 -20.32
N ILE W 139 -74.30 7.65 -20.35
CA ILE W 139 -75.13 7.29 -21.48
C ILE W 139 -76.06 8.45 -21.78
N HIS W 140 -76.34 8.68 -23.08
CA HIS W 140 -77.23 9.79 -23.46
C HIS W 140 -77.76 9.53 -24.86
N GLN W 141 -78.83 10.26 -25.21
CA GLN W 141 -79.37 10.18 -26.56
C GLN W 141 -78.38 10.80 -27.54
N PRO W 142 -78.56 10.57 -28.85
CA PRO W 142 -77.60 11.13 -29.80
C PRO W 142 -77.60 12.65 -29.76
N LEU W 143 -76.49 13.19 -30.24
CA LEU W 143 -76.21 14.62 -30.19
C LEU W 143 -75.56 15.03 -31.50
N ILE W 144 -75.91 16.21 -32.00
CA ILE W 144 -75.25 16.82 -33.15
C ILE W 144 -74.60 18.11 -32.68
N SER W 145 -73.53 18.53 -33.36
CA SER W 145 -72.94 19.84 -33.12
C SER W 145 -73.53 20.91 -34.04
N GLY W 146 -73.47 20.69 -35.35
CA GLY W 146 -74.09 21.58 -36.33
C GLY W 146 -73.85 21.21 -37.79
N GLY W 149 -79.06 22.36 -40.72
CA GLY W 149 -78.67 22.15 -42.13
C GLY W 149 -79.49 23.04 -43.12
N GLY W 150 -80.00 22.48 -44.22
CA GLY W 150 -80.38 23.26 -45.38
C GLY W 150 -81.88 23.37 -45.53
N GLN W 151 -82.48 22.55 -46.40
CA GLN W 151 -83.89 22.64 -46.69
C GLN W 151 -84.70 21.81 -45.72
N ALA W 152 -85.95 22.24 -45.49
CA ALA W 152 -86.82 21.54 -44.56
C ALA W 152 -86.94 20.06 -44.90
N SER W 153 -87.03 19.72 -46.19
CA SER W 153 -87.01 18.31 -46.58
C SER W 153 -85.73 17.63 -46.12
N ASP W 154 -84.60 18.30 -46.29
CA ASP W 154 -83.35 17.67 -45.90
C ASP W 154 -83.23 17.63 -44.39
N ILE W 155 -83.73 18.66 -43.71
CA ILE W 155 -83.64 18.67 -42.26
C ILE W 155 -84.49 17.54 -41.70
N GLU W 156 -85.70 17.39 -42.24
CA GLU W 156 -86.60 16.33 -41.78
C GLU W 156 -85.98 14.96 -41.96
N ILE W 157 -85.39 14.70 -43.13
CA ILE W 157 -84.78 13.40 -43.39
C ILE W 157 -83.71 13.11 -42.35
N HIS W 158 -82.86 14.08 -42.06
CA HIS W 158 -81.76 13.81 -41.14
C HIS W 158 -82.23 13.74 -39.69
N ALA W 159 -83.23 14.56 -39.32
CA ALA W 159 -83.87 14.42 -38.02
C ALA W 159 -84.48 13.03 -37.88
N ARG W 160 -85.16 12.56 -38.92
CA ARG W 160 -85.73 11.22 -38.87
C ARG W 160 -84.61 10.20 -38.69
N GLU W 161 -83.50 10.40 -39.38
CA GLU W 161 -82.35 9.50 -39.29
C GLU W 161 -81.76 9.52 -37.89
N LEU W 162 -81.72 10.70 -37.26
CA LEU W 162 -81.16 10.81 -35.93
C LEU W 162 -82.05 10.12 -34.91
N LEU W 163 -83.38 10.24 -35.07
CA LEU W 163 -84.31 9.58 -34.16
C LEU W 163 -84.30 8.06 -34.33
N LYS W 164 -84.12 7.58 -35.56
CA LYS W 164 -83.92 6.15 -35.74
C LYS W 164 -82.69 5.70 -34.97
N ILE W 165 -81.60 6.45 -35.06
CA ILE W 165 -80.37 6.12 -34.32
C ILE W 165 -80.65 6.15 -32.83
N LYS W 166 -81.36 7.18 -32.37
CA LYS W 166 -81.74 7.25 -30.96
C LYS W 166 -82.53 6.01 -30.54
N GLU W 167 -83.53 5.62 -31.35
CA GLU W 167 -84.32 4.45 -30.97
C GLU W 167 -83.51 3.16 -31.05
N LYS W 168 -82.68 3.01 -32.09
CA LYS W 168 -81.86 1.81 -32.17
C LYS W 168 -80.97 1.69 -30.94
N LEU W 169 -80.35 2.80 -30.53
CA LEU W 169 -79.42 2.80 -29.41
C LEU W 169 -80.11 2.44 -28.10
N ASN W 170 -81.33 2.94 -27.88
CA ASN W 170 -82.05 2.58 -26.66
C ASN W 170 -82.39 1.09 -26.63
N ARG W 171 -82.87 0.54 -27.75
CA ARG W 171 -83.26 -0.87 -27.79
C ARG W 171 -82.07 -1.78 -27.54
N LEU W 172 -80.99 -1.56 -28.28
CA LEU W 172 -79.82 -2.42 -28.09
C LEU W 172 -79.29 -2.32 -26.67
N MET W 173 -79.26 -1.10 -26.12
CA MET W 173 -78.76 -0.96 -24.76
C MET W 173 -79.72 -1.57 -23.74
N ALA W 174 -81.03 -1.57 -24.02
CA ALA W 174 -81.98 -2.28 -23.16
C ALA W 174 -81.72 -3.79 -23.15
N LYS W 175 -81.41 -4.36 -24.33
CA LYS W 175 -81.05 -5.77 -24.39
C LYS W 175 -79.76 -6.02 -23.63
N HIS W 176 -78.78 -5.14 -23.78
CA HIS W 176 -77.51 -5.31 -23.07
C HIS W 176 -77.70 -5.28 -21.56
N CYS W 177 -78.60 -4.44 -21.08
CA CYS W 177 -78.87 -4.23 -19.65
C CYS W 177 -80.02 -5.07 -19.13
N ASP W 178 -80.67 -5.84 -19.99
CA ASP W 178 -81.83 -6.66 -19.60
C ASP W 178 -82.89 -5.78 -18.93
N ARG W 179 -83.25 -4.68 -19.59
CA ARG W 179 -84.24 -3.77 -19.06
C ARG W 179 -85.29 -3.47 -20.11
N ASP W 180 -86.33 -2.78 -19.69
CA ASP W 180 -87.38 -2.42 -20.61
C ASP W 180 -86.91 -1.23 -21.44
N LEU W 181 -87.38 -1.17 -22.67
CA LEU W 181 -87.03 -0.05 -23.53
C LEU W 181 -87.35 1.28 -22.88
N ALA W 182 -88.48 1.35 -22.17
CA ALA W 182 -88.90 2.61 -21.56
C ALA W 182 -87.91 3.11 -20.51
N ASP W 183 -87.25 2.20 -19.79
CA ASP W 183 -86.24 2.62 -18.82
C ASP W 183 -85.14 3.41 -19.50
N LEU W 184 -84.59 2.86 -20.58
CA LEU W 184 -83.47 3.51 -21.27
C LEU W 184 -83.92 4.80 -21.94
N GLU W 185 -85.17 4.85 -22.42
CA GLU W 185 -85.70 6.08 -22.99
C GLU W 185 -85.77 7.19 -21.94
N ARG W 186 -86.19 6.85 -20.72
CA ARG W 186 -86.11 7.82 -19.63
C ARG W 186 -84.66 8.16 -19.30
N ASP W 187 -83.78 7.15 -19.26
CA ASP W 187 -82.47 7.34 -18.65
C ASP W 187 -81.40 7.84 -19.63
N THR W 188 -81.66 7.92 -20.93
CA THR W 188 -80.72 8.57 -21.82
C THR W 188 -81.24 9.93 -22.27
N ASP W 189 -82.33 10.41 -21.66
CA ASP W 189 -82.95 11.66 -22.11
C ASP W 189 -81.97 12.84 -22.02
N ARG W 190 -81.21 12.94 -20.91
CA ARG W 190 -80.11 13.88 -20.73
C ARG W 190 -78.93 13.08 -20.23
N ASP W 191 -77.79 13.74 -20.07
CA ASP W 191 -76.56 13.06 -19.68
C ASP W 191 -76.74 12.30 -18.37
N ASN W 192 -76.39 11.02 -18.37
CA ASN W 192 -76.60 10.16 -17.21
C ASN W 192 -75.24 9.61 -16.76
N PHE W 193 -74.66 10.24 -15.74
CA PHE W 193 -73.37 9.85 -15.16
C PHE W 193 -73.59 8.78 -14.08
N MET W 194 -72.78 7.73 -14.11
CA MET W 194 -72.92 6.61 -13.20
C MET W 194 -71.59 6.19 -12.61
N SER W 195 -71.56 5.96 -11.31
CA SER W 195 -70.41 5.32 -10.72
C SER W 195 -70.33 3.89 -11.23
N ALA W 196 -69.17 3.25 -10.98
CA ALA W 196 -69.05 1.84 -11.33
C ALA W 196 -70.13 1.01 -10.62
N GLU W 197 -70.47 1.37 -9.37
CA GLU W 197 -71.50 0.61 -8.67
C GLU W 197 -72.86 0.84 -9.30
N GLU W 198 -73.15 2.07 -9.67
CA GLU W 198 -74.42 2.34 -10.33
C GLU W 198 -74.48 1.65 -11.69
N ALA W 199 -73.33 1.51 -12.36
CA ALA W 199 -73.34 0.90 -13.67
C ALA W 199 -73.65 -0.60 -13.60
N LYS W 200 -73.09 -1.29 -12.60
CA LYS W 200 -73.43 -2.71 -12.43
C LYS W 200 -74.86 -2.86 -11.91
N GLU W 201 -75.30 -1.96 -11.03
CA GLU W 201 -76.68 -2.02 -10.59
C GLU W 201 -77.63 -1.81 -11.75
N TYR W 202 -77.24 -0.97 -12.71
CA TYR W 202 -78.10 -0.71 -13.86
C TYR W 202 -78.14 -1.88 -14.83
N GLY W 203 -77.14 -2.75 -14.79
CA GLY W 203 -77.00 -3.82 -15.75
C GLY W 203 -76.00 -3.55 -16.85
N LEU W 204 -75.24 -2.47 -16.76
CA LEU W 204 -74.38 -2.08 -17.86
C LEU W 204 -73.01 -2.77 -17.81
N ILE W 205 -72.56 -3.15 -16.61
CA ILE W 205 -71.38 -4.00 -16.39
C ILE W 205 -71.76 -5.10 -15.43
N ASP W 206 -70.87 -6.08 -15.26
CA ASP W 206 -71.14 -7.22 -14.39
C ASP W 206 -70.42 -7.17 -13.04
N GLN W 207 -69.29 -6.48 -12.94
CA GLN W 207 -68.23 -6.88 -12.02
C GLN W 207 -67.29 -5.68 -11.89
N ILE W 208 -67.02 -5.22 -10.67
CA ILE W 208 -66.08 -4.13 -10.44
C ILE W 208 -64.83 -4.77 -9.86
N LEU W 209 -63.69 -4.51 -10.47
CA LEU W 209 -62.47 -5.19 -10.05
C LEU W 209 -61.90 -4.58 -8.78
N GLU W 210 -60.99 -5.35 -8.15
CA GLU W 210 -60.41 -5.10 -6.83
C GLU W 210 -60.10 -3.64 -6.51
N ASP X 36 -47.24 -4.81 -40.12
CA ASP X 36 -48.39 -4.43 -39.31
C ASP X 36 -49.61 -5.26 -39.69
N ILE X 37 -50.71 -5.02 -38.97
CA ILE X 37 -51.88 -5.89 -39.07
C ILE X 37 -52.52 -5.81 -40.45
N TYR X 38 -52.54 -4.62 -41.07
CA TYR X 38 -53.21 -4.47 -42.36
C TYR X 38 -52.52 -5.25 -43.47
N SER X 39 -51.19 -5.38 -43.45
CA SER X 39 -50.55 -6.24 -44.44
C SER X 39 -50.96 -7.68 -44.24
N ARG X 40 -51.08 -8.11 -42.99
CA ARG X 40 -51.55 -9.48 -42.70
C ARG X 40 -52.99 -9.69 -43.15
N LEU X 41 -53.83 -8.65 -43.13
CA LEU X 41 -55.15 -8.75 -43.75
C LEU X 41 -55.07 -8.82 -45.28
N LEU X 42 -54.09 -8.13 -45.88
CA LEU X 42 -53.92 -8.18 -47.32
C LEU X 42 -53.51 -9.57 -47.78
N LYS X 43 -52.76 -10.30 -46.93
CA LYS X 43 -52.40 -11.66 -47.30
C LYS X 43 -53.62 -12.54 -47.50
N GLU X 44 -54.72 -12.23 -46.82
CA GLU X 44 -55.96 -12.98 -47.00
C GLU X 44 -56.86 -12.35 -48.06
N ARG X 45 -56.31 -11.44 -48.88
CA ARG X 45 -57.00 -10.82 -50.03
C ARG X 45 -58.17 -9.92 -49.58
N ILE X 46 -58.01 -9.25 -48.45
CA ILE X 46 -58.97 -8.26 -47.98
C ILE X 46 -58.40 -6.89 -48.27
N VAL X 47 -59.20 -6.05 -48.93
CA VAL X 47 -58.86 -4.66 -49.19
C VAL X 47 -59.86 -3.79 -48.45
N PHE X 48 -59.35 -2.75 -47.81
CA PHE X 48 -60.17 -1.83 -47.03
C PHE X 48 -60.36 -0.53 -47.79
N LEU X 49 -61.54 0.07 -47.64
CA LEU X 49 -61.72 1.49 -47.93
C LEU X 49 -62.36 2.12 -46.68
N VAL X 50 -61.57 2.90 -45.94
CA VAL X 50 -62.04 3.51 -44.71
C VAL X 50 -61.97 5.02 -44.87
N GLY X 51 -63.09 5.70 -44.67
CA GLY X 51 -63.12 7.14 -44.80
C GLY X 51 -63.45 7.62 -46.21
N PRO X 52 -63.19 8.90 -46.48
CA PRO X 52 -63.63 9.47 -47.76
C PRO X 52 -62.91 8.83 -48.94
N VAL X 53 -63.62 8.78 -50.06
CA VAL X 53 -63.06 8.29 -51.32
C VAL X 53 -62.34 9.47 -51.98
N THR X 54 -61.01 9.43 -52.01
CA THR X 54 -60.21 10.46 -52.67
C THR X 54 -59.35 9.85 -53.76
N ASP X 55 -58.77 10.70 -54.61
CA ASP X 55 -57.81 10.23 -55.61
C ASP X 55 -56.73 9.38 -54.95
N GLU X 56 -56.31 9.75 -53.73
CA GLU X 56 -55.30 9.00 -52.99
C GLU X 56 -55.81 7.66 -52.46
N SER X 57 -56.93 7.68 -51.74
CA SER X 57 -57.47 6.41 -51.25
C SER X 57 -57.87 5.51 -52.41
N ALA X 58 -58.40 6.10 -53.49
CA ALA X 58 -58.82 5.30 -54.64
C ALA X 58 -57.65 4.59 -55.29
N ASN X 59 -56.56 5.30 -55.56
CA ASN X 59 -55.47 4.63 -56.24
C ASN X 59 -54.76 3.65 -55.31
N LEU X 60 -54.80 3.91 -54.00
CA LEU X 60 -54.30 2.93 -53.03
C LEU X 60 -55.10 1.64 -53.10
N VAL X 61 -56.43 1.76 -53.21
CA VAL X 61 -57.27 0.58 -53.37
C VAL X 61 -57.01 -0.09 -54.72
N VAL X 62 -56.89 0.73 -55.78
CA VAL X 62 -56.70 0.18 -57.12
C VAL X 62 -55.42 -0.63 -57.17
N ALA X 63 -54.34 -0.12 -56.56
CA ALA X 63 -53.08 -0.85 -56.57
C ALA X 63 -53.24 -2.22 -55.90
N GLN X 64 -53.95 -2.26 -54.76
CA GLN X 64 -54.13 -3.53 -54.06
C GLN X 64 -54.98 -4.52 -54.87
N LEU X 65 -56.00 -4.03 -55.57
CA LEU X 65 -56.79 -4.91 -56.43
C LEU X 65 -55.93 -5.51 -57.54
N LEU X 66 -55.13 -4.67 -58.22
CA LEU X 66 -54.22 -5.18 -59.24
C LEU X 66 -53.18 -6.12 -58.64
N PHE X 67 -52.72 -5.81 -57.42
CA PHE X 67 -51.72 -6.67 -56.78
C PHE X 67 -52.31 -8.04 -56.48
N LEU X 68 -53.50 -8.06 -55.89
CA LEU X 68 -54.12 -9.33 -55.53
C LEU X 68 -54.42 -10.16 -56.78
N GLU X 69 -54.80 -9.51 -57.89
CA GLU X 69 -55.00 -10.26 -59.12
C GLU X 69 -53.70 -10.85 -59.61
N SER X 70 -52.62 -10.08 -59.53
CA SER X 70 -51.31 -10.58 -59.93
C SER X 70 -50.91 -11.82 -59.12
N GLU X 71 -51.16 -11.82 -57.81
CA GLU X 71 -50.76 -12.94 -56.98
C GLU X 71 -51.57 -14.21 -57.23
N ASN X 72 -52.85 -14.10 -57.63
CA ASN X 72 -53.74 -15.21 -57.94
C ASN X 72 -54.97 -14.65 -58.65
N PRO X 73 -55.09 -14.86 -59.97
CA PRO X 73 -56.25 -14.31 -60.68
C PRO X 73 -57.54 -15.09 -60.50
N ASP X 74 -57.52 -16.19 -59.73
CA ASP X 74 -58.65 -17.11 -59.66
C ASP X 74 -59.30 -17.19 -58.28
N LYS X 75 -58.76 -16.51 -57.28
CA LYS X 75 -59.39 -16.43 -55.96
C LYS X 75 -60.10 -15.09 -55.82
N ASP X 76 -61.26 -15.12 -55.19
CA ASP X 76 -62.03 -13.92 -54.88
C ASP X 76 -61.21 -12.90 -54.08
N ILE X 77 -61.65 -11.63 -54.19
CA ILE X 77 -61.13 -10.53 -53.37
C ILE X 77 -62.28 -10.00 -52.51
N PHE X 78 -61.93 -9.53 -51.31
CA PHE X 78 -62.93 -9.07 -50.35
C PHE X 78 -62.69 -7.60 -50.02
N PHE X 79 -63.64 -6.76 -50.43
CA PHE X 79 -63.54 -5.30 -50.34
C PHE X 79 -64.41 -4.85 -49.17
N TYR X 80 -63.77 -4.49 -48.06
CA TYR X 80 -64.48 -4.01 -46.87
C TYR X 80 -64.55 -2.48 -46.96
N ILE X 81 -65.76 -1.95 -46.81
CA ILE X 81 -66.04 -0.54 -47.03
C ILE X 81 -66.68 0.06 -45.78
N ASN X 82 -66.05 1.12 -45.25
CA ASN X 82 -66.64 1.98 -44.22
C ASN X 82 -66.33 3.41 -44.63
N SER X 83 -67.25 4.03 -45.37
CA SER X 83 -66.93 5.29 -46.00
C SER X 83 -68.15 6.21 -46.07
N PRO X 84 -67.97 7.51 -45.85
CA PRO X 84 -69.10 8.44 -46.00
C PRO X 84 -69.32 8.90 -47.44
N GLY X 85 -68.45 8.46 -48.36
CA GLY X 85 -68.52 8.87 -49.75
C GLY X 85 -67.29 9.63 -50.21
N GLY X 86 -67.43 10.42 -51.26
CA GLY X 86 -66.33 11.24 -51.73
C GLY X 86 -66.45 11.51 -53.22
N SER X 87 -65.28 11.56 -53.87
CA SER X 87 -65.17 11.95 -55.28
C SER X 87 -65.78 10.93 -56.23
N VAL X 88 -66.61 11.42 -57.17
CA VAL X 88 -67.19 10.54 -58.18
C VAL X 88 -66.12 9.97 -59.11
N THR X 89 -65.18 10.80 -59.60
CA THR X 89 -64.18 10.23 -60.49
C THR X 89 -63.29 9.22 -59.75
N ALA X 90 -62.87 9.56 -58.51
CA ALA X 90 -62.02 8.62 -57.78
C ALA X 90 -62.75 7.30 -57.50
N GLY X 91 -64.04 7.36 -57.15
CA GLY X 91 -64.78 6.13 -56.97
C GLY X 91 -64.94 5.36 -58.27
N MET X 92 -65.17 6.10 -59.37
CA MET X 92 -65.32 5.45 -60.66
C MET X 92 -64.03 4.72 -61.05
N SER X 93 -62.89 5.20 -60.59
CA SER X 93 -61.62 4.51 -60.84
C SER X 93 -61.56 3.14 -60.15
N ILE X 94 -62.04 3.07 -58.90
CA ILE X 94 -62.13 1.80 -58.20
C ILE X 94 -63.13 0.88 -58.90
N TYR X 95 -64.30 1.42 -59.22
CA TYR X 95 -65.36 0.67 -59.86
C TYR X 95 -64.87 -0.07 -61.12
N ASP X 96 -64.20 0.66 -62.03
CA ASP X 96 -63.72 0.05 -63.26
C ASP X 96 -62.67 -1.02 -63.00
N THR X 97 -61.82 -0.83 -61.98
CA THR X 97 -60.86 -1.89 -61.66
C THR X 97 -61.57 -3.16 -61.16
N MET X 98 -62.61 -3.00 -60.33
CA MET X 98 -63.36 -4.17 -59.87
C MET X 98 -63.93 -4.93 -61.06
N ASN X 99 -64.49 -4.21 -62.03
CA ASN X 99 -65.11 -4.88 -63.17
C ASN X 99 -64.08 -5.43 -64.14
N PHE X 100 -62.86 -4.89 -64.17
CA PHE X 100 -61.89 -5.31 -65.18
C PHE X 100 -61.16 -6.59 -64.79
N ILE X 101 -60.77 -6.71 -63.51
CA ILE X 101 -59.95 -7.83 -63.08
C ILE X 101 -60.75 -9.13 -63.15
N LYS X 102 -60.03 -10.25 -63.26
CA LYS X 102 -60.69 -11.56 -63.29
C LYS X 102 -61.32 -11.94 -61.96
N PRO X 103 -60.66 -11.76 -60.80
CA PRO X 103 -61.28 -12.20 -59.55
C PRO X 103 -62.60 -11.50 -59.31
N ASP X 104 -63.56 -12.28 -58.80
CA ASP X 104 -64.77 -11.68 -58.25
C ASP X 104 -64.44 -10.80 -57.06
N VAL X 105 -65.00 -9.60 -57.03
CA VAL X 105 -64.80 -8.68 -55.93
C VAL X 105 -66.06 -8.72 -55.08
N SER X 106 -65.95 -9.41 -53.95
CA SER X 106 -66.98 -9.38 -52.94
C SER X 106 -66.88 -8.06 -52.15
N THR X 107 -68.02 -7.49 -51.80
CA THR X 107 -68.01 -6.27 -51.01
C THR X 107 -68.70 -6.51 -49.68
N LEU X 108 -68.25 -5.81 -48.64
CA LEU X 108 -68.88 -5.91 -47.33
C LEU X 108 -68.97 -4.52 -46.72
N CYS X 109 -70.16 -4.14 -46.25
CA CYS X 109 -70.32 -2.87 -45.59
C CYS X 109 -70.27 -3.08 -44.07
N LEU X 110 -69.36 -2.38 -43.41
CA LEU X 110 -69.33 -2.27 -41.96
C LEU X 110 -69.25 -0.81 -41.56
N GLY X 111 -70.05 -0.43 -40.57
CA GLY X 111 -70.21 0.97 -40.23
C GLY X 111 -71.22 1.61 -41.15
N GLN X 112 -70.74 2.15 -42.27
CA GLN X 112 -71.65 2.74 -43.23
C GLN X 112 -71.00 2.71 -44.62
N ALA X 113 -71.85 2.77 -45.63
CA ALA X 113 -71.43 2.99 -47.01
C ALA X 113 -72.41 4.00 -47.59
N ALA X 114 -71.95 5.24 -47.78
CA ALA X 114 -72.79 6.34 -48.21
C ALA X 114 -72.23 6.92 -49.50
N SER X 115 -73.14 7.37 -50.39
CA SER X 115 -72.79 8.03 -51.68
C SER X 115 -71.85 7.12 -52.46
N MET X 116 -70.68 7.59 -52.89
CA MET X 116 -69.78 6.75 -53.68
C MET X 116 -69.41 5.47 -52.92
N GLY X 117 -69.44 5.52 -51.59
CA GLY X 117 -69.24 4.30 -50.82
C GLY X 117 -70.37 3.32 -51.03
N ALA X 118 -71.61 3.83 -51.08
CA ALA X 118 -72.74 2.96 -51.37
C ALA X 118 -72.68 2.44 -52.80
N PHE X 119 -72.27 3.30 -53.74
CA PHE X 119 -72.13 2.87 -55.12
C PHE X 119 -71.19 1.67 -55.23
N LEU X 120 -70.02 1.76 -54.59
CA LEU X 120 -69.00 0.72 -54.70
C LEU X 120 -69.46 -0.57 -54.02
N LEU X 121 -70.19 -0.44 -52.89
CA LEU X 121 -70.75 -1.61 -52.23
C LEU X 121 -71.67 -2.36 -53.18
N SER X 122 -72.59 -1.63 -53.82
CA SER X 122 -73.54 -2.19 -54.76
C SER X 122 -72.87 -2.74 -56.01
N ALA X 123 -71.60 -2.39 -56.23
CA ALA X 123 -70.84 -2.80 -57.41
C ALA X 123 -70.18 -4.16 -57.26
N GLY X 124 -70.20 -4.76 -56.08
CA GLY X 124 -69.60 -6.07 -55.89
C GLY X 124 -70.29 -7.13 -56.72
N GLU X 125 -69.60 -8.27 -56.81
CA GLU X 125 -70.13 -9.43 -57.54
C GLU X 125 -71.49 -9.84 -56.95
N LYS X 126 -72.48 -10.01 -57.83
CA LYS X 126 -73.82 -10.34 -57.35
C LYS X 126 -73.84 -11.71 -56.68
N GLY X 127 -74.39 -11.75 -55.47
CA GLY X 127 -74.27 -12.91 -54.62
C GLY X 127 -73.19 -12.80 -53.55
N LYS X 128 -72.32 -11.80 -53.64
CA LYS X 128 -71.20 -11.67 -52.71
C LYS X 128 -71.12 -10.27 -52.14
N ARG X 129 -72.24 -9.55 -52.09
CA ARG X 129 -72.31 -8.23 -51.50
C ARG X 129 -72.97 -8.33 -50.13
N PHE X 130 -72.23 -7.96 -49.08
CA PHE X 130 -72.64 -8.21 -47.71
C PHE X 130 -72.70 -6.92 -46.90
N ALA X 131 -73.46 -6.99 -45.80
CA ALA X 131 -73.50 -5.94 -44.79
C ALA X 131 -73.57 -6.56 -43.41
N LEU X 132 -73.00 -5.85 -42.42
CA LEU X 132 -73.11 -6.25 -41.04
C LEU X 132 -74.46 -5.77 -40.49
N PRO X 133 -74.97 -6.40 -39.42
CA PRO X 133 -76.39 -6.18 -39.05
C PRO X 133 -76.75 -4.74 -38.79
N ASN X 134 -75.84 -3.94 -38.23
CA ASN X 134 -76.17 -2.56 -37.87
C ASN X 134 -75.53 -1.56 -38.79
N SER X 135 -75.04 -2.03 -39.92
CA SER X 135 -74.58 -1.16 -40.99
C SER X 135 -75.74 -0.34 -41.55
N ARG X 136 -75.41 0.83 -42.06
CA ARG X 136 -76.37 1.67 -42.75
C ARG X 136 -75.79 2.02 -44.11
N ILE X 137 -76.67 2.09 -45.09
CA ILE X 137 -76.31 2.43 -46.45
C ILE X 137 -77.04 3.73 -46.73
N MET X 138 -76.41 4.66 -47.45
CA MET X 138 -77.11 5.87 -47.86
C MET X 138 -76.79 6.20 -49.31
N ILE X 139 -77.84 6.57 -50.06
CA ILE X 139 -77.72 6.90 -51.48
C ILE X 139 -78.34 8.27 -51.71
N HIS X 140 -77.75 9.05 -52.62
CA HIS X 140 -78.29 10.36 -52.97
C HIS X 140 -77.69 10.79 -54.29
N GLN X 141 -78.33 11.78 -54.91
CA GLN X 141 -77.83 12.39 -56.13
C GLN X 141 -76.56 13.20 -55.87
N PRO X 142 -75.80 13.55 -56.91
CA PRO X 142 -74.55 14.28 -56.69
C PRO X 142 -74.78 15.64 -56.07
N LEU X 143 -73.76 16.13 -55.36
CA LEU X 143 -73.84 17.46 -54.79
C LEU X 143 -72.44 18.08 -54.81
N ILE X 144 -72.42 19.42 -54.85
CA ILE X 144 -71.18 20.19 -54.92
C ILE X 144 -71.07 21.06 -53.67
N SER X 145 -69.82 21.27 -53.22
CA SER X 145 -69.55 22.20 -52.12
C SER X 145 -70.02 23.61 -52.46
N GLY X 146 -69.40 24.22 -53.48
CA GLY X 146 -69.70 25.57 -53.92
C GLY X 146 -68.51 26.28 -54.57
N LEU X 148 -71.68 28.00 -57.12
CA LEU X 148 -70.72 27.63 -58.18
C LEU X 148 -69.83 28.82 -58.60
N GLY X 149 -69.34 28.79 -59.84
CA GLY X 149 -68.23 29.62 -60.28
C GLY X 149 -68.44 30.68 -61.36
N GLY X 150 -67.81 30.50 -62.53
CA GLY X 150 -67.65 31.53 -63.55
C GLY X 150 -68.86 32.01 -64.33
N GLN X 151 -68.67 32.49 -65.56
CA GLN X 151 -69.74 32.97 -66.44
C GLN X 151 -70.92 31.98 -66.63
N ALA X 152 -72.08 32.51 -67.03
CA ALA X 152 -73.27 31.67 -67.23
C ALA X 152 -73.01 30.51 -68.19
N SER X 153 -72.21 30.74 -69.25
CA SER X 153 -71.86 29.63 -70.15
C SER X 153 -71.14 28.51 -69.40
N ASP X 154 -70.22 28.88 -68.51
CA ASP X 154 -69.46 27.89 -67.79
C ASP X 154 -70.34 27.13 -66.80
N ILE X 155 -71.28 27.83 -66.17
CA ILE X 155 -72.19 27.21 -65.23
C ILE X 155 -73.15 26.27 -65.95
N GLU X 156 -73.58 26.66 -67.15
CA GLU X 156 -74.35 25.73 -67.96
C GLU X 156 -73.54 24.47 -68.20
N ILE X 157 -72.25 24.64 -68.53
CA ILE X 157 -71.38 23.50 -68.84
C ILE X 157 -71.31 22.55 -67.65
N HIS X 158 -71.08 23.10 -66.45
CA HIS X 158 -70.88 22.26 -65.28
C HIS X 158 -72.18 21.68 -64.75
N ALA X 159 -73.28 22.42 -64.84
CA ALA X 159 -74.59 21.82 -64.58
C ALA X 159 -74.82 20.62 -65.50
N ARG X 160 -74.52 20.78 -66.78
CA ARG X 160 -74.73 19.69 -67.74
C ARG X 160 -73.85 18.48 -67.41
N GLU X 161 -72.59 18.70 -67.04
CA GLU X 161 -71.74 17.58 -66.66
C GLU X 161 -72.26 16.93 -65.38
N LEU X 162 -72.76 17.75 -64.46
CA LEU X 162 -73.26 17.22 -63.21
C LEU X 162 -74.52 16.38 -63.44
N LEU X 163 -75.40 16.81 -64.34
CA LEU X 163 -76.59 16.01 -64.60
C LEU X 163 -76.24 14.73 -65.33
N LYS X 164 -75.20 14.76 -66.18
CA LYS X 164 -74.71 13.53 -66.80
C LYS X 164 -74.20 12.57 -65.74
N ILE X 165 -73.42 13.06 -64.77
CA ILE X 165 -72.96 12.21 -63.70
C ILE X 165 -74.15 11.67 -62.91
N LYS X 166 -75.10 12.53 -62.60
CA LYS X 166 -76.31 12.11 -61.90
C LYS X 166 -77.02 10.99 -62.66
N GLU X 167 -77.23 11.16 -63.96
CA GLU X 167 -77.93 10.12 -64.71
C GLU X 167 -77.11 8.83 -64.84
N LYS X 168 -75.80 8.92 -65.04
CA LYS X 168 -75.02 7.69 -65.17
C LYS X 168 -75.07 6.85 -63.90
N LEU X 169 -74.95 7.50 -62.73
CA LEU X 169 -74.97 6.81 -61.45
C LEU X 169 -76.33 6.17 -61.19
N ASN X 170 -77.42 6.88 -61.52
CA ASN X 170 -78.74 6.29 -61.37
C ASN X 170 -78.89 5.07 -62.29
N ARG X 171 -78.41 5.18 -63.55
CA ARG X 171 -78.53 4.06 -64.48
C ARG X 171 -77.71 2.87 -63.98
N LEU X 172 -76.44 3.11 -63.64
CA LEU X 172 -75.57 2.04 -63.19
C LEU X 172 -76.06 1.39 -61.90
N MET X 173 -76.51 2.19 -60.95
CA MET X 173 -76.92 1.62 -59.67
C MET X 173 -78.26 0.89 -59.77
N ALA X 174 -79.13 1.31 -60.69
CA ALA X 174 -80.31 0.51 -60.99
C ALA X 174 -79.92 -0.85 -61.56
N LYS X 175 -78.93 -0.90 -62.45
CA LYS X 175 -78.46 -2.19 -62.96
C LYS X 175 -77.90 -3.06 -61.83
N HIS X 176 -77.12 -2.45 -60.92
CA HIS X 176 -76.59 -3.19 -59.77
C HIS X 176 -77.71 -3.74 -58.91
N CYS X 177 -78.82 -3.02 -58.81
CA CYS X 177 -79.93 -3.40 -57.96
C CYS X 177 -81.02 -4.15 -58.72
N ASP X 178 -80.88 -4.34 -60.02
CA ASP X 178 -81.91 -4.97 -60.86
C ASP X 178 -83.27 -4.29 -60.68
N ARG X 179 -83.30 -2.96 -60.83
CA ARG X 179 -84.52 -2.17 -60.69
C ARG X 179 -84.72 -1.24 -61.89
N ASP X 180 -85.89 -0.60 -61.90
CA ASP X 180 -86.17 0.34 -62.97
C ASP X 180 -85.34 1.59 -62.72
N LEU X 181 -84.88 2.19 -63.82
CA LEU X 181 -84.12 3.42 -63.69
C LEU X 181 -84.95 4.47 -62.97
N ALA X 182 -86.26 4.44 -63.18
CA ALA X 182 -87.17 5.39 -62.54
C ALA X 182 -87.15 5.29 -61.02
N ASP X 183 -87.00 4.07 -60.48
CA ASP X 183 -86.91 3.89 -59.04
C ASP X 183 -85.72 4.62 -58.46
N LEU X 184 -84.54 4.46 -59.07
CA LEU X 184 -83.36 5.16 -58.57
C LEU X 184 -83.48 6.66 -58.76
N GLU X 185 -84.13 7.10 -59.84
CA GLU X 185 -84.34 8.53 -60.02
C GLU X 185 -85.16 9.12 -58.89
N ARG X 186 -86.23 8.44 -58.50
CA ARG X 186 -87.02 8.90 -57.37
C ARG X 186 -86.25 8.76 -56.04
N ASP X 187 -85.54 7.66 -55.84
CA ASP X 187 -85.06 7.38 -54.50
C ASP X 187 -83.73 8.00 -54.15
N THR X 188 -83.01 8.59 -55.10
CA THR X 188 -81.80 9.33 -54.78
C THR X 188 -82.04 10.83 -54.84
N ASP X 189 -83.29 11.26 -55.02
CA ASP X 189 -83.56 12.69 -55.12
C ASP X 189 -83.04 13.44 -53.91
N ARG X 190 -83.19 12.86 -52.71
CA ARG X 190 -82.60 13.39 -51.50
C ARG X 190 -81.92 12.25 -50.73
N ASP X 191 -81.27 12.57 -49.61
CA ASP X 191 -80.54 11.56 -48.85
C ASP X 191 -81.46 10.44 -48.44
N ASN X 192 -81.10 9.23 -48.80
CA ASN X 192 -81.92 8.05 -48.59
C ASN X 192 -81.13 7.11 -47.70
N PHE X 193 -81.47 7.11 -46.43
CA PHE X 193 -80.83 6.26 -45.44
C PHE X 193 -81.51 4.90 -45.42
N MET X 194 -80.71 3.85 -45.40
CA MET X 194 -81.23 2.51 -45.41
C MET X 194 -80.56 1.70 -44.32
N SER X 195 -81.37 0.95 -43.59
CA SER X 195 -80.83 -0.12 -42.79
C SER X 195 -80.30 -1.23 -43.70
N ALA X 196 -79.58 -2.16 -43.08
CA ALA X 196 -79.12 -3.34 -43.81
C ALA X 196 -80.30 -4.14 -44.41
N GLU X 197 -81.45 -4.16 -43.73
CA GLU X 197 -82.55 -4.97 -44.22
C GLU X 197 -83.07 -4.30 -45.47
N GLU X 198 -83.17 -2.96 -45.39
CA GLU X 198 -83.65 -2.11 -46.46
C GLU X 198 -82.71 -2.14 -47.67
N ALA X 199 -81.40 -2.23 -47.43
CA ALA X 199 -80.47 -2.28 -48.55
C ALA X 199 -80.58 -3.60 -49.29
N LYS X 200 -80.79 -4.71 -48.56
CA LYS X 200 -80.99 -6.02 -49.18
C LYS X 200 -82.32 -6.07 -49.94
N GLU X 201 -83.37 -5.52 -49.33
CA GLU X 201 -84.65 -5.43 -50.03
C GLU X 201 -84.53 -4.59 -51.30
N TYR X 202 -83.71 -3.53 -51.26
CA TYR X 202 -83.58 -2.62 -52.38
C TYR X 202 -82.78 -3.22 -53.54
N GLY X 203 -81.95 -4.21 -53.25
CA GLY X 203 -81.08 -4.77 -54.24
C GLY X 203 -79.65 -4.31 -54.18
N LEU X 204 -79.27 -3.52 -53.16
CA LEU X 204 -77.92 -2.98 -53.12
C LEU X 204 -76.94 -3.96 -52.52
N ILE X 205 -77.42 -4.88 -51.68
CA ILE X 205 -76.60 -5.96 -51.14
C ILE X 205 -77.36 -7.26 -51.31
N ASP X 206 -76.66 -8.37 -51.05
CA ASP X 206 -77.25 -9.68 -51.20
C ASP X 206 -77.58 -10.38 -49.89
N GLN X 207 -76.93 -10.02 -48.78
CA GLN X 207 -76.99 -10.88 -47.60
C GLN X 207 -76.45 -10.14 -46.38
N ILE X 208 -77.16 -10.25 -45.24
CA ILE X 208 -76.69 -9.72 -43.96
C ILE X 208 -75.95 -10.81 -43.21
N LEU X 209 -74.75 -10.52 -42.75
CA LEU X 209 -73.97 -11.50 -41.98
C LEU X 209 -74.32 -11.44 -40.50
N GLU X 210 -74.44 -12.61 -39.87
CA GLU X 210 -74.66 -12.72 -38.42
C GLU X 210 -73.50 -13.40 -37.72
N ASP Y 36 -42.71 -0.94 -51.30
CA ASP Y 36 -44.16 -0.95 -51.35
C ASP Y 36 -44.63 -1.50 -52.69
N ILE Y 37 -45.89 -1.94 -52.73
CA ILE Y 37 -46.60 -2.43 -53.91
C ILE Y 37 -46.37 -1.53 -55.13
N TYR Y 38 -46.27 -0.22 -54.90
CA TYR Y 38 -46.03 0.71 -56.00
C TYR Y 38 -44.69 0.44 -56.67
N SER Y 39 -43.69 -0.02 -55.92
CA SER Y 39 -42.47 -0.48 -56.55
C SER Y 39 -42.72 -1.73 -57.40
N ARG Y 40 -43.62 -2.58 -56.95
CA ARG Y 40 -43.90 -3.79 -57.71
C ARG Y 40 -44.65 -3.44 -59.00
N LEU Y 41 -45.45 -2.37 -58.97
CA LEU Y 41 -46.04 -1.87 -60.20
C LEU Y 41 -44.98 -1.30 -61.12
N LEU Y 42 -43.96 -0.68 -60.54
CA LEU Y 42 -42.87 -0.16 -61.36
C LEU Y 42 -42.10 -1.29 -62.04
N LYS Y 43 -41.93 -2.44 -61.38
CA LYS Y 43 -41.25 -3.57 -62.04
C LYS Y 43 -42.02 -4.10 -63.23
N GLU Y 44 -43.33 -3.94 -63.27
CA GLU Y 44 -44.08 -4.24 -64.47
C GLU Y 44 -44.12 -3.05 -65.42
N ARG Y 45 -43.30 -2.02 -65.17
CA ARG Y 45 -43.18 -0.82 -66.02
C ARG Y 45 -44.48 0.00 -66.02
N ILE Y 46 -45.11 0.12 -64.85
CA ILE Y 46 -46.27 0.98 -64.68
C ILE Y 46 -45.80 2.24 -63.99
N VAL Y 47 -46.10 3.40 -64.57
CA VAL Y 47 -45.88 4.67 -63.91
C VAL Y 47 -47.24 5.32 -63.71
N PHE Y 48 -47.43 5.88 -62.51
CA PHE Y 48 -48.65 6.52 -62.06
C PHE Y 48 -48.48 8.04 -62.06
N LEU Y 49 -49.55 8.75 -62.41
CA LEU Y 49 -49.69 10.16 -62.07
C LEU Y 49 -51.06 10.34 -61.42
N VAL Y 50 -51.10 10.53 -60.11
CA VAL Y 50 -52.34 10.68 -59.39
C VAL Y 50 -52.36 12.04 -58.73
N GLY Y 51 -53.42 12.80 -58.98
CA GLY Y 51 -53.54 14.14 -58.43
C GLY Y 51 -52.97 15.22 -59.32
N PRO Y 52 -52.77 16.41 -58.73
CA PRO Y 52 -52.36 17.56 -59.54
C PRO Y 52 -50.99 17.35 -60.17
N VAL Y 53 -50.79 17.98 -61.33
CA VAL Y 53 -49.49 17.96 -61.98
C VAL Y 53 -48.67 19.10 -61.36
N THR Y 54 -47.66 18.75 -60.57
CA THR Y 54 -46.78 19.74 -59.98
C THR Y 54 -45.35 19.45 -60.42
N ASP Y 55 -44.46 20.46 -60.22
CA ASP Y 55 -43.04 20.26 -60.53
C ASP Y 55 -42.53 19.00 -59.87
N GLU Y 56 -43.06 18.76 -58.71
CA GLU Y 56 -42.69 17.76 -57.72
C GLU Y 56 -43.20 16.39 -58.16
N SER Y 57 -44.52 16.30 -58.43
CA SER Y 57 -45.08 15.07 -58.99
C SER Y 57 -44.57 14.85 -60.41
N ALA Y 58 -44.37 15.92 -61.18
CA ALA Y 58 -43.90 15.74 -62.56
C ALA Y 58 -42.49 15.16 -62.59
N ASN Y 59 -41.58 15.68 -61.76
CA ASN Y 59 -40.21 15.20 -61.90
C ASN Y 59 -40.08 13.77 -61.40
N LEU Y 60 -40.92 13.34 -60.46
CA LEU Y 60 -40.96 11.93 -60.10
C LEU Y 60 -41.37 11.06 -61.29
N VAL Y 61 -42.37 11.51 -62.05
CA VAL Y 61 -42.75 10.78 -63.25
C VAL Y 61 -41.59 10.79 -64.24
N VAL Y 62 -40.94 11.95 -64.41
CA VAL Y 62 -39.83 12.03 -65.35
C VAL Y 62 -38.72 11.07 -64.94
N ALA Y 63 -38.38 11.07 -63.66
CA ALA Y 63 -37.31 10.20 -63.17
C ALA Y 63 -37.64 8.73 -63.39
N GLN Y 64 -38.90 8.32 -63.13
CA GLN Y 64 -39.26 6.93 -63.34
C GLN Y 64 -39.17 6.54 -64.81
N LEU Y 65 -39.56 7.44 -65.70
CA LEU Y 65 -39.46 7.13 -67.12
C LEU Y 65 -38.01 6.90 -67.51
N LEU Y 66 -37.11 7.79 -67.07
CA LEU Y 66 -35.68 7.62 -67.39
C LEU Y 66 -35.14 6.31 -66.82
N PHE Y 67 -35.54 5.96 -65.60
CA PHE Y 67 -35.09 4.71 -65.01
C PHE Y 67 -35.58 3.53 -65.84
N LEU Y 68 -36.85 3.56 -66.22
CA LEU Y 68 -37.42 2.47 -66.99
C LEU Y 68 -36.76 2.31 -68.35
N GLU Y 69 -36.42 3.43 -69.01
CA GLU Y 69 -35.64 3.30 -70.26
C GLU Y 69 -34.29 2.68 -69.97
N SER Y 70 -33.66 3.09 -68.87
CA SER Y 70 -32.38 2.53 -68.48
C SER Y 70 -32.48 1.02 -68.29
N GLU Y 71 -33.57 0.56 -67.67
CA GLU Y 71 -33.74 -0.87 -67.40
C GLU Y 71 -33.96 -1.67 -68.68
N ASN Y 72 -34.61 -1.09 -69.67
CA ASN Y 72 -34.82 -1.75 -70.94
C ASN Y 72 -35.41 -0.74 -71.92
N PRO Y 73 -34.61 -0.20 -72.84
CA PRO Y 73 -35.12 0.82 -73.76
C PRO Y 73 -36.04 0.29 -74.87
N ASP Y 74 -36.33 -1.00 -74.90
CA ASP Y 74 -37.06 -1.62 -76.00
C ASP Y 74 -38.43 -2.12 -75.59
N LYS Y 75 -38.75 -2.10 -74.29
CA LYS Y 75 -40.04 -2.52 -73.76
C LYS Y 75 -40.90 -1.30 -73.46
N ASP Y 76 -42.19 -1.43 -73.77
CA ASP Y 76 -43.17 -0.38 -73.53
C ASP Y 76 -43.19 0.03 -72.07
N ILE Y 77 -43.67 1.26 -71.84
CA ILE Y 77 -43.96 1.83 -70.54
C ILE Y 77 -45.45 2.11 -70.51
N PHE Y 78 -46.09 1.89 -69.36
CA PHE Y 78 -47.53 2.10 -69.24
C PHE Y 78 -47.77 3.17 -68.18
N PHE Y 79 -48.30 4.32 -68.64
CA PHE Y 79 -48.49 5.52 -67.83
C PHE Y 79 -49.96 5.62 -67.44
N TYR Y 80 -50.25 5.31 -66.17
CA TYR Y 80 -51.61 5.36 -65.65
C TYR Y 80 -51.86 6.76 -65.10
N ILE Y 81 -52.91 7.42 -65.60
CA ILE Y 81 -53.16 8.83 -65.32
C ILE Y 81 -54.54 8.97 -64.68
N ASN Y 82 -54.57 9.58 -63.49
CA ASN Y 82 -55.81 10.02 -62.83
C ASN Y 82 -55.54 11.43 -62.29
N SER Y 83 -55.83 12.45 -63.11
CA SER Y 83 -55.40 13.81 -62.76
C SER Y 83 -56.34 14.92 -63.20
N PRO Y 84 -56.55 15.94 -62.37
CA PRO Y 84 -57.36 17.11 -62.78
C PRO Y 84 -56.60 18.16 -63.55
N GLY Y 85 -55.31 17.99 -63.77
CA GLY Y 85 -54.52 19.01 -64.42
C GLY Y 85 -53.46 19.56 -63.48
N GLY Y 86 -52.97 20.74 -63.79
CA GLY Y 86 -51.98 21.37 -62.98
C GLY Y 86 -51.09 22.27 -63.83
N SER Y 87 -49.81 22.27 -63.47
CA SER Y 87 -48.83 23.16 -64.07
C SER Y 87 -48.59 22.84 -65.54
N VAL Y 88 -48.63 23.85 -66.38
CA VAL Y 88 -48.34 23.62 -67.78
C VAL Y 88 -46.88 23.20 -67.98
N THR Y 89 -45.94 23.93 -67.36
CA THR Y 89 -44.53 23.62 -67.58
C THR Y 89 -44.18 22.27 -67.00
N ALA Y 90 -44.72 21.96 -65.82
CA ALA Y 90 -44.44 20.65 -65.22
C ALA Y 90 -44.95 19.54 -66.13
N GLY Y 91 -46.16 19.70 -66.67
CA GLY Y 91 -46.67 18.70 -67.60
C GLY Y 91 -45.82 18.58 -68.86
N MET Y 92 -45.31 19.71 -69.34
CA MET Y 92 -44.45 19.70 -70.52
C MET Y 92 -43.16 18.92 -70.26
N SER Y 93 -42.64 18.94 -69.03
CA SER Y 93 -41.41 18.19 -68.78
C SER Y 93 -41.68 16.69 -68.89
N ILE Y 94 -42.83 16.22 -68.40
CA ILE Y 94 -43.20 14.83 -68.61
C ILE Y 94 -43.33 14.56 -70.10
N TYR Y 95 -44.07 15.46 -70.79
CA TYR Y 95 -44.35 15.31 -72.21
C TYR Y 95 -43.07 15.11 -73.02
N ASP Y 96 -42.10 16.01 -72.87
CA ASP Y 96 -40.86 15.90 -73.63
C ASP Y 96 -40.12 14.62 -73.30
N THR Y 97 -40.20 14.17 -72.04
CA THR Y 97 -39.58 12.90 -71.66
C THR Y 97 -40.26 11.73 -72.35
N MET Y 98 -41.60 11.75 -72.45
CA MET Y 98 -42.26 10.67 -73.16
C MET Y 98 -41.75 10.56 -74.59
N ASN Y 99 -41.56 11.72 -75.25
CA ASN Y 99 -41.13 11.77 -76.64
C ASN Y 99 -39.64 11.54 -76.81
N PHE Y 100 -38.83 11.78 -75.80
CA PHE Y 100 -37.39 11.64 -76.00
C PHE Y 100 -36.93 10.20 -75.81
N ILE Y 101 -37.51 9.48 -74.83
CA ILE Y 101 -37.03 8.14 -74.51
C ILE Y 101 -37.41 7.19 -75.64
N LYS Y 102 -36.64 6.09 -75.77
CA LYS Y 102 -36.91 5.15 -76.85
C LYS Y 102 -38.21 4.37 -76.67
N PRO Y 103 -38.51 3.80 -75.50
CA PRO Y 103 -39.72 2.99 -75.38
C PRO Y 103 -40.99 3.76 -75.69
N ASP Y 104 -41.93 3.08 -76.34
CA ASP Y 104 -43.28 3.59 -76.47
C ASP Y 104 -43.87 3.83 -75.08
N VAL Y 105 -44.52 4.98 -74.88
CA VAL Y 105 -45.22 5.25 -73.63
C VAL Y 105 -46.72 5.12 -73.88
N SER Y 106 -47.28 4.00 -73.42
CA SER Y 106 -48.73 3.82 -73.43
C SER Y 106 -49.35 4.60 -72.29
N THR Y 107 -50.51 5.21 -72.55
CA THR Y 107 -51.23 5.95 -71.52
C THR Y 107 -52.59 5.33 -71.29
N LEU Y 108 -53.04 5.39 -70.03
CA LEU Y 108 -54.35 4.89 -69.65
C LEU Y 108 -54.99 5.84 -68.67
N CYS Y 109 -56.23 6.23 -68.94
CA CYS Y 109 -56.98 7.10 -68.04
C CYS Y 109 -57.86 6.23 -67.15
N LEU Y 110 -57.71 6.40 -65.83
CA LEU Y 110 -58.61 5.82 -64.86
C LEU Y 110 -59.14 6.94 -63.98
N GLY Y 111 -60.45 6.95 -63.76
CA GLY Y 111 -61.04 8.07 -63.07
C GLY Y 111 -61.20 9.24 -63.99
N GLN Y 112 -60.19 10.10 -64.09
CA GLN Y 112 -60.31 11.25 -64.97
C GLN Y 112 -58.95 11.69 -65.49
N ALA Y 113 -58.99 12.37 -66.62
CA ALA Y 113 -57.83 13.10 -67.15
C ALA Y 113 -58.33 14.44 -67.68
N ALA Y 114 -58.04 15.51 -66.93
CA ALA Y 114 -58.51 16.86 -67.20
C ALA Y 114 -57.32 17.80 -67.38
N SER Y 115 -57.48 18.78 -68.28
CA SER Y 115 -56.47 19.80 -68.55
C SER Y 115 -55.14 19.12 -68.90
N MET Y 116 -54.04 19.49 -68.26
CA MET Y 116 -52.73 18.93 -68.54
C MET Y 116 -52.74 17.40 -68.40
N GLY Y 117 -53.63 16.86 -67.56
CA GLY Y 117 -53.81 15.41 -67.51
C GLY Y 117 -54.39 14.82 -68.79
N ALA Y 118 -55.38 15.48 -69.37
CA ALA Y 118 -55.87 15.04 -70.67
C ALA Y 118 -54.80 15.24 -71.75
N PHE Y 119 -54.04 16.35 -71.67
CA PHE Y 119 -52.96 16.58 -72.61
C PHE Y 119 -51.98 15.42 -72.61
N LEU Y 120 -51.56 15.00 -71.41
CA LEU Y 120 -50.57 13.94 -71.31
C LEU Y 120 -51.16 12.63 -71.77
N LEU Y 121 -52.43 12.40 -71.46
CA LEU Y 121 -53.12 11.22 -71.94
C LEU Y 121 -53.04 11.15 -73.45
N SER Y 122 -53.41 12.24 -74.12
CA SER Y 122 -53.42 12.32 -75.57
C SER Y 122 -52.04 12.18 -76.18
N ALA Y 123 -50.97 12.34 -75.40
CA ALA Y 123 -49.59 12.28 -75.86
C ALA Y 123 -49.03 10.85 -75.90
N GLY Y 124 -49.78 9.85 -75.43
CA GLY Y 124 -49.30 8.50 -75.51
C GLY Y 124 -49.12 8.02 -76.95
N GLU Y 125 -48.38 6.94 -77.08
CA GLU Y 125 -48.12 6.35 -78.39
C GLU Y 125 -49.44 6.06 -79.10
N LYS Y 126 -49.57 6.55 -80.33
CA LYS Y 126 -50.83 6.39 -81.07
C LYS Y 126 -51.11 4.92 -81.25
N GLY Y 127 -52.32 4.48 -80.90
CA GLY Y 127 -52.63 3.07 -80.85
C GLY Y 127 -52.50 2.46 -79.47
N LYS Y 128 -51.93 3.19 -78.52
CA LYS Y 128 -51.72 2.67 -77.18
C LYS Y 128 -52.23 3.67 -76.14
N ARG Y 129 -53.25 4.43 -76.50
CA ARG Y 129 -53.92 5.32 -75.56
C ARG Y 129 -55.26 4.70 -75.19
N PHE Y 130 -55.45 4.41 -73.90
CA PHE Y 130 -56.59 3.66 -73.40
C PHE Y 130 -57.33 4.45 -72.32
N ALA Y 131 -58.60 4.08 -72.11
CA ALA Y 131 -59.41 4.60 -71.01
C ALA Y 131 -60.27 3.49 -70.44
N LEU Y 132 -60.57 3.63 -69.16
CA LEU Y 132 -61.50 2.71 -68.54
C LEU Y 132 -62.93 3.15 -68.86
N PRO Y 133 -63.90 2.23 -68.80
CA PRO Y 133 -65.22 2.53 -69.36
C PRO Y 133 -65.89 3.77 -68.77
N ASN Y 134 -65.69 4.04 -67.49
CA ASN Y 134 -66.36 5.15 -66.83
C ASN Y 134 -65.41 6.29 -66.46
N SER Y 135 -64.20 6.30 -67.02
CA SER Y 135 -63.32 7.45 -66.92
C SER Y 135 -63.89 8.64 -67.71
N ARG Y 136 -63.50 9.85 -67.33
CA ARG Y 136 -63.90 11.04 -68.04
C ARG Y 136 -62.66 11.85 -68.43
N ILE Y 137 -62.76 12.53 -69.57
CA ILE Y 137 -61.70 13.38 -70.09
C ILE Y 137 -62.23 14.80 -70.19
N MET Y 138 -61.38 15.79 -69.84
CA MET Y 138 -61.75 17.18 -70.03
C MET Y 138 -60.57 17.99 -70.55
N ILE Y 139 -60.84 18.86 -71.55
CA ILE Y 139 -59.83 19.71 -72.17
C ILE Y 139 -60.34 21.14 -72.15
N HIS Y 140 -59.43 22.10 -71.99
CA HIS Y 140 -59.82 23.50 -72.00
C HIS Y 140 -58.61 24.40 -72.26
N GLN Y 141 -58.89 25.64 -72.60
CA GLN Y 141 -57.85 26.62 -72.83
C GLN Y 141 -57.21 26.98 -71.50
N PRO Y 142 -56.04 27.62 -71.51
CA PRO Y 142 -55.36 27.92 -70.24
C PRO Y 142 -56.21 28.83 -69.38
N LEU Y 143 -55.93 28.77 -68.07
CA LEU Y 143 -56.70 29.42 -67.02
C LEU Y 143 -55.69 30.10 -66.11
N ILE Y 144 -56.15 31.05 -65.31
CA ILE Y 144 -55.24 31.69 -64.35
C ILE Y 144 -55.94 31.83 -63.00
N SER Y 145 -55.22 31.44 -61.94
CA SER Y 145 -55.61 31.59 -60.52
C SER Y 145 -57.11 31.53 -60.25
N GLY Y 150 -50.05 43.91 -62.05
CA GLY Y 150 -49.08 45.00 -62.27
C GLY Y 150 -49.36 46.12 -63.26
N GLN Y 151 -48.31 46.54 -63.96
CA GLN Y 151 -48.45 47.61 -64.93
C GLN Y 151 -49.07 47.06 -66.21
N ALA Y 152 -49.69 47.95 -66.99
CA ALA Y 152 -50.29 47.54 -68.26
C ALA Y 152 -49.27 46.79 -69.14
N SER Y 153 -48.02 47.26 -69.14
CA SER Y 153 -46.95 46.59 -69.87
C SER Y 153 -46.76 45.17 -69.36
N ASP Y 154 -46.78 44.98 -68.04
CA ASP Y 154 -46.57 43.67 -67.45
C ASP Y 154 -47.75 42.74 -67.74
N ILE Y 155 -48.97 43.29 -67.70
CA ILE Y 155 -50.14 42.47 -67.95
C ILE Y 155 -50.16 42.02 -69.40
N GLU Y 156 -49.79 42.91 -70.33
CA GLU Y 156 -49.68 42.53 -71.74
C GLU Y 156 -48.66 41.42 -71.97
N ILE Y 157 -47.49 41.51 -71.33
CA ILE Y 157 -46.49 40.47 -71.49
C ILE Y 157 -47.04 39.11 -71.06
N HIS Y 158 -47.76 39.08 -69.93
CA HIS Y 158 -48.28 37.82 -69.43
C HIS Y 158 -49.51 37.37 -70.21
N ALA Y 159 -50.31 38.32 -70.69
CA ALA Y 159 -51.36 37.98 -71.65
C ALA Y 159 -50.78 37.35 -72.91
N ARG Y 160 -49.67 37.89 -73.46
CA ARG Y 160 -49.07 37.26 -74.63
C ARG Y 160 -48.54 35.86 -74.32
N GLU Y 161 -47.87 35.70 -73.18
CA GLU Y 161 -47.37 34.38 -72.85
C GLU Y 161 -48.51 33.42 -72.66
N LEU Y 162 -49.62 33.89 -72.09
CA LEU Y 162 -50.76 33.01 -71.90
C LEU Y 162 -51.35 32.59 -73.23
N LEU Y 163 -51.41 33.53 -74.19
CA LEU Y 163 -51.94 33.19 -75.51
C LEU Y 163 -50.98 32.28 -76.28
N LYS Y 164 -49.66 32.47 -76.11
CA LYS Y 164 -48.73 31.54 -76.75
C LYS Y 164 -48.94 30.11 -76.24
N ILE Y 165 -49.11 29.98 -74.91
CA ILE Y 165 -49.36 28.67 -74.32
C ILE Y 165 -50.66 28.08 -74.84
N LYS Y 166 -51.70 28.90 -74.91
CA LYS Y 166 -52.98 28.45 -75.47
C LYS Y 166 -52.82 27.94 -76.89
N GLU Y 167 -52.18 28.73 -77.74
CA GLU Y 167 -52.02 28.29 -79.12
C GLU Y 167 -51.14 27.06 -79.20
N LYS Y 168 -50.07 27.02 -78.39
CA LYS Y 168 -49.20 25.85 -78.42
C LYS Y 168 -49.99 24.60 -78.05
N LEU Y 169 -50.78 24.68 -76.97
CA LEU Y 169 -51.51 23.50 -76.51
C LEU Y 169 -52.54 23.07 -77.54
N ASN Y 170 -53.23 24.04 -78.15
CA ASN Y 170 -54.20 23.71 -79.20
C ASN Y 170 -53.54 23.04 -80.40
N ARG Y 171 -52.37 23.55 -80.84
CA ARG Y 171 -51.72 22.94 -81.99
C ARG Y 171 -51.29 21.51 -81.67
N LEU Y 172 -50.63 21.32 -80.54
CA LEU Y 172 -50.16 20.00 -80.16
C LEU Y 172 -51.30 19.00 -80.00
N MET Y 173 -52.41 19.45 -79.42
CA MET Y 173 -53.53 18.54 -79.22
C MET Y 173 -54.17 18.17 -80.55
N ALA Y 174 -54.15 19.10 -81.51
CA ALA Y 174 -54.58 18.80 -82.87
C ALA Y 174 -53.70 17.72 -83.50
N LYS Y 175 -52.39 17.79 -83.28
CA LYS Y 175 -51.50 16.74 -83.76
C LYS Y 175 -51.79 15.40 -83.08
N HIS Y 176 -52.00 15.41 -81.74
CA HIS Y 176 -52.29 14.18 -81.01
C HIS Y 176 -53.59 13.53 -81.51
N CYS Y 177 -54.61 14.36 -81.80
CA CYS Y 177 -55.94 13.90 -82.14
C CYS Y 177 -56.18 13.76 -83.64
N ASP Y 178 -55.18 14.07 -84.46
CA ASP Y 178 -55.31 14.09 -85.92
C ASP Y 178 -56.48 14.96 -86.36
N ARG Y 179 -56.50 16.18 -85.85
CA ARG Y 179 -57.58 17.08 -86.20
C ARG Y 179 -57.06 18.41 -86.70
N ASP Y 180 -58.00 19.23 -87.15
CA ASP Y 180 -57.65 20.56 -87.61
C ASP Y 180 -57.50 21.46 -86.40
N LEU Y 181 -56.56 22.42 -86.51
CA LEU Y 181 -56.37 23.38 -85.42
C LEU Y 181 -57.67 24.09 -85.10
N ALA Y 182 -58.50 24.34 -86.13
CA ALA Y 182 -59.77 25.01 -85.91
C ALA Y 182 -60.66 24.22 -84.99
N ASP Y 183 -60.61 22.88 -85.07
CA ASP Y 183 -61.41 22.07 -84.16
C ASP Y 183 -61.04 22.36 -82.71
N LEU Y 184 -59.74 22.27 -82.39
CA LEU Y 184 -59.29 22.42 -81.01
C LEU Y 184 -59.47 23.85 -80.50
N GLU Y 185 -59.30 24.83 -81.38
CA GLU Y 185 -59.54 26.21 -80.94
C GLU Y 185 -61.00 26.38 -80.51
N ARG Y 186 -61.92 25.87 -81.32
CA ARG Y 186 -63.33 25.91 -80.97
C ARG Y 186 -63.65 25.00 -79.78
N ASP Y 187 -63.04 23.83 -79.71
CA ASP Y 187 -63.45 22.83 -78.73
C ASP Y 187 -62.82 23.00 -77.36
N THR Y 188 -61.80 23.84 -77.21
CA THR Y 188 -61.27 24.12 -75.89
C THR Y 188 -61.65 25.49 -75.38
N ASP Y 189 -62.48 26.24 -76.12
CA ASP Y 189 -62.80 27.60 -75.69
C ASP Y 189 -63.32 27.64 -74.26
N ARG Y 190 -64.15 26.65 -73.89
CA ARG Y 190 -64.60 26.47 -72.51
C ARG Y 190 -64.38 25.02 -72.09
N ASP Y 191 -64.68 24.72 -70.82
CA ASP Y 191 -64.48 23.37 -70.31
C ASP Y 191 -65.27 22.38 -71.14
N ASN Y 192 -64.59 21.37 -71.66
CA ASN Y 192 -65.15 20.39 -72.58
C ASN Y 192 -65.01 19.00 -71.96
N PHE Y 193 -66.10 18.50 -71.37
CA PHE Y 193 -66.13 17.17 -70.75
C PHE Y 193 -66.47 16.11 -71.79
N MET Y 194 -65.71 15.02 -71.79
CA MET Y 194 -65.91 13.94 -72.75
C MET Y 194 -65.89 12.61 -72.01
N SER Y 195 -66.85 11.77 -72.32
CA SER Y 195 -66.88 10.37 -71.92
C SER Y 195 -65.78 9.61 -72.65
N ALA Y 196 -65.54 8.37 -72.18
CA ALA Y 196 -64.59 7.51 -72.84
C ALA Y 196 -64.94 7.29 -74.31
N GLU Y 197 -66.24 7.15 -74.62
CA GLU Y 197 -66.53 6.79 -76.00
C GLU Y 197 -66.26 8.04 -76.87
N GLU Y 198 -66.61 9.21 -76.33
CA GLU Y 198 -66.35 10.49 -76.99
C GLU Y 198 -64.85 10.79 -77.11
N ALA Y 199 -64.03 10.37 -76.14
CA ALA Y 199 -62.61 10.64 -76.26
C ALA Y 199 -62.00 9.82 -77.39
N LYS Y 200 -62.43 8.57 -77.54
CA LYS Y 200 -61.95 7.76 -78.66
C LYS Y 200 -62.43 8.34 -79.99
N GLU Y 201 -63.68 8.77 -80.05
CA GLU Y 201 -64.19 9.37 -81.27
C GLU Y 201 -63.43 10.64 -81.63
N TYR Y 202 -62.99 11.38 -80.63
CA TYR Y 202 -62.32 12.63 -80.90
C TYR Y 202 -60.90 12.44 -81.42
N GLY Y 203 -60.30 11.27 -81.19
CA GLY Y 203 -58.91 11.05 -81.55
C GLY Y 203 -57.97 11.18 -80.38
N LEU Y 204 -58.51 11.37 -79.18
CA LEU Y 204 -57.73 11.67 -77.98
C LEU Y 204 -57.21 10.43 -77.28
N ILE Y 205 -57.93 9.32 -77.43
CA ILE Y 205 -57.49 7.99 -77.05
C ILE Y 205 -57.82 7.08 -78.23
N ASP Y 206 -57.31 5.85 -78.18
CA ASP Y 206 -57.52 4.89 -79.24
C ASP Y 206 -58.48 3.75 -78.89
N GLN Y 207 -58.60 3.39 -77.62
CA GLN Y 207 -59.32 2.17 -77.29
C GLN Y 207 -59.83 2.21 -75.84
N ILE Y 208 -61.06 1.72 -75.64
CA ILE Y 208 -61.68 1.59 -74.32
C ILE Y 208 -61.53 0.15 -73.85
N LEU Y 209 -61.04 -0.04 -72.62
CA LEU Y 209 -60.84 -1.38 -72.09
C LEU Y 209 -62.13 -1.97 -71.56
N GLU Y 210 -62.55 -3.11 -72.11
CA GLU Y 210 -63.79 -3.78 -71.74
C GLU Y 210 -63.49 -5.17 -71.21
N ASN Y 211 -63.83 -5.42 -69.95
CA ASN Y 211 -63.79 -6.81 -69.45
C ASN Y 211 -64.80 -7.02 -68.34
N ASP Z 36 -32.83 5.33 -53.59
CA ASP Z 36 -34.04 5.44 -54.40
C ASP Z 36 -33.66 5.96 -55.79
N ILE Z 37 -34.64 6.46 -56.53
CA ILE Z 37 -34.39 6.81 -57.93
C ILE Z 37 -33.49 8.04 -58.05
N TYR Z 38 -33.67 9.03 -57.20
CA TYR Z 38 -32.86 10.24 -57.34
C TYR Z 38 -31.39 9.97 -57.09
N SER Z 39 -31.07 9.13 -56.10
CA SER Z 39 -29.69 8.70 -55.89
C SER Z 39 -29.20 7.81 -57.03
N ARG Z 40 -30.13 7.06 -57.66
CA ARG Z 40 -29.71 6.25 -58.80
C ARG Z 40 -29.33 7.16 -59.97
N LEU Z 41 -30.00 8.30 -60.08
CA LEU Z 41 -29.62 9.31 -61.06
C LEU Z 41 -28.28 9.94 -60.71
N LEU Z 42 -28.00 10.09 -59.41
CA LEU Z 42 -26.72 10.64 -58.98
C LEU Z 42 -25.55 9.72 -59.33
N LYS Z 43 -25.78 8.40 -59.40
CA LYS Z 43 -24.68 7.51 -59.77
C LYS Z 43 -24.18 7.80 -61.15
N GLU Z 44 -25.04 8.26 -62.05
CA GLU Z 44 -24.63 8.65 -63.39
C GLU Z 44 -24.27 10.12 -63.47
N ARG Z 45 -24.05 10.77 -62.32
CA ARG Z 45 -23.58 12.16 -62.27
C ARG Z 45 -24.64 13.15 -62.76
N ILE Z 46 -25.91 12.85 -62.46
CA ILE Z 46 -27.04 13.73 -62.73
C ILE Z 46 -27.44 14.41 -61.42
N VAL Z 47 -27.50 15.74 -61.44
CA VAL Z 47 -27.97 16.52 -60.31
C VAL Z 47 -29.22 17.31 -60.72
N PHE Z 48 -30.21 17.31 -59.83
CA PHE Z 48 -31.48 17.98 -60.04
C PHE Z 48 -31.57 19.28 -59.24
N LEU Z 49 -32.21 20.29 -59.81
CA LEU Z 49 -32.74 21.41 -59.06
C LEU Z 49 -34.21 21.54 -59.48
N VAL Z 50 -35.13 21.13 -58.61
CA VAL Z 50 -36.55 21.17 -58.92
C VAL Z 50 -37.23 22.09 -57.92
N GLY Z 51 -37.92 23.11 -58.42
CA GLY Z 51 -38.59 24.08 -57.58
C GLY Z 51 -37.73 25.27 -57.26
N PRO Z 52 -38.13 26.05 -56.24
CA PRO Z 52 -37.47 27.32 -55.97
C PRO Z 52 -36.01 27.12 -55.57
N VAL Z 53 -35.21 28.15 -55.85
CA VAL Z 53 -33.82 28.19 -55.41
C VAL Z 53 -33.80 28.79 -54.00
N THR Z 54 -33.55 27.96 -53.00
CA THR Z 54 -33.44 28.38 -51.60
C THR Z 54 -32.08 28.01 -51.05
N ASP Z 55 -31.74 28.51 -49.86
CA ASP Z 55 -30.47 28.14 -49.27
C ASP Z 55 -30.29 26.62 -49.18
N GLU Z 56 -31.32 25.88 -48.79
CA GLU Z 56 -31.12 24.43 -48.69
C GLU Z 56 -31.22 23.71 -50.02
N SER Z 57 -32.13 24.09 -50.93
CA SER Z 57 -32.04 23.42 -52.22
C SER Z 57 -30.69 23.74 -52.86
N ALA Z 58 -30.17 24.95 -52.66
CA ALA Z 58 -28.86 25.32 -53.21
C ALA Z 58 -27.74 24.50 -52.57
N ASN Z 59 -27.74 24.39 -51.25
CA ASN Z 59 -26.62 23.71 -50.61
C ASN Z 59 -26.67 22.20 -50.84
N LEU Z 60 -27.85 21.63 -51.05
CA LEU Z 60 -27.90 20.24 -51.52
C LEU Z 60 -27.23 20.09 -52.88
N VAL Z 61 -27.46 21.02 -53.80
CA VAL Z 61 -26.83 20.96 -55.10
C VAL Z 61 -25.33 21.15 -54.96
N VAL Z 62 -24.90 22.11 -54.14
CA VAL Z 62 -23.47 22.35 -53.99
C VAL Z 62 -22.81 21.11 -53.41
N ALA Z 63 -23.46 20.47 -52.44
CA ALA Z 63 -22.91 19.27 -51.85
C ALA Z 63 -22.79 18.15 -52.88
N GLN Z 64 -23.79 17.99 -53.75
CA GLN Z 64 -23.68 16.95 -54.77
C GLN Z 64 -22.58 17.29 -55.77
N LEU Z 65 -22.45 18.56 -56.14
CA LEU Z 65 -21.40 18.94 -57.08
C LEU Z 65 -20.02 18.63 -56.51
N LEU Z 66 -19.78 19.01 -55.25
CA LEU Z 66 -18.49 18.68 -54.62
C LEU Z 66 -18.31 17.17 -54.51
N PHE Z 67 -19.40 16.44 -54.22
CA PHE Z 67 -19.32 15.00 -54.13
C PHE Z 67 -18.95 14.40 -55.48
N LEU Z 68 -19.63 14.81 -56.54
CA LEU Z 68 -19.36 14.21 -57.83
C LEU Z 68 -17.93 14.49 -58.30
N GLU Z 69 -17.44 15.72 -58.06
CA GLU Z 69 -16.04 16.03 -58.39
C GLU Z 69 -15.13 15.13 -57.59
N SER Z 70 -15.46 14.93 -56.31
CA SER Z 70 -14.69 14.04 -55.46
C SER Z 70 -14.67 12.63 -56.03
N GLU Z 71 -15.79 12.17 -56.58
CA GLU Z 71 -15.85 10.81 -57.13
C GLU Z 71 -15.04 10.66 -58.41
N ASN Z 72 -14.94 11.72 -59.20
CA ASN Z 72 -14.16 11.74 -60.43
C ASN Z 72 -14.04 13.18 -60.88
N PRO Z 73 -12.89 13.83 -60.67
CA PRO Z 73 -12.77 15.24 -61.07
C PRO Z 73 -12.66 15.45 -62.56
N ASP Z 74 -12.77 14.40 -63.38
CA ASP Z 74 -12.51 14.49 -64.81
C ASP Z 74 -13.67 14.14 -65.73
N LYS Z 75 -14.82 13.73 -65.21
CA LYS Z 75 -16.00 13.47 -66.03
C LYS Z 75 -17.01 14.59 -65.91
N ASP Z 76 -17.70 14.87 -67.02
CA ASP Z 76 -18.77 15.86 -67.02
C ASP Z 76 -19.85 15.52 -65.97
N ILE Z 77 -20.51 16.57 -65.50
CA ILE Z 77 -21.67 16.49 -64.61
C ILE Z 77 -22.87 17.09 -65.34
N PHE Z 78 -24.05 16.51 -65.10
CA PHE Z 78 -25.25 16.94 -65.81
C PHE Z 78 -26.27 17.49 -64.82
N PHE Z 79 -26.53 18.80 -64.93
CA PHE Z 79 -27.37 19.56 -64.02
C PHE Z 79 -28.72 19.80 -64.67
N TYR Z 80 -29.73 19.08 -64.22
CA TYR Z 80 -31.10 19.21 -64.74
C TYR Z 80 -31.87 20.24 -63.92
N ILE Z 81 -32.44 21.23 -64.60
CA ILE Z 81 -33.07 22.37 -63.94
C ILE Z 81 -34.52 22.48 -64.37
N ASN Z 82 -35.44 22.45 -63.39
CA ASN Z 82 -36.84 22.81 -63.57
C ASN Z 82 -37.20 23.69 -62.39
N SER Z 83 -37.02 25.01 -62.55
CA SER Z 83 -37.11 25.94 -61.45
C SER Z 83 -37.70 27.29 -61.84
N PRO Z 84 -38.56 27.87 -60.99
CA PRO Z 84 -39.08 29.23 -61.23
C PRO Z 84 -38.19 30.36 -60.74
N GLY Z 85 -37.07 30.06 -60.09
CA GLY Z 85 -36.20 31.07 -59.54
C GLY Z 85 -36.07 30.99 -58.03
N GLY Z 86 -35.59 32.06 -57.40
CA GLY Z 86 -35.46 32.09 -55.95
C GLY Z 86 -34.34 33.02 -55.50
N SER Z 87 -33.66 32.62 -54.43
CA SER Z 87 -32.67 33.47 -53.77
C SER Z 87 -31.48 33.69 -54.69
N VAL Z 88 -31.11 34.96 -54.88
CA VAL Z 88 -29.94 35.27 -55.71
C VAL Z 88 -28.67 34.77 -55.03
N THR Z 89 -28.53 35.00 -53.71
CA THR Z 89 -27.32 34.54 -53.04
C THR Z 89 -27.26 33.02 -53.05
N ALA Z 90 -28.41 32.35 -52.85
CA ALA Z 90 -28.42 30.90 -52.89
C ALA Z 90 -27.99 30.39 -54.26
N GLY Z 91 -28.46 31.04 -55.33
CA GLY Z 91 -28.04 30.67 -56.67
C GLY Z 91 -26.58 30.93 -56.96
N MET Z 92 -26.05 32.05 -56.45
CA MET Z 92 -24.64 32.37 -56.64
C MET Z 92 -23.74 31.31 -56.03
N SER Z 93 -24.16 30.70 -54.93
CA SER Z 93 -23.32 29.64 -54.36
C SER Z 93 -23.23 28.44 -55.31
N ILE Z 94 -24.35 28.08 -55.95
CA ILE Z 94 -24.33 27.02 -56.96
C ILE Z 94 -23.45 27.43 -58.13
N TYR Z 95 -23.69 28.66 -58.62
CA TYR Z 95 -22.94 29.21 -59.75
C TYR Z 95 -21.44 29.17 -59.52
N ASP Z 96 -20.98 29.71 -58.37
CA ASP Z 96 -19.54 29.68 -58.10
C ASP Z 96 -19.02 28.26 -57.99
N THR Z 97 -19.83 27.33 -57.46
CA THR Z 97 -19.41 25.94 -57.38
C THR Z 97 -19.27 25.31 -58.76
N MET Z 98 -20.21 25.59 -59.66
CA MET Z 98 -20.14 25.06 -61.02
C MET Z 98 -18.83 25.50 -61.69
N ASN Z 99 -18.45 26.76 -61.51
CA ASN Z 99 -17.25 27.29 -62.13
C ASN Z 99 -15.97 26.88 -61.43
N PHE Z 100 -16.05 26.51 -60.14
CA PHE Z 100 -14.84 26.19 -59.41
C PHE Z 100 -14.39 24.76 -59.67
N ILE Z 101 -15.33 23.83 -59.69
CA ILE Z 101 -14.92 22.43 -59.76
C ILE Z 101 -14.30 22.18 -61.13
N LYS Z 102 -13.45 21.16 -61.17
CA LYS Z 102 -12.79 20.81 -62.41
C LYS Z 102 -13.76 20.30 -63.48
N PRO Z 103 -14.70 19.39 -63.18
CA PRO Z 103 -15.57 18.85 -64.24
C PRO Z 103 -16.39 19.93 -64.92
N ASP Z 104 -16.58 19.76 -66.22
CA ASP Z 104 -17.59 20.52 -66.93
C ASP Z 104 -18.97 20.21 -66.35
N VAL Z 105 -19.76 21.25 -66.12
CA VAL Z 105 -21.15 21.09 -65.71
C VAL Z 105 -22.03 21.41 -66.90
N SER Z 106 -22.57 20.36 -67.50
CA SER Z 106 -23.63 20.47 -68.49
C SER Z 106 -24.93 20.79 -67.78
N THR Z 107 -25.73 21.67 -68.37
CA THR Z 107 -27.05 22.01 -67.85
C THR Z 107 -28.13 21.65 -68.86
N LEU Z 108 -29.28 21.26 -68.33
CA LEU Z 108 -30.42 20.97 -69.19
C LEU Z 108 -31.69 21.49 -68.52
N CYS Z 109 -32.51 22.19 -69.30
CA CYS Z 109 -33.79 22.70 -68.83
C CYS Z 109 -34.90 21.74 -69.26
N LEU Z 110 -35.67 21.27 -68.29
CA LEU Z 110 -36.91 20.57 -68.60
C LEU Z 110 -38.06 21.23 -67.83
N GLY Z 111 -39.18 21.41 -68.52
CA GLY Z 111 -40.27 22.16 -67.95
C GLY Z 111 -39.99 23.63 -68.12
N GLN Z 112 -39.29 24.24 -67.17
CA GLN Z 112 -38.94 25.64 -67.27
C GLN Z 112 -37.68 25.95 -66.47
N ALA Z 113 -37.01 27.03 -66.87
CA ALA Z 113 -35.93 27.62 -66.11
C ALA Z 113 -36.17 29.12 -66.13
N ALA Z 114 -36.57 29.67 -64.99
CA ALA Z 114 -36.95 31.07 -64.88
C ALA Z 114 -36.06 31.76 -63.86
N SER Z 115 -35.79 33.04 -64.11
CA SER Z 115 -35.03 33.90 -63.21
C SER Z 115 -33.71 33.19 -62.87
N MET Z 116 -33.39 33.01 -61.59
CA MET Z 116 -32.12 32.40 -61.21
C MET Z 116 -32.00 31.00 -61.79
N GLY Z 117 -33.13 30.33 -62.06
CA GLY Z 117 -33.08 29.06 -62.77
C GLY Z 117 -32.56 29.24 -64.18
N ALA Z 118 -33.00 30.31 -64.86
CA ALA Z 118 -32.43 30.65 -66.16
C ALA Z 118 -30.98 31.09 -66.01
N PHE Z 119 -30.65 31.80 -64.93
CA PHE Z 119 -29.26 32.14 -64.71
C PHE Z 119 -28.39 30.88 -64.65
N LEU Z 120 -28.79 29.91 -63.80
CA LEU Z 120 -27.96 28.72 -63.63
C LEU Z 120 -27.91 27.89 -64.91
N LEU Z 121 -29.01 27.83 -65.66
CA LEU Z 121 -29.00 27.16 -66.96
C LEU Z 121 -27.97 27.75 -67.90
N SER Z 122 -27.95 29.08 -68.03
CA SER Z 122 -27.03 29.72 -68.96
C SER Z 122 -25.59 29.56 -68.52
N ALA Z 123 -25.37 29.21 -67.26
CA ALA Z 123 -24.05 29.13 -66.68
C ALA Z 123 -23.35 27.80 -66.97
N GLY Z 124 -24.02 26.86 -67.64
CA GLY Z 124 -23.42 25.59 -67.97
C GLY Z 124 -22.24 25.75 -68.91
N GLU Z 125 -21.46 24.67 -69.02
CA GLU Z 125 -20.34 24.68 -69.94
C GLU Z 125 -20.82 25.00 -71.35
N LYS Z 126 -20.17 25.98 -71.98
CA LYS Z 126 -20.59 26.37 -73.31
C LYS Z 126 -20.39 25.21 -74.27
N GLY Z 127 -21.43 24.90 -75.03
CA GLY Z 127 -21.48 23.69 -75.81
C GLY Z 127 -22.25 22.57 -75.17
N LYS Z 128 -22.59 22.71 -73.87
CA LYS Z 128 -23.21 21.63 -73.12
C LYS Z 128 -24.44 22.12 -72.35
N ARG Z 129 -25.10 23.15 -72.86
CA ARG Z 129 -26.34 23.68 -72.30
C ARG Z 129 -27.52 23.30 -73.17
N PHE Z 130 -28.44 22.52 -72.63
CA PHE Z 130 -29.51 21.95 -73.42
C PHE Z 130 -30.87 22.34 -72.84
N ALA Z 131 -31.88 22.21 -73.69
CA ALA Z 131 -33.27 22.33 -73.29
C ALA Z 131 -34.13 21.34 -74.06
N LEU Z 132 -35.21 20.91 -73.44
CA LEU Z 132 -36.15 20.06 -74.11
C LEU Z 132 -37.09 20.91 -74.96
N PRO Z 133 -37.72 20.32 -75.99
CA PRO Z 133 -38.38 21.13 -77.03
C PRO Z 133 -39.42 22.09 -76.53
N ASN Z 134 -40.15 21.73 -75.47
CA ASN Z 134 -41.24 22.56 -75.00
C ASN Z 134 -40.90 23.24 -73.69
N SER Z 135 -39.60 23.25 -73.36
CA SER Z 135 -39.10 24.01 -72.24
C SER Z 135 -39.36 25.50 -72.45
N ARG Z 136 -39.42 26.19 -71.34
CA ARG Z 136 -39.62 27.62 -71.32
C ARG Z 136 -38.52 28.24 -70.47
N ILE Z 137 -37.95 29.32 -70.97
CA ILE Z 137 -36.93 30.08 -70.26
C ILE Z 137 -37.55 31.44 -69.98
N MET Z 138 -37.27 32.00 -68.81
CA MET Z 138 -37.70 33.36 -68.52
C MET Z 138 -36.59 34.09 -67.77
N ILE Z 139 -36.37 35.34 -68.18
CA ILE Z 139 -35.37 36.19 -67.54
C ILE Z 139 -36.02 37.53 -67.20
N HIS Z 140 -35.60 38.10 -66.07
CA HIS Z 140 -36.13 39.40 -65.67
C HIS Z 140 -35.17 40.01 -64.67
N GLN Z 141 -35.31 41.32 -64.47
CA GLN Z 141 -34.50 42.03 -63.49
C GLN Z 141 -34.96 41.67 -62.08
N PRO Z 142 -34.14 41.95 -61.06
CA PRO Z 142 -34.54 41.58 -59.70
C PRO Z 142 -35.80 42.33 -59.28
N LEU Z 143 -36.58 41.69 -58.41
CA LEU Z 143 -37.76 42.33 -57.84
C LEU Z 143 -37.92 41.89 -56.38
N ILE Z 144 -38.57 42.74 -55.59
CA ILE Z 144 -38.66 42.62 -54.13
C ILE Z 144 -40.12 42.80 -53.70
N SER Z 145 -40.47 42.22 -52.56
CA SER Z 145 -41.80 42.41 -51.96
C SER Z 145 -41.83 43.52 -50.88
N GLY Z 149 -36.09 49.54 -46.21
CA GLY Z 149 -37.40 49.75 -45.63
C GLY Z 149 -37.46 50.89 -44.64
N GLY Z 150 -36.42 51.07 -43.83
CA GLY Z 150 -36.44 52.08 -42.78
C GLY Z 150 -36.27 53.54 -43.20
N GLN Z 151 -35.15 54.13 -42.78
CA GLN Z 151 -34.83 55.51 -43.09
C GLN Z 151 -34.40 55.66 -44.56
N ALA Z 152 -34.52 56.90 -45.06
CA ALA Z 152 -34.11 57.17 -46.42
C ALA Z 152 -32.64 56.78 -46.66
N SER Z 153 -31.79 56.99 -45.66
CA SER Z 153 -30.41 56.53 -45.77
C SER Z 153 -30.35 55.03 -45.97
N ASP Z 154 -31.19 54.29 -45.25
CA ASP Z 154 -31.19 52.82 -45.33
C ASP Z 154 -31.78 52.35 -46.66
N ILE Z 155 -32.84 53.02 -47.14
CA ILE Z 155 -33.45 52.65 -48.40
C ILE Z 155 -32.49 52.90 -49.55
N GLU Z 156 -31.73 53.99 -49.47
CA GLU Z 156 -30.69 54.22 -50.48
C GLU Z 156 -29.69 53.08 -50.52
N ILE Z 157 -29.17 52.65 -49.36
CA ILE Z 157 -28.17 51.58 -49.36
C ILE Z 157 -28.72 50.31 -50.02
N HIS Z 158 -29.98 49.94 -49.70
CA HIS Z 158 -30.51 48.68 -50.23
C HIS Z 158 -30.91 48.80 -51.70
N ALA Z 159 -31.43 49.96 -52.12
CA ALA Z 159 -31.66 50.22 -53.54
C ALA Z 159 -30.37 50.12 -54.36
N ARG Z 160 -29.27 50.73 -53.87
CA ARG Z 160 -28.01 50.67 -54.61
C ARG Z 160 -27.52 49.23 -54.71
N GLU Z 161 -27.63 48.48 -53.62
CA GLU Z 161 -27.24 47.07 -53.62
C GLU Z 161 -28.11 46.26 -54.56
N LEU Z 162 -29.40 46.60 -54.65
CA LEU Z 162 -30.28 45.91 -55.57
C LEU Z 162 -29.85 46.16 -57.01
N LEU Z 163 -29.43 47.39 -57.33
CA LEU Z 163 -28.96 47.70 -58.68
C LEU Z 163 -27.61 47.06 -58.99
N LYS Z 164 -26.71 46.97 -58.01
CA LYS Z 164 -25.47 46.22 -58.23
C LYS Z 164 -25.78 44.77 -58.54
N ILE Z 165 -26.67 44.15 -57.77
CA ILE Z 165 -27.07 42.77 -58.09
C ILE Z 165 -27.65 42.72 -59.47
N LYS Z 166 -28.51 43.69 -59.80
CA LYS Z 166 -29.07 43.78 -61.15
C LYS Z 166 -27.96 43.91 -62.19
N GLU Z 167 -26.99 44.78 -61.93
CA GLU Z 167 -25.92 44.95 -62.90
C GLU Z 167 -25.05 43.71 -62.99
N LYS Z 168 -24.75 43.09 -61.84
CA LYS Z 168 -23.91 41.88 -61.85
C LYS Z 168 -24.60 40.74 -62.63
N LEU Z 169 -25.90 40.52 -62.39
CA LEU Z 169 -26.58 39.43 -63.07
C LEU Z 169 -26.64 39.67 -64.58
N ASN Z 170 -26.95 40.90 -64.99
CA ASN Z 170 -26.98 41.19 -66.41
C ASN Z 170 -25.61 41.01 -67.05
N ARG Z 171 -24.54 41.48 -66.40
CA ARG Z 171 -23.22 41.34 -67.00
C ARG Z 171 -22.81 39.88 -67.10
N LEU Z 172 -22.98 39.10 -66.02
CA LEU Z 172 -22.62 37.69 -66.06
C LEU Z 172 -23.43 36.93 -67.12
N MET Z 173 -24.73 37.23 -67.21
CA MET Z 173 -25.53 36.54 -68.22
C MET Z 173 -25.16 36.99 -69.63
N ALA Z 174 -24.73 38.25 -69.79
CA ALA Z 174 -24.25 38.72 -71.09
C ALA Z 174 -23.05 37.92 -71.56
N LYS Z 175 -22.09 37.64 -70.65
CA LYS Z 175 -20.96 36.78 -71.00
C LYS Z 175 -21.42 35.37 -71.37
N HIS Z 176 -22.38 34.82 -70.64
CA HIS Z 176 -22.87 33.47 -70.95
C HIS Z 176 -23.43 33.39 -72.37
N CYS Z 177 -24.06 34.46 -72.86
CA CYS Z 177 -24.73 34.52 -74.15
C CYS Z 177 -23.86 35.12 -75.25
N ASP Z 178 -22.63 35.52 -74.92
CA ASP Z 178 -21.75 36.27 -75.82
C ASP Z 178 -22.47 37.48 -76.39
N ARG Z 179 -23.10 38.25 -75.50
CA ARG Z 179 -23.81 39.47 -75.81
C ARG Z 179 -23.30 40.54 -74.86
N ASP Z 180 -23.93 41.70 -74.79
CA ASP Z 180 -23.47 42.80 -73.94
C ASP Z 180 -24.39 43.04 -72.75
N LEU Z 181 -23.81 43.64 -71.69
CA LEU Z 181 -24.60 44.08 -70.54
C LEU Z 181 -25.80 44.94 -70.94
N ALA Z 182 -25.62 45.83 -71.92
CA ALA Z 182 -26.72 46.71 -72.32
C ALA Z 182 -27.86 45.91 -72.92
N ASP Z 183 -27.51 44.82 -73.63
CA ASP Z 183 -28.50 43.92 -74.21
C ASP Z 183 -29.36 43.30 -73.12
N LEU Z 184 -28.71 42.76 -72.09
CA LEU Z 184 -29.42 42.11 -70.99
C LEU Z 184 -30.22 43.12 -70.18
N GLU Z 185 -29.75 44.37 -70.05
CA GLU Z 185 -30.56 45.38 -69.39
C GLU Z 185 -31.84 45.65 -70.15
N ARG Z 186 -31.75 45.74 -71.48
CA ARG Z 186 -32.95 45.94 -72.28
C ARG Z 186 -33.87 44.73 -72.16
N ASP Z 187 -33.32 43.52 -72.23
CA ASP Z 187 -34.15 42.33 -72.36
C ASP Z 187 -34.57 41.74 -71.03
N THR Z 188 -34.10 42.24 -69.89
CA THR Z 188 -34.64 41.82 -68.59
C THR Z 188 -35.50 42.88 -67.94
N ASP Z 189 -35.70 44.02 -68.61
CA ASP Z 189 -36.42 45.11 -67.99
C ASP Z 189 -37.79 44.68 -67.52
N ARG Z 190 -38.47 43.84 -68.31
CA ARG Z 190 -39.71 43.21 -67.90
C ARG Z 190 -39.61 41.71 -68.18
N ASP Z 191 -40.61 40.95 -67.74
CA ASP Z 191 -40.55 39.51 -67.86
C ASP Z 191 -40.37 39.10 -69.32
N ASN Z 192 -39.33 38.33 -69.59
CA ASN Z 192 -38.96 37.94 -70.95
C ASN Z 192 -39.03 36.41 -71.05
N PHE Z 193 -40.13 35.94 -71.60
CA PHE Z 193 -40.37 34.53 -71.81
C PHE Z 193 -39.80 34.13 -73.17
N MET Z 194 -39.13 33.01 -73.21
CA MET Z 194 -38.49 32.53 -74.42
C MET Z 194 -38.82 31.06 -74.58
N SER Z 195 -39.16 30.68 -75.80
CA SER Z 195 -39.20 29.28 -76.17
C SER Z 195 -37.79 28.71 -76.13
N ALA Z 196 -37.70 27.39 -76.21
CA ALA Z 196 -36.38 26.77 -76.32
C ALA Z 196 -35.61 27.32 -77.50
N GLU Z 197 -36.33 27.62 -78.57
CA GLU Z 197 -35.70 28.00 -79.84
C GLU Z 197 -35.20 29.43 -79.71
N GLU Z 198 -35.96 30.26 -79.01
CA GLU Z 198 -35.52 31.61 -78.70
C GLU Z 198 -34.33 31.63 -77.73
N ALA Z 199 -34.28 30.69 -76.78
CA ALA Z 199 -33.14 30.70 -75.86
C ALA Z 199 -31.85 30.34 -76.58
N LYS Z 200 -31.92 29.42 -77.55
CA LYS Z 200 -30.72 29.08 -78.31
C LYS Z 200 -30.27 30.26 -79.18
N GLU Z 201 -31.21 30.96 -79.82
CA GLU Z 201 -30.85 32.14 -80.57
C GLU Z 201 -30.26 33.21 -79.68
N TYR Z 202 -30.76 33.31 -78.46
CA TYR Z 202 -30.27 34.34 -77.57
C TYR Z 202 -28.89 34.03 -77.05
N GLY Z 203 -28.50 32.75 -77.03
CA GLY Z 203 -27.26 32.33 -76.45
C GLY Z 203 -27.31 31.73 -75.06
N LEU Z 204 -28.50 31.45 -74.49
CA LEU Z 204 -28.54 30.90 -73.14
C LEU Z 204 -28.38 29.39 -73.11
N ILE Z 205 -28.75 28.72 -74.19
CA ILE Z 205 -28.52 27.29 -74.35
C ILE Z 205 -27.83 27.10 -75.69
N ASP Z 206 -27.24 25.93 -75.86
CA ASP Z 206 -26.53 25.61 -77.09
C ASP Z 206 -27.34 24.73 -78.03
N GLN Z 207 -28.23 23.90 -77.51
CA GLN Z 207 -28.79 22.84 -78.33
C GLN Z 207 -30.12 22.37 -77.73
N ILE Z 208 -31.09 22.15 -78.60
CA ILE Z 208 -32.39 21.58 -78.23
C ILE Z 208 -32.34 20.10 -78.50
N LEU Z 209 -32.68 19.30 -77.50
CA LEU Z 209 -32.67 17.85 -77.63
C LEU Z 209 -34.04 17.38 -78.15
N GLU Z 210 -34.02 16.51 -79.15
CA GLU Z 210 -35.29 16.02 -79.70
C GLU Z 210 -35.25 14.51 -79.95
N ASP AA 36 -25.68 9.93 -45.24
CA ASP AA 36 -25.98 10.93 -46.24
C ASP AA 36 -24.70 11.42 -46.91
N ILE AA 37 -24.84 12.47 -47.72
CA ILE AA 37 -23.71 13.13 -48.35
C ILE AA 37 -23.08 14.13 -47.39
N TYR AA 38 -23.92 14.82 -46.60
CA TYR AA 38 -23.40 15.75 -45.61
C TYR AA 38 -22.55 15.03 -44.59
N SER AA 39 -22.91 13.79 -44.27
CA SER AA 39 -22.06 12.99 -43.41
C SER AA 39 -20.71 12.76 -44.07
N ARG AA 40 -20.72 12.55 -45.40
CA ARG AA 40 -19.47 12.33 -46.14
C ARG AA 40 -18.63 13.60 -46.21
N LEU AA 41 -19.27 14.77 -46.20
CA LEU AA 41 -18.52 16.02 -46.13
C LEU AA 41 -17.85 16.22 -44.77
N LEU AA 42 -18.51 15.79 -43.69
CA LEU AA 42 -17.93 15.88 -42.36
C LEU AA 42 -16.73 14.97 -42.22
N LYS AA 43 -16.77 13.87 -42.99
CA LYS AA 43 -15.73 12.86 -43.07
C LYS AA 43 -14.41 13.49 -43.49
N GLU AA 44 -14.50 14.52 -44.35
CA GLU AA 44 -13.39 15.34 -44.84
C GLU AA 44 -13.17 16.60 -44.04
N ARG AA 45 -13.77 16.73 -42.86
CA ARG AA 45 -13.57 17.87 -41.97
C ARG AA 45 -14.17 19.17 -42.53
N ILE AA 46 -15.33 19.05 -43.20
CA ILE AA 46 -16.10 20.22 -43.64
C ILE AA 46 -17.34 20.35 -42.75
N VAL AA 47 -17.51 21.53 -42.17
CA VAL AA 47 -18.71 21.91 -41.42
C VAL AA 47 -19.38 23.08 -42.12
N PHE AA 48 -20.71 22.98 -42.23
CA PHE AA 48 -21.58 23.92 -42.91
C PHE AA 48 -22.37 24.75 -41.90
N LEU AA 49 -22.55 26.02 -42.21
CA LEU AA 49 -23.56 26.85 -41.56
C LEU AA 49 -24.41 27.45 -42.68
N VAL AA 50 -25.60 26.92 -42.88
CA VAL AA 50 -26.52 27.37 -43.92
C VAL AA 50 -27.80 27.88 -43.28
N GLY AA 51 -28.17 29.11 -43.62
CA GLY AA 51 -29.34 29.75 -43.06
C GLY AA 51 -29.00 30.54 -41.83
N PRO AA 52 -30.02 30.93 -41.07
CA PRO AA 52 -29.79 31.80 -39.91
C PRO AA 52 -29.00 31.09 -38.82
N VAL AA 53 -28.25 31.88 -38.05
CA VAL AA 53 -27.59 31.36 -36.86
C VAL AA 53 -28.58 31.44 -35.69
N THR AA 54 -29.04 30.29 -35.24
CA THR AA 54 -29.94 30.14 -34.11
C THR AA 54 -29.25 29.27 -33.09
N ASP AA 55 -29.82 29.22 -31.88
CA ASP AA 55 -29.27 28.34 -30.86
C ASP AA 55 -29.12 26.91 -31.38
N GLU AA 56 -30.08 26.44 -32.15
CA GLU AA 56 -30.04 25.06 -32.60
C GLU AA 56 -28.96 24.89 -33.67
N SER AA 57 -28.96 25.73 -34.70
CA SER AA 57 -27.93 25.60 -35.73
C SER AA 57 -26.54 25.90 -35.18
N ALA AA 58 -26.43 26.86 -34.27
CA ALA AA 58 -25.13 27.20 -33.69
C ALA AA 58 -24.57 26.00 -32.93
N ASN AA 59 -25.40 25.37 -32.11
CA ASN AA 59 -24.92 24.27 -31.29
C ASN AA 59 -24.62 23.05 -32.14
N LEU AA 60 -25.29 22.93 -33.28
CA LEU AA 60 -24.95 21.88 -34.23
C LEU AA 60 -23.54 22.09 -34.80
N VAL AA 61 -23.15 23.34 -35.08
CA VAL AA 61 -21.79 23.61 -35.52
C VAL AA 61 -20.80 23.31 -34.42
N VAL AA 62 -21.11 23.71 -33.18
CA VAL AA 62 -20.23 23.47 -32.04
C VAL AA 62 -19.98 21.98 -31.86
N ALA AA 63 -21.04 21.16 -31.94
CA ALA AA 63 -20.88 19.73 -31.77
C ALA AA 63 -19.93 19.15 -32.83
N GLN AA 64 -20.07 19.59 -34.09
CA GLN AA 64 -19.19 19.08 -35.14
C GLN AA 64 -17.74 19.53 -34.94
N LEU AA 65 -17.53 20.77 -34.47
CA LEU AA 65 -16.18 21.24 -34.23
C LEU AA 65 -15.49 20.41 -33.16
N LEU AA 66 -16.18 20.19 -32.03
CA LEU AA 66 -15.61 19.40 -30.96
C LEU AA 66 -15.34 17.98 -31.44
N PHE AA 67 -16.27 17.45 -32.26
CA PHE AA 67 -16.17 16.09 -32.77
C PHE AA 67 -14.95 15.91 -33.67
N LEU AA 68 -14.74 16.84 -34.61
CA LEU AA 68 -13.60 16.71 -35.52
C LEU AA 68 -12.28 16.84 -34.77
N GLU AA 69 -12.21 17.73 -33.78
CA GLU AA 69 -11.02 17.83 -32.96
C GLU AA 69 -10.78 16.53 -32.19
N SER AA 70 -11.85 15.89 -31.73
CA SER AA 70 -11.73 14.56 -31.14
C SER AA 70 -11.11 13.57 -32.12
N GLU AA 71 -11.50 13.65 -33.40
CA GLU AA 71 -11.03 12.70 -34.40
C GLU AA 71 -9.58 12.92 -34.80
N ASN AA 72 -9.12 14.17 -34.75
CA ASN AA 72 -7.73 14.54 -35.05
C ASN AA 72 -7.53 16.00 -34.65
N PRO AA 73 -6.89 16.28 -33.51
CA PRO AA 73 -6.72 17.68 -33.10
C PRO AA 73 -5.66 18.42 -33.89
N ASP AA 74 -5.05 17.78 -34.89
CA ASP AA 74 -3.91 18.38 -35.57
C ASP AA 74 -4.15 18.69 -37.03
N LYS AA 75 -5.30 18.33 -37.60
CA LYS AA 75 -5.65 18.71 -38.97
C LYS AA 75 -6.67 19.86 -38.95
N ASP AA 76 -6.53 20.76 -39.92
CA ASP AA 76 -7.46 21.87 -40.09
C ASP AA 76 -8.91 21.41 -40.29
N ILE AA 77 -9.85 22.30 -39.95
CA ILE AA 77 -11.30 22.17 -40.17
C ILE AA 77 -11.75 23.26 -41.15
N PHE AA 78 -12.73 22.95 -41.99
CA PHE AA 78 -13.17 23.91 -42.99
C PHE AA 78 -14.62 24.30 -42.76
N PHE AA 79 -14.85 25.56 -42.40
CA PHE AA 79 -16.16 26.06 -41.99
C PHE AA 79 -16.74 26.85 -43.17
N TYR AA 80 -17.69 26.22 -43.86
CA TYR AA 80 -18.38 26.80 -45.01
C TYR AA 80 -19.60 27.56 -44.54
N ILE AA 81 -19.69 28.84 -44.90
CA ILE AA 81 -20.71 29.75 -44.37
C ILE AA 81 -21.50 30.35 -45.53
N ASN AA 82 -22.81 30.13 -45.50
CA ASN AA 82 -23.78 30.80 -46.35
C ASN AA 82 -24.90 31.17 -45.39
N SER AA 83 -24.80 32.35 -44.78
CA SER AA 83 -25.71 32.71 -43.70
C SER AA 83 -26.04 34.19 -43.73
N PRO AA 84 -27.31 34.55 -43.48
CA PRO AA 84 -27.72 35.95 -43.38
C PRO AA 84 -27.52 36.56 -41.99
N GLY AA 85 -27.11 35.76 -41.00
CA GLY AA 85 -26.99 36.24 -39.65
C GLY AA 85 -27.99 35.58 -38.71
N GLY AA 86 -28.20 36.21 -37.59
CA GLY AA 86 -29.11 35.69 -36.60
C GLY AA 86 -28.65 36.09 -35.20
N SER AA 87 -28.79 35.13 -34.29
CA SER AA 87 -28.54 35.37 -32.87
C SER AA 87 -27.06 35.69 -32.64
N VAL AA 88 -26.78 36.84 -32.03
CA VAL AA 88 -25.41 37.19 -31.68
C VAL AA 88 -24.89 36.20 -30.65
N THR AA 89 -25.77 35.80 -29.73
CA THR AA 89 -25.42 34.85 -28.70
C THR AA 89 -25.03 33.49 -29.29
N ALA AA 90 -25.82 33.00 -30.24
CA ALA AA 90 -25.52 31.72 -30.85
C ALA AA 90 -24.20 31.80 -31.61
N GLY AA 91 -23.98 32.92 -32.32
CA GLY AA 91 -22.73 33.11 -33.02
C GLY AA 91 -21.54 33.19 -32.09
N MET AA 92 -21.71 33.83 -30.94
CA MET AA 92 -20.61 33.87 -29.96
C MET AA 92 -20.24 32.46 -29.51
N SER AA 93 -21.23 31.57 -29.43
CA SER AA 93 -20.98 30.17 -29.08
C SER AA 93 -20.13 29.47 -30.13
N ILE AA 94 -20.39 29.74 -31.42
CA ILE AA 94 -19.53 29.22 -32.48
C ILE AA 94 -18.15 29.85 -32.39
N TYR AA 95 -18.11 31.17 -32.23
CA TYR AA 95 -16.85 31.91 -32.16
C TYR AA 95 -15.93 31.37 -31.07
N ASP AA 96 -16.45 31.26 -29.85
CA ASP AA 96 -15.63 30.79 -28.74
C ASP AA 96 -15.13 29.38 -28.99
N THR AA 97 -15.95 28.55 -29.64
CA THR AA 97 -15.51 27.20 -29.97
C THR AA 97 -14.41 27.21 -31.04
N MET AA 98 -14.52 28.09 -32.04
CA MET AA 98 -13.48 28.15 -33.08
C MET AA 98 -12.14 28.48 -32.45
N ASN AA 99 -12.11 29.44 -31.51
CA ASN AA 99 -10.89 29.89 -30.88
C ASN AA 99 -10.39 28.94 -29.79
N PHE AA 100 -11.25 28.09 -29.23
CA PHE AA 100 -10.82 27.23 -28.13
C PHE AA 100 -10.10 25.99 -28.63
N ILE AA 101 -10.62 25.38 -29.70
CA ILE AA 101 -10.06 24.10 -30.14
C ILE AA 101 -8.65 24.31 -30.70
N LYS AA 102 -7.88 23.22 -30.70
CA LYS AA 102 -6.52 23.27 -31.25
C LYS AA 102 -6.50 23.48 -32.77
N PRO AA 103 -7.26 22.72 -33.58
CA PRO AA 103 -7.13 22.86 -35.04
C PRO AA 103 -7.45 24.25 -35.56
N ASP AA 104 -6.70 24.66 -36.58
CA ASP AA 104 -7.09 25.85 -37.32
C ASP AA 104 -8.48 25.68 -37.95
N VAL AA 105 -9.33 26.69 -37.79
CA VAL AA 105 -10.63 26.68 -38.45
C VAL AA 105 -10.56 27.65 -39.62
N SER AA 106 -10.47 27.10 -40.82
CA SER AA 106 -10.60 27.89 -42.03
C SER AA 106 -12.07 28.24 -42.27
N THR AA 107 -12.33 29.45 -42.72
CA THR AA 107 -13.69 29.87 -43.05
C THR AA 107 -13.81 30.13 -44.54
N LEU AA 108 -14.96 29.79 -45.10
CA LEU AA 108 -15.26 30.02 -46.52
C LEU AA 108 -16.69 30.50 -46.67
N CYS AA 109 -16.86 31.59 -47.41
CA CYS AA 109 -18.17 32.15 -47.70
C CYS AA 109 -18.61 31.70 -49.09
N LEU AA 110 -19.77 31.07 -49.18
CA LEU AA 110 -20.42 30.89 -50.46
C LEU AA 110 -21.81 31.47 -50.37
N GLY AA 111 -22.23 32.20 -51.40
CA GLY AA 111 -23.50 32.89 -51.34
C GLY AA 111 -23.38 34.21 -50.62
N GLN AA 112 -23.52 34.17 -49.30
CA GLN AA 112 -23.40 35.38 -48.52
C GLN AA 112 -22.96 35.04 -47.10
N ALA AA 113 -22.36 36.05 -46.46
CA ALA AA 113 -22.07 36.05 -45.03
C ALA AA 113 -22.45 37.45 -44.54
N ALA AA 114 -23.59 37.55 -43.85
CA ALA AA 114 -24.14 38.82 -43.40
C ALA AA 114 -24.28 38.82 -41.89
N SER AA 115 -24.01 39.98 -41.27
CA SER AA 115 -24.08 40.13 -39.83
C SER AA 115 -23.21 39.08 -39.14
N MET AA 116 -23.83 38.30 -38.24
CA MET AA 116 -23.08 37.27 -37.51
C MET AA 116 -22.45 36.25 -38.45
N GLY AA 117 -23.02 36.04 -39.63
CA GLY AA 117 -22.35 35.18 -40.59
C GLY AA 117 -21.04 35.77 -41.06
N ALA AA 118 -21.04 37.08 -41.36
CA ALA AA 118 -19.81 37.76 -41.74
C ALA AA 118 -18.83 37.78 -40.56
N PHE AA 119 -19.38 37.94 -39.34
CA PHE AA 119 -18.56 37.89 -38.15
C PHE AA 119 -17.80 36.58 -38.05
N LEU AA 120 -18.50 35.46 -38.23
CA LEU AA 120 -17.82 34.17 -38.09
C LEU AA 120 -16.79 33.97 -39.19
N LEU AA 121 -17.12 34.44 -40.41
CA LEU AA 121 -16.21 34.36 -41.54
C LEU AA 121 -14.90 35.07 -41.24
N SER AA 122 -15.00 36.32 -40.75
CA SER AA 122 -13.81 37.09 -40.42
C SER AA 122 -13.03 36.49 -39.26
N ALA AA 123 -13.66 35.60 -38.49
CA ALA AA 123 -13.05 35.01 -37.32
C ALA AA 123 -12.20 33.80 -37.64
N GLY AA 124 -12.14 33.39 -38.90
CA GLY AA 124 -11.33 32.25 -39.28
C GLY AA 124 -9.86 32.50 -39.01
N GLU AA 125 -9.10 31.41 -39.04
CA GLU AA 125 -7.65 31.50 -38.91
C GLU AA 125 -7.09 32.44 -39.98
N LYS AA 126 -6.32 33.43 -39.54
CA LYS AA 126 -5.81 34.42 -40.49
C LYS AA 126 -4.86 33.78 -41.49
N GLY AA 127 -5.13 34.04 -42.78
CA GLY AA 127 -4.49 33.34 -43.88
C GLY AA 127 -5.31 32.24 -44.48
N LYS AA 128 -6.40 31.83 -43.82
CA LYS AA 128 -7.24 30.73 -44.24
C LYS AA 128 -8.71 31.14 -44.26
N ARG AA 129 -8.98 32.42 -44.51
CA ARG AA 129 -10.34 32.91 -44.68
C ARG AA 129 -10.59 33.21 -46.17
N PHE AA 130 -11.52 32.47 -46.77
CA PHE AA 130 -11.74 32.50 -48.20
C PHE AA 130 -13.18 32.90 -48.52
N ALA AA 131 -13.40 33.37 -49.74
CA ALA AA 131 -14.73 33.65 -50.28
C ALA AA 131 -14.74 33.28 -51.76
N LEU AA 132 -15.91 32.87 -52.23
CA LEU AA 132 -16.07 32.58 -53.64
C LEU AA 132 -16.31 33.88 -54.43
N PRO AA 133 -16.02 33.89 -55.74
CA PRO AA 133 -15.95 35.18 -56.48
C PRO AA 133 -17.20 36.05 -56.39
N ASN AA 134 -18.38 35.43 -56.34
CA ASN AA 134 -19.63 36.17 -56.38
C ASN AA 134 -20.34 36.15 -55.04
N SER AA 135 -19.61 35.80 -54.00
CA SER AA 135 -20.08 35.88 -52.62
C SER AA 135 -20.38 37.32 -52.26
N ARG AA 136 -21.21 37.48 -51.25
CA ARG AA 136 -21.58 38.77 -50.74
C ARG AA 136 -21.28 38.80 -49.26
N ILE AA 137 -20.71 39.92 -48.79
CA ILE AA 137 -20.44 40.13 -47.37
C ILE AA 137 -21.19 41.37 -46.94
N MET AA 138 -21.85 41.32 -45.77
CA MET AA 138 -22.48 42.51 -45.23
C MET AA 138 -22.24 42.58 -43.73
N ILE AA 139 -21.90 43.78 -43.25
CA ILE AA 139 -21.68 44.03 -41.83
C ILE AA 139 -22.49 45.25 -41.43
N HIS AA 140 -22.98 45.26 -40.19
CA HIS AA 140 -23.76 46.39 -39.69
C HIS AA 140 -23.79 46.34 -38.17
N GLN AA 141 -24.19 47.46 -37.57
CA GLN AA 141 -24.38 47.50 -36.13
C GLN AA 141 -25.60 46.66 -35.72
N PRO AA 142 -25.73 46.32 -34.41
CA PRO AA 142 -26.85 45.47 -33.99
C PRO AA 142 -28.19 46.14 -34.25
N LEU AA 143 -29.21 45.33 -34.54
CA LEU AA 143 -30.54 45.86 -34.71
C LEU AA 143 -31.53 44.89 -34.09
N ILE AA 144 -32.58 45.43 -33.50
CA ILE AA 144 -33.68 44.63 -32.99
C ILE AA 144 -34.99 45.18 -33.55
N SER AA 145 -36.05 44.38 -33.45
CA SER AA 145 -37.41 44.82 -33.80
C SER AA 145 -38.43 44.32 -32.78
N GLY AA 149 -39.71 47.74 -25.41
CA GLY AA 149 -39.93 47.06 -24.14
C GLY AA 149 -40.83 47.79 -23.16
N GLY AA 150 -40.56 47.67 -21.85
CA GLY AA 150 -41.45 48.22 -20.84
C GLY AA 150 -41.12 49.55 -20.17
N GLN AA 151 -40.71 49.50 -18.92
CA GLN AA 151 -40.48 50.74 -18.18
C GLN AA 151 -39.21 51.43 -18.65
N ALA AA 152 -39.11 52.73 -18.33
CA ALA AA 152 -37.94 53.51 -18.71
C ALA AA 152 -36.64 52.89 -18.20
N SER AA 153 -36.64 52.39 -16.96
CA SER AA 153 -35.47 51.70 -16.42
C SER AA 153 -35.11 50.47 -17.26
N ASP AA 154 -36.12 49.70 -17.69
CA ASP AA 154 -35.87 48.49 -18.45
C ASP AA 154 -35.37 48.80 -19.84
N ILE AA 155 -35.89 49.88 -20.43
CA ILE AA 155 -35.48 50.26 -21.77
C ILE AA 155 -34.04 50.73 -21.76
N GLU AA 156 -33.67 51.51 -20.73
CA GLU AA 156 -32.28 51.93 -20.56
C GLU AA 156 -31.36 50.72 -20.41
N ILE AA 157 -31.76 49.75 -19.56
CA ILE AA 157 -30.95 48.55 -19.34
C ILE AA 157 -30.70 47.83 -20.66
N HIS AA 158 -31.74 47.63 -21.45
CA HIS AA 158 -31.57 46.86 -22.66
C HIS AA 158 -30.86 47.67 -23.75
N ALA AA 159 -31.14 48.98 -23.82
CA ALA AA 159 -30.38 49.86 -24.68
C ALA AA 159 -28.88 49.83 -24.37
N ARG AA 160 -28.54 49.90 -23.08
CA ARG AA 160 -27.13 49.84 -22.71
C ARG AA 160 -26.52 48.48 -23.06
N GLU AA 161 -27.29 47.41 -22.89
CA GLU AA 161 -26.76 46.10 -23.26
C GLU AA 161 -26.53 46.01 -24.76
N LEU AA 162 -27.43 46.61 -25.54
CA LEU AA 162 -27.29 46.56 -26.98
C LEU AA 162 -26.06 47.34 -27.43
N LEU AA 163 -25.76 48.44 -26.75
CA LEU AA 163 -24.58 49.24 -27.11
C LEU AA 163 -23.29 48.55 -26.72
N LYS AA 164 -23.27 47.83 -25.60
CA LYS AA 164 -22.11 47.00 -25.28
C LYS AA 164 -21.87 45.95 -26.35
N ILE AA 165 -22.95 45.33 -26.83
CA ILE AA 165 -22.83 44.37 -27.92
C ILE AA 165 -22.24 45.04 -29.14
N LYS AA 166 -22.76 46.23 -29.47
CA LYS AA 166 -22.24 46.98 -30.61
C LYS AA 166 -20.75 47.24 -30.46
N GLU AA 167 -20.33 47.73 -29.29
CA GLU AA 167 -18.92 48.03 -29.09
C GLU AA 167 -18.06 46.76 -29.09
N LYS AA 168 -18.55 45.69 -28.44
CA LYS AA 168 -17.80 44.44 -28.47
C LYS AA 168 -17.63 43.94 -29.89
N LEU AA 169 -18.73 43.92 -30.66
CA LEU AA 169 -18.67 43.41 -32.04
C LEU AA 169 -17.76 44.27 -32.90
N ASN AA 170 -17.80 45.58 -32.72
CA ASN AA 170 -16.88 46.44 -33.47
C ASN AA 170 -15.42 46.16 -33.12
N ARG AA 171 -15.11 46.01 -31.83
CA ARG AA 171 -13.71 45.78 -31.41
C ARG AA 171 -13.18 44.46 -31.93
N LEU AA 172 -13.95 43.40 -31.77
CA LEU AA 172 -13.49 42.11 -32.25
C LEU AA 172 -13.27 42.13 -33.75
N MET AA 173 -14.16 42.80 -34.49
CA MET AA 173 -14.02 42.79 -35.94
C MET AA 173 -12.87 43.69 -36.38
N ALA AA 174 -12.59 44.76 -35.62
CA ALA AA 174 -11.40 45.56 -35.87
C ALA AA 174 -10.15 44.72 -35.75
N LYS AA 175 -10.12 43.81 -34.76
CA LYS AA 175 -9.01 42.88 -34.61
C LYS AA 175 -8.93 41.94 -35.80
N HIS AA 176 -10.08 41.40 -36.22
CA HIS AA 176 -10.12 40.45 -37.32
C HIS AA 176 -9.59 41.03 -38.62
N CYS AA 177 -9.88 42.31 -38.87
CA CYS AA 177 -9.55 43.00 -40.11
C CYS AA 177 -8.25 43.77 -40.01
N ASP AA 178 -7.62 43.77 -38.84
CA ASP AA 178 -6.42 44.55 -38.58
C ASP AA 178 -6.66 46.02 -38.96
N ARG AA 179 -7.73 46.60 -38.39
CA ARG AA 179 -8.08 47.99 -38.63
C ARG AA 179 -8.28 48.75 -37.32
N ASP AA 180 -8.46 50.06 -37.45
CA ASP AA 180 -8.71 50.88 -36.28
C ASP AA 180 -10.17 50.70 -35.90
N LEU AA 181 -10.42 50.70 -34.59
CA LEU AA 181 -11.79 50.56 -34.12
C LEU AA 181 -12.68 51.64 -34.75
N ALA AA 182 -12.13 52.82 -35.00
CA ALA AA 182 -12.91 53.88 -35.66
C ALA AA 182 -13.35 53.46 -37.06
N ASP AA 183 -12.54 52.64 -37.75
CA ASP AA 183 -12.96 52.13 -39.06
C ASP AA 183 -14.28 51.37 -38.95
N LEU AA 184 -14.36 50.38 -38.04
CA LEU AA 184 -15.56 49.57 -37.92
C LEU AA 184 -16.74 50.36 -37.35
N GLU AA 185 -16.48 51.31 -36.47
CA GLU AA 185 -17.56 52.14 -35.95
C GLU AA 185 -18.22 52.92 -37.09
N ARG AA 186 -17.39 53.47 -37.98
CA ARG AA 186 -17.84 54.22 -39.13
C ARG AA 186 -18.58 53.31 -40.11
N ASP AA 187 -17.98 52.17 -40.44
CA ASP AA 187 -18.41 51.38 -41.57
C ASP AA 187 -19.53 50.40 -41.24
N THR AA 188 -19.87 50.23 -39.97
CA THR AA 188 -21.02 49.41 -39.62
C THR AA 188 -22.20 50.24 -39.17
N ASP AA 189 -22.11 51.58 -39.27
CA ASP AA 189 -23.20 52.45 -38.80
C ASP AA 189 -24.51 52.10 -39.48
N ARG AA 190 -24.47 51.85 -40.78
CA ARG AA 190 -25.61 51.32 -41.51
C ARG AA 190 -25.13 50.10 -42.28
N ASP AA 191 -26.05 49.42 -42.95
CA ASP AA 191 -25.71 48.18 -43.67
C ASP AA 191 -24.61 48.43 -44.66
N ASN AA 192 -23.56 47.63 -44.60
CA ASN AA 192 -22.39 47.81 -45.46
C ASN AA 192 -22.20 46.54 -46.30
N PHE AA 193 -22.66 46.60 -47.54
CA PHE AA 193 -22.56 45.48 -48.47
C PHE AA 193 -21.21 45.51 -49.18
N MET AA 194 -20.55 44.36 -49.26
CA MET AA 194 -19.21 44.23 -49.84
C MET AA 194 -19.11 43.06 -50.80
N SER AA 195 -18.46 43.30 -51.95
CA SER AA 195 -18.00 42.20 -52.80
C SER AA 195 -16.83 41.47 -52.12
N ALA AA 196 -16.46 40.31 -52.68
CA ALA AA 196 -15.31 39.57 -52.16
C ALA AA 196 -14.01 40.38 -52.23
N GLU AA 197 -13.80 41.18 -53.30
CA GLU AA 197 -12.57 42.00 -53.36
C GLU AA 197 -12.61 43.14 -52.37
N GLU AA 198 -13.78 43.76 -52.20
CA GLU AA 198 -13.92 44.78 -51.17
C GLU AA 198 -13.73 44.19 -49.79
N ALA AA 199 -14.16 42.94 -49.59
CA ALA AA 199 -13.93 42.23 -48.34
C ALA AA 199 -12.47 41.84 -48.18
N LYS AA 200 -11.81 41.40 -49.25
CA LYS AA 200 -10.40 41.06 -49.13
C LYS AA 200 -9.63 42.32 -48.79
N GLU AA 201 -9.97 43.43 -49.45
CA GLU AA 201 -9.24 44.63 -49.13
C GLU AA 201 -9.57 45.14 -47.73
N TYR AA 202 -10.77 44.85 -47.22
CA TYR AA 202 -11.11 45.34 -45.90
C TYR AA 202 -10.39 44.61 -44.78
N GLY AA 203 -9.92 43.40 -45.04
CA GLY AA 203 -9.34 42.57 -44.01
C GLY AA 203 -10.23 41.48 -43.48
N LEU AA 204 -11.44 41.30 -44.05
CA LEU AA 204 -12.36 40.31 -43.50
C LEU AA 204 -12.07 38.91 -44.00
N ILE AA 205 -11.51 38.77 -45.20
CA ILE AA 205 -11.04 37.50 -45.74
C ILE AA 205 -9.63 37.69 -46.26
N ASP AA 206 -9.02 36.57 -46.64
CA ASP AA 206 -7.62 36.58 -47.08
C ASP AA 206 -7.47 36.41 -48.59
N GLN AA 207 -8.11 35.42 -49.18
CA GLN AA 207 -8.00 35.04 -50.57
C GLN AA 207 -9.38 34.93 -51.15
N ILE AA 208 -9.48 35.11 -52.46
CA ILE AA 208 -10.69 34.82 -53.23
C ILE AA 208 -10.39 33.58 -54.04
N LEU AA 209 -11.18 32.52 -53.89
CA LEU AA 209 -10.98 31.33 -54.72
C LEU AA 209 -11.44 31.59 -56.15
N GLU AA 210 -10.66 31.11 -57.11
CA GLU AA 210 -10.87 31.46 -58.51
C GLU AA 210 -11.16 30.22 -59.35
N ASN AA 211 -11.91 30.46 -60.43
CA ASN AA 211 -12.30 29.45 -61.41
C ASN AA 211 -11.15 28.58 -61.89
N ASP BA 36 -26.38 9.66 -33.10
CA ASP BA 36 -25.62 10.53 -33.98
C ASP BA 36 -24.52 11.25 -33.22
N ILE BA 37 -24.50 12.57 -33.33
CA ILE BA 37 -23.40 13.35 -32.78
C ILE BA 37 -23.63 13.67 -31.30
N TYR BA 38 -24.87 14.00 -30.95
CA TYR BA 38 -25.23 14.30 -29.58
C TYR BA 38 -25.12 13.07 -28.69
N SER BA 39 -25.41 11.89 -29.26
CA SER BA 39 -25.15 10.64 -28.55
C SER BA 39 -23.65 10.44 -28.32
N ARG BA 40 -22.82 10.87 -29.27
CA ARG BA 40 -21.38 10.67 -29.13
C ARG BA 40 -20.82 11.52 -28.01
N LEU BA 41 -21.37 12.72 -27.82
CA LEU BA 41 -20.96 13.56 -26.70
C LEU BA 41 -21.41 12.97 -25.38
N LEU BA 42 -22.58 12.32 -25.35
CA LEU BA 42 -23.06 11.72 -24.11
C LEU BA 42 -22.13 10.60 -23.67
N LYS BA 43 -21.50 9.95 -24.64
CA LYS BA 43 -20.55 8.89 -24.35
C LYS BA 43 -19.32 9.43 -23.61
N GLU BA 44 -19.04 10.72 -23.75
CA GLU BA 44 -18.00 11.39 -22.95
C GLU BA 44 -18.54 12.08 -21.70
N ARG BA 45 -19.80 11.80 -21.32
CA ARG BA 45 -20.44 12.35 -20.12
C ARG BA 45 -20.70 13.85 -20.21
N ILE BA 46 -21.01 14.33 -21.39
CA ILE BA 46 -21.45 15.71 -21.63
C ILE BA 46 -22.95 15.71 -21.88
N VAL BA 47 -23.68 16.52 -21.12
CA VAL BA 47 -25.11 16.69 -21.30
C VAL BA 47 -25.37 18.12 -21.76
N PHE BA 48 -26.26 18.28 -22.74
CA PHE BA 48 -26.59 19.59 -23.28
C PHE BA 48 -27.95 20.08 -22.81
N LEU BA 49 -28.05 21.39 -22.59
CA LEU BA 49 -29.34 22.07 -22.54
C LEU BA 49 -29.23 23.25 -23.48
N VAL BA 50 -29.89 23.14 -24.64
CA VAL BA 50 -29.88 24.16 -25.68
C VAL BA 50 -31.32 24.66 -25.84
N GLY BA 51 -31.51 25.97 -25.72
CA GLY BA 51 -32.84 26.53 -25.84
C GLY BA 51 -33.60 26.58 -24.52
N PRO BA 52 -34.92 26.82 -24.61
CA PRO BA 52 -35.72 27.09 -23.40
C PRO BA 52 -35.82 25.89 -22.48
N VAL BA 53 -35.96 26.17 -21.19
CA VAL BA 53 -36.15 25.14 -20.19
C VAL BA 53 -37.64 24.81 -20.12
N THR BA 54 -38.01 23.63 -20.60
CA THR BA 54 -39.37 23.14 -20.49
C THR BA 54 -39.34 21.79 -19.78
N ASP BA 55 -40.51 21.32 -19.35
CA ASP BA 55 -40.64 19.99 -18.73
C ASP BA 55 -39.96 18.92 -19.58
N GLU BA 56 -40.05 19.10 -20.85
CA GLU BA 56 -39.75 18.14 -21.89
C GLU BA 56 -38.23 18.14 -22.12
N SER BA 57 -37.63 19.35 -22.31
CA SER BA 57 -36.18 19.44 -22.30
C SER BA 57 -35.65 19.14 -20.91
N ALA BA 58 -36.37 19.54 -19.85
CA ALA BA 58 -35.91 19.28 -18.49
C ALA BA 58 -35.80 17.78 -18.21
N ASN BA 59 -36.84 17.02 -18.54
CA ASN BA 59 -36.79 15.61 -18.19
C ASN BA 59 -35.80 14.86 -19.06
N LEU BA 60 -35.52 15.35 -20.28
CA LEU BA 60 -34.46 14.77 -21.08
C LEU BA 60 -33.09 14.91 -20.41
N VAL BA 61 -32.80 16.10 -19.86
CA VAL BA 61 -31.56 16.30 -19.12
C VAL BA 61 -31.55 15.42 -17.87
N VAL BA 62 -32.67 15.41 -17.13
CA VAL BA 62 -32.72 14.62 -15.90
C VAL BA 62 -32.45 13.14 -16.20
N ALA BA 63 -33.07 12.61 -17.27
CA ALA BA 63 -32.85 11.22 -17.60
C ALA BA 63 -31.40 10.96 -17.93
N GLN BA 64 -30.78 11.84 -18.73
CA GLN BA 64 -29.39 11.62 -19.06
C GLN BA 64 -28.51 11.68 -17.83
N LEU BA 65 -28.86 12.52 -16.86
CA LEU BA 65 -28.11 12.56 -15.63
C LEU BA 65 -28.20 11.24 -14.90
N LEU BA 66 -29.41 10.71 -14.74
CA LEU BA 66 -29.58 9.41 -14.09
C LEU BA 66 -28.84 8.31 -14.85
N PHE BA 67 -28.89 8.38 -16.19
CA PHE BA 67 -28.22 7.36 -16.97
C PHE BA 67 -26.71 7.41 -16.76
N LEU BA 68 -26.13 8.62 -16.84
CA LEU BA 68 -24.68 8.74 -16.67
C LEU BA 68 -24.25 8.35 -15.26
N GLU BA 69 -25.08 8.67 -14.26
CA GLU BA 69 -24.76 8.28 -12.89
C GLU BA 69 -24.73 6.76 -12.76
N SER BA 70 -25.71 6.07 -13.34
CA SER BA 70 -25.71 4.60 -13.29
C SER BA 70 -24.49 4.03 -14.00
N GLU BA 71 -24.07 4.65 -15.10
CA GLU BA 71 -22.93 4.13 -15.84
C GLU BA 71 -21.65 4.25 -15.04
N ASN BA 72 -21.55 5.27 -14.20
CA ASN BA 72 -20.41 5.45 -13.31
C ASN BA 72 -20.73 6.55 -12.30
N PRO BA 73 -21.00 6.21 -11.05
CA PRO BA 73 -21.38 7.22 -10.06
C PRO BA 73 -20.22 8.06 -9.56
N ASP BA 74 -19.00 7.80 -10.04
CA ASP BA 74 -17.81 8.40 -9.48
C ASP BA 74 -17.07 9.30 -10.46
N LYS BA 75 -17.50 9.36 -11.72
CA LYS BA 75 -16.89 10.22 -12.73
C LYS BA 75 -17.74 11.47 -12.93
N ASP BA 76 -17.07 12.62 -13.04
CA ASP BA 76 -17.75 13.89 -13.26
C ASP BA 76 -18.65 13.84 -14.50
N ILE BA 77 -19.66 14.71 -14.48
CA ILE BA 77 -20.54 14.98 -15.61
C ILE BA 77 -20.37 16.44 -16.01
N PHE BA 78 -20.53 16.72 -17.30
CA PHE BA 78 -20.32 18.05 -17.84
C PHE BA 78 -21.61 18.55 -18.49
N PHE BA 79 -22.21 19.56 -17.87
CA PHE BA 79 -23.50 20.08 -18.28
C PHE BA 79 -23.27 21.36 -19.09
N TYR BA 80 -23.42 21.26 -20.41
CA TYR BA 80 -23.25 22.42 -21.29
C TYR BA 80 -24.59 23.15 -21.47
N ILE BA 81 -24.59 24.45 -21.19
CA ILE BA 81 -25.82 25.26 -21.13
C ILE BA 81 -25.71 26.43 -22.09
N ASN BA 82 -26.66 26.53 -23.02
CA ASN BA 82 -26.91 27.67 -23.90
C ASN BA 82 -28.42 27.83 -23.92
N SER BA 83 -28.95 28.64 -23.02
CA SER BA 83 -30.40 28.71 -22.84
C SER BA 83 -30.86 30.11 -22.43
N PRO BA 84 -32.00 30.56 -22.92
CA PRO BA 84 -32.53 31.87 -22.52
C PRO BA 84 -33.35 31.84 -21.23
N GLY BA 85 -33.52 30.66 -20.63
CA GLY BA 85 -34.35 30.53 -19.45
C GLY BA 85 -35.53 29.62 -19.72
N GLY BA 86 -36.58 29.72 -18.93
CA GLY BA 86 -37.77 28.92 -19.17
C GLY BA 86 -38.51 28.65 -17.88
N SER BA 87 -39.14 27.48 -17.82
CA SER BA 87 -40.03 27.12 -16.72
C SER BA 87 -39.24 26.94 -15.41
N VAL BA 88 -39.66 27.64 -14.35
CA VAL BA 88 -38.98 27.47 -13.07
C VAL BA 88 -39.18 26.03 -12.55
N THR BA 89 -40.38 25.48 -12.73
CA THR BA 89 -40.67 24.14 -12.25
C THR BA 89 -39.81 23.10 -12.96
N ALA BA 90 -39.69 23.21 -14.27
CA ALA BA 90 -38.85 22.29 -15.01
C ALA BA 90 -37.37 22.48 -14.64
N GLY BA 91 -36.95 23.73 -14.46
CA GLY BA 91 -35.58 23.98 -14.06
C GLY BA 91 -35.24 23.39 -12.71
N MET BA 92 -36.17 23.45 -11.75
CA MET BA 92 -35.93 22.87 -10.43
C MET BA 92 -35.73 21.37 -10.51
N SER BA 93 -36.45 20.70 -11.42
CA SER BA 93 -36.29 19.26 -11.52
C SER BA 93 -34.88 18.93 -11.97
N ILE BA 94 -34.30 19.75 -12.84
CA ILE BA 94 -32.88 19.59 -13.18
C ILE BA 94 -31.99 19.88 -11.97
N TYR BA 95 -32.25 21.00 -11.29
CA TYR BA 95 -31.44 21.40 -10.14
C TYR BA 95 -31.34 20.30 -9.08
N ASP BA 96 -32.49 19.75 -8.67
CA ASP BA 96 -32.48 18.76 -7.62
C ASP BA 96 -31.73 17.51 -8.05
N THR BA 97 -31.85 17.15 -9.35
CA THR BA 97 -31.13 16.00 -9.87
C THR BA 97 -29.61 16.23 -9.85
N MET BA 98 -29.17 17.43 -10.23
CA MET BA 98 -27.74 17.74 -10.16
C MET BA 98 -27.21 17.59 -8.74
N ASN BA 99 -27.99 18.05 -7.76
CA ASN BA 99 -27.59 17.96 -6.35
C ASN BA 99 -27.77 16.57 -5.76
N PHE BA 100 -28.63 15.74 -6.33
CA PHE BA 100 -28.91 14.46 -5.69
C PHE BA 100 -27.88 13.40 -6.05
N ILE BA 101 -27.50 13.34 -7.33
CA ILE BA 101 -26.67 12.25 -7.81
C ILE BA 101 -25.25 12.38 -7.25
N LYS BA 102 -24.57 11.24 -7.21
CA LYS BA 102 -23.22 11.21 -6.65
C LYS BA 102 -22.23 11.99 -7.50
N PRO BA 103 -22.20 11.86 -8.85
CA PRO BA 103 -21.19 12.60 -9.64
C PRO BA 103 -21.28 14.11 -9.51
N ASP BA 104 -20.13 14.77 -9.46
CA ASP BA 104 -20.09 16.21 -9.64
C ASP BA 104 -20.61 16.60 -11.01
N VAL BA 105 -21.45 17.62 -11.03
CA VAL BA 105 -21.94 18.19 -12.28
C VAL BA 105 -21.18 19.50 -12.49
N SER BA 106 -20.23 19.44 -13.41
CA SER BA 106 -19.58 20.63 -13.90
C SER BA 106 -20.51 21.33 -14.90
N THR BA 107 -20.57 22.65 -14.84
CA THR BA 107 -21.39 23.42 -15.75
C THR BA 107 -20.53 24.36 -16.58
N LEU BA 108 -20.94 24.58 -17.85
CA LEU BA 108 -20.26 25.49 -18.75
C LEU BA 108 -21.29 26.30 -19.54
N CYS BA 109 -21.10 27.61 -19.56
CA CYS BA 109 -21.97 28.49 -20.32
C CYS BA 109 -21.35 28.74 -21.69
N LEU BA 110 -22.15 28.47 -22.71
CA LEU BA 110 -21.80 28.65 -24.10
C LEU BA 110 -22.85 29.58 -24.70
N GLY BA 111 -22.43 30.65 -25.35
CA GLY BA 111 -23.42 31.61 -25.82
C GLY BA 111 -23.98 32.48 -24.70
N GLN BA 112 -25.06 31.99 -24.09
CA GLN BA 112 -25.67 32.72 -22.98
C GLN BA 112 -26.29 31.74 -22.00
N ALA BA 113 -26.48 32.22 -20.77
CA ALA BA 113 -27.25 31.52 -19.74
C ALA BA 113 -28.06 32.58 -19.00
N ALA BA 114 -29.38 32.59 -19.26
CA ALA BA 114 -30.28 33.59 -18.72
C ALA BA 114 -31.38 32.90 -17.91
N SER BA 115 -31.83 33.58 -16.85
CA SER BA 115 -32.92 33.10 -15.99
C SER BA 115 -32.60 31.70 -15.49
N MET BA 116 -33.50 30.74 -15.65
CA MET BA 116 -33.25 29.37 -15.22
C MET BA 116 -31.97 28.83 -15.84
N GLY BA 117 -31.60 29.34 -17.02
CA GLY BA 117 -30.31 28.95 -17.58
C GLY BA 117 -29.14 29.44 -16.74
N ALA BA 118 -29.19 30.69 -16.29
CA ALA BA 118 -28.14 31.16 -15.38
C ALA BA 118 -28.25 30.46 -14.03
N PHE BA 119 -29.47 30.21 -13.56
CA PHE BA 119 -29.64 29.48 -12.31
C PHE BA 119 -28.93 28.14 -12.37
N LEU BA 120 -29.16 27.38 -13.45
CA LEU BA 120 -28.55 26.05 -13.54
C LEU BA 120 -27.05 26.14 -13.73
N LEU BA 121 -26.58 27.15 -14.47
CA LEU BA 121 -25.15 27.36 -14.61
C LEU BA 121 -24.50 27.56 -13.25
N SER BA 122 -25.06 28.46 -12.45
CA SER BA 122 -24.52 28.78 -11.12
C SER BA 122 -24.68 27.62 -10.14
N ALA BA 123 -25.51 26.63 -10.46
CA ALA BA 123 -25.74 25.48 -9.58
C ALA BA 123 -24.70 24.38 -9.74
N GLY BA 124 -23.75 24.51 -10.68
CA GLY BA 124 -22.73 23.51 -10.84
C GLY BA 124 -21.82 23.39 -9.63
N GLU BA 125 -21.08 22.28 -9.61
CA GLU BA 125 -20.12 22.03 -8.53
C GLU BA 125 -19.12 23.19 -8.43
N LYS BA 126 -18.97 23.74 -7.22
CA LYS BA 126 -18.06 24.87 -7.06
C LYS BA 126 -16.61 24.45 -7.32
N GLY BA 127 -15.94 25.25 -8.14
CA GLY BA 127 -14.66 24.89 -8.73
C GLY BA 127 -14.76 24.35 -10.13
N LYS BA 128 -15.96 24.00 -10.58
CA LYS BA 128 -16.19 23.39 -11.88
C LYS BA 128 -17.33 24.09 -12.63
N ARG BA 129 -17.52 25.39 -12.41
CA ARG BA 129 -18.50 26.18 -13.16
C ARG BA 129 -17.72 27.10 -14.09
N PHE BA 130 -17.92 26.92 -15.40
CA PHE BA 130 -17.15 27.58 -16.42
C PHE BA 130 -18.02 28.37 -17.36
N ALA BA 131 -17.36 29.30 -18.04
CA ALA BA 131 -17.96 30.04 -19.13
C ALA BA 131 -16.91 30.24 -20.22
N LEU BA 132 -17.39 30.36 -21.44
CA LEU BA 132 -16.51 30.69 -22.54
C LEU BA 132 -16.28 32.20 -22.55
N PRO BA 133 -15.20 32.68 -23.19
CA PRO BA 133 -14.82 34.10 -23.04
C PRO BA 133 -15.92 35.11 -23.39
N ASN BA 134 -16.76 34.81 -24.39
CA ASN BA 134 -17.77 35.77 -24.85
C ASN BA 134 -19.19 35.35 -24.47
N SER BA 135 -19.29 34.42 -23.53
CA SER BA 135 -20.56 34.04 -22.96
C SER BA 135 -21.22 35.23 -22.27
N ARG BA 136 -22.54 35.19 -22.19
CA ARG BA 136 -23.28 36.23 -21.53
C ARG BA 136 -24.14 35.62 -20.44
N ILE BA 137 -24.20 36.28 -19.29
CA ILE BA 137 -25.00 35.80 -18.18
C ILE BA 137 -26.06 36.84 -17.88
N MET BA 138 -27.31 36.38 -17.66
CA MET BA 138 -28.36 37.29 -17.21
C MET BA 138 -29.20 36.64 -16.12
N ILE BA 139 -29.48 37.42 -15.07
CA ILE BA 139 -30.30 36.97 -13.95
C ILE BA 139 -31.40 38.01 -13.73
N HIS BA 140 -32.58 37.54 -13.34
CA HIS BA 140 -33.65 38.49 -13.07
C HIS BA 140 -34.72 37.85 -12.21
N GLN BA 141 -35.54 38.69 -11.61
CA GLN BA 141 -36.68 38.18 -10.86
C GLN BA 141 -37.70 37.52 -11.80
N PRO BA 142 -38.62 36.72 -11.25
CA PRO BA 142 -39.59 36.05 -12.11
C PRO BA 142 -40.48 37.02 -12.89
N LEU BA 143 -41.01 36.52 -14.00
CA LEU BA 143 -41.84 37.29 -14.92
C LEU BA 143 -42.94 36.39 -15.42
N ILE BA 144 -43.99 36.95 -16.00
CA ILE BA 144 -45.17 36.14 -16.32
C ILE BA 144 -45.56 36.12 -17.80
N LEU BA 148 -52.20 37.82 -14.39
CA LEU BA 148 -53.18 36.87 -13.85
C LEU BA 148 -54.58 37.39 -13.93
N GLY BA 149 -55.55 36.48 -13.82
CA GLY BA 149 -56.95 36.83 -13.85
C GLY BA 149 -57.70 36.11 -12.76
N GLY BA 150 -58.98 36.44 -12.63
CA GLY BA 150 -59.80 35.79 -11.64
C GLY BA 150 -60.04 36.65 -10.41
N GLN BA 151 -60.49 35.99 -9.35
CA GLN BA 151 -60.94 36.69 -8.16
C GLN BA 151 -59.76 37.24 -7.37
N ALA BA 152 -60.03 38.29 -6.60
CA ALA BA 152 -58.99 38.91 -5.79
C ALA BA 152 -58.31 37.91 -4.86
N SER BA 153 -59.06 36.98 -4.28
CA SER BA 153 -58.46 35.91 -3.48
C SER BA 153 -57.51 35.07 -4.32
N ASP BA 154 -57.90 34.71 -5.55
CA ASP BA 154 -57.08 33.83 -6.36
C ASP BA 154 -55.79 34.53 -6.79
N ILE BA 155 -55.88 35.84 -7.05
CA ILE BA 155 -54.73 36.60 -7.49
C ILE BA 155 -53.72 36.74 -6.35
N GLU BA 156 -54.20 36.95 -5.13
CA GLU BA 156 -53.31 36.99 -3.97
C GLU BA 156 -52.52 35.69 -3.82
N ILE BA 157 -53.20 34.56 -3.97
CA ILE BA 157 -52.56 33.26 -3.81
C ILE BA 157 -51.41 33.13 -4.80
N HIS BA 158 -51.67 33.49 -6.07
CA HIS BA 158 -50.66 33.32 -7.11
C HIS BA 158 -49.58 34.39 -7.04
N ALA BA 159 -49.93 35.63 -6.68
CA ALA BA 159 -48.91 36.64 -6.39
C ALA BA 159 -47.96 36.20 -5.27
N ARG BA 160 -48.50 35.65 -4.17
CA ARG BA 160 -47.65 35.18 -3.09
C ARG BA 160 -46.81 34.00 -3.51
N GLU BA 161 -47.38 33.11 -4.34
CA GLU BA 161 -46.59 31.98 -4.84
C GLU BA 161 -45.47 32.46 -5.76
N LEU BA 162 -45.72 33.50 -6.58
CA LEU BA 162 -44.70 34.03 -7.46
C LEU BA 162 -43.58 34.67 -6.66
N LEU BA 163 -43.93 35.34 -5.56
CA LEU BA 163 -42.92 35.94 -4.69
C LEU BA 163 -42.15 34.88 -3.91
N LYS BA 164 -42.81 33.78 -3.51
CA LYS BA 164 -42.10 32.65 -2.92
C LYS BA 164 -41.08 32.09 -3.89
N ILE BA 165 -41.48 31.95 -5.16
CA ILE BA 165 -40.55 31.50 -6.20
C ILE BA 165 -39.40 32.49 -6.35
N LYS BA 166 -39.71 33.79 -6.38
CA LYS BA 166 -38.69 34.82 -6.48
C LYS BA 166 -37.69 34.72 -5.33
N GLU BA 167 -38.20 34.62 -4.10
CA GLU BA 167 -37.31 34.58 -2.95
C GLU BA 167 -36.52 33.27 -2.92
N LYS BA 168 -37.18 32.16 -3.26
CA LYS BA 168 -36.49 30.88 -3.30
C LYS BA 168 -35.33 30.91 -4.30
N LEU BA 169 -35.56 31.46 -5.50
CA LEU BA 169 -34.51 31.53 -6.51
C LEU BA 169 -33.37 32.41 -6.04
N ASN BA 170 -33.72 33.55 -5.45
CA ASN BA 170 -32.72 34.48 -4.94
C ASN BA 170 -31.91 33.86 -3.80
N ARG BA 171 -32.58 33.12 -2.90
CA ARG BA 171 -31.88 32.50 -1.77
C ARG BA 171 -30.87 31.46 -2.26
N LEU BA 172 -31.31 30.56 -3.14
CA LEU BA 172 -30.44 29.52 -3.65
C LEU BA 172 -29.28 30.10 -4.44
N MET BA 173 -29.56 31.09 -5.27
CA MET BA 173 -28.50 31.68 -6.05
C MET BA 173 -27.54 32.45 -5.16
N ALA BA 174 -28.05 33.00 -4.05
CA ALA BA 174 -27.17 33.62 -3.06
C ALA BA 174 -26.22 32.59 -2.47
N LYS BA 175 -26.72 31.39 -2.17
CA LYS BA 175 -25.86 30.32 -1.70
C LYS BA 175 -24.82 29.95 -2.75
N HIS BA 176 -25.25 29.87 -4.01
CA HIS BA 176 -24.34 29.51 -5.08
C HIS BA 176 -23.19 30.49 -5.19
N CYS BA 177 -23.45 31.77 -4.96
CA CYS BA 177 -22.49 32.84 -5.14
C CYS BA 177 -21.75 33.20 -3.85
N ASP BA 178 -22.12 32.58 -2.75
CA ASP BA 178 -21.66 32.98 -1.42
C ASP BA 178 -21.95 34.46 -1.18
N ARG BA 179 -23.21 34.86 -1.41
CA ARG BA 179 -23.69 36.20 -1.15
C ARG BA 179 -24.98 36.13 -0.34
N ASP BA 180 -25.46 37.29 0.08
CA ASP BA 180 -26.69 37.43 0.86
C ASP BA 180 -27.93 37.51 -0.02
N LEU BA 181 -29.06 37.05 0.54
CA LEU BA 181 -30.33 37.21 -0.17
C LEU BA 181 -30.58 38.66 -0.57
N ALA BA 182 -30.16 39.62 0.27
CA ALA BA 182 -30.36 41.02 -0.05
C ALA BA 182 -29.60 41.43 -1.30
N ASP BA 183 -28.42 40.84 -1.51
CA ASP BA 183 -27.65 41.07 -2.72
C ASP BA 183 -28.43 40.67 -3.96
N LEU BA 184 -28.93 39.44 -3.97
CA LEU BA 184 -29.66 38.96 -5.14
C LEU BA 184 -31.00 39.67 -5.32
N GLU BA 185 -31.64 40.12 -4.25
CA GLU BA 185 -32.87 40.87 -4.44
C GLU BA 185 -32.57 42.15 -5.20
N ARG BA 186 -31.51 42.85 -4.80
CA ARG BA 186 -31.09 44.07 -5.47
C ARG BA 186 -30.68 43.79 -6.91
N ASP BA 187 -29.92 42.72 -7.13
CA ASP BA 187 -29.25 42.50 -8.40
C ASP BA 187 -30.09 41.72 -9.43
N THR BA 188 -31.26 41.19 -9.05
CA THR BA 188 -32.20 40.61 -10.00
C THR BA 188 -33.44 41.48 -10.18
N ASP BA 189 -33.46 42.68 -9.57
CA ASP BA 189 -34.66 43.51 -9.57
C ASP BA 189 -35.09 43.85 -10.99
N ARG BA 190 -34.13 44.12 -11.87
CA ARG BA 190 -34.40 44.21 -13.29
C ARG BA 190 -33.34 43.36 -13.98
N ASP BA 191 -33.47 43.20 -15.30
CA ASP BA 191 -32.54 42.32 -16.02
C ASP BA 191 -31.11 42.74 -15.77
N ASN BA 192 -30.28 41.78 -15.38
CA ASN BA 192 -28.90 42.03 -15.03
C ASN BA 192 -28.01 41.25 -15.99
N PHE BA 193 -27.55 41.91 -17.04
CA PHE BA 193 -26.67 41.30 -18.03
C PHE BA 193 -25.24 41.38 -17.56
N MET BA 194 -24.52 40.25 -17.63
CA MET BA 194 -23.16 40.16 -17.13
C MET BA 194 -22.23 39.50 -18.15
N SER BA 195 -21.04 40.06 -18.29
CA SER BA 195 -19.95 39.39 -18.96
C SER BA 195 -19.47 38.22 -18.12
N ALA BA 196 -18.65 37.35 -18.74
CA ALA BA 196 -18.09 36.22 -18.00
C ALA BA 196 -17.22 36.68 -16.83
N GLU BA 197 -16.47 37.77 -16.98
CA GLU BA 197 -15.66 38.24 -15.85
C GLU BA 197 -16.54 38.83 -14.76
N GLU BA 198 -17.60 39.55 -15.14
CA GLU BA 198 -18.52 40.07 -14.14
C GLU BA 198 -19.25 38.94 -13.41
N ALA BA 199 -19.57 37.85 -14.13
CA ALA BA 199 -20.24 36.70 -13.54
C ALA BA 199 -19.32 35.91 -12.62
N LYS BA 200 -18.06 35.76 -13.01
CA LYS BA 200 -17.08 35.10 -12.13
C LYS BA 200 -16.88 35.91 -10.88
N GLU BA 201 -16.79 37.22 -11.07
CA GLU BA 201 -16.60 38.17 -9.99
C GLU BA 201 -17.80 38.14 -9.06
N TYR BA 202 -18.99 37.90 -9.62
CA TYR BA 202 -20.22 37.82 -8.86
C TYR BA 202 -20.32 36.53 -8.05
N GLY BA 203 -19.63 35.48 -8.48
CA GLY BA 203 -19.76 34.18 -7.86
C GLY BA 203 -20.62 33.18 -8.61
N LEU BA 204 -21.08 33.50 -9.83
CA LEU BA 204 -21.97 32.55 -10.49
C LEU BA 204 -21.22 31.46 -11.23
N ILE BA 205 -20.01 31.78 -11.69
CA ILE BA 205 -19.09 30.81 -12.27
C ILE BA 205 -17.76 30.98 -11.57
N ASP BA 206 -16.93 30.00 -11.76
CA ASP BA 206 -15.65 29.94 -11.15
C ASP BA 206 -14.52 30.33 -12.01
N GLN BA 207 -14.51 29.88 -13.22
CA GLN BA 207 -13.41 30.13 -14.15
C GLN BA 207 -13.88 30.44 -15.57
N ILE BA 208 -13.13 31.27 -16.27
CA ILE BA 208 -13.35 31.49 -17.70
C ILE BA 208 -12.35 30.64 -18.49
N LEU BA 209 -12.86 29.77 -19.38
CA LEU BA 209 -12.00 28.99 -20.26
C LEU BA 209 -11.39 29.87 -21.34
N GLU BA 210 -10.09 29.69 -21.57
CA GLU BA 210 -9.31 30.66 -22.37
C GLU BA 210 -8.76 30.03 -23.66
N PRO CA 3 24.43 37.40 25.72
CA PRO CA 3 25.43 38.19 26.61
C PRO CA 3 24.96 39.55 26.81
N ALA CA 5 24.11 40.07 30.53
CA ALA CA 5 23.63 40.04 31.92
C ALA CA 5 22.63 38.93 32.24
N PRO DA 3 30.92 38.54 58.04
CA PRO DA 3 30.97 38.50 59.59
C PRO DA 3 30.34 39.68 60.12
N ALA DA 5 27.10 38.64 61.86
CA ALA DA 5 25.76 38.28 62.30
C ALA DA 5 24.98 37.45 61.28
N PRO EA 3 13.96 25.29 82.51
CA PRO EA 3 12.95 24.69 83.53
C PRO EA 3 12.07 25.73 83.95
N ALA EA 5 8.49 24.88 82.53
CA ALA EA 5 7.21 24.68 81.84
C ALA EA 5 7.34 24.38 80.32
N PRO FA 3 -13.45 7.61 80.96
CA PRO FA 3 -14.84 6.96 80.65
C PRO FA 3 -15.90 7.88 80.87
N ALA FA 5 -17.36 8.47 77.40
CA ALA FA 5 -17.87 8.87 76.07
C ALA FA 5 -16.78 9.29 75.06
N PRO GA 3 -30.50 -0.79 54.59
CA PRO GA 3 -31.39 -1.03 53.33
C PRO GA 3 -32.38 -0.01 53.18
N ALA GA 5 -31.28 2.00 50.06
CA ALA GA 5 -30.69 2.84 49.00
C ALA GA 5 -29.33 3.43 49.35
N PRO HA 3 -25.04 5.75 22.83
CA PRO HA 3 -24.76 6.38 21.44
C PRO HA 3 -25.43 7.64 21.24
N ALA HA 5 -22.65 10.26 21.15
CA ALA HA 5 -21.64 11.30 21.35
C ALA HA 5 -20.96 11.28 22.73
N PRO IA 3 -0.01 23.18 10.03
CA PRO IA 3 1.12 24.21 9.70
C PRO IA 3 0.55 25.52 9.69
N ALA IA 5 2.31 27.44 12.52
CA ALA IA 5 2.81 28.01 13.78
C ALA IA 5 2.43 27.25 15.06
N PRO JA 3 -4.61 4.68 -37.16
CA PRO JA 3 -5.91 3.81 -37.19
C PRO JA 3 -5.58 2.44 -37.38
N ALA JA 5 -6.12 0.54 -33.94
CA ALA JA 5 -6.15 -0.20 -32.69
C ALA JA 5 -5.37 0.52 -31.57
N PRO KA 3 -23.62 -8.91 -14.39
CA PRO KA 3 -24.44 -9.65 -13.28
C PRO KA 3 -23.94 -11.00 -13.10
N ALA KA 5 -21.76 -11.18 -9.78
CA ALA KA 5 -20.89 -11.25 -8.61
C ALA KA 5 -19.78 -10.22 -8.64
N PRO LA 3 -19.96 -9.93 18.28
CA PRO LA 3 -19.51 -9.98 19.78
C PRO LA 3 -18.73 -11.19 19.93
N ALA LA 5 -15.01 -10.29 20.81
CA ALA LA 5 -13.57 -9.93 20.73
C ALA LA 5 -13.10 -9.03 19.58
N PRO MA 3 4.63 3.49 35.63
CA PRO MA 3 5.95 3.93 36.33
C PRO MA 3 6.86 2.81 36.33
N ALA MA 5 9.85 3.70 33.75
CA ALA MA 5 10.79 4.03 32.66
C ALA MA 5 10.17 4.01 31.26
N PRO NA 3 30.57 20.01 24.92
CA PRO NA 3 31.91 20.56 24.32
C PRO NA 3 32.86 19.48 24.19
N ALA NA 5 33.21 18.88 20.14
CA ALA NA 5 33.27 18.62 18.70
C ALA NA 5 31.94 18.24 18.10
N PRO OA 3 39.13 27.97 -5.61
CA PRO OA 3 39.57 28.19 -7.08
C PRO OA 3 40.37 27.05 -7.46
N ALA OA 5 38.30 24.69 -10.04
CA ALA OA 5 37.37 23.92 -10.87
C ALA OA 5 36.08 23.47 -10.18
N PRO PA 3 23.25 21.23 -33.88
CA PRO PA 3 22.41 20.67 -35.08
C PRO PA 3 22.99 19.40 -35.45
N ALA PA 5 20.46 16.54 -34.42
CA ALA PA 5 19.56 15.48 -33.90
C ALA PA 5 19.28 15.60 -32.40
N PRO QA 3 40.06 -59.47 -45.15
CA PRO QA 3 41.07 -58.57 -45.92
C PRO QA 3 40.50 -57.25 -46.03
N ALA QA 5 42.76 -54.89 -43.73
CA ALA QA 5 43.44 -54.03 -42.73
C ALA QA 5 43.39 -54.62 -41.31
N PRO RA 3 67.66 -43.69 -36.62
CA PRO RA 3 68.82 -42.85 -36.00
C PRO RA 3 68.39 -41.49 -35.80
N ALA RA 5 68.24 -41.04 -31.90
CA ALA RA 5 67.93 -40.82 -30.48
C ALA RA 5 66.96 -41.85 -29.92
N PRO SA 3 79.98 -39.18 -6.64
CA PRO SA 3 80.20 -38.88 -5.12
C PRO SA 3 79.64 -37.63 -4.68
N ALA SA 5 76.81 -38.42 -2.13
CA ALA SA 5 75.58 -38.73 -1.38
C ALA SA 5 74.63 -39.71 -2.08
N PRO TA 3 67.61 -49.39 21.97
CA PRO TA 3 66.89 -49.82 23.29
C PRO TA 3 66.07 -48.72 23.69
N ALA TA 5 62.23 -49.62 23.21
CA ALA TA 5 60.94 -50.02 22.68
C ALA TA 5 60.84 -50.33 21.18
N PRO UA 3 40.48 -66.54 27.56
CA PRO UA 3 39.07 -67.19 27.66
C PRO UA 3 38.13 -66.13 27.84
N ALA UA 5 35.81 -66.03 24.78
CA ALA UA 5 35.19 -65.76 23.47
C ALA UA 5 36.11 -65.60 22.26
N PRO VA 3 18.17 -77.84 6.49
CA PRO VA 3 17.04 -78.14 5.45
C PRO VA 3 16.10 -77.04 5.36
N ALA VA 5 16.64 -75.56 1.81
CA ALA VA 5 16.98 -74.81 0.59
C ALA VA 5 18.37 -74.18 0.60
N PRO WA 3 17.94 -74.73 -26.45
CA PRO WA 3 18.03 -74.34 -27.96
C PRO WA 3 17.24 -73.16 -28.19
N ALA WA 5 19.78 -70.32 -28.93
CA ALA WA 5 20.67 -69.15 -28.99
C ALA WA 5 21.72 -69.06 -27.89
N PRO XA 3 -30.20 5.81 -3.06
CA PRO XA 3 -31.32 5.07 -2.26
C PRO XA 3 -32.30 6.07 -1.98
N ALA XA 5 -35.57 5.40 -4.00
CA ALA XA 5 -36.61 5.25 -5.04
C ALA XA 5 -36.11 5.18 -6.50
N PRO YA 3 -56.33 -11.49 -11.76
CA PRO YA 3 -57.63 -12.07 -12.41
C PRO YA 3 -58.66 -11.10 -12.32
N ALA YA 5 -59.69 -10.35 -15.93
CA ALA YA 5 -59.79 -9.94 -17.34
C ALA YA 5 -58.51 -9.38 -18.01
N PRO ZA 3 -67.46 -17.54 -41.77
CA PRO ZA 3 -67.92 -17.66 -43.25
C PRO ZA 3 -68.81 -16.55 -43.48
N ALA ZA 5 -67.01 -14.23 -45.97
CA ALA ZA 5 -66.33 -13.21 -46.79
C ALA ZA 5 -65.02 -12.69 -46.18
N PRO AB 3 -55.36 -7.85 -70.73
CA PRO AB 3 -54.68 -7.25 -71.99
C PRO AB 3 -55.31 -6.02 -72.34
N ALA AB 5 -52.78 -3.32 -71.58
CA ALA AB 5 -51.99 -2.17 -71.11
C ALA AB 5 -51.42 -2.31 -69.69
N PRO BB 3 -28.51 10.19 -76.17
CA PRO BB 3 -27.34 11.22 -76.24
C PRO BB 3 -27.95 12.52 -76.27
N ALA BB 5 -26.89 14.16 -73.01
CA ALA BB 5 -26.62 14.70 -71.67
C ALA BB 5 -27.11 13.83 -70.52
N PRO CB 3 -7.67 22.92 -54.68
CA PRO CB 3 -6.93 23.60 -53.49
C PRO CB 3 -7.54 24.87 -53.26
N ALA CB 5 -9.08 24.49 -49.73
CA ALA CB 5 -9.88 24.44 -48.49
C ALA CB 5 -11.02 23.43 -48.50
N PRO DB 3 -8.48 20.98 -21.88
CA PRO DB 3 -8.85 20.88 -20.36
C PRO DB 3 -9.51 22.09 -19.93
N ALA DB 5 -13.00 20.93 -18.95
CA ALA DB 5 -14.42 20.55 -18.80
C ALA DB 5 -15.06 19.74 -19.93
#